data_2L01
#
_entry.id   2L01
#
_entity_poly.entity_id   1
_entity_poly.type   'polypeptide(L)'
_entity_poly.pdbx_seq_one_letter_code
;MKMLKEKAGALAGQIWEALNGTEGLTQKQIKKATKLKADKDFFLGLGWLLREDKVVTSEVEGEIFVKLVLEHHHHHH
;
_entity_poly.pdbx_strand_id   A,B
#
# COMPACT_ATOMS: atom_id res chain seq x y z
N MET A 1 11.83 7.96 -16.80
CA MET A 1 11.02 8.21 -15.58
C MET A 1 9.98 7.08 -15.37
N LYS A 2 10.43 5.98 -14.73
CA LYS A 2 9.60 4.78 -14.47
C LYS A 2 9.31 4.65 -12.95
N MET A 3 8.05 4.89 -12.57
CA MET A 3 7.61 4.95 -11.16
C MET A 3 7.31 3.55 -10.55
N LEU A 4 7.57 3.44 -9.23
CA LEU A 4 7.14 2.29 -8.38
C LEU A 4 5.58 2.14 -8.35
N LYS A 5 4.85 3.18 -8.81
CA LYS A 5 3.38 3.14 -8.96
C LYS A 5 2.96 2.14 -10.08
N GLU A 6 3.68 2.17 -11.22
CA GLU A 6 3.43 1.27 -12.37
C GLU A 6 3.62 -0.21 -11.98
N LYS A 7 4.69 -0.44 -11.19
CA LYS A 7 4.97 -1.72 -10.51
C LYS A 7 3.77 -2.16 -9.62
N ALA A 8 3.34 -1.24 -8.73
CA ALA A 8 2.22 -1.45 -7.77
C ALA A 8 0.88 -1.77 -8.48
N GLY A 9 0.73 -1.23 -9.70
CA GLY A 9 -0.46 -1.49 -10.54
C GLY A 9 -0.48 -2.89 -11.16
N ALA A 10 0.71 -3.39 -11.55
CA ALA A 10 0.89 -4.77 -12.04
C ALA A 10 0.67 -5.81 -10.90
N LEU A 11 1.16 -5.45 -9.69
CA LEU A 11 0.95 -6.24 -8.46
C LEU A 11 -0.54 -6.29 -8.09
N ALA A 12 -1.23 -5.14 -8.24
CA ALA A 12 -2.68 -5.01 -7.98
C ALA A 12 -3.52 -5.96 -8.83
N GLY A 13 -3.15 -6.09 -10.11
CA GLY A 13 -3.84 -6.98 -11.05
C GLY A 13 -3.83 -8.45 -10.62
N GLN A 14 -2.63 -8.99 -10.36
CA GLN A 14 -2.45 -10.42 -9.99
C GLN A 14 -3.04 -10.76 -8.59
N ILE A 15 -2.98 -9.79 -7.64
CA ILE A 15 -3.58 -9.96 -6.29
C ILE A 15 -5.13 -9.98 -6.37
N TRP A 16 -5.69 -9.07 -7.18
CA TRP A 16 -7.14 -9.03 -7.46
C TRP A 16 -7.61 -10.36 -8.12
N GLU A 17 -6.83 -10.86 -9.10
CA GLU A 17 -7.14 -12.12 -9.83
C GLU A 17 -7.02 -13.38 -8.92
N ALA A 18 -6.18 -13.27 -7.86
CA ALA A 18 -6.06 -14.33 -6.82
C ALA A 18 -7.31 -14.34 -5.90
N LEU A 19 -7.85 -13.15 -5.63
CA LEU A 19 -9.09 -12.96 -4.83
C LEU A 19 -10.36 -13.14 -5.70
N ASN A 20 -10.19 -13.10 -7.03
CA ASN A 20 -11.25 -13.39 -8.01
C ASN A 20 -11.42 -14.92 -8.16
N GLY A 21 -12.65 -15.42 -8.03
CA GLY A 21 -12.94 -16.87 -8.11
C GLY A 21 -12.95 -17.58 -6.73
N THR A 22 -12.65 -16.82 -5.65
CA THR A 22 -12.71 -17.32 -4.26
C THR A 22 -13.52 -16.35 -3.37
N GLU A 23 -13.90 -16.83 -2.17
CA GLU A 23 -14.69 -16.03 -1.21
C GLU A 23 -13.79 -15.29 -0.19
N GLY A 24 -12.44 -15.46 -0.29
CA GLY A 24 -11.50 -14.77 0.60
C GLY A 24 -10.28 -15.62 0.99
N LEU A 25 -9.10 -14.97 1.03
CA LEU A 25 -7.81 -15.62 1.40
C LEU A 25 -7.04 -14.74 2.41
N THR A 26 -6.16 -15.35 3.24
CA THR A 26 -5.22 -14.60 4.13
C THR A 26 -3.87 -14.37 3.41
N GLN A 27 -2.96 -13.57 4.02
CA GLN A 27 -1.70 -13.11 3.38
C GLN A 27 -0.86 -14.27 2.76
N LYS A 28 -0.77 -15.41 3.48
CA LYS A 28 -0.06 -16.63 2.98
C LYS A 28 -0.75 -17.25 1.72
N GLN A 29 -2.09 -17.36 1.73
CA GLN A 29 -2.86 -17.95 0.60
C GLN A 29 -2.92 -17.01 -0.64
N ILE A 30 -2.92 -15.69 -0.39
CA ILE A 30 -2.88 -14.68 -1.47
C ILE A 30 -1.52 -14.73 -2.20
N LYS A 31 -0.41 -14.64 -1.44
CA LYS A 31 0.96 -14.69 -2.01
C LYS A 31 1.24 -16.06 -2.69
N LYS A 32 0.55 -17.12 -2.23
CA LYS A 32 0.60 -18.46 -2.82
C LYS A 32 -0.03 -18.45 -4.24
N ALA A 33 -1.27 -17.94 -4.33
CA ALA A 33 -2.05 -17.92 -5.60
C ALA A 33 -1.51 -16.89 -6.64
N THR A 34 -0.85 -15.83 -6.15
CA THR A 34 -0.25 -14.75 -7.00
C THR A 34 1.18 -15.06 -7.47
N LYS A 35 1.84 -16.03 -6.79
CA LYS A 35 3.28 -16.37 -6.97
C LYS A 35 4.23 -15.29 -6.38
N LEU A 36 3.70 -14.43 -5.47
CA LEU A 36 4.51 -13.37 -4.80
C LEU A 36 5.62 -14.00 -3.94
N LYS A 37 6.89 -13.71 -4.32
CA LYS A 37 8.08 -14.21 -3.61
C LYS A 37 8.19 -13.56 -2.20
N ALA A 38 7.72 -12.30 -2.09
CA ALA A 38 7.76 -11.52 -0.85
C ALA A 38 6.43 -10.76 -0.57
N ASP A 39 6.12 -10.61 0.73
CA ASP A 39 5.00 -9.78 1.25
C ASP A 39 5.12 -8.28 0.85
N LYS A 40 6.37 -7.84 0.57
CA LYS A 40 6.69 -6.44 0.17
C LYS A 40 5.81 -5.95 -1.00
N ASP A 41 5.66 -6.84 -2.00
CA ASP A 41 4.87 -6.61 -3.21
C ASP A 41 3.34 -6.68 -2.92
N PHE A 42 2.98 -7.51 -1.93
CA PHE A 42 1.59 -7.67 -1.45
C PHE A 42 1.03 -6.33 -0.91
N PHE A 43 1.84 -5.61 -0.12
CA PHE A 43 1.41 -4.34 0.53
C PHE A 43 1.10 -3.22 -0.50
N LEU A 44 1.97 -3.09 -1.54
CA LEU A 44 1.78 -2.09 -2.62
C LEU A 44 0.53 -2.39 -3.49
N GLY A 45 0.39 -3.68 -3.90
CA GLY A 45 -0.75 -4.12 -4.71
C GLY A 45 -2.09 -4.03 -3.97
N LEU A 46 -2.09 -4.50 -2.71
CA LEU A 46 -3.28 -4.49 -1.81
C LEU A 46 -3.83 -3.05 -1.60
N GLY A 47 -2.90 -2.11 -1.44
CA GLY A 47 -3.24 -0.69 -1.22
C GLY A 47 -3.97 -0.06 -2.41
N TRP A 48 -3.64 -0.58 -3.61
CA TRP A 48 -4.25 -0.18 -4.88
C TRP A 48 -5.68 -0.79 -5.04
N LEU A 49 -5.92 -1.94 -4.41
CA LEU A 49 -7.26 -2.57 -4.34
C LEU A 49 -8.17 -1.78 -3.36
N LEU A 50 -7.53 -1.26 -2.29
CA LEU A 50 -8.20 -0.40 -1.29
C LEU A 50 -8.62 0.96 -1.88
N ARG A 51 -7.78 1.55 -2.78
CA ARG A 51 -8.07 2.87 -3.41
C ARG A 51 -9.38 2.82 -4.25
N GLU A 52 -9.58 1.70 -4.96
CA GLU A 52 -10.73 1.49 -5.85
C GLU A 52 -11.89 0.77 -5.13
N ASP A 53 -11.68 0.38 -3.84
CA ASP A 53 -12.71 -0.26 -3.00
C ASP A 53 -13.14 -1.65 -3.53
N LYS A 54 -12.23 -2.32 -4.25
CA LYS A 54 -12.47 -3.65 -4.82
C LYS A 54 -12.40 -4.75 -3.74
N VAL A 55 -11.73 -4.45 -2.60
CA VAL A 55 -11.54 -5.43 -1.51
C VAL A 55 -11.81 -4.81 -0.11
N VAL A 56 -11.93 -5.70 0.88
CA VAL A 56 -12.04 -5.34 2.30
C VAL A 56 -10.98 -6.11 3.10
N THR A 57 -10.28 -5.39 4.00
CA THR A 57 -9.13 -5.93 4.76
C THR A 57 -9.40 -5.91 6.27
N SER A 58 -9.02 -7.00 6.94
CA SER A 58 -9.18 -7.16 8.40
C SER A 58 -8.20 -8.24 8.92
N GLU A 59 -7.99 -8.27 10.25
CA GLU A 59 -7.07 -9.24 10.88
C GLU A 59 -7.83 -10.48 11.39
N VAL A 60 -7.31 -11.66 11.02
CA VAL A 60 -7.79 -12.97 11.49
C VAL A 60 -6.57 -13.78 11.97
N GLU A 61 -6.49 -13.99 13.31
CA GLU A 61 -5.44 -14.79 13.99
C GLU A 61 -3.98 -14.29 13.68
N GLY A 62 -3.84 -12.96 13.46
CA GLY A 62 -2.53 -12.34 13.12
C GLY A 62 -2.24 -12.24 11.61
N GLU A 63 -3.11 -12.85 10.79
CA GLU A 63 -3.02 -12.79 9.31
C GLU A 63 -3.84 -11.62 8.73
N ILE A 64 -3.29 -10.97 7.67
CA ILE A 64 -4.05 -10.00 6.87
C ILE A 64 -5.04 -10.75 5.93
N PHE A 65 -6.30 -10.87 6.38
CA PHE A 65 -7.39 -11.52 5.62
C PHE A 65 -8.06 -10.50 4.68
N VAL A 66 -8.01 -10.78 3.37
CA VAL A 66 -8.53 -9.88 2.31
C VAL A 66 -9.54 -10.63 1.41
N LYS A 67 -10.58 -9.92 0.93
CA LYS A 67 -11.59 -10.50 0.01
C LYS A 67 -12.32 -9.39 -0.78
N LEU A 68 -12.86 -9.74 -1.97
CA LEU A 68 -13.63 -8.78 -2.80
C LEU A 68 -14.92 -8.32 -2.08
N VAL A 69 -15.26 -7.01 -2.22
CA VAL A 69 -16.47 -6.42 -1.58
C VAL A 69 -17.77 -6.97 -2.22
N LEU A 70 -18.38 -7.96 -1.53
CA LEU A 70 -19.68 -8.53 -1.91
C LEU A 70 -20.80 -7.99 -0.98
N GLU A 71 -20.41 -7.69 0.28
CA GLU A 71 -21.36 -7.27 1.34
C GLU A 71 -20.60 -6.50 2.47
N HIS A 72 -21.33 -5.69 3.27
CA HIS A 72 -20.74 -4.84 4.34
C HIS A 72 -20.25 -5.69 5.55
N HIS A 73 -19.15 -5.25 6.20
CA HIS A 73 -18.51 -6.00 7.31
C HIS A 73 -18.08 -5.07 8.48
N HIS A 74 -18.55 -5.37 9.70
CA HIS A 74 -18.18 -4.63 10.93
C HIS A 74 -17.15 -5.42 11.79
N HIS A 75 -16.38 -6.31 11.13
CA HIS A 75 -15.30 -7.10 11.80
C HIS A 75 -14.13 -6.16 12.20
N HIS A 76 -14.28 -5.48 13.35
CA HIS A 76 -13.35 -4.44 13.81
C HIS A 76 -12.13 -5.07 14.53
N HIS A 77 -11.09 -5.39 13.73
CA HIS A 77 -9.88 -6.10 14.22
C HIS A 77 -8.72 -5.89 13.24
N MET B 1 -16.05 -2.13 11.94
CA MET B 1 -15.79 -0.69 11.80
C MET B 1 -14.28 -0.45 11.51
N LYS B 2 -13.42 -0.75 12.51
CA LYS B 2 -11.96 -0.57 12.40
C LYS B 2 -11.31 -1.68 11.52
N MET B 3 -11.05 -1.32 10.26
CA MET B 3 -10.42 -2.24 9.27
C MET B 3 -8.91 -1.95 9.10
N LEU B 4 -8.20 -2.89 8.43
CA LEU B 4 -6.78 -2.70 8.03
C LEU B 4 -6.64 -1.66 6.88
N LYS B 5 -7.75 -1.33 6.21
CA LYS B 5 -7.83 -0.18 5.29
C LYS B 5 -7.87 1.15 6.10
N GLU B 6 -8.58 1.12 7.22
CA GLU B 6 -8.81 2.32 8.06
C GLU B 6 -7.50 2.81 8.73
N LYS B 7 -6.65 1.86 9.18
CA LYS B 7 -5.31 2.19 9.75
C LYS B 7 -4.32 2.62 8.64
N ALA B 8 -4.52 2.14 7.39
CA ALA B 8 -3.74 2.57 6.21
C ALA B 8 -3.97 4.07 5.91
N GLY B 9 -5.26 4.47 5.96
CA GLY B 9 -5.66 5.88 5.82
C GLY B 9 -5.19 6.76 6.98
N ALA B 10 -5.28 6.22 8.20
CA ALA B 10 -4.84 6.92 9.44
C ALA B 10 -3.33 7.28 9.41
N LEU B 11 -2.50 6.28 9.04
CA LEU B 11 -1.02 6.45 8.94
C LEU B 11 -0.62 7.45 7.84
N ALA B 12 -1.41 7.53 6.76
CA ALA B 12 -1.12 8.40 5.60
C ALA B 12 -0.91 9.89 6.00
N GLY B 13 -1.59 10.31 7.08
CA GLY B 13 -1.41 11.65 7.66
C GLY B 13 0.02 11.89 8.19
N GLN B 14 0.52 10.99 9.05
CA GLN B 14 1.85 11.13 9.71
C GLN B 14 3.02 10.82 8.72
N ILE B 15 2.80 9.91 7.76
CA ILE B 15 3.80 9.59 6.68
C ILE B 15 4.01 10.85 5.80
N TRP B 16 2.89 11.51 5.44
CA TRP B 16 2.88 12.81 4.73
C TRP B 16 3.61 13.91 5.55
N GLU B 17 3.32 13.99 6.88
CA GLU B 17 3.94 14.99 7.78
C GLU B 17 5.47 14.86 7.87
N ALA B 18 6.00 13.63 7.77
CA ALA B 18 7.45 13.38 7.71
C ALA B 18 8.07 13.97 6.41
N LEU B 19 7.32 13.89 5.31
CA LEU B 19 7.71 14.47 3.99
C LEU B 19 7.42 15.99 3.91
N ASN B 20 6.54 16.50 4.78
CA ASN B 20 6.15 17.93 4.83
C ASN B 20 7.34 18.81 5.31
N GLY B 21 7.74 19.78 4.47
CA GLY B 21 8.84 20.70 4.79
C GLY B 21 10.24 20.14 4.47
N THR B 22 10.31 18.97 3.79
CA THR B 22 11.60 18.33 3.41
C THR B 22 11.73 18.20 1.86
N GLU B 23 12.96 17.87 1.42
CA GLU B 23 13.26 17.52 -0.01
C GLU B 23 12.91 16.03 -0.31
N GLY B 24 12.19 15.38 0.62
CA GLY B 24 11.93 13.95 0.59
C GLY B 24 12.77 13.17 1.60
N LEU B 25 12.22 12.07 2.13
CA LEU B 25 12.91 11.20 3.10
C LEU B 25 12.85 9.74 2.64
N THR B 26 13.75 8.92 3.19
CA THR B 26 13.74 7.45 2.98
C THR B 26 12.75 6.78 3.97
N GLN B 27 12.47 5.47 3.74
CA GLN B 27 11.52 4.68 4.54
C GLN B 27 11.87 4.69 6.06
N LYS B 28 13.18 4.59 6.37
CA LYS B 28 13.70 4.58 7.76
C LYS B 28 13.62 5.98 8.44
N GLN B 29 13.86 7.05 7.66
CA GLN B 29 13.77 8.45 8.16
C GLN B 29 12.31 8.81 8.54
N ILE B 30 11.36 8.38 7.70
CA ILE B 30 9.91 8.54 7.96
C ILE B 30 9.48 7.68 9.18
N LYS B 31 9.86 6.39 9.16
CA LYS B 31 9.53 5.40 10.23
C LYS B 31 9.99 5.88 11.64
N LYS B 32 11.17 6.52 11.68
CA LYS B 32 11.74 7.14 12.89
C LYS B 32 10.89 8.36 13.34
N ALA B 33 10.57 9.25 12.37
CA ALA B 33 9.82 10.49 12.62
C ALA B 33 8.34 10.22 13.03
N THR B 34 7.79 9.09 12.56
CA THR B 34 6.38 8.69 12.80
C THR B 34 6.23 7.76 14.03
N LYS B 35 7.36 7.19 14.52
CA LYS B 35 7.40 6.28 15.70
C LYS B 35 6.77 4.88 15.36
N LEU B 36 6.87 4.48 14.08
CA LEU B 36 6.43 3.13 13.63
C LEU B 36 7.45 2.05 14.09
N LYS B 37 6.93 1.04 14.82
CA LYS B 37 7.75 -0.09 15.34
C LYS B 37 8.10 -1.08 14.21
N ALA B 38 7.07 -1.47 13.44
CA ALA B 38 7.21 -2.35 12.26
C ALA B 38 7.11 -1.52 10.95
N ASP B 39 8.00 -1.80 9.98
CA ASP B 39 8.02 -1.16 8.64
C ASP B 39 6.79 -1.56 7.80
N LYS B 40 6.21 -2.74 8.11
CA LYS B 40 5.01 -3.30 7.41
C LYS B 40 3.83 -2.28 7.34
N ASP B 41 3.72 -1.44 8.40
CA ASP B 41 2.67 -0.41 8.52
C ASP B 41 2.94 0.79 7.58
N PHE B 42 4.24 1.13 7.39
CA PHE B 42 4.70 2.24 6.51
C PHE B 42 4.18 2.09 5.07
N PHE B 43 4.21 0.86 4.53
CA PHE B 43 3.79 0.57 3.13
C PHE B 43 2.29 0.87 2.90
N LEU B 44 1.46 0.65 3.94
CA LEU B 44 0.00 0.92 3.90
C LEU B 44 -0.28 2.45 3.94
N GLY B 45 0.53 3.20 4.72
CA GLY B 45 0.45 4.68 4.75
C GLY B 45 0.92 5.32 3.43
N LEU B 46 2.11 4.89 2.98
CA LEU B 46 2.74 5.33 1.70
C LEU B 46 1.86 4.99 0.47
N GLY B 47 1.20 3.83 0.55
CA GLY B 47 0.29 3.35 -0.51
C GLY B 47 -0.92 4.27 -0.71
N TRP B 48 -1.35 4.89 0.40
CA TRP B 48 -2.46 5.86 0.41
C TRP B 48 -2.00 7.24 -0.17
N LEU B 49 -0.71 7.54 -0.04
CA LEU B 49 -0.07 8.72 -0.68
C LEU B 49 0.03 8.52 -2.21
N LEU B 50 0.30 7.26 -2.62
CA LEU B 50 0.38 6.85 -4.03
C LEU B 50 -1.01 6.82 -4.72
N ARG B 51 -2.06 6.38 -3.96
CA ARG B 51 -3.44 6.27 -4.50
C ARG B 51 -3.98 7.63 -5.00
N GLU B 52 -3.62 8.73 -4.28
CA GLU B 52 -4.07 10.10 -4.61
C GLU B 52 -2.97 10.91 -5.35
N ASP B 53 -1.77 10.29 -5.55
CA ASP B 53 -0.65 10.87 -6.34
C ASP B 53 -0.08 12.17 -5.69
N LYS B 54 -0.21 12.28 -4.35
CA LYS B 54 0.30 13.46 -3.61
C LYS B 54 1.82 13.35 -3.31
N VAL B 55 2.45 12.23 -3.77
CA VAL B 55 3.91 12.00 -3.67
C VAL B 55 4.53 11.42 -4.98
N VAL B 56 5.87 11.50 -5.07
CA VAL B 56 6.69 10.81 -6.10
C VAL B 56 7.65 9.79 -5.44
N THR B 57 7.75 8.58 -6.03
CA THR B 57 8.63 7.48 -5.52
C THR B 57 9.92 7.32 -6.36
N SER B 58 10.99 6.92 -5.66
CA SER B 58 12.33 6.62 -6.22
C SER B 58 13.01 5.51 -5.38
N GLU B 59 14.15 4.99 -5.85
CA GLU B 59 14.98 4.04 -5.06
C GLU B 59 16.40 4.60 -4.90
N VAL B 60 16.85 4.71 -3.63
CA VAL B 60 18.24 5.09 -3.31
C VAL B 60 18.97 3.86 -2.69
N GLU B 61 19.90 3.29 -3.49
CA GLU B 61 20.83 2.21 -3.06
C GLU B 61 20.11 0.93 -2.52
N GLY B 62 18.95 0.59 -3.12
CA GLY B 62 18.14 -0.57 -2.67
C GLY B 62 17.18 -0.27 -1.52
N GLU B 63 17.05 1.02 -1.15
CA GLU B 63 16.13 1.48 -0.07
C GLU B 63 15.06 2.44 -0.67
N ILE B 64 13.83 2.42 -0.11
CA ILE B 64 12.72 3.26 -0.60
C ILE B 64 12.96 4.74 -0.26
N PHE B 65 12.98 5.59 -1.30
CA PHE B 65 12.98 7.06 -1.16
C PHE B 65 11.67 7.61 -1.72
N VAL B 66 11.03 8.53 -0.99
CA VAL B 66 9.79 9.19 -1.44
C VAL B 66 9.83 10.69 -1.08
N LYS B 67 9.18 11.50 -1.92
CA LYS B 67 9.11 12.96 -1.77
C LYS B 67 7.67 13.44 -2.08
N LEU B 68 7.26 14.63 -1.60
CA LEU B 68 5.97 15.24 -2.03
C LEU B 68 6.03 15.66 -3.53
N VAL B 69 4.89 15.52 -4.25
CA VAL B 69 4.80 15.77 -5.72
C VAL B 69 4.83 17.29 -6.09
N LEU B 70 4.97 18.16 -5.06
CA LEU B 70 4.84 19.63 -5.19
C LEU B 70 5.76 20.26 -6.27
N GLU B 71 7.08 19.99 -6.20
CA GLU B 71 8.09 20.57 -7.13
C GLU B 71 9.29 19.62 -7.35
N HIS B 72 10.35 20.11 -8.06
CA HIS B 72 11.53 19.27 -8.45
C HIS B 72 12.90 19.98 -8.23
N HIS B 73 13.36 20.05 -6.95
CA HIS B 73 14.78 20.36 -6.63
C HIS B 73 15.67 19.11 -6.89
N HIS B 74 15.96 18.85 -8.18
CA HIS B 74 16.79 17.69 -8.61
C HIS B 74 18.30 18.08 -8.63
N HIS B 75 18.95 17.86 -7.49
CA HIS B 75 20.43 17.98 -7.34
C HIS B 75 21.04 16.57 -7.18
N HIS B 76 22.14 16.28 -7.93
CA HIS B 76 22.77 14.94 -8.00
C HIS B 76 21.80 13.89 -8.63
N HIS B 77 22.05 12.57 -8.42
CA HIS B 77 21.21 11.49 -8.97
C HIS B 77 19.80 11.51 -8.35
N MET A 1 8.79 4.64 -17.50
CA MET A 1 7.45 4.23 -17.04
C MET A 1 7.55 3.20 -15.87
N LYS A 2 8.51 2.26 -15.95
CA LYS A 2 8.73 1.25 -14.88
C LYS A 2 9.12 1.92 -13.53
N MET A 3 8.10 2.13 -12.67
CA MET A 3 8.23 2.78 -11.33
C MET A 3 7.45 1.97 -10.26
N LEU A 4 7.73 2.25 -8.96
CA LEU A 4 6.96 1.63 -7.83
C LEU A 4 5.44 1.97 -7.93
N LYS A 5 5.14 3.16 -8.47
CA LYS A 5 3.76 3.60 -8.81
C LYS A 5 3.10 2.65 -9.85
N GLU A 6 3.83 2.38 -10.95
CA GLU A 6 3.32 1.67 -12.14
C GLU A 6 3.15 0.16 -11.89
N LYS A 7 4.20 -0.49 -11.36
CA LYS A 7 4.15 -1.94 -11.02
C LYS A 7 3.06 -2.26 -9.98
N ALA A 8 2.77 -1.31 -9.06
CA ALA A 8 1.71 -1.45 -8.03
C ALA A 8 0.33 -1.75 -8.68
N GLY A 9 0.12 -1.17 -9.88
CA GLY A 9 -1.09 -1.41 -10.67
C GLY A 9 -1.11 -2.80 -11.35
N ALA A 10 0.06 -3.25 -11.83
CA ALA A 10 0.21 -4.58 -12.47
C ALA A 10 0.03 -5.72 -11.45
N LEU A 11 0.75 -5.60 -10.32
CA LEU A 11 0.64 -6.51 -9.16
C LEU A 11 -0.80 -6.56 -8.61
N ALA A 12 -1.46 -5.38 -8.59
CA ALA A 12 -2.87 -5.26 -8.15
C ALA A 12 -3.82 -6.16 -8.96
N GLY A 13 -3.66 -6.13 -10.30
CA GLY A 13 -4.50 -6.90 -11.21
C GLY A 13 -4.47 -8.40 -10.95
N GLN A 14 -3.25 -8.97 -10.91
CA GLN A 14 -3.04 -10.42 -10.70
C GLN A 14 -3.44 -10.89 -9.27
N ILE A 15 -3.25 -10.02 -8.25
CA ILE A 15 -3.67 -10.31 -6.86
C ILE A 15 -5.21 -10.38 -6.74
N TRP A 16 -5.89 -9.36 -7.28
CA TRP A 16 -7.37 -9.29 -7.25
C TRP A 16 -8.02 -10.46 -8.02
N GLU A 17 -7.48 -10.77 -9.20
CA GLU A 17 -7.94 -11.92 -10.02
C GLU A 17 -7.73 -13.28 -9.30
N ALA A 18 -6.68 -13.37 -8.48
CA ALA A 18 -6.41 -14.57 -7.65
C ALA A 18 -7.37 -14.65 -6.44
N LEU A 19 -7.80 -13.48 -5.93
CA LEU A 19 -8.82 -13.36 -4.87
C LEU A 19 -10.25 -13.62 -5.41
N ASN A 20 -10.44 -13.37 -6.72
CA ASN A 20 -11.78 -13.43 -7.35
C ASN A 20 -12.26 -14.89 -7.55
N GLY A 21 -13.56 -15.12 -7.29
CA GLY A 21 -14.15 -16.46 -7.32
C GLY A 21 -14.06 -17.19 -5.98
N THR A 22 -13.46 -16.55 -4.97
CA THR A 22 -13.29 -17.13 -3.61
C THR A 22 -13.85 -16.18 -2.54
N GLU A 23 -13.78 -16.61 -1.26
CA GLU A 23 -14.20 -15.77 -0.11
C GLU A 23 -13.10 -14.77 0.33
N GLY A 24 -11.96 -14.74 -0.38
CA GLY A 24 -10.77 -13.97 0.04
C GLY A 24 -9.73 -14.87 0.72
N LEU A 25 -8.43 -14.58 0.50
CA LEU A 25 -7.31 -15.44 0.98
C LEU A 25 -6.40 -14.71 2.00
N THR A 26 -5.59 -15.49 2.73
CA THR A 26 -4.54 -14.95 3.65
C THR A 26 -3.28 -14.57 2.85
N GLN A 27 -2.36 -13.80 3.46
CA GLN A 27 -1.10 -13.34 2.80
C GLN A 27 -0.31 -14.52 2.19
N LYS A 28 -0.25 -15.65 2.93
CA LYS A 28 0.39 -16.90 2.46
C LYS A 28 -0.28 -17.46 1.18
N GLN A 29 -1.61 -17.63 1.20
CA GLN A 29 -2.38 -18.23 0.09
C GLN A 29 -2.36 -17.34 -1.19
N ILE A 30 -2.39 -16.02 -0.98
CA ILE A 30 -2.25 -15.03 -2.09
C ILE A 30 -0.84 -15.13 -2.72
N LYS A 31 0.18 -15.26 -1.84
CA LYS A 31 1.61 -15.32 -2.24
C LYS A 31 1.92 -16.64 -2.99
N LYS A 32 1.14 -17.70 -2.71
CA LYS A 32 1.14 -18.95 -3.52
C LYS A 32 0.51 -18.72 -4.91
N ALA A 33 -0.73 -18.20 -4.90
CA ALA A 33 -1.56 -18.01 -6.11
C ALA A 33 -0.92 -17.06 -7.16
N THR A 34 -0.23 -16.03 -6.67
CA THR A 34 0.44 -15.01 -7.53
C THR A 34 1.96 -15.23 -7.61
N LYS A 35 2.49 -16.12 -6.73
CA LYS A 35 3.93 -16.51 -6.62
C LYS A 35 4.91 -15.30 -6.55
N LEU A 36 4.50 -14.28 -5.78
CA LEU A 36 5.30 -13.07 -5.52
C LEU A 36 6.58 -13.38 -4.70
N LYS A 37 7.70 -12.77 -5.11
CA LYS A 37 9.03 -13.00 -4.49
C LYS A 37 9.07 -12.40 -3.07
N ALA A 38 8.86 -11.08 -3.01
CA ALA A 38 8.79 -10.32 -1.74
C ALA A 38 7.33 -10.16 -1.28
N ASP A 39 7.15 -10.11 0.04
CA ASP A 39 5.89 -9.65 0.68
C ASP A 39 5.58 -8.18 0.29
N LYS A 40 6.66 -7.42 -0.01
CA LYS A 40 6.58 -6.03 -0.49
C LYS A 40 5.84 -5.91 -1.84
N ASP A 41 5.89 -6.98 -2.67
CA ASP A 41 5.10 -7.04 -3.93
C ASP A 41 3.59 -7.06 -3.61
N PHE A 42 3.22 -7.81 -2.54
CA PHE A 42 1.84 -7.87 -2.05
C PHE A 42 1.40 -6.52 -1.43
N PHE A 43 2.32 -5.83 -0.74
CA PHE A 43 2.00 -4.53 -0.10
C PHE A 43 1.74 -3.39 -1.14
N LEU A 44 2.51 -3.39 -2.24
CA LEU A 44 2.30 -2.43 -3.36
C LEU A 44 1.01 -2.77 -4.14
N GLY A 45 0.79 -4.07 -4.39
CA GLY A 45 -0.45 -4.55 -5.04
C GLY A 45 -1.73 -4.24 -4.23
N LEU A 46 -1.74 -4.67 -2.95
CA LEU A 46 -2.86 -4.42 -2.01
C LEU A 46 -3.08 -2.91 -1.76
N GLY A 47 -1.98 -2.13 -1.80
CA GLY A 47 -2.05 -0.67 -1.68
C GLY A 47 -2.83 -0.02 -2.82
N TRP A 48 -2.74 -0.63 -4.01
CA TRP A 48 -3.53 -0.24 -5.19
C TRP A 48 -4.99 -0.78 -5.07
N LEU A 49 -5.17 -2.00 -4.49
CA LEU A 49 -6.52 -2.55 -4.17
C LEU A 49 -7.33 -1.60 -3.25
N LEU A 50 -6.61 -0.88 -2.35
CA LEU A 50 -7.20 0.16 -1.47
C LEU A 50 -7.69 1.40 -2.30
N ARG A 51 -6.88 1.87 -3.29
CA ARG A 51 -7.28 3.03 -4.14
C ARG A 51 -8.38 2.62 -5.15
N GLU A 52 -8.53 1.30 -5.38
CA GLU A 52 -9.59 0.73 -6.23
C GLU A 52 -10.89 0.58 -5.40
N ASP A 53 -10.73 0.32 -4.09
CA ASP A 53 -11.82 0.02 -3.14
C ASP A 53 -12.58 -1.28 -3.56
N LYS A 54 -11.81 -2.21 -4.16
CA LYS A 54 -12.33 -3.52 -4.63
C LYS A 54 -12.18 -4.62 -3.56
N VAL A 55 -11.55 -4.29 -2.42
CA VAL A 55 -11.30 -5.29 -1.32
C VAL A 55 -11.80 -4.81 0.05
N VAL A 56 -12.17 -5.79 0.89
CA VAL A 56 -12.43 -5.56 2.33
C VAL A 56 -11.25 -6.19 3.12
N THR A 57 -10.56 -5.38 3.94
CA THR A 57 -9.29 -5.81 4.59
C THR A 57 -9.47 -6.16 6.08
N SER A 58 -8.93 -7.31 6.50
CA SER A 58 -8.93 -7.74 7.92
C SER A 58 -7.55 -8.29 8.33
N GLU A 59 -7.35 -8.48 9.64
CA GLU A 59 -6.11 -9.04 10.20
C GLU A 59 -6.44 -10.22 11.13
N VAL A 60 -5.88 -11.40 10.82
CA VAL A 60 -6.12 -12.65 11.56
C VAL A 60 -4.83 -13.12 12.23
N GLU A 61 -4.79 -12.99 13.57
CA GLU A 61 -3.73 -13.54 14.45
C GLU A 61 -2.29 -13.19 13.98
N GLY A 62 -2.05 -11.90 13.70
CA GLY A 62 -0.73 -11.39 13.28
C GLY A 62 -0.55 -11.22 11.76
N GLU A 63 -1.35 -11.96 10.95
CA GLU A 63 -1.21 -11.96 9.47
C GLU A 63 -2.36 -11.18 8.79
N ILE A 64 -2.11 -10.71 7.54
CA ILE A 64 -3.11 -10.01 6.72
C ILE A 64 -4.04 -11.03 5.99
N PHE A 65 -5.37 -10.88 6.18
CA PHE A 65 -6.41 -11.70 5.50
C PHE A 65 -7.40 -10.77 4.77
N VAL A 66 -7.29 -10.68 3.43
CA VAL A 66 -8.10 -9.74 2.62
C VAL A 66 -9.18 -10.46 1.78
N LYS A 67 -10.38 -9.85 1.78
CA LYS A 67 -11.60 -10.35 1.11
C LYS A 67 -11.94 -9.38 -0.04
N LEU A 68 -13.01 -9.65 -0.81
CA LEU A 68 -13.46 -8.73 -1.89
C LEU A 68 -14.76 -8.00 -1.53
N VAL A 69 -14.89 -6.77 -2.05
CA VAL A 69 -16.19 -6.09 -2.15
C VAL A 69 -17.03 -6.81 -3.23
N LEU A 70 -17.96 -7.67 -2.78
CA LEU A 70 -18.81 -8.51 -3.66
C LEU A 70 -19.77 -7.65 -4.53
N GLU A 71 -20.01 -6.40 -4.09
CA GLU A 71 -20.69 -5.38 -4.89
C GLU A 71 -19.80 -4.98 -6.10
N HIS A 72 -20.12 -5.50 -7.30
CA HIS A 72 -19.26 -5.35 -8.50
C HIS A 72 -20.01 -4.71 -9.69
N HIS A 73 -19.28 -3.89 -10.46
CA HIS A 73 -19.72 -3.36 -11.77
C HIS A 73 -18.85 -3.92 -12.92
N HIS A 74 -17.71 -4.54 -12.55
CA HIS A 74 -16.81 -5.25 -13.49
C HIS A 74 -16.79 -6.76 -13.19
N HIS A 75 -16.37 -7.57 -14.19
CA HIS A 75 -16.29 -9.05 -14.06
C HIS A 75 -14.82 -9.55 -14.05
N HIS A 76 -14.66 -10.87 -13.87
CA HIS A 76 -13.35 -11.55 -13.85
C HIS A 76 -12.84 -11.86 -15.28
N HIS A 77 -11.54 -11.61 -15.52
CA HIS A 77 -10.88 -11.95 -16.80
C HIS A 77 -10.25 -13.37 -16.71
N MET B 1 -13.74 2.31 10.77
CA MET B 1 -13.08 2.92 11.93
C MET B 1 -11.86 2.11 12.36
N LYS B 2 -12.04 0.79 12.50
CA LYS B 2 -10.95 -0.17 12.83
C LYS B 2 -10.44 -0.91 11.57
N MET B 3 -11.11 -0.66 10.43
CA MET B 3 -10.74 -1.24 9.11
C MET B 3 -9.32 -0.83 8.67
N LEU B 4 -8.58 -1.77 8.03
CA LEU B 4 -7.19 -1.49 7.54
C LEU B 4 -7.17 -0.39 6.44
N LYS B 5 -8.32 -0.24 5.75
CA LYS B 5 -8.59 0.89 4.80
C LYS B 5 -8.56 2.26 5.53
N GLU B 6 -9.21 2.31 6.73
CA GLU B 6 -9.35 3.56 7.51
C GLU B 6 -8.02 3.97 8.20
N LYS B 7 -7.33 3.00 8.86
CA LYS B 7 -6.02 3.26 9.50
C LYS B 7 -4.94 3.62 8.46
N ALA B 8 -5.13 3.16 7.19
CA ALA B 8 -4.30 3.60 6.05
C ALA B 8 -4.36 5.14 5.87
N GLY B 9 -5.59 5.70 5.96
CA GLY B 9 -5.80 7.15 5.91
C GLY B 9 -5.28 7.89 7.16
N ALA B 10 -5.51 7.30 8.35
CA ALA B 10 -5.05 7.87 9.65
C ALA B 10 -3.52 8.01 9.71
N LEU B 11 -2.82 6.95 9.28
CA LEU B 11 -1.35 6.93 9.19
C LEU B 11 -0.86 7.87 8.08
N ALA B 12 -1.60 7.92 6.95
CA ALA B 12 -1.24 8.75 5.77
C ALA B 12 -1.05 10.23 6.13
N GLY B 13 -1.93 10.76 7.00
CA GLY B 13 -1.85 12.15 7.45
C GLY B 13 -0.53 12.50 8.13
N GLN B 14 -0.17 11.72 9.16
CA GLN B 14 1.06 11.95 9.96
C GLN B 14 2.36 11.55 9.20
N ILE B 15 2.28 10.55 8.30
CA ILE B 15 3.42 10.13 7.44
C ILE B 15 3.76 11.25 6.42
N TRP B 16 2.73 11.78 5.73
CA TRP B 16 2.89 12.90 4.79
C TRP B 16 3.39 14.18 5.50
N GLU B 17 2.86 14.46 6.71
CA GLU B 17 3.29 15.61 7.55
C GLU B 17 4.75 15.46 8.07
N ALA B 18 5.21 14.22 8.23
CA ALA B 18 6.63 13.92 8.55
C ALA B 18 7.55 14.21 7.34
N LEU B 19 7.03 13.94 6.14
CA LEU B 19 7.69 14.26 4.86
C LEU B 19 7.58 15.75 4.51
N ASN B 20 6.55 16.43 5.06
CA ASN B 20 6.28 17.85 4.79
C ASN B 20 7.23 18.73 5.62
N GLY B 21 7.66 19.86 5.02
CA GLY B 21 8.76 20.65 5.55
C GLY B 21 10.11 20.28 4.92
N THR B 22 10.15 19.12 4.20
CA THR B 22 11.36 18.59 3.53
C THR B 22 11.03 18.13 2.09
N GLU B 23 12.04 17.56 1.39
CA GLU B 23 11.87 17.01 0.02
C GLU B 23 11.76 15.46 0.06
N GLY B 24 11.31 14.92 1.21
CA GLY B 24 11.12 13.47 1.37
C GLY B 24 12.27 12.72 2.07
N LEU B 25 12.03 11.42 2.33
CA LEU B 25 12.95 10.52 3.10
C LEU B 25 12.78 9.06 2.60
N THR B 26 13.72 8.17 3.00
CA THR B 26 13.57 6.71 2.78
C THR B 26 12.62 6.10 3.82
N GLN B 27 12.13 4.87 3.57
CA GLN B 27 11.18 4.16 4.45
C GLN B 27 11.66 4.15 5.93
N LYS B 28 12.93 3.82 6.12
CA LYS B 28 13.58 3.71 7.44
C LYS B 28 13.72 5.10 8.14
N GLN B 29 13.98 6.16 7.34
CA GLN B 29 14.08 7.55 7.86
C GLN B 29 12.69 8.14 8.22
N ILE B 30 11.65 7.74 7.47
CA ILE B 30 10.25 8.11 7.75
C ILE B 30 9.77 7.47 9.06
N LYS B 31 10.10 6.18 9.23
CA LYS B 31 9.81 5.42 10.48
C LYS B 31 10.50 6.05 11.72
N LYS B 32 11.63 6.75 11.50
CA LYS B 32 12.35 7.51 12.55
C LYS B 32 11.53 8.77 12.99
N ALA B 33 10.96 9.49 12.01
CA ALA B 33 10.19 10.74 12.25
C ALA B 33 8.77 10.47 12.80
N THR B 34 8.11 9.44 12.24
CA THR B 34 6.71 9.06 12.60
C THR B 34 6.64 8.19 13.87
N LYS B 35 7.81 7.61 14.26
CA LYS B 35 7.95 6.69 15.41
C LYS B 35 7.26 5.32 15.16
N LEU B 36 7.03 4.99 13.86
CA LEU B 36 6.44 3.70 13.45
C LEU B 36 7.46 2.55 13.63
N LYS B 37 7.20 1.67 14.62
CA LYS B 37 8.04 0.48 14.91
C LYS B 37 7.95 -0.56 13.75
N ALA B 38 6.71 -0.87 13.33
CA ALA B 38 6.45 -1.88 12.28
C ALA B 38 6.61 -1.31 10.87
N ASP B 39 7.06 -2.16 9.95
CA ASP B 39 7.12 -1.86 8.49
C ASP B 39 5.69 -1.80 7.90
N LYS B 40 4.82 -2.69 8.41
CA LYS B 40 3.43 -2.91 7.96
C LYS B 40 2.57 -1.63 7.88
N ASP B 41 2.66 -0.80 8.93
CA ASP B 41 1.85 0.42 9.06
C ASP B 41 2.27 1.48 8.02
N PHE B 42 3.57 1.49 7.68
CA PHE B 42 4.11 2.40 6.67
C PHE B 42 3.53 2.11 5.26
N PHE B 43 3.42 0.82 4.89
CA PHE B 43 2.95 0.41 3.53
C PHE B 43 1.52 0.88 3.23
N LEU B 44 0.60 0.68 4.19
CA LEU B 44 -0.82 1.08 4.05
C LEU B 44 -0.97 2.61 4.03
N GLY B 45 -0.19 3.31 4.89
CA GLY B 45 -0.13 4.78 4.86
C GLY B 45 0.40 5.34 3.53
N LEU B 46 1.52 4.77 3.05
CA LEU B 46 2.16 5.14 1.76
C LEU B 46 1.21 4.84 0.56
N GLY B 47 0.42 3.78 0.69
CA GLY B 47 -0.57 3.41 -0.34
C GLY B 47 -1.64 4.47 -0.51
N TRP B 48 -1.96 5.15 0.61
CA TRP B 48 -2.92 6.27 0.63
C TRP B 48 -2.27 7.59 0.10
N LEU B 49 -0.95 7.73 0.29
CA LEU B 49 -0.16 8.83 -0.33
C LEU B 49 -0.15 8.69 -1.88
N LEU B 50 0.00 7.44 -2.36
CA LEU B 50 -0.05 7.07 -3.79
C LEU B 50 -1.47 7.16 -4.37
N ARG B 51 -2.50 6.84 -3.54
CA ARG B 51 -3.93 6.91 -3.97
C ARG B 51 -4.36 8.35 -4.31
N GLU B 52 -3.67 9.35 -3.71
CA GLU B 52 -3.90 10.79 -3.99
C GLU B 52 -2.75 11.41 -4.81
N ASP B 53 -1.68 10.63 -5.07
CA ASP B 53 -0.54 11.04 -5.93
C ASP B 53 0.22 12.26 -5.33
N LYS B 54 0.29 12.30 -3.99
CA LYS B 54 0.97 13.40 -3.25
C LYS B 54 2.48 13.13 -3.08
N VAL B 55 2.93 11.91 -3.45
CA VAL B 55 4.34 11.49 -3.32
C VAL B 55 4.88 10.82 -4.61
N VAL B 56 6.21 10.89 -4.80
CA VAL B 56 6.94 10.12 -5.84
C VAL B 56 7.82 9.05 -5.16
N THR B 57 7.64 7.78 -5.57
CA THR B 57 8.35 6.63 -4.96
C THR B 57 9.50 6.13 -5.87
N SER B 58 10.58 5.66 -5.21
CA SER B 58 11.85 5.25 -5.85
C SER B 58 12.49 4.12 -5.02
N GLU B 59 13.57 3.52 -5.53
CA GLU B 59 14.34 2.48 -4.78
C GLU B 59 15.77 2.98 -4.49
N VAL B 60 16.05 3.28 -3.21
CA VAL B 60 17.40 3.69 -2.74
C VAL B 60 17.95 2.68 -1.72
N GLU B 61 19.14 2.13 -2.02
CA GLU B 61 19.90 1.23 -1.12
C GLU B 61 19.11 -0.07 -0.82
N GLY B 62 18.37 -0.55 -1.83
CA GLY B 62 17.54 -1.77 -1.70
C GLY B 62 16.14 -1.53 -1.10
N GLU B 63 16.01 -0.48 -0.27
CA GLU B 63 14.72 -0.14 0.37
C GLU B 63 13.95 0.95 -0.40
N ILE B 64 12.72 1.24 0.06
CA ILE B 64 11.82 2.21 -0.58
C ILE B 64 12.23 3.66 -0.23
N PHE B 65 12.19 4.57 -1.22
CA PHE B 65 12.36 6.03 -1.03
C PHE B 65 11.06 6.74 -1.42
N VAL B 66 10.63 7.70 -0.60
CA VAL B 66 9.36 8.44 -0.80
C VAL B 66 9.62 9.95 -0.67
N LYS B 67 9.49 10.70 -1.78
CA LYS B 67 9.60 12.18 -1.75
C LYS B 67 8.21 12.80 -2.01
N LEU B 68 8.06 14.12 -1.81
CA LEU B 68 6.77 14.80 -2.13
C LEU B 68 6.73 15.29 -3.59
N VAL B 69 5.52 15.34 -4.16
CA VAL B 69 5.27 16.05 -5.43
C VAL B 69 5.26 17.58 -5.16
N LEU B 70 4.72 17.96 -4.00
CA LEU B 70 4.72 19.37 -3.53
C LEU B 70 5.99 19.67 -2.72
N GLU B 71 7.13 19.85 -3.43
CA GLU B 71 8.42 20.23 -2.80
C GLU B 71 8.44 21.73 -2.47
N HIS B 72 9.22 22.11 -1.44
CA HIS B 72 9.17 23.46 -0.85
C HIS B 72 10.02 24.51 -1.63
N HIS B 73 10.02 25.75 -1.12
CA HIS B 73 10.77 26.88 -1.72
C HIS B 73 11.97 27.25 -0.82
N HIS B 74 13.18 26.82 -1.24
CA HIS B 74 14.43 27.07 -0.48
C HIS B 74 14.88 28.54 -0.60
N HIS B 75 14.64 29.31 0.48
CA HIS B 75 15.12 30.70 0.62
C HIS B 75 16.64 30.73 0.88
N HIS B 76 17.12 29.74 1.66
CA HIS B 76 18.55 29.52 1.95
C HIS B 76 18.87 28.01 2.08
N HIS B 77 19.95 27.58 1.40
CA HIS B 77 20.44 26.19 1.43
C HIS B 77 21.34 25.96 2.68
N MET A 1 7.60 2.19 -16.86
CA MET A 1 9.04 1.81 -16.91
C MET A 1 9.55 1.36 -15.51
N LYS A 2 9.01 0.21 -15.02
CA LYS A 2 9.49 -0.51 -13.79
C LYS A 2 9.56 0.37 -12.50
N MET A 3 8.68 1.38 -12.37
CA MET A 3 8.57 2.21 -11.14
C MET A 3 7.88 1.45 -9.99
N LEU A 4 8.20 1.85 -8.73
CA LEU A 4 7.65 1.22 -7.50
C LEU A 4 6.10 1.32 -7.42
N LYS A 5 5.54 2.40 -7.98
CA LYS A 5 4.09 2.64 -7.99
C LYS A 5 3.35 1.71 -9.01
N GLU A 6 3.92 1.59 -10.23
CA GLU A 6 3.27 0.82 -11.34
C GLU A 6 3.38 -0.72 -11.14
N LYS A 7 4.49 -1.18 -10.52
CA LYS A 7 4.67 -2.63 -10.20
C LYS A 7 3.64 -3.08 -9.14
N ALA A 8 3.21 -2.13 -8.28
CA ALA A 8 2.09 -2.34 -7.34
C ALA A 8 0.78 -2.65 -8.11
N GLY A 9 0.56 -1.93 -9.23
CA GLY A 9 -0.58 -2.18 -10.13
C GLY A 9 -0.48 -3.48 -10.92
N ALA A 10 0.74 -3.86 -11.33
CA ALA A 10 1.01 -5.13 -12.06
C ALA A 10 0.66 -6.37 -11.19
N LEU A 11 1.12 -6.34 -9.91
CA LEU A 11 0.83 -7.39 -8.92
C LEU A 11 -0.63 -7.34 -8.44
N ALA A 12 -1.19 -6.11 -8.43
CA ALA A 12 -2.62 -5.85 -8.07
C ALA A 12 -3.59 -6.68 -8.94
N GLY A 13 -3.32 -6.69 -10.25
CA GLY A 13 -4.10 -7.48 -11.21
C GLY A 13 -4.18 -8.97 -10.85
N GLN A 14 -3.00 -9.57 -10.56
CA GLN A 14 -2.86 -11.00 -10.21
C GLN A 14 -3.63 -11.36 -8.90
N ILE A 15 -3.49 -10.50 -7.88
CA ILE A 15 -4.17 -10.66 -6.56
C ILE A 15 -5.71 -10.57 -6.72
N TRP A 16 -6.18 -9.60 -7.53
CA TRP A 16 -7.61 -9.41 -7.86
C TRP A 16 -8.18 -10.70 -8.54
N GLU A 17 -7.41 -11.26 -9.50
CA GLU A 17 -7.79 -12.47 -10.25
C GLU A 17 -7.84 -13.74 -9.37
N ALA A 18 -6.98 -13.79 -8.33
CA ALA A 18 -7.01 -14.87 -7.30
C ALA A 18 -8.32 -14.80 -6.46
N LEU A 19 -8.76 -13.55 -6.20
CA LEU A 19 -10.00 -13.26 -5.43
C LEU A 19 -11.28 -13.36 -6.30
N ASN A 20 -11.10 -13.27 -7.64
CA ASN A 20 -12.22 -13.34 -8.60
C ASN A 20 -12.87 -14.75 -8.61
N GLY A 21 -14.17 -14.80 -8.30
CA GLY A 21 -14.94 -16.06 -8.27
C GLY A 21 -14.71 -16.91 -7.01
N THR A 22 -14.14 -16.30 -5.96
CA THR A 22 -13.91 -16.99 -4.66
C THR A 22 -14.61 -16.24 -3.50
N GLU A 23 -14.65 -16.88 -2.32
CA GLU A 23 -15.13 -16.26 -1.06
C GLU A 23 -14.00 -15.52 -0.30
N GLY A 24 -12.84 -15.35 -0.94
CA GLY A 24 -11.72 -14.60 -0.38
C GLY A 24 -10.59 -15.46 0.14
N LEU A 25 -9.38 -14.87 0.12
CA LEU A 25 -8.14 -15.51 0.55
C LEU A 25 -7.40 -14.59 1.56
N THR A 26 -6.60 -15.21 2.45
CA THR A 26 -5.72 -14.48 3.41
C THR A 26 -4.36 -14.18 2.76
N GLN A 27 -3.52 -13.38 3.46
CA GLN A 27 -2.17 -13.01 2.97
C GLN A 27 -1.27 -14.26 2.71
N LYS A 28 -1.43 -15.30 3.56
CA LYS A 28 -0.76 -16.61 3.38
C LYS A 28 -1.23 -17.32 2.07
N GLN A 29 -2.55 -17.33 1.84
CA GLN A 29 -3.16 -18.02 0.67
C GLN A 29 -2.78 -17.36 -0.67
N ILE A 30 -2.89 -16.02 -0.74
CA ILE A 30 -2.64 -15.24 -1.98
C ILE A 30 -1.14 -15.23 -2.36
N LYS A 31 -0.27 -15.00 -1.37
CA LYS A 31 1.21 -14.97 -1.54
C LYS A 31 1.73 -16.26 -2.24
N LYS A 32 1.19 -17.41 -1.81
CA LYS A 32 1.44 -18.72 -2.45
C LYS A 32 0.77 -18.82 -3.85
N ALA A 33 -0.51 -18.38 -3.95
CA ALA A 33 -1.34 -18.52 -5.18
C ALA A 33 -0.87 -17.62 -6.36
N THR A 34 -0.14 -16.53 -6.02
CA THR A 34 0.44 -15.59 -7.01
C THR A 34 1.99 -15.74 -7.10
N LYS A 35 2.57 -16.58 -6.19
CA LYS A 35 4.01 -16.93 -6.15
C LYS A 35 4.90 -15.69 -5.78
N LEU A 36 4.32 -14.75 -5.01
CA LEU A 36 5.05 -13.54 -4.55
C LEU A 36 6.20 -13.90 -3.58
N LYS A 37 7.44 -13.55 -4.00
CA LYS A 37 8.69 -13.80 -3.25
C LYS A 37 8.65 -13.21 -1.81
N ALA A 38 8.02 -12.03 -1.68
CA ALA A 38 7.85 -11.33 -0.40
C ALA A 38 6.41 -10.83 -0.22
N ASP A 39 5.96 -10.81 1.04
CA ASP A 39 4.68 -10.19 1.45
C ASP A 39 4.65 -8.67 1.16
N LYS A 40 5.86 -8.05 1.08
CA LYS A 40 6.03 -6.63 0.72
C LYS A 40 5.47 -6.31 -0.70
N ASP A 41 5.62 -7.28 -1.62
CA ASP A 41 5.02 -7.21 -2.98
C ASP A 41 3.47 -7.25 -2.90
N PHE A 42 2.97 -8.07 -1.96
CA PHE A 42 1.53 -8.26 -1.70
C PHE A 42 0.86 -7.00 -1.11
N PHE A 43 1.53 -6.32 -0.15
CA PHE A 43 0.97 -5.12 0.53
C PHE A 43 0.73 -3.94 -0.44
N LEU A 44 1.67 -3.76 -1.38
CA LEU A 44 1.55 -2.76 -2.47
C LEU A 44 0.47 -3.19 -3.51
N GLY A 45 0.38 -4.51 -3.76
CA GLY A 45 -0.62 -5.07 -4.69
C GLY A 45 -2.06 -4.85 -4.22
N LEU A 46 -2.41 -5.38 -3.02
CA LEU A 46 -3.76 -5.19 -2.41
C LEU A 46 -4.00 -3.69 -2.08
N GLY A 47 -2.90 -2.96 -1.79
CA GLY A 47 -2.95 -1.51 -1.53
C GLY A 47 -3.47 -0.72 -2.72
N TRP A 48 -3.23 -1.24 -3.94
CA TRP A 48 -3.81 -0.70 -5.17
C TRP A 48 -5.34 -1.05 -5.25
N LEU A 49 -5.70 -2.29 -4.87
CA LEU A 49 -7.12 -2.76 -4.81
C LEU A 49 -8.01 -1.87 -3.90
N LEU A 50 -7.39 -1.26 -2.86
CA LEU A 50 -8.07 -0.35 -1.93
C LEU A 50 -8.52 0.98 -2.61
N ARG A 51 -7.67 1.53 -3.52
CA ARG A 51 -8.02 2.79 -4.26
C ARG A 51 -9.08 2.51 -5.34
N GLU A 52 -9.11 1.25 -5.81
CA GLU A 52 -10.11 0.78 -6.78
C GLU A 52 -11.45 0.49 -6.08
N ASP A 53 -11.37 0.13 -4.78
CA ASP A 53 -12.52 -0.30 -3.93
C ASP A 53 -13.27 -1.51 -4.55
N LYS A 54 -12.53 -2.32 -5.32
CA LYS A 54 -13.06 -3.55 -5.95
C LYS A 54 -12.95 -4.74 -4.98
N VAL A 55 -12.39 -4.49 -3.78
CA VAL A 55 -12.26 -5.48 -2.70
C VAL A 55 -12.82 -4.95 -1.36
N VAL A 56 -13.27 -5.88 -0.51
CA VAL A 56 -13.59 -5.64 0.90
C VAL A 56 -12.61 -6.42 1.81
N THR A 57 -11.98 -5.70 2.75
CA THR A 57 -10.92 -6.24 3.63
C THR A 57 -11.46 -6.45 5.06
N SER A 58 -11.17 -7.63 5.64
CA SER A 58 -11.50 -7.97 7.04
C SER A 58 -10.22 -8.34 7.82
N GLU A 59 -10.16 -7.95 9.10
CA GLU A 59 -8.97 -8.15 9.94
C GLU A 59 -9.12 -9.45 10.75
N VAL A 60 -8.41 -10.50 10.32
CA VAL A 60 -8.47 -11.84 10.93
C VAL A 60 -7.14 -12.17 11.65
N GLU A 61 -7.19 -12.16 13.00
CA GLU A 61 -6.10 -12.63 13.90
C GLU A 61 -4.77 -11.86 13.67
N GLY A 62 -4.88 -10.54 13.43
CA GLY A 62 -3.71 -9.66 13.16
C GLY A 62 -3.20 -9.70 11.71
N GLU A 63 -3.84 -10.52 10.85
CA GLU A 63 -3.43 -10.70 9.43
C GLU A 63 -4.51 -10.19 8.45
N ILE A 64 -4.07 -9.93 7.21
CA ILE A 64 -4.93 -9.40 6.13
C ILE A 64 -5.73 -10.54 5.44
N PHE A 65 -7.06 -10.51 5.62
CA PHE A 65 -8.02 -11.29 4.81
C PHE A 65 -8.73 -10.32 3.86
N VAL A 66 -8.75 -10.64 2.57
CA VAL A 66 -9.36 -9.76 1.54
C VAL A 66 -10.15 -10.60 0.49
N LYS A 67 -11.29 -10.06 0.02
CA LYS A 67 -12.10 -10.66 -1.07
C LYS A 67 -12.68 -9.56 -1.96
N LEU A 68 -13.23 -9.91 -3.14
CA LEU A 68 -13.93 -8.91 -3.98
C LEU A 68 -15.25 -8.45 -3.34
N VAL A 69 -15.63 -7.19 -3.60
CA VAL A 69 -16.96 -6.67 -3.23
C VAL A 69 -18.06 -7.41 -4.02
N LEU A 70 -18.81 -8.28 -3.34
CA LEU A 70 -19.95 -8.97 -3.93
C LEU A 70 -21.13 -7.98 -4.11
N GLU A 71 -21.12 -7.24 -5.24
CA GLU A 71 -22.15 -6.23 -5.58
C GLU A 71 -23.55 -6.88 -5.70
N HIS A 72 -23.56 -8.07 -6.32
CA HIS A 72 -24.79 -8.83 -6.59
C HIS A 72 -25.06 -9.79 -5.41
N HIS A 73 -26.12 -9.51 -4.62
CA HIS A 73 -26.48 -10.28 -3.41
C HIS A 73 -27.71 -11.20 -3.66
N HIS A 74 -27.55 -12.16 -4.60
CA HIS A 74 -28.61 -13.13 -4.95
C HIS A 74 -28.60 -14.34 -3.99
N HIS A 75 -29.47 -14.31 -2.97
CA HIS A 75 -29.64 -15.38 -1.96
C HIS A 75 -31.06 -15.99 -2.08
N HIS A 76 -31.14 -17.30 -2.39
CA HIS A 76 -32.42 -18.00 -2.69
C HIS A 76 -33.37 -18.07 -1.47
N HIS A 77 -32.79 -18.19 -0.26
CA HIS A 77 -33.57 -18.23 1.01
C HIS A 77 -34.25 -16.89 1.32
N MET B 1 -14.86 -2.07 14.96
CA MET B 1 -14.92 -0.72 14.38
C MET B 1 -13.63 -0.40 13.59
N LYS B 2 -12.46 -0.68 14.18
CA LYS B 2 -11.16 -0.42 13.54
C LYS B 2 -10.81 -1.50 12.48
N MET B 3 -10.21 -1.08 11.35
CA MET B 3 -10.05 -1.95 10.15
C MET B 3 -8.62 -1.89 9.54
N LEU B 4 -8.37 -2.78 8.55
CA LEU B 4 -7.09 -2.85 7.79
C LEU B 4 -6.80 -1.55 7.00
N LYS B 5 -7.84 -1.01 6.35
CA LYS B 5 -7.73 0.26 5.59
C LYS B 5 -7.52 1.47 6.53
N GLU B 6 -8.22 1.46 7.67
CA GLU B 6 -8.17 2.58 8.63
C GLU B 6 -6.78 2.72 9.29
N LYS B 7 -6.18 1.58 9.70
CA LYS B 7 -4.82 1.57 10.33
C LYS B 7 -3.75 2.08 9.33
N ALA B 8 -3.89 1.68 8.04
CA ALA B 8 -3.01 2.14 6.93
C ALA B 8 -3.14 3.67 6.74
N GLY B 9 -4.36 4.18 6.96
CA GLY B 9 -4.65 5.63 6.91
C GLY B 9 -4.08 6.42 8.11
N ALA B 10 -4.10 5.78 9.29
CA ALA B 10 -3.54 6.35 10.54
C ALA B 10 -2.00 6.51 10.46
N LEU B 11 -1.34 5.48 9.91
CA LEU B 11 0.13 5.49 9.66
C LEU B 11 0.48 6.47 8.52
N ALA B 12 -0.44 6.55 7.53
CA ALA B 12 -0.31 7.45 6.36
C ALA B 12 -0.12 8.93 6.75
N GLY B 13 -1.03 9.42 7.61
CA GLY B 13 -1.00 10.81 8.07
C GLY B 13 0.33 11.22 8.70
N GLN B 14 0.92 10.31 9.49
CA GLN B 14 2.22 10.55 10.18
C GLN B 14 3.37 10.69 9.15
N ILE B 15 3.42 9.75 8.19
CA ILE B 15 4.47 9.69 7.13
C ILE B 15 4.42 10.94 6.21
N TRP B 16 3.19 11.35 5.82
CA TRP B 16 2.95 12.52 4.97
C TRP B 16 3.36 13.84 5.67
N GLU B 17 3.01 13.96 6.97
CA GLU B 17 3.40 15.13 7.81
C GLU B 17 4.93 15.27 7.94
N ALA B 18 5.64 14.12 7.98
CA ALA B 18 7.12 14.10 7.97
C ALA B 18 7.70 14.67 6.64
N LEU B 19 7.00 14.37 5.53
CA LEU B 19 7.37 14.84 4.17
C LEU B 19 6.92 16.30 3.92
N ASN B 20 5.88 16.75 4.65
CA ASN B 20 5.27 18.08 4.45
C ASN B 20 6.22 19.22 4.89
N GLY B 21 6.35 20.25 4.03
CA GLY B 21 7.28 21.37 4.26
C GLY B 21 8.75 21.04 3.94
N THR B 22 8.99 19.84 3.38
CA THR B 22 10.36 19.29 3.15
C THR B 22 10.53 18.85 1.67
N GLU B 23 11.79 18.77 1.19
CA GLU B 23 12.14 18.32 -0.18
C GLU B 23 11.94 16.79 -0.39
N GLY B 24 11.73 16.06 0.73
CA GLY B 24 11.56 14.59 0.72
C GLY B 24 12.52 13.87 1.67
N LEU B 25 12.10 12.72 2.20
CA LEU B 25 12.90 11.91 3.17
C LEU B 25 13.02 10.45 2.66
N THR B 26 14.05 9.73 3.16
CA THR B 26 14.20 8.28 2.92
C THR B 26 13.32 7.48 3.91
N GLN B 27 13.24 6.14 3.71
CA GLN B 27 12.50 5.24 4.62
C GLN B 27 13.08 5.33 6.06
N LYS B 28 14.42 5.27 6.17
CA LYS B 28 15.17 5.39 7.45
C LYS B 28 14.83 6.71 8.19
N GLN B 29 14.84 7.84 7.44
CA GLN B 29 14.53 9.18 7.98
C GLN B 29 13.07 9.28 8.48
N ILE B 30 12.14 8.68 7.72
CA ILE B 30 10.70 8.70 8.06
C ILE B 30 10.40 7.81 9.30
N LYS B 31 11.00 6.61 9.37
CA LYS B 31 10.86 5.68 10.53
C LYS B 31 11.25 6.38 11.86
N LYS B 32 12.32 7.18 11.79
CA LYS B 32 12.82 7.99 12.91
C LYS B 32 11.85 9.16 13.22
N ALA B 33 11.45 9.92 12.16
CA ALA B 33 10.58 11.13 12.28
C ALA B 33 9.19 10.80 12.89
N THR B 34 8.58 9.74 12.36
CA THR B 34 7.21 9.30 12.69
C THR B 34 7.18 8.29 13.86
N LYS B 35 8.38 7.79 14.24
CA LYS B 35 8.58 6.87 15.38
C LYS B 35 7.91 5.49 15.15
N LEU B 36 7.91 5.01 13.88
CA LEU B 36 7.38 3.68 13.53
C LEU B 36 8.45 2.61 13.84
N LYS B 37 8.04 1.46 14.42
CA LYS B 37 8.98 0.39 14.82
C LYS B 37 9.29 -0.55 13.63
N ALA B 38 8.23 -1.07 13.00
CA ALA B 38 8.33 -2.02 11.87
C ALA B 38 8.27 -1.30 10.52
N ASP B 39 9.07 -1.76 9.55
CA ASP B 39 9.01 -1.31 8.14
C ASP B 39 7.62 -1.57 7.51
N LYS B 40 6.92 -2.58 8.05
CA LYS B 40 5.51 -2.92 7.73
C LYS B 40 4.57 -1.69 7.89
N ASP B 41 4.80 -0.89 8.96
CA ASP B 41 4.04 0.35 9.24
C ASP B 41 4.27 1.39 8.12
N PHE B 42 5.52 1.43 7.63
CA PHE B 42 5.94 2.34 6.55
C PHE B 42 5.25 2.00 5.20
N PHE B 43 5.23 0.71 4.83
CA PHE B 43 4.69 0.26 3.51
C PHE B 43 3.16 0.42 3.41
N LEU B 44 2.45 0.18 4.53
CA LEU B 44 0.98 0.36 4.61
C LEU B 44 0.59 1.86 4.63
N GLY B 45 1.37 2.68 5.36
CA GLY B 45 1.19 4.14 5.38
C GLY B 45 1.49 4.80 4.04
N LEU B 46 2.72 4.57 3.52
CA LEU B 46 3.17 5.06 2.19
C LEU B 46 2.27 4.56 1.04
N GLY B 47 1.78 3.31 1.18
CA GLY B 47 0.87 2.70 0.21
C GLY B 47 -0.47 3.44 0.13
N TRP B 48 -0.88 4.00 1.27
CA TRP B 48 -2.07 4.85 1.37
C TRP B 48 -1.77 6.27 0.78
N LEU B 49 -0.53 6.77 0.94
CA LEU B 49 -0.07 8.03 0.28
C LEU B 49 -0.13 7.92 -1.26
N LEU B 50 0.12 6.69 -1.78
CA LEU B 50 0.02 6.37 -3.22
C LEU B 50 -1.46 6.39 -3.71
N ARG B 51 -2.41 5.88 -2.88
CA ARG B 51 -3.86 5.90 -3.23
C ARG B 51 -4.45 7.33 -3.08
N GLU B 52 -3.82 8.15 -2.22
CA GLU B 52 -4.14 9.60 -2.10
C GLU B 52 -3.46 10.41 -3.23
N ASP B 53 -2.44 9.78 -3.86
CA ASP B 53 -1.68 10.31 -5.02
C ASP B 53 -0.86 11.59 -4.63
N LYS B 54 -0.66 11.76 -3.30
CA LYS B 54 0.00 12.96 -2.72
C LYS B 54 1.54 12.83 -2.68
N VAL B 55 2.09 11.65 -3.03
CA VAL B 55 3.57 11.41 -3.03
C VAL B 55 4.07 10.70 -4.31
N VAL B 56 5.39 10.78 -4.50
CA VAL B 56 6.12 10.08 -5.58
C VAL B 56 7.40 9.44 -5.00
N THR B 57 7.63 8.16 -5.37
CA THR B 57 8.72 7.34 -4.81
C THR B 57 9.87 7.19 -5.84
N SER B 58 11.12 7.39 -5.37
CA SER B 58 12.34 7.28 -6.21
C SER B 58 13.35 6.31 -5.57
N GLU B 59 14.28 5.81 -6.40
CA GLU B 59 15.33 4.86 -5.97
C GLU B 59 16.66 5.61 -5.70
N VAL B 60 17.01 5.79 -4.41
CA VAL B 60 18.32 6.34 -3.99
C VAL B 60 19.14 5.28 -3.21
N GLU B 61 20.21 4.79 -3.87
CA GLU B 61 21.26 3.95 -3.24
C GLU B 61 20.74 2.62 -2.63
N GLY B 62 19.72 2.02 -3.27
CA GLY B 62 19.11 0.77 -2.78
C GLY B 62 18.06 0.98 -1.68
N GLU B 63 17.67 2.26 -1.45
CA GLU B 63 16.70 2.66 -0.40
C GLU B 63 15.54 3.50 -1.01
N ILE B 64 14.37 3.46 -0.34
CA ILE B 64 13.18 4.22 -0.77
C ILE B 64 13.32 5.70 -0.34
N PHE B 65 13.42 6.60 -1.31
CA PHE B 65 13.39 8.07 -1.09
C PHE B 65 12.09 8.62 -1.69
N VAL B 66 11.17 9.07 -0.82
CA VAL B 66 9.85 9.56 -1.25
C VAL B 66 9.68 11.05 -0.91
N LYS B 67 8.89 11.76 -1.74
CA LYS B 67 8.61 13.21 -1.58
C LYS B 67 7.18 13.51 -2.04
N LEU B 68 6.66 14.71 -1.72
CA LEU B 68 5.29 15.10 -2.12
C LEU B 68 5.22 15.48 -3.62
N VAL B 69 4.02 15.36 -4.23
CA VAL B 69 3.78 15.80 -5.62
C VAL B 69 3.47 17.32 -5.67
N LEU B 70 4.50 18.11 -5.37
CA LEU B 70 4.52 19.58 -5.63
C LEU B 70 5.54 19.89 -6.75
N GLU B 71 6.40 18.90 -7.06
CA GLU B 71 7.41 19.02 -8.14
C GLU B 71 6.73 18.94 -9.53
N HIS B 72 6.50 20.11 -10.14
CA HIS B 72 5.98 20.24 -11.54
C HIS B 72 6.86 21.22 -12.36
N HIS B 73 7.99 21.66 -11.76
CA HIS B 73 8.93 22.62 -12.38
C HIS B 73 9.89 21.88 -13.33
N HIS B 74 10.29 20.67 -12.90
CA HIS B 74 11.18 19.76 -13.69
C HIS B 74 10.33 18.88 -14.64
N HIS B 75 9.51 19.54 -15.47
CA HIS B 75 8.51 18.89 -16.36
C HIS B 75 9.00 18.87 -17.84
N HIS B 76 10.33 18.91 -18.04
CA HIS B 76 10.98 18.83 -19.38
C HIS B 76 10.58 17.52 -20.14
N HIS B 77 10.43 16.42 -19.37
CA HIS B 77 9.97 15.11 -19.89
C HIS B 77 8.47 15.16 -20.25
N MET A 1 10.98 2.92 -18.24
CA MET A 1 10.21 4.21 -18.25
C MET A 1 9.03 4.17 -17.24
N LYS A 2 8.57 2.96 -16.87
CA LYS A 2 7.50 2.76 -15.87
C LYS A 2 8.03 2.90 -14.42
N MET A 3 7.34 3.71 -13.61
CA MET A 3 7.65 3.88 -12.16
C MET A 3 7.18 2.66 -11.33
N LEU A 4 7.67 2.58 -10.08
CA LEU A 4 7.23 1.56 -9.08
C LEU A 4 5.70 1.61 -8.78
N LYS A 5 5.05 2.77 -9.03
CA LYS A 5 3.58 2.94 -8.85
C LYS A 5 2.81 2.25 -10.01
N GLU A 6 3.38 2.35 -11.23
CA GLU A 6 2.86 1.66 -12.45
C GLU A 6 2.94 0.13 -12.25
N LYS A 7 4.08 -0.29 -11.70
CA LYS A 7 4.34 -1.69 -11.28
C LYS A 7 3.32 -2.17 -10.23
N ALA A 8 3.10 -1.34 -9.18
CA ALA A 8 2.12 -1.61 -8.10
C ALA A 8 0.68 -1.79 -8.64
N GLY A 9 0.39 -1.03 -9.72
CA GLY A 9 -0.89 -1.14 -10.44
C GLY A 9 -1.02 -2.42 -11.26
N ALA A 10 0.12 -2.89 -11.81
CA ALA A 10 0.22 -4.17 -12.56
C ALA A 10 0.05 -5.39 -11.61
N LEU A 11 0.73 -5.36 -10.44
CA LEU A 11 0.67 -6.42 -9.40
C LEU A 11 -0.76 -6.56 -8.83
N ALA A 12 -1.51 -5.44 -8.80
CA ALA A 12 -2.91 -5.39 -8.36
C ALA A 12 -3.84 -6.36 -9.13
N GLY A 13 -3.70 -6.39 -10.47
CA GLY A 13 -4.56 -7.19 -11.35
C GLY A 13 -4.59 -8.69 -11.01
N GLN A 14 -3.40 -9.30 -10.93
CA GLN A 14 -3.24 -10.73 -10.61
C GLN A 14 -3.67 -11.07 -9.16
N ILE A 15 -3.38 -10.17 -8.19
CA ILE A 15 -3.74 -10.36 -6.75
C ILE A 15 -5.27 -10.37 -6.55
N TRP A 16 -5.96 -9.44 -7.24
CA TRP A 16 -7.44 -9.39 -7.27
C TRP A 16 -8.03 -10.68 -7.91
N GLU A 17 -7.46 -11.11 -9.05
CA GLU A 17 -7.88 -12.35 -9.76
C GLU A 17 -7.59 -13.64 -8.93
N ALA A 18 -6.59 -13.57 -8.04
CA ALA A 18 -6.28 -14.65 -7.07
C ALA A 18 -7.41 -14.77 -6.01
N LEU A 19 -7.96 -13.61 -5.60
CA LEU A 19 -9.11 -13.52 -4.67
C LEU A 19 -10.46 -13.78 -5.37
N ASN A 20 -10.51 -13.55 -6.69
CA ASN A 20 -11.76 -13.58 -7.48
C ASN A 20 -12.30 -15.02 -7.64
N GLY A 21 -13.54 -15.24 -7.16
CA GLY A 21 -14.17 -16.58 -7.16
C GLY A 21 -14.19 -17.26 -5.78
N THR A 22 -13.60 -16.61 -4.74
CA THR A 22 -13.59 -17.15 -3.35
C THR A 22 -14.14 -16.12 -2.34
N GLU A 23 -14.24 -16.54 -1.06
CA GLU A 23 -14.66 -15.67 0.07
C GLU A 23 -13.50 -14.79 0.60
N GLY A 24 -12.29 -14.96 0.01
CA GLY A 24 -11.07 -14.30 0.47
C GLY A 24 -9.97 -15.31 0.82
N LEU A 25 -8.70 -14.86 0.71
CA LEU A 25 -7.51 -15.71 0.94
C LEU A 25 -6.51 -15.03 1.91
N THR A 26 -5.63 -15.83 2.51
CA THR A 26 -4.47 -15.34 3.30
C THR A 26 -3.31 -14.91 2.38
N GLN A 27 -2.33 -14.15 2.93
CA GLN A 27 -1.12 -13.72 2.17
C GLN A 27 -0.29 -14.94 1.66
N LYS A 28 -0.36 -16.07 2.41
CA LYS A 28 0.17 -17.39 1.97
C LYS A 28 -0.44 -17.83 0.60
N GLN A 29 -1.79 -17.85 0.53
CA GLN A 29 -2.55 -18.36 -0.64
C GLN A 29 -2.48 -17.41 -1.85
N ILE A 30 -2.55 -16.10 -1.57
CA ILE A 30 -2.47 -15.04 -2.59
C ILE A 30 -1.08 -15.06 -3.29
N LYS A 31 0.00 -15.01 -2.47
CA LYS A 31 1.40 -14.95 -2.97
C LYS A 31 1.76 -16.21 -3.80
N LYS A 32 1.20 -17.38 -3.39
CA LYS A 32 1.36 -18.66 -4.11
C LYS A 32 0.65 -18.62 -5.49
N ALA A 33 -0.63 -18.18 -5.50
CA ALA A 33 -1.47 -18.12 -6.72
C ALA A 33 -0.87 -17.16 -7.78
N THR A 34 -0.42 -16.00 -7.30
CA THR A 34 0.16 -14.91 -8.14
C THR A 34 1.65 -15.11 -8.42
N LYS A 35 2.27 -16.10 -7.74
CA LYS A 35 3.68 -16.53 -7.97
C LYS A 35 4.70 -15.44 -7.51
N LEU A 36 4.26 -14.57 -6.57
CA LEU A 36 5.13 -13.50 -6.01
C LEU A 36 6.22 -14.11 -5.10
N LYS A 37 7.35 -13.42 -5.00
CA LYS A 37 8.60 -13.97 -4.39
C LYS A 37 8.73 -13.56 -2.91
N ALA A 38 8.18 -12.39 -2.56
CA ALA A 38 8.22 -11.83 -1.19
C ALA A 38 6.89 -11.14 -0.81
N ASP A 39 6.75 -10.85 0.49
CA ASP A 39 5.63 -10.07 1.07
C ASP A 39 5.61 -8.62 0.50
N LYS A 40 6.81 -8.13 0.13
CA LYS A 40 7.01 -6.80 -0.51
C LYS A 40 6.17 -6.63 -1.80
N ASP A 41 6.15 -7.67 -2.65
CA ASP A 41 5.36 -7.69 -3.92
C ASP A 41 3.85 -7.60 -3.62
N PHE A 42 3.44 -8.32 -2.56
CA PHE A 42 2.05 -8.40 -2.09
C PHE A 42 1.51 -7.03 -1.62
N PHE A 43 2.33 -6.27 -0.85
CA PHE A 43 1.93 -4.95 -0.29
C PHE A 43 1.66 -3.89 -1.38
N LEU A 44 2.49 -3.88 -2.44
CA LEU A 44 2.35 -2.96 -3.60
C LEU A 44 1.01 -3.19 -4.35
N GLY A 45 0.69 -4.47 -4.62
CA GLY A 45 -0.55 -4.85 -5.30
C GLY A 45 -1.81 -4.64 -4.44
N LEU A 46 -1.74 -5.11 -3.18
CA LEU A 46 -2.86 -4.99 -2.19
C LEU A 46 -3.25 -3.52 -1.91
N GLY A 47 -2.22 -2.66 -1.88
CA GLY A 47 -2.40 -1.21 -1.65
C GLY A 47 -3.26 -0.55 -2.73
N TRP A 48 -3.17 -1.11 -3.95
CA TRP A 48 -3.95 -0.66 -5.11
C TRP A 48 -5.42 -1.18 -5.04
N LEU A 49 -5.60 -2.40 -4.52
CA LEU A 49 -6.94 -2.99 -4.24
C LEU A 49 -7.72 -2.14 -3.20
N LEU A 50 -6.97 -1.62 -2.20
CA LEU A 50 -7.50 -0.71 -1.18
C LEU A 50 -7.98 0.64 -1.76
N ARG A 51 -7.14 1.29 -2.59
CA ARG A 51 -7.45 2.65 -3.12
C ARG A 51 -8.71 2.68 -4.02
N GLU A 52 -8.94 1.60 -4.80
CA GLU A 52 -10.10 1.52 -5.71
C GLU A 52 -11.30 0.82 -5.06
N ASP A 53 -11.21 0.52 -3.74
CA ASP A 53 -12.33 0.00 -2.92
C ASP A 53 -12.80 -1.40 -3.43
N LYS A 54 -11.86 -2.19 -3.99
CA LYS A 54 -12.14 -3.49 -4.65
C LYS A 54 -12.11 -4.67 -3.65
N VAL A 55 -11.54 -4.43 -2.45
CA VAL A 55 -11.42 -5.45 -1.39
C VAL A 55 -11.87 -4.95 -0.01
N VAL A 56 -11.89 -5.88 0.97
CA VAL A 56 -11.89 -5.54 2.41
C VAL A 56 -10.81 -6.40 3.12
N THR A 57 -9.94 -5.74 3.91
CA THR A 57 -8.78 -6.40 4.55
C THR A 57 -9.04 -6.67 6.03
N SER A 58 -8.44 -7.76 6.52
CA SER A 58 -8.54 -8.22 7.91
C SER A 58 -7.21 -8.90 8.31
N GLU A 59 -7.05 -9.22 9.59
CA GLU A 59 -5.84 -9.89 10.11
C GLU A 59 -6.24 -11.17 10.88
N VAL A 60 -5.70 -12.32 10.43
CA VAL A 60 -5.93 -13.65 11.04
C VAL A 60 -4.61 -14.23 11.63
N GLU A 61 -4.58 -14.31 12.97
CA GLU A 61 -3.55 -15.00 13.78
C GLU A 61 -2.07 -14.63 13.42
N GLY A 62 -1.83 -13.32 13.23
CA GLY A 62 -0.47 -12.78 12.96
C GLY A 62 -0.17 -12.52 11.48
N GLU A 63 -1.08 -12.93 10.57
CA GLU A 63 -0.91 -12.73 9.10
C GLU A 63 -2.14 -12.05 8.48
N ILE A 64 -1.97 -11.51 7.25
CA ILE A 64 -3.01 -10.74 6.55
C ILE A 64 -3.99 -11.68 5.80
N PHE A 65 -5.30 -11.44 5.99
CA PHE A 65 -6.39 -12.14 5.27
C PHE A 65 -7.22 -11.09 4.49
N VAL A 66 -7.14 -11.13 3.16
CA VAL A 66 -7.84 -10.18 2.27
C VAL A 66 -9.08 -10.85 1.63
N LYS A 67 -10.20 -10.10 1.57
CA LYS A 67 -11.48 -10.57 0.96
C LYS A 67 -11.87 -9.60 -0.17
N LEU A 68 -12.86 -9.97 -0.99
CA LEU A 68 -13.50 -9.00 -1.93
C LEU A 68 -14.69 -8.28 -1.25
N VAL A 69 -15.41 -7.40 -2.00
CA VAL A 69 -16.56 -6.62 -1.47
C VAL A 69 -17.90 -7.45 -1.50
N LEU A 70 -17.77 -8.77 -1.23
CA LEU A 70 -18.92 -9.73 -1.09
C LEU A 70 -19.86 -9.74 -2.33
N GLU A 71 -19.28 -9.43 -3.52
CA GLU A 71 -20.04 -9.30 -4.79
C GLU A 71 -20.78 -10.62 -5.13
N HIS A 72 -22.07 -10.49 -5.47
CA HIS A 72 -23.05 -11.61 -5.45
C HIS A 72 -23.10 -12.42 -6.78
N HIS A 73 -22.35 -11.98 -7.83
CA HIS A 73 -22.35 -12.67 -9.15
C HIS A 73 -21.59 -14.03 -9.07
N HIS A 74 -22.37 -15.14 -9.06
CA HIS A 74 -21.84 -16.53 -8.92
C HIS A 74 -21.11 -16.76 -7.57
N HIS A 75 -21.47 -15.95 -6.56
CA HIS A 75 -20.89 -16.04 -5.21
C HIS A 75 -21.50 -17.26 -4.47
N HIS A 76 -20.67 -18.30 -4.24
CA HIS A 76 -21.10 -19.55 -3.56
C HIS A 76 -21.58 -19.30 -2.10
N HIS A 77 -22.44 -20.22 -1.60
CA HIS A 77 -23.06 -20.13 -0.26
C HIS A 77 -22.01 -20.10 0.87
N MET B 1 -16.40 1.34 10.21
CA MET B 1 -16.16 1.32 11.66
C MET B 1 -14.71 0.86 11.97
N LYS B 2 -13.80 1.86 12.10
CA LYS B 2 -12.39 1.67 12.54
C LYS B 2 -11.63 0.65 11.62
N MET B 3 -11.90 0.74 10.31
CA MET B 3 -11.31 -0.15 9.28
C MET B 3 -9.78 0.04 9.12
N LEU B 4 -9.14 -0.98 8.52
CA LEU B 4 -7.72 -0.91 8.10
C LEU B 4 -7.51 0.17 7.01
N LYS B 5 -8.60 0.53 6.29
CA LYS B 5 -8.62 1.66 5.35
C LYS B 5 -8.61 3.02 6.10
N GLU B 6 -9.43 3.11 7.16
CA GLU B 6 -9.60 4.37 7.94
C GLU B 6 -8.30 4.76 8.67
N LYS B 7 -7.62 3.77 9.29
CA LYS B 7 -6.32 4.00 9.94
C LYS B 7 -5.18 4.23 8.91
N ALA B 8 -5.33 3.67 7.68
CA ALA B 8 -4.38 3.90 6.55
C ALA B 8 -4.37 5.39 6.12
N GLY B 9 -5.58 5.93 5.88
CA GLY B 9 -5.77 7.35 5.53
C GLY B 9 -5.44 8.32 6.67
N ALA B 10 -5.67 7.87 7.92
CA ALA B 10 -5.29 8.61 9.14
C ALA B 10 -3.75 8.76 9.24
N LEU B 11 -3.04 7.63 9.08
CA LEU B 11 -1.56 7.57 9.07
C LEU B 11 -0.97 8.38 7.89
N ALA B 12 -1.68 8.38 6.74
CA ALA B 12 -1.27 9.12 5.53
C ALA B 12 -1.01 10.62 5.80
N GLY B 13 -1.76 11.19 6.77
CA GLY B 13 -1.53 12.54 7.25
C GLY B 13 -0.13 12.75 7.87
N GLN B 14 0.24 11.90 8.85
CA GLN B 14 1.53 12.02 9.60
C GLN B 14 2.76 11.56 8.75
N ILE B 15 2.55 10.58 7.84
CA ILE B 15 3.62 10.10 6.89
C ILE B 15 4.00 11.24 5.91
N TRP B 16 2.96 11.93 5.39
CA TRP B 16 3.12 13.13 4.55
C TRP B 16 3.81 14.27 5.34
N GLU B 17 3.36 14.51 6.58
CA GLU B 17 3.93 15.57 7.47
C GLU B 17 5.41 15.29 7.84
N ALA B 18 5.80 14.01 7.87
CA ALA B 18 7.21 13.60 8.05
C ALA B 18 8.06 14.04 6.82
N LEU B 19 7.48 13.88 5.62
CA LEU B 19 8.11 14.33 4.35
C LEU B 19 7.92 15.85 4.10
N ASN B 20 7.01 16.49 4.84
CA ASN B 20 6.71 17.93 4.69
C ASN B 20 7.89 18.78 5.23
N GLY B 21 8.43 19.65 4.38
CA GLY B 21 9.62 20.45 4.69
C GLY B 21 10.94 19.79 4.26
N THR B 22 10.86 18.56 3.68
CA THR B 22 12.06 17.82 3.18
C THR B 22 11.91 17.52 1.67
N GLU B 23 13.04 17.19 1.02
CA GLU B 23 13.05 16.78 -0.40
C GLU B 23 13.28 15.25 -0.54
N GLY B 24 13.19 14.51 0.60
CA GLY B 24 13.34 13.05 0.59
C GLY B 24 13.78 12.46 1.93
N LEU B 25 13.04 11.44 2.40
CA LEU B 25 13.40 10.61 3.57
C LEU B 25 13.21 9.10 3.22
N THR B 26 13.85 8.21 4.00
CA THR B 26 13.52 6.76 3.96
C THR B 26 12.32 6.46 4.89
N GLN B 27 11.81 5.23 4.80
CA GLN B 27 10.73 4.73 5.69
C GLN B 27 11.12 4.84 7.20
N LYS B 28 12.41 4.60 7.49
CA LYS B 28 12.99 4.63 8.86
C LYS B 28 13.00 6.06 9.44
N GLN B 29 13.44 7.06 8.64
CA GLN B 29 13.45 8.50 9.04
C GLN B 29 12.01 9.02 9.30
N ILE B 30 11.04 8.54 8.51
CA ILE B 30 9.61 8.84 8.72
C ILE B 30 9.09 8.23 10.04
N LYS B 31 9.45 6.97 10.32
CA LYS B 31 9.08 6.27 11.58
C LYS B 31 9.61 7.02 12.84
N LYS B 32 10.72 7.74 12.70
CA LYS B 32 11.27 8.60 13.76
C LYS B 32 10.37 9.84 14.01
N ALA B 33 9.99 10.53 12.92
CA ALA B 33 9.17 11.76 12.98
C ALA B 33 7.70 11.48 13.41
N THR B 34 7.20 10.28 13.07
CA THR B 34 5.82 9.82 13.36
C THR B 34 5.75 8.99 14.68
N LYS B 35 6.90 8.42 15.09
CA LYS B 35 7.04 7.52 16.26
C LYS B 35 6.30 6.17 16.06
N LEU B 36 6.17 5.75 14.77
CA LEU B 36 5.62 4.42 14.43
C LEU B 36 6.66 3.32 14.77
N LYS B 37 6.20 2.31 15.52
CA LYS B 37 7.06 1.20 15.97
C LYS B 37 7.25 0.16 14.84
N ALA B 38 6.13 -0.17 14.17
CA ALA B 38 6.08 -1.15 13.07
C ALA B 38 6.15 -0.47 11.69
N ASP B 39 6.87 -1.13 10.75
CA ASP B 39 6.90 -0.75 9.32
C ASP B 39 5.54 -1.05 8.64
N LYS B 40 4.80 -2.01 9.24
CA LYS B 40 3.43 -2.41 8.82
C LYS B 40 2.46 -1.20 8.72
N ASP B 41 2.54 -0.29 9.70
CA ASP B 41 1.73 0.95 9.74
C ASP B 41 2.17 1.93 8.62
N PHE B 42 3.49 1.99 8.37
CA PHE B 42 4.07 2.84 7.31
C PHE B 42 3.54 2.47 5.90
N PHE B 43 3.54 1.16 5.57
CA PHE B 43 3.15 0.67 4.22
C PHE B 43 1.69 1.06 3.84
N LEU B 44 0.79 1.07 4.85
CA LEU B 44 -0.63 1.49 4.68
C LEU B 44 -0.74 3.04 4.49
N GLY B 45 0.10 3.80 5.22
CA GLY B 45 0.16 5.27 5.08
C GLY B 45 0.68 5.71 3.69
N LEU B 46 1.88 5.20 3.33
CA LEU B 46 2.54 5.49 2.03
C LEU B 46 1.68 5.06 0.81
N GLY B 47 0.94 3.94 0.98
CA GLY B 47 0.04 3.43 -0.06
C GLY B 47 -1.07 4.42 -0.42
N TRP B 48 -1.51 5.18 0.61
CA TRP B 48 -2.53 6.24 0.45
C TRP B 48 -1.91 7.53 -0.15
N LEU B 49 -0.63 7.78 0.15
CA LEU B 49 0.16 8.87 -0.49
C LEU B 49 0.30 8.66 -2.03
N LEU B 50 0.46 7.40 -2.44
CA LEU B 50 0.51 7.01 -3.86
C LEU B 50 -0.87 7.11 -4.56
N ARG B 51 -1.97 6.81 -3.82
CA ARG B 51 -3.34 6.81 -4.39
C ARG B 51 -3.82 8.23 -4.75
N GLU B 52 -3.45 9.21 -3.91
CA GLU B 52 -3.76 10.64 -4.16
C GLU B 52 -2.68 11.32 -5.05
N ASP B 53 -1.49 10.69 -5.12
CA ASP B 53 -0.26 11.29 -5.70
C ASP B 53 0.16 12.57 -4.93
N LYS B 54 0.21 12.40 -3.60
CA LYS B 54 0.74 13.40 -2.65
C LYS B 54 2.28 13.40 -2.70
N VAL B 55 2.84 12.21 -3.02
CA VAL B 55 4.29 11.98 -3.02
C VAL B 55 4.74 11.26 -4.32
N VAL B 56 6.06 11.27 -4.51
CA VAL B 56 6.77 10.46 -5.50
C VAL B 56 7.91 9.69 -4.80
N THR B 57 8.07 8.41 -5.12
CA THR B 57 9.08 7.56 -4.46
C THR B 57 9.95 6.85 -5.51
N SER B 58 11.18 6.55 -5.10
CA SER B 58 12.23 6.02 -5.96
C SER B 58 12.70 4.66 -5.43
N GLU B 59 12.94 3.73 -6.36
CA GLU B 59 13.44 2.39 -6.04
C GLU B 59 14.98 2.40 -6.24
N VAL B 60 15.71 2.51 -5.10
CA VAL B 60 17.16 2.77 -5.07
C VAL B 60 17.88 1.65 -4.29
N GLU B 61 18.62 0.81 -5.03
CA GLU B 61 19.47 -0.30 -4.49
C GLU B 61 18.68 -1.27 -3.55
N GLY B 62 17.37 -1.43 -3.84
CA GLY B 62 16.46 -2.25 -3.02
C GLY B 62 15.68 -1.47 -1.94
N GLU B 63 16.20 -0.28 -1.54
CA GLU B 63 15.59 0.56 -0.48
C GLU B 63 14.50 1.51 -1.05
N ILE B 64 13.42 1.70 -0.27
CA ILE B 64 12.31 2.61 -0.63
C ILE B 64 12.62 4.06 -0.17
N PHE B 65 12.96 4.94 -1.14
CA PHE B 65 13.30 6.36 -0.88
C PHE B 65 12.14 7.28 -1.32
N VAL B 66 11.35 7.74 -0.36
CA VAL B 66 10.10 8.51 -0.60
C VAL B 66 10.31 10.04 -0.44
N LYS B 67 9.53 10.85 -1.18
CA LYS B 67 9.57 12.34 -1.09
C LYS B 67 8.26 12.93 -1.62
N LEU B 68 7.92 14.18 -1.28
CA LEU B 68 6.70 14.85 -1.82
C LEU B 68 6.82 15.08 -3.35
N VAL B 69 5.68 15.29 -4.04
CA VAL B 69 5.68 15.73 -5.46
C VAL B 69 6.25 17.17 -5.54
N LEU B 70 7.59 17.25 -5.66
CA LEU B 70 8.33 18.52 -5.75
C LEU B 70 9.05 18.61 -7.11
N GLU B 71 8.35 19.22 -8.10
CA GLU B 71 8.89 19.41 -9.48
C GLU B 71 10.08 20.39 -9.51
N HIS B 72 10.23 21.22 -8.45
CA HIS B 72 11.42 22.10 -8.26
C HIS B 72 12.74 21.27 -8.16
N HIS B 73 12.60 19.99 -7.81
CA HIS B 73 13.70 19.01 -7.78
C HIS B 73 13.54 18.00 -8.95
N HIS B 74 14.67 17.62 -9.59
CA HIS B 74 14.75 16.53 -10.60
C HIS B 74 14.06 16.88 -11.97
N HIS B 75 13.65 18.15 -12.17
CA HIS B 75 13.03 18.58 -13.46
C HIS B 75 14.10 18.60 -14.61
N HIS B 76 13.73 18.02 -15.77
CA HIS B 76 14.62 17.92 -16.95
C HIS B 76 14.64 19.26 -17.73
N HIS B 77 15.35 20.26 -17.17
CA HIS B 77 15.49 21.61 -17.78
C HIS B 77 16.58 22.43 -17.04
N MET A 1 12.19 6.03 -15.73
CA MET A 1 11.30 5.15 -16.55
C MET A 1 10.46 4.21 -15.65
N LYS A 2 11.06 3.10 -15.17
CA LYS A 2 10.32 2.09 -14.36
C LYS A 2 10.06 2.65 -12.93
N MET A 3 8.78 2.66 -12.55
CA MET A 3 8.28 3.34 -11.33
C MET A 3 7.71 2.32 -10.31
N LEU A 4 7.82 2.65 -9.00
CA LEU A 4 7.27 1.81 -7.92
C LEU A 4 5.71 1.83 -7.91
N LYS A 5 5.12 2.88 -8.51
CA LYS A 5 3.66 3.03 -8.69
C LYS A 5 3.10 2.01 -9.70
N GLU A 6 3.69 1.98 -10.92
CA GLU A 6 3.28 1.03 -11.99
C GLU A 6 3.61 -0.43 -11.60
N LYS A 7 4.67 -0.59 -10.78
CA LYS A 7 5.10 -1.89 -10.22
C LYS A 7 4.03 -2.42 -9.22
N ALA A 8 3.55 -1.52 -8.35
CA ALA A 8 2.44 -1.80 -7.39
C ALA A 8 1.12 -2.18 -8.13
N GLY A 9 0.87 -1.50 -9.27
CA GLY A 9 -0.28 -1.79 -10.13
C GLY A 9 -0.18 -3.13 -10.87
N ALA A 10 1.04 -3.54 -11.24
CA ALA A 10 1.32 -4.86 -11.87
C ALA A 10 1.05 -6.01 -10.87
N LEU A 11 1.50 -5.80 -9.62
CA LEU A 11 1.25 -6.72 -8.48
C LEU A 11 -0.26 -6.78 -8.15
N ALA A 12 -0.92 -5.62 -8.22
CA ALA A 12 -2.39 -5.48 -7.93
C ALA A 12 -3.24 -6.42 -8.81
N GLY A 13 -2.81 -6.59 -10.07
CA GLY A 13 -3.41 -7.56 -10.99
C GLY A 13 -3.31 -9.02 -10.49
N GLN A 14 -2.15 -9.37 -9.90
CA GLN A 14 -1.88 -10.73 -9.36
C GLN A 14 -2.72 -11.04 -8.10
N ILE A 15 -2.64 -10.14 -7.08
CA ILE A 15 -3.32 -10.31 -5.77
C ILE A 15 -4.86 -10.35 -5.95
N TRP A 16 -5.38 -9.43 -6.79
CA TRP A 16 -6.83 -9.36 -7.10
C TRP A 16 -7.33 -10.60 -7.88
N GLU A 17 -6.54 -11.10 -8.86
CA GLU A 17 -6.90 -12.34 -9.62
C GLU A 17 -6.90 -13.60 -8.70
N ALA A 18 -6.11 -13.57 -7.61
CA ALA A 18 -6.14 -14.61 -6.55
C ALA A 18 -7.46 -14.52 -5.72
N LEU A 19 -7.99 -13.29 -5.59
CA LEU A 19 -9.28 -13.01 -4.91
C LEU A 19 -10.49 -13.17 -5.88
N ASN A 20 -10.25 -13.01 -7.19
CA ASN A 20 -11.33 -12.98 -8.21
C ASN A 20 -11.92 -14.39 -8.44
N GLY A 21 -13.25 -14.50 -8.30
CA GLY A 21 -13.95 -15.81 -8.40
C GLY A 21 -13.95 -16.62 -7.10
N THR A 22 -13.53 -15.99 -5.98
CA THR A 22 -13.55 -16.62 -4.62
C THR A 22 -14.35 -15.75 -3.63
N GLU A 23 -14.63 -16.31 -2.44
CA GLU A 23 -15.28 -15.56 -1.31
C GLU A 23 -14.27 -14.62 -0.61
N GLY A 24 -12.98 -14.82 -0.92
CA GLY A 24 -11.87 -14.18 -0.22
C GLY A 24 -10.72 -15.18 0.00
N LEU A 25 -9.50 -14.66 0.21
CA LEU A 25 -8.29 -15.50 0.36
C LEU A 25 -7.30 -14.82 1.34
N THR A 26 -6.52 -15.66 2.09
CA THR A 26 -5.55 -15.15 3.10
C THR A 26 -4.20 -14.80 2.46
N GLN A 27 -3.36 -14.05 3.20
CA GLN A 27 -2.04 -13.57 2.74
C GLN A 27 -1.14 -14.73 2.23
N LYS A 28 -1.02 -15.80 3.03
CA LYS A 28 -0.23 -17.01 2.70
C LYS A 28 -0.68 -17.66 1.36
N GLN A 29 -2.01 -17.83 1.23
CA GLN A 29 -2.62 -18.52 0.06
C GLN A 29 -2.59 -17.64 -1.23
N ILE A 30 -2.57 -16.30 -1.06
CA ILE A 30 -2.40 -15.36 -2.20
C ILE A 30 -0.95 -15.39 -2.72
N LYS A 31 0.03 -15.30 -1.78
CA LYS A 31 1.48 -15.38 -2.11
C LYS A 31 1.85 -16.74 -2.76
N LYS A 32 1.07 -17.78 -2.45
CA LYS A 32 1.12 -19.10 -3.14
C LYS A 32 0.66 -18.98 -4.62
N ALA A 33 -0.54 -18.41 -4.81
CA ALA A 33 -1.19 -18.29 -6.15
C ALA A 33 -0.47 -17.30 -7.09
N THR A 34 0.22 -16.32 -6.50
CA THR A 34 0.97 -15.26 -7.22
C THR A 34 2.49 -15.58 -7.33
N LYS A 35 2.96 -16.51 -6.46
CA LYS A 35 4.39 -16.95 -6.38
C LYS A 35 5.32 -15.83 -5.86
N LEU A 36 4.75 -14.91 -5.06
CA LEU A 36 5.51 -13.83 -4.41
C LEU A 36 6.32 -14.38 -3.22
N LYS A 37 7.64 -14.57 -3.44
CA LYS A 37 8.61 -14.97 -2.41
C LYS A 37 8.69 -13.92 -1.28
N ALA A 38 8.72 -12.64 -1.66
CA ALA A 38 8.79 -11.50 -0.72
C ALA A 38 7.40 -11.09 -0.17
N ASP A 39 7.38 -10.65 1.10
CA ASP A 39 6.19 -10.05 1.76
C ASP A 39 5.82 -8.68 1.13
N LYS A 40 6.86 -7.94 0.75
CA LYS A 40 6.77 -6.55 0.24
C LYS A 40 5.78 -6.40 -0.94
N ASP A 41 5.93 -7.31 -1.91
CA ASP A 41 5.15 -7.31 -3.16
C ASP A 41 3.65 -7.56 -2.92
N PHE A 42 3.34 -8.31 -1.84
CA PHE A 42 1.94 -8.51 -1.40
C PHE A 42 1.31 -7.18 -0.93
N PHE A 43 2.06 -6.40 -0.12
CA PHE A 43 1.57 -5.14 0.48
C PHE A 43 1.35 -4.03 -0.58
N LEU A 44 2.22 -4.00 -1.60
CA LEU A 44 2.11 -3.04 -2.74
C LEU A 44 0.90 -3.39 -3.65
N GLY A 45 0.69 -4.71 -3.90
CA GLY A 45 -0.46 -5.20 -4.68
C GLY A 45 -1.80 -4.95 -3.98
N LEU A 46 -1.90 -5.40 -2.73
CA LEU A 46 -3.10 -5.27 -1.87
C LEU A 46 -3.42 -3.77 -1.57
N GLY A 47 -2.36 -2.97 -1.46
CA GLY A 47 -2.46 -1.53 -1.16
C GLY A 47 -3.05 -0.72 -2.33
N TRP A 48 -2.78 -1.19 -3.56
CA TRP A 48 -3.31 -0.58 -4.79
C TRP A 48 -4.82 -0.90 -4.98
N LEU A 49 -5.24 -2.06 -4.45
CA LEU A 49 -6.68 -2.47 -4.41
C LEU A 49 -7.53 -1.51 -3.55
N LEU A 50 -6.89 -0.87 -2.54
CA LEU A 50 -7.51 0.21 -1.73
C LEU A 50 -7.86 1.46 -2.57
N ARG A 51 -7.04 1.77 -3.61
CA ARG A 51 -7.35 2.85 -4.59
C ARG A 51 -8.70 2.61 -5.28
N GLU A 52 -8.95 1.33 -5.61
CA GLU A 52 -10.13 0.92 -6.37
C GLU A 52 -11.34 0.69 -5.43
N ASP A 53 -11.04 0.34 -4.14
CA ASP A 53 -12.05 -0.03 -3.12
C ASP A 53 -12.87 -1.28 -3.55
N LYS A 54 -12.23 -2.12 -4.40
CA LYS A 54 -12.84 -3.36 -4.93
C LYS A 54 -12.66 -4.54 -3.96
N VAL A 55 -11.92 -4.29 -2.85
CA VAL A 55 -11.69 -5.27 -1.78
C VAL A 55 -11.97 -4.66 -0.38
N VAL A 56 -12.10 -5.54 0.62
CA VAL A 56 -12.24 -5.17 2.03
C VAL A 56 -11.45 -6.18 2.91
N THR A 57 -10.73 -5.66 3.92
CA THR A 57 -9.76 -6.45 4.72
C THR A 57 -10.34 -6.81 6.11
N SER A 58 -10.07 -8.05 6.55
CA SER A 58 -10.49 -8.57 7.87
C SER A 58 -9.27 -9.11 8.64
N GLU A 59 -9.28 -8.93 9.97
CA GLU A 59 -8.23 -9.45 10.87
C GLU A 59 -8.70 -10.78 11.49
N VAL A 60 -8.16 -11.91 11.01
CA VAL A 60 -8.53 -13.26 11.50
C VAL A 60 -7.34 -13.91 12.23
N GLU A 61 -7.47 -14.05 13.57
CA GLU A 61 -6.54 -14.85 14.43
C GLU A 61 -5.03 -14.47 14.26
N GLY A 62 -4.77 -13.18 13.97
CA GLY A 62 -3.39 -12.66 13.84
C GLY A 62 -2.84 -12.61 12.40
N GLU A 63 -3.62 -13.09 11.39
CA GLU A 63 -3.17 -13.06 9.97
C GLU A 63 -4.05 -12.13 9.11
N ILE A 64 -3.46 -11.62 8.00
CA ILE A 64 -4.16 -10.76 7.04
C ILE A 64 -5.07 -11.60 6.12
N PHE A 65 -6.39 -11.45 6.30
CA PHE A 65 -7.42 -11.96 5.37
C PHE A 65 -7.98 -10.77 4.56
N VAL A 66 -8.26 -10.99 3.27
CA VAL A 66 -8.93 -9.98 2.42
C VAL A 66 -9.97 -10.68 1.50
N LYS A 67 -11.05 -9.95 1.15
CA LYS A 67 -12.17 -10.50 0.36
C LYS A 67 -12.73 -9.44 -0.59
N LEU A 68 -13.33 -9.87 -1.72
CA LEU A 68 -13.99 -8.94 -2.66
C LEU A 68 -15.30 -8.38 -2.06
N VAL A 69 -15.60 -7.11 -2.37
CA VAL A 69 -16.88 -6.46 -2.01
C VAL A 69 -18.02 -6.97 -2.94
N LEU A 70 -17.64 -7.72 -4.00
CA LEU A 70 -18.57 -8.32 -5.00
C LEU A 70 -19.01 -9.76 -4.61
N GLU A 71 -19.15 -10.03 -3.28
CA GLU A 71 -19.58 -11.35 -2.78
C GLU A 71 -21.14 -11.49 -2.83
N HIS A 72 -21.64 -12.26 -3.83
CA HIS A 72 -23.09 -12.41 -4.09
C HIS A 72 -23.74 -13.55 -3.26
N HIS A 73 -23.80 -13.38 -1.94
CA HIS A 73 -24.58 -14.27 -1.03
C HIS A 73 -24.68 -13.68 0.40
N HIS A 74 -25.72 -14.12 1.15
CA HIS A 74 -25.94 -13.69 2.55
C HIS A 74 -24.88 -14.32 3.51
N HIS A 75 -23.77 -13.60 3.72
CA HIS A 75 -22.64 -14.07 4.55
C HIS A 75 -22.58 -13.29 5.90
N HIS A 76 -22.84 -13.98 7.02
CA HIS A 76 -22.59 -13.45 8.39
C HIS A 76 -21.57 -14.36 9.12
N HIS A 77 -20.71 -13.73 9.93
CA HIS A 77 -19.69 -14.46 10.73
C HIS A 77 -19.28 -13.61 11.95
N MET B 1 -17.19 -2.04 11.23
CA MET B 1 -16.14 -2.37 12.19
C MET B 1 -14.83 -1.58 11.92
N LYS B 2 -13.76 -1.91 12.67
CA LYS B 2 -12.40 -1.36 12.44
C LYS B 2 -11.83 -1.76 11.04
N MET B 3 -12.08 -0.90 10.03
CA MET B 3 -11.57 -1.09 8.66
C MET B 3 -10.08 -0.64 8.59
N LEU B 4 -9.19 -1.59 8.28
CA LEU B 4 -7.73 -1.32 8.15
C LEU B 4 -7.39 -0.34 7.00
N LYS B 5 -8.38 -0.09 6.12
CA LYS B 5 -8.32 0.95 5.05
C LYS B 5 -8.27 2.37 5.67
N GLU B 6 -9.07 2.58 6.73
CA GLU B 6 -9.10 3.87 7.47
C GLU B 6 -7.78 4.08 8.24
N LYS B 7 -7.29 2.98 8.85
CA LYS B 7 -6.01 2.95 9.61
C LYS B 7 -4.80 3.32 8.69
N ALA B 8 -4.89 2.91 7.40
CA ALA B 8 -3.94 3.32 6.34
C ALA B 8 -3.89 4.87 6.18
N GLY B 9 -5.09 5.50 6.17
CA GLY B 9 -5.23 6.96 6.10
C GLY B 9 -4.73 7.70 7.36
N ALA B 10 -4.89 7.06 8.52
CA ALA B 10 -4.41 7.59 9.83
C ALA B 10 -2.86 7.64 9.88
N LEU B 11 -2.21 6.58 9.34
CA LEU B 11 -0.75 6.54 9.15
C LEU B 11 -0.29 7.59 8.12
N ALA B 12 -1.07 7.74 7.04
CA ALA B 12 -0.77 8.65 5.92
C ALA B 12 -0.64 10.11 6.35
N GLY B 13 -1.52 10.54 7.29
CA GLY B 13 -1.50 11.91 7.81
C GLY B 13 -0.17 12.30 8.47
N GLN B 14 0.28 11.47 9.44
CA GLN B 14 1.54 11.71 10.18
C GLN B 14 2.81 11.48 9.31
N ILE B 15 2.72 10.56 8.31
CA ILE B 15 3.81 10.30 7.35
C ILE B 15 4.03 11.52 6.42
N TRP B 16 2.92 12.06 5.90
CA TRP B 16 2.92 13.26 5.01
C TRP B 16 3.61 14.47 5.70
N GLU B 17 3.32 14.66 7.01
CA GLU B 17 3.90 15.74 7.84
C GLU B 17 5.45 15.62 7.97
N ALA B 18 5.95 14.38 8.03
CA ALA B 18 7.41 14.10 8.11
C ALA B 18 8.15 14.55 6.82
N LEU B 19 7.44 14.45 5.68
CA LEU B 19 7.95 14.90 4.36
C LEU B 19 7.73 16.42 4.15
N ASN B 20 6.76 17.00 4.87
CA ASN B 20 6.45 18.45 4.77
C ASN B 20 7.55 19.28 5.49
N GLY B 21 8.13 20.26 4.77
CA GLY B 21 9.26 21.07 5.29
C GLY B 21 10.65 20.52 4.91
N THR B 22 10.70 19.27 4.41
CA THR B 22 11.96 18.62 3.97
C THR B 22 11.94 18.45 2.42
N GLU B 23 13.08 18.01 1.86
CA GLU B 23 13.17 17.64 0.42
C GLU B 23 12.60 16.22 0.14
N GLY B 24 12.12 15.55 1.21
CA GLY B 24 11.72 14.14 1.14
C GLY B 24 12.67 13.24 1.93
N LEU B 25 12.17 12.10 2.39
CA LEU B 25 12.92 11.16 3.25
C LEU B 25 12.79 9.71 2.72
N THR B 26 13.78 8.84 3.02
CA THR B 26 13.69 7.39 2.71
C THR B 26 12.77 6.71 3.75
N GLN B 27 12.30 5.48 3.45
CA GLN B 27 11.39 4.73 4.34
C GLN B 27 11.94 4.59 5.79
N LYS B 28 13.27 4.36 5.93
CA LYS B 28 13.97 4.28 7.24
C LYS B 28 13.90 5.63 8.01
N GLN B 29 14.12 6.75 7.28
CA GLN B 29 14.09 8.13 7.86
C GLN B 29 12.67 8.52 8.32
N ILE B 30 11.67 8.19 7.49
CA ILE B 30 10.24 8.49 7.76
C ILE B 30 9.75 7.75 9.01
N LYS B 31 10.10 6.45 9.11
CA LYS B 31 9.77 5.59 10.28
C LYS B 31 10.20 6.24 11.62
N LYS B 32 11.42 6.81 11.64
CA LYS B 32 11.98 7.44 12.83
C LYS B 32 11.22 8.74 13.22
N ALA B 33 10.83 9.52 12.19
CA ALA B 33 10.09 10.80 12.37
C ALA B 33 8.62 10.57 12.82
N THR B 34 8.00 9.48 12.29
CA THR B 34 6.58 9.13 12.55
C THR B 34 6.41 8.12 13.70
N LYS B 35 7.56 7.59 14.18
CA LYS B 35 7.65 6.65 15.34
C LYS B 35 7.15 5.23 14.95
N LEU B 36 7.08 4.97 13.63
CA LEU B 36 6.80 3.64 13.05
C LEU B 36 8.00 2.69 13.29
N LYS B 37 7.81 1.70 14.17
CA LYS B 37 8.86 0.70 14.50
C LYS B 37 9.10 -0.27 13.30
N ALA B 38 8.04 -0.50 12.51
CA ALA B 38 8.04 -1.46 11.38
C ALA B 38 7.62 -0.77 10.06
N ASP B 39 8.25 -1.21 8.95
CA ASP B 39 7.89 -0.82 7.57
C ASP B 39 6.45 -1.29 7.22
N LYS B 40 5.99 -2.35 7.93
CA LYS B 40 4.64 -2.94 7.76
C LYS B 40 3.51 -1.88 7.89
N ASP B 41 3.66 -0.96 8.86
CA ASP B 41 2.76 0.20 9.02
C ASP B 41 2.94 1.17 7.82
N PHE B 42 4.21 1.48 7.52
CA PHE B 42 4.61 2.41 6.45
C PHE B 42 4.03 2.04 5.06
N PHE B 43 3.92 0.74 4.73
CA PHE B 43 3.38 0.28 3.42
C PHE B 43 1.87 0.64 3.26
N LEU B 44 1.12 0.62 4.39
CA LEU B 44 -0.29 1.09 4.42
C LEU B 44 -0.36 2.63 4.31
N GLY B 45 0.53 3.33 5.06
CA GLY B 45 0.58 4.81 5.04
C GLY B 45 1.00 5.38 3.68
N LEU B 46 2.21 5.02 3.21
CA LEU B 46 2.71 5.31 1.84
C LEU B 46 1.72 4.82 0.74
N GLY B 47 1.07 3.68 1.00
CA GLY B 47 0.05 3.14 0.08
C GLY B 47 -1.14 4.09 -0.10
N TRP B 48 -1.46 4.82 0.98
CA TRP B 48 -2.48 5.89 0.97
C TRP B 48 -1.94 7.20 0.31
N LEU B 49 -0.64 7.46 0.50
CA LEU B 49 0.08 8.58 -0.19
C LEU B 49 0.03 8.40 -1.74
N LEU B 50 0.09 7.13 -2.19
CA LEU B 50 -0.13 6.77 -3.61
C LEU B 50 -1.65 6.79 -3.96
N ARG B 51 -2.51 6.41 -2.99
CA ARG B 51 -3.99 6.33 -3.17
C ARG B 51 -4.60 7.67 -3.65
N GLU B 52 -4.20 8.78 -3.00
CA GLU B 52 -4.68 10.13 -3.37
C GLU B 52 -3.69 10.86 -4.31
N ASP B 53 -2.55 10.19 -4.64
CA ASP B 53 -1.44 10.79 -5.44
C ASP B 53 -0.85 12.05 -4.72
N LYS B 54 -0.71 11.92 -3.38
CA LYS B 54 -0.18 12.98 -2.49
C LYS B 54 1.33 13.18 -2.70
N VAL B 55 2.04 12.07 -3.01
CA VAL B 55 3.53 12.06 -3.10
C VAL B 55 4.02 11.32 -4.37
N VAL B 56 5.35 11.31 -4.54
CA VAL B 56 6.07 10.54 -5.57
C VAL B 56 7.22 9.74 -4.92
N THR B 57 7.38 8.46 -5.33
CA THR B 57 8.40 7.55 -4.79
C THR B 57 9.55 7.37 -5.81
N SER B 58 10.74 7.01 -5.30
CA SER B 58 11.96 6.83 -6.12
C SER B 58 12.76 5.63 -5.62
N GLU B 59 13.37 4.90 -6.57
CA GLU B 59 14.29 3.79 -6.25
C GLU B 59 15.74 4.31 -6.31
N VAL B 60 16.35 4.53 -5.14
CA VAL B 60 17.76 4.93 -5.05
C VAL B 60 18.59 3.75 -4.52
N GLU B 61 19.28 3.08 -5.46
CA GLU B 61 20.15 1.90 -5.20
C GLU B 61 19.52 0.85 -4.23
N GLY B 62 18.22 0.55 -4.44
CA GLY B 62 17.47 -0.41 -3.60
C GLY B 62 16.60 0.23 -2.50
N GLU B 63 16.95 1.43 -2.04
CA GLU B 63 16.19 2.17 -0.99
C GLU B 63 14.91 2.85 -1.57
N ILE B 64 13.79 2.74 -0.84
CA ILE B 64 12.52 3.43 -1.20
C ILE B 64 12.55 4.90 -0.66
N PHE B 65 12.97 5.85 -1.53
CA PHE B 65 13.04 7.29 -1.22
C PHE B 65 11.73 8.00 -1.64
N VAL B 66 10.99 8.53 -0.66
CA VAL B 66 9.66 9.15 -0.88
C VAL B 66 9.71 10.68 -0.66
N LYS B 67 8.97 11.46 -1.48
CA LYS B 67 8.92 12.94 -1.37
C LYS B 67 7.59 13.50 -1.89
N LEU B 68 7.14 14.67 -1.38
CA LEU B 68 5.85 15.29 -1.78
C LEU B 68 5.82 15.67 -3.30
N VAL B 69 4.61 15.66 -3.91
CA VAL B 69 4.40 16.26 -5.25
C VAL B 69 4.54 17.80 -5.13
N LEU B 70 5.75 18.30 -5.43
CA LEU B 70 6.15 19.71 -5.21
C LEU B 70 5.16 20.71 -5.85
N GLU B 71 4.91 20.56 -7.16
CA GLU B 71 4.04 21.47 -7.94
C GLU B 71 3.08 20.63 -8.82
N HIS B 72 1.77 20.84 -8.63
CA HIS B 72 0.69 20.29 -9.48
C HIS B 72 -0.42 21.37 -9.64
N HIS B 73 -0.50 21.96 -10.84
CA HIS B 73 -1.38 23.11 -11.13
C HIS B 73 -2.81 22.68 -11.56
N HIS B 74 -3.73 23.68 -11.53
CA HIS B 74 -5.14 23.51 -11.94
C HIS B 74 -5.24 23.05 -13.42
N HIS B 75 -5.71 21.81 -13.62
CA HIS B 75 -5.87 21.21 -14.95
C HIS B 75 -7.24 21.65 -15.57
N HIS B 76 -7.23 22.84 -16.22
CA HIS B 76 -8.42 23.42 -16.87
C HIS B 76 -8.00 24.51 -17.89
N HIS B 77 -8.63 24.51 -19.07
CA HIS B 77 -8.38 25.51 -20.14
C HIS B 77 -9.68 26.15 -20.61
N MET A 1 12.24 6.33 -15.25
CA MET A 1 11.18 5.95 -16.22
C MET A 1 10.33 4.78 -15.68
N LYS A 2 10.99 3.80 -15.02
CA LYS A 2 10.30 2.69 -14.35
C LYS A 2 9.72 3.14 -12.98
N MET A 3 8.46 3.61 -13.00
CA MET A 3 7.70 3.97 -11.79
C MET A 3 7.31 2.72 -10.97
N LEU A 4 7.70 2.70 -9.69
CA LEU A 4 7.33 1.62 -8.75
C LEU A 4 5.79 1.62 -8.46
N LYS A 5 5.09 2.70 -8.85
CA LYS A 5 3.62 2.78 -8.78
C LYS A 5 2.97 1.84 -9.85
N GLU A 6 3.68 1.65 -10.99
CA GLU A 6 3.22 0.77 -12.10
C GLU A 6 3.18 -0.71 -11.71
N LYS A 7 4.25 -1.20 -11.03
CA LYS A 7 4.28 -2.60 -10.55
C LYS A 7 3.25 -2.84 -9.42
N ALA A 8 2.94 -1.78 -8.65
CA ALA A 8 1.87 -1.83 -7.62
C ALA A 8 0.49 -2.13 -8.24
N GLY A 9 0.22 -1.49 -9.40
CA GLY A 9 -1.02 -1.71 -10.16
C GLY A 9 -1.06 -3.05 -10.91
N ALA A 10 0.10 -3.45 -11.48
CA ALA A 10 0.25 -4.71 -12.25
C ALA A 10 0.01 -5.97 -11.36
N LEU A 11 0.61 -5.95 -10.16
CA LEU A 11 0.44 -7.01 -9.15
C LEU A 11 -0.99 -7.01 -8.58
N ALA A 12 -1.56 -5.81 -8.37
CA ALA A 12 -2.94 -5.64 -7.89
C ALA A 12 -3.98 -6.32 -8.83
N GLY A 13 -3.66 -6.28 -10.14
CA GLY A 13 -4.47 -6.97 -11.14
C GLY A 13 -4.56 -8.48 -10.92
N GLN A 14 -3.40 -9.15 -10.82
CA GLN A 14 -3.32 -10.62 -10.67
C GLN A 14 -3.76 -11.09 -9.25
N ILE A 15 -3.52 -10.24 -8.23
CA ILE A 15 -3.99 -10.50 -6.84
C ILE A 15 -5.53 -10.51 -6.79
N TRP A 16 -6.15 -9.48 -7.38
CA TRP A 16 -7.62 -9.36 -7.46
C TRP A 16 -8.25 -10.50 -8.30
N GLU A 17 -7.60 -10.85 -9.43
CA GLU A 17 -8.04 -11.96 -10.32
C GLU A 17 -7.95 -13.34 -9.60
N ALA A 18 -6.97 -13.47 -8.68
CA ALA A 18 -6.85 -14.66 -7.80
C ALA A 18 -8.00 -14.71 -6.76
N LEU A 19 -8.45 -13.52 -6.32
CA LEU A 19 -9.59 -13.36 -5.38
C LEU A 19 -10.96 -13.48 -6.10
N ASN A 20 -11.00 -13.22 -7.42
CA ASN A 20 -12.25 -13.22 -8.22
C ASN A 20 -12.82 -14.65 -8.36
N GLY A 21 -14.06 -14.83 -7.87
CA GLY A 21 -14.69 -16.16 -7.73
C GLY A 21 -14.62 -16.71 -6.30
N THR A 22 -13.57 -16.30 -5.55
CA THR A 22 -13.34 -16.71 -4.14
C THR A 22 -14.06 -15.72 -3.17
N GLU A 23 -14.41 -16.20 -1.96
CA GLU A 23 -15.06 -15.38 -0.90
C GLU A 23 -14.05 -14.59 -0.04
N GLY A 24 -12.74 -14.86 -0.23
CA GLY A 24 -11.69 -14.23 0.56
C GLY A 24 -10.48 -15.14 0.81
N LEU A 25 -9.27 -14.55 0.80
CA LEU A 25 -8.00 -15.25 1.07
C LEU A 25 -7.10 -14.41 2.02
N THR A 26 -6.14 -15.07 2.70
CA THR A 26 -5.12 -14.36 3.51
C THR A 26 -3.91 -13.97 2.62
N GLN A 27 -2.98 -13.18 3.19
CA GLN A 27 -1.70 -12.79 2.53
C GLN A 27 -0.93 -14.03 1.99
N LYS A 28 -0.85 -15.09 2.82
CA LYS A 28 -0.14 -16.34 2.49
C LYS A 28 -0.77 -17.11 1.29
N GLN A 29 -2.12 -17.10 1.22
CA GLN A 29 -2.86 -17.82 0.16
C GLN A 29 -2.70 -17.13 -1.21
N ILE A 30 -2.66 -15.79 -1.17
CA ILE A 30 -2.42 -14.95 -2.37
C ILE A 30 -0.96 -15.11 -2.87
N LYS A 31 0.00 -15.19 -1.93
CA LYS A 31 1.44 -15.44 -2.24
C LYS A 31 1.63 -16.71 -3.11
N LYS A 32 0.85 -17.77 -2.83
CA LYS A 32 0.86 -19.02 -3.63
C LYS A 32 0.21 -18.80 -5.02
N ALA A 33 -0.95 -18.10 -5.02
CA ALA A 33 -1.79 -17.89 -6.23
C ALA A 33 -1.16 -16.92 -7.27
N THR A 34 -0.25 -16.05 -6.82
CA THR A 34 0.38 -15.01 -7.70
C THR A 34 1.93 -15.12 -7.74
N LYS A 35 2.51 -15.98 -6.86
CA LYS A 35 3.98 -16.24 -6.73
C LYS A 35 4.83 -14.94 -6.54
N LEU A 36 4.29 -14.00 -5.73
CA LEU A 36 4.98 -12.73 -5.40
C LEU A 36 6.37 -12.99 -4.79
N LYS A 37 7.40 -12.36 -5.37
CA LYS A 37 8.82 -12.66 -5.09
C LYS A 37 9.18 -12.33 -3.63
N ALA A 38 8.51 -11.31 -3.10
CA ALA A 38 8.52 -10.95 -1.67
C ALA A 38 7.11 -10.52 -1.23
N ASP A 39 6.87 -10.52 0.09
CA ASP A 39 5.65 -9.91 0.68
C ASP A 39 5.65 -8.38 0.50
N LYS A 40 6.87 -7.82 0.33
CA LYS A 40 7.07 -6.38 -0.04
C LYS A 40 6.25 -6.00 -1.31
N ASP A 41 6.18 -6.96 -2.27
CA ASP A 41 5.38 -6.82 -3.51
C ASP A 41 3.86 -6.82 -3.20
N PHE A 42 3.45 -7.65 -2.22
CA PHE A 42 2.04 -7.80 -1.80
C PHE A 42 1.46 -6.48 -1.24
N PHE A 43 2.24 -5.78 -0.39
CA PHE A 43 1.77 -4.57 0.31
C PHE A 43 1.47 -3.40 -0.67
N LEU A 44 2.28 -3.30 -1.74
CA LEU A 44 2.06 -2.30 -2.82
C LEU A 44 0.83 -2.69 -3.69
N GLY A 45 0.66 -4.00 -3.95
CA GLY A 45 -0.51 -4.51 -4.69
C GLY A 45 -1.84 -4.30 -3.92
N LEU A 46 -1.83 -4.63 -2.62
CA LEU A 46 -2.98 -4.48 -1.70
C LEU A 46 -3.37 -3.00 -1.51
N GLY A 47 -2.37 -2.10 -1.59
CA GLY A 47 -2.59 -0.66 -1.51
C GLY A 47 -3.42 -0.13 -2.69
N TRP A 48 -3.23 -0.75 -3.86
CA TRP A 48 -3.99 -0.46 -5.09
C TRP A 48 -5.42 -1.10 -5.05
N LEU A 49 -5.54 -2.26 -4.38
CA LEU A 49 -6.85 -2.89 -4.08
C LEU A 49 -7.75 -1.94 -3.25
N LEU A 50 -7.13 -1.33 -2.21
CA LEU A 50 -7.77 -0.32 -1.34
C LEU A 50 -8.01 1.02 -2.09
N ARG A 51 -7.07 1.35 -3.03
CA ARG A 51 -7.16 2.56 -3.89
C ARG A 51 -8.48 2.63 -4.68
N GLU A 52 -8.81 1.51 -5.35
CA GLU A 52 -10.01 1.42 -6.20
C GLU A 52 -11.21 0.83 -5.42
N ASP A 53 -10.94 0.37 -4.17
CA ASP A 53 -11.94 -0.26 -3.26
C ASP A 53 -12.58 -1.50 -3.90
N LYS A 54 -11.76 -2.25 -4.65
CA LYS A 54 -12.16 -3.51 -5.31
C LYS A 54 -12.31 -4.65 -4.27
N VAL A 55 -11.72 -4.44 -3.07
CA VAL A 55 -11.77 -5.41 -1.96
C VAL A 55 -12.21 -4.71 -0.65
N VAL A 56 -12.51 -5.53 0.36
CA VAL A 56 -12.71 -5.11 1.75
C VAL A 56 -11.88 -6.01 2.67
N THR A 57 -11.25 -5.41 3.69
CA THR A 57 -10.24 -6.09 4.53
C THR A 57 -10.78 -6.35 5.95
N SER A 58 -10.58 -7.58 6.44
CA SER A 58 -10.95 -8.01 7.81
C SER A 58 -9.68 -8.36 8.60
N GLU A 59 -9.62 -7.94 9.87
CA GLU A 59 -8.41 -8.12 10.70
C GLU A 59 -8.57 -9.39 11.55
N VAL A 60 -7.92 -10.48 11.09
CA VAL A 60 -8.11 -11.83 11.60
C VAL A 60 -6.78 -12.41 12.13
N GLU A 61 -6.73 -12.64 13.47
CA GLU A 61 -5.57 -13.22 14.18
C GLU A 61 -4.27 -12.37 14.04
N GLY A 62 -4.44 -11.04 13.90
CA GLY A 62 -3.31 -10.12 13.61
C GLY A 62 -2.77 -10.20 12.17
N GLU A 63 -3.37 -11.07 11.35
CA GLU A 63 -2.95 -11.31 9.94
C GLU A 63 -3.85 -10.53 8.97
N ILE A 64 -3.28 -10.24 7.78
CA ILE A 64 -4.00 -9.63 6.67
C ILE A 64 -4.94 -10.66 5.99
N PHE A 65 -6.24 -10.53 6.26
CA PHE A 65 -7.31 -11.25 5.54
C PHE A 65 -8.08 -10.25 4.66
N VAL A 66 -8.28 -10.61 3.39
CA VAL A 66 -8.99 -9.76 2.41
C VAL A 66 -10.14 -10.57 1.76
N LYS A 67 -11.12 -9.84 1.19
CA LYS A 67 -12.24 -10.43 0.42
C LYS A 67 -12.75 -9.40 -0.60
N LEU A 68 -13.60 -9.81 -1.56
CA LEU A 68 -14.13 -8.87 -2.57
C LEU A 68 -15.38 -8.11 -2.06
N VAL A 69 -15.71 -7.02 -2.77
CA VAL A 69 -16.92 -6.23 -2.53
C VAL A 69 -18.11 -6.81 -3.35
N LEU A 70 -18.95 -7.63 -2.69
CA LEU A 70 -20.20 -8.16 -3.29
C LEU A 70 -21.40 -7.91 -2.34
N GLU A 71 -22.32 -7.02 -2.77
CA GLU A 71 -23.56 -6.70 -2.04
C GLU A 71 -24.55 -7.89 -2.03
N HIS A 72 -24.52 -8.69 -3.11
CA HIS A 72 -25.32 -9.92 -3.22
C HIS A 72 -24.59 -11.11 -2.54
N HIS A 73 -25.19 -11.63 -1.46
CA HIS A 73 -24.71 -12.82 -0.74
C HIS A 73 -25.85 -13.42 0.10
N HIS A 74 -26.51 -14.45 -0.45
CA HIS A 74 -27.65 -15.13 0.22
C HIS A 74 -27.20 -16.27 1.17
N HIS A 75 -25.93 -16.21 1.63
CA HIS A 75 -25.35 -17.16 2.60
C HIS A 75 -24.84 -16.42 3.86
N HIS A 76 -25.36 -16.81 5.04
CA HIS A 76 -24.91 -16.28 6.34
C HIS A 76 -23.71 -17.07 6.89
N HIS A 77 -22.89 -16.41 7.74
CA HIS A 77 -21.71 -17.02 8.39
C HIS A 77 -21.25 -16.17 9.58
N MET B 1 -15.47 -2.63 14.80
CA MET B 1 -15.43 -3.08 13.40
C MET B 1 -13.96 -3.35 12.99
N LYS B 2 -13.17 -2.27 12.95
CA LYS B 2 -11.69 -2.29 12.72
C LYS B 2 -11.27 -2.99 11.39
N MET B 3 -11.39 -2.28 10.24
CA MET B 3 -10.83 -2.78 8.97
C MET B 3 -9.42 -2.19 8.73
N LEU B 4 -8.56 -2.98 8.05
CA LEU B 4 -7.15 -2.59 7.73
C LEU B 4 -7.07 -1.23 7.01
N LYS B 5 -8.11 -0.89 6.24
CA LYS B 5 -8.15 0.34 5.44
C LYS B 5 -8.16 1.62 6.34
N GLU B 6 -8.88 1.56 7.48
CA GLU B 6 -9.00 2.70 8.42
C GLU B 6 -7.64 3.03 9.09
N LYS B 7 -7.00 1.99 9.66
CA LYS B 7 -5.69 2.14 10.34
C LYS B 7 -4.52 2.36 9.34
N ALA B 8 -4.70 1.93 8.07
CA ALA B 8 -3.76 2.26 6.96
C ALA B 8 -3.74 3.79 6.67
N GLY B 9 -4.93 4.40 6.72
CA GLY B 9 -5.08 5.86 6.61
C GLY B 9 -4.49 6.64 7.80
N ALA B 10 -4.56 6.03 9.00
CA ALA B 10 -3.96 6.60 10.23
C ALA B 10 -2.41 6.60 10.15
N LEU B 11 -1.84 5.47 9.66
CA LEU B 11 -0.39 5.35 9.41
C LEU B 11 0.05 6.31 8.26
N ALA B 12 -0.83 6.47 7.27
CA ALA B 12 -0.59 7.37 6.11
C ALA B 12 -0.41 8.84 6.51
N GLY B 13 -1.31 9.32 7.39
CA GLY B 13 -1.35 10.73 7.81
C GLY B 13 -0.01 11.24 8.35
N GLN B 14 0.54 10.52 9.33
CA GLN B 14 1.83 10.86 9.98
C GLN B 14 3.03 10.78 8.99
N ILE B 15 3.01 9.78 8.08
CA ILE B 15 4.10 9.57 7.06
C ILE B 15 4.14 10.72 6.02
N TRP B 16 2.96 11.15 5.55
CA TRP B 16 2.81 12.28 4.61
C TRP B 16 3.33 13.60 5.21
N GLU B 17 2.99 13.85 6.50
CA GLU B 17 3.42 15.06 7.25
C GLU B 17 4.95 15.13 7.44
N ALA B 18 5.62 13.96 7.53
CA ALA B 18 7.10 13.87 7.56
C ALA B 18 7.73 14.41 6.24
N LEU B 19 7.02 14.22 5.13
CA LEU B 19 7.41 14.71 3.79
C LEU B 19 6.91 16.16 3.51
N ASN B 20 5.88 16.60 4.26
CA ASN B 20 5.28 17.94 4.10
C ASN B 20 6.26 19.04 4.60
N GLY B 21 6.57 20.02 3.70
CA GLY B 21 7.59 21.04 3.98
C GLY B 21 9.04 20.54 3.78
N THR B 22 9.17 19.28 3.31
CA THR B 22 10.47 18.59 3.12
C THR B 22 10.62 18.15 1.64
N GLU B 23 11.87 18.13 1.13
CA GLU B 23 12.16 17.79 -0.28
C GLU B 23 11.95 16.27 -0.56
N GLY B 24 12.01 15.46 0.52
CA GLY B 24 11.95 13.99 0.42
C GLY B 24 12.77 13.31 1.52
N LEU B 25 12.31 12.13 1.97
CA LEU B 25 12.97 11.35 3.05
C LEU B 25 12.98 9.84 2.71
N THR B 26 13.90 9.09 3.36
CA THR B 26 13.93 7.61 3.28
C THR B 26 12.93 6.99 4.28
N GLN B 27 12.68 5.65 4.16
CA GLN B 27 11.81 4.92 5.11
C GLN B 27 12.37 4.98 6.55
N LYS B 28 13.72 5.04 6.68
CA LYS B 28 14.41 5.17 7.99
C LYS B 28 14.07 6.53 8.68
N GLN B 29 14.18 7.62 7.90
CA GLN B 29 13.94 8.99 8.38
C GLN B 29 12.47 9.19 8.82
N ILE B 30 11.55 8.73 7.96
CA ILE B 30 10.10 8.86 8.18
C ILE B 30 9.61 7.99 9.36
N LYS B 31 10.00 6.70 9.37
CA LYS B 31 9.54 5.72 10.40
C LYS B 31 9.93 6.18 11.82
N LYS B 32 11.14 6.80 11.93
CA LYS B 32 11.62 7.44 13.18
C LYS B 32 10.79 8.70 13.51
N ALA B 33 10.58 9.58 12.50
CA ALA B 33 9.83 10.87 12.66
C ALA B 33 8.37 10.65 13.10
N THR B 34 7.79 9.52 12.66
CA THR B 34 6.40 9.13 12.95
C THR B 34 6.30 8.23 14.19
N LYS B 35 7.47 7.75 14.69
CA LYS B 35 7.59 6.88 15.89
C LYS B 35 7.07 5.43 15.63
N LEU B 36 7.00 5.07 14.33
CA LEU B 36 6.68 3.70 13.88
C LEU B 36 7.89 2.76 14.08
N LYS B 37 7.65 1.46 14.23
CA LYS B 37 8.71 0.48 14.64
C LYS B 37 8.96 -0.60 13.56
N ALA B 38 7.89 -1.08 12.92
CA ALA B 38 7.95 -2.12 11.88
C ALA B 38 8.00 -1.49 10.47
N ASP B 39 8.66 -2.20 9.55
CA ASP B 39 8.68 -1.89 8.11
C ASP B 39 7.24 -1.88 7.52
N LYS B 40 6.41 -2.78 8.07
CA LYS B 40 5.00 -2.98 7.68
C LYS B 40 4.16 -1.70 7.90
N ASP B 41 4.47 -0.98 9.00
CA ASP B 41 3.80 0.29 9.35
C ASP B 41 4.01 1.35 8.25
N PHE B 42 5.23 1.36 7.67
CA PHE B 42 5.60 2.28 6.60
C PHE B 42 4.89 1.92 5.28
N PHE B 43 4.75 0.62 4.98
CA PHE B 43 4.16 0.13 3.70
C PHE B 43 2.64 0.37 3.61
N LEU B 44 1.93 0.06 4.72
CA LEU B 44 0.45 0.25 4.82
C LEU B 44 0.08 1.76 4.79
N GLY B 45 0.99 2.60 5.33
CA GLY B 45 0.85 4.06 5.25
C GLY B 45 1.16 4.63 3.85
N LEU B 46 2.33 4.23 3.31
CA LEU B 46 2.83 4.71 1.99
C LEU B 46 1.90 4.27 0.83
N GLY B 47 1.28 3.10 0.99
CA GLY B 47 0.32 2.56 0.02
C GLY B 47 -0.89 3.49 -0.20
N TRP B 48 -1.26 4.22 0.86
CA TRP B 48 -2.32 5.25 0.80
C TRP B 48 -1.80 6.55 0.11
N LEU B 49 -0.53 6.87 0.33
CA LEU B 49 0.14 8.01 -0.35
C LEU B 49 0.24 7.76 -1.88
N LEU B 50 0.35 6.47 -2.25
CA LEU B 50 0.29 6.00 -3.65
C LEU B 50 -1.16 5.98 -4.18
N ARG B 51 -2.13 5.63 -3.29
CA ARG B 51 -3.58 5.54 -3.67
C ARG B 51 -4.15 6.92 -4.08
N GLU B 52 -3.69 8.00 -3.40
CA GLU B 52 -4.08 9.40 -3.73
C GLU B 52 -3.05 10.10 -4.66
N ASP B 53 -1.97 9.36 -5.04
CA ASP B 53 -0.92 9.85 -5.99
C ASP B 53 -0.15 11.09 -5.43
N LYS B 54 -0.28 11.34 -4.10
CA LYS B 54 0.26 12.55 -3.44
C LYS B 54 1.75 12.39 -3.04
N VAL B 55 2.36 11.27 -3.46
CA VAL B 55 3.83 11.08 -3.43
C VAL B 55 4.31 10.40 -4.73
N VAL B 56 5.63 10.35 -4.89
CA VAL B 56 6.31 9.56 -5.92
C VAL B 56 7.61 8.98 -5.32
N THR B 57 7.97 7.78 -5.75
CA THR B 57 9.03 6.98 -5.11
C THR B 57 10.36 7.07 -5.88
N SER B 58 11.45 6.82 -5.17
CA SER B 58 12.81 6.77 -5.75
C SER B 58 13.67 5.74 -5.00
N GLU B 59 14.75 5.30 -5.63
CA GLU B 59 15.74 4.41 -5.03
C GLU B 59 17.03 5.22 -4.76
N VAL B 60 17.44 5.35 -3.49
CA VAL B 60 18.75 5.91 -3.12
C VAL B 60 19.63 4.84 -2.44
N GLU B 61 20.67 4.37 -3.18
CA GLU B 61 21.70 3.42 -2.68
C GLU B 61 21.09 2.12 -2.08
N GLY B 62 19.95 1.68 -2.66
CA GLY B 62 19.23 0.48 -2.21
C GLY B 62 18.18 0.75 -1.14
N GLU B 63 17.83 2.03 -0.92
CA GLU B 63 16.84 2.45 0.10
C GLU B 63 15.58 3.08 -0.55
N ILE B 64 14.41 2.88 0.08
CA ILE B 64 13.14 3.52 -0.34
C ILE B 64 13.12 5.02 0.06
N PHE B 65 13.24 5.90 -0.95
CA PHE B 65 13.27 7.37 -0.78
C PHE B 65 12.03 7.99 -1.47
N VAL B 66 11.03 8.40 -0.68
CA VAL B 66 9.73 8.93 -1.21
C VAL B 66 9.60 10.45 -0.96
N LYS B 67 8.77 11.14 -1.77
CA LYS B 67 8.61 12.62 -1.72
C LYS B 67 7.28 13.08 -2.35
N LEU B 68 6.77 14.26 -1.92
CA LEU B 68 5.43 14.77 -2.36
C LEU B 68 5.41 15.22 -3.84
N VAL B 69 5.27 14.22 -4.76
CA VAL B 69 5.14 14.45 -6.23
C VAL B 69 6.38 15.24 -6.82
N LEU B 70 7.48 15.29 -6.06
CA LEU B 70 8.74 15.97 -6.46
C LEU B 70 9.69 14.99 -7.18
N GLU B 71 10.40 15.47 -8.22
CA GLU B 71 11.39 14.65 -8.96
C GLU B 71 12.75 15.36 -9.12
N HIS B 72 13.80 14.55 -9.36
CA HIS B 72 15.19 15.00 -9.54
C HIS B 72 16.04 13.87 -10.15
N HIS B 73 17.19 14.23 -10.75
CA HIS B 73 18.03 13.29 -11.51
C HIS B 73 18.62 12.14 -10.65
N HIS B 74 18.26 10.89 -11.02
CA HIS B 74 18.84 9.65 -10.47
C HIS B 74 18.49 8.48 -11.41
N HIS B 75 19.42 8.17 -12.34
CA HIS B 75 19.22 7.08 -13.33
C HIS B 75 19.66 5.69 -12.75
N HIS B 76 18.66 4.90 -12.29
CA HIS B 76 18.87 3.51 -11.80
C HIS B 76 17.51 2.81 -11.59
N HIS B 77 17.31 1.63 -12.21
CA HIS B 77 16.06 0.84 -12.06
C HIS B 77 16.02 0.09 -10.70
N MET A 1 5.92 3.86 -18.44
CA MET A 1 6.84 2.71 -18.61
C MET A 1 7.67 2.50 -17.32
N LYS A 2 7.43 1.36 -16.62
CA LYS A 2 8.19 0.93 -15.41
C LYS A 2 8.00 1.86 -14.17
N MET A 3 6.86 2.58 -14.12
CA MET A 3 6.48 3.40 -12.93
C MET A 3 5.96 2.51 -11.77
N LEU A 4 6.08 3.02 -10.53
CA LEU A 4 5.63 2.31 -9.30
C LEU A 4 4.11 2.01 -9.38
N LYS A 5 3.33 2.98 -9.88
CA LYS A 5 1.87 2.83 -10.08
C LYS A 5 1.50 1.66 -11.04
N GLU A 6 2.31 1.48 -12.09
CA GLU A 6 2.06 0.49 -13.16
C GLU A 6 2.41 -0.95 -12.70
N LYS A 7 3.56 -1.12 -12.04
CA LYS A 7 4.00 -2.43 -11.52
C LYS A 7 3.13 -2.91 -10.34
N ALA A 8 2.78 -1.97 -9.43
CA ALA A 8 1.84 -2.24 -8.31
C ALA A 8 0.42 -2.55 -8.85
N GLY A 9 0.08 -1.93 -10.00
CA GLY A 9 -1.18 -2.21 -10.71
C GLY A 9 -1.20 -3.58 -11.41
N ALA A 10 -0.03 -4.06 -11.87
CA ALA A 10 0.14 -5.40 -12.46
C ALA A 10 -0.01 -6.52 -11.38
N LEU A 11 0.67 -6.30 -10.23
CA LEU A 11 0.53 -7.15 -9.03
C LEU A 11 -0.93 -7.12 -8.51
N ALA A 12 -1.56 -5.95 -8.58
CA ALA A 12 -2.97 -5.74 -8.19
C ALA A 12 -3.95 -6.61 -9.00
N GLY A 13 -3.75 -6.63 -10.34
CA GLY A 13 -4.61 -7.39 -11.26
C GLY A 13 -4.75 -8.87 -10.91
N GLN A 14 -3.61 -9.54 -10.64
CA GLN A 14 -3.56 -10.98 -10.32
C GLN A 14 -4.07 -11.30 -8.88
N ILE A 15 -3.75 -10.43 -7.89
CA ILE A 15 -4.18 -10.63 -6.48
C ILE A 15 -5.72 -10.42 -6.33
N TRP A 16 -6.25 -9.39 -7.00
CA TRP A 16 -7.71 -9.15 -7.14
C TRP A 16 -8.40 -10.37 -7.77
N GLU A 17 -7.77 -10.90 -8.84
CA GLU A 17 -8.28 -12.07 -9.60
C GLU A 17 -8.29 -13.36 -8.72
N ALA A 18 -7.31 -13.46 -7.80
CA ALA A 18 -7.24 -14.56 -6.80
C ALA A 18 -8.41 -14.47 -5.78
N LEU A 19 -8.79 -13.22 -5.45
CA LEU A 19 -9.95 -12.92 -4.58
C LEU A 19 -11.30 -12.94 -5.36
N ASN A 20 -11.23 -12.88 -6.71
CA ASN A 20 -12.41 -13.05 -7.57
C ASN A 20 -12.88 -14.51 -7.54
N GLY A 21 -14.18 -14.72 -7.31
CA GLY A 21 -14.75 -16.06 -7.08
C GLY A 21 -14.71 -16.49 -5.60
N THR A 22 -13.61 -16.13 -4.91
CA THR A 22 -13.38 -16.50 -3.48
C THR A 22 -13.99 -15.43 -2.54
N GLU A 23 -14.44 -15.85 -1.35
CA GLU A 23 -15.05 -14.94 -0.34
C GLU A 23 -13.98 -14.46 0.68
N GLY A 24 -12.72 -14.90 0.49
CA GLY A 24 -11.61 -14.54 1.39
C GLY A 24 -10.47 -15.56 1.36
N LEU A 25 -9.21 -15.08 1.37
CA LEU A 25 -8.02 -15.95 1.29
C LEU A 25 -6.82 -15.29 2.01
N THR A 26 -5.90 -16.12 2.57
CA THR A 26 -4.70 -15.62 3.30
C THR A 26 -3.50 -15.38 2.34
N GLN A 27 -2.57 -14.49 2.77
CA GLN A 27 -1.42 -14.01 1.98
C GLN A 27 -0.58 -15.16 1.33
N LYS A 28 -0.36 -16.24 2.10
CA LYS A 28 0.45 -17.40 1.68
C LYS A 28 -0.23 -18.23 0.56
N GLN A 29 -1.56 -18.36 0.63
CA GLN A 29 -2.36 -19.09 -0.38
C GLN A 29 -2.56 -18.22 -1.65
N ILE A 30 -2.60 -16.88 -1.47
CA ILE A 30 -2.69 -15.92 -2.58
C ILE A 30 -1.39 -15.89 -3.40
N LYS A 31 -0.22 -15.87 -2.72
CA LYS A 31 1.11 -15.82 -3.40
C LYS A 31 1.38 -17.13 -4.20
N LYS A 32 0.74 -18.25 -3.78
CA LYS A 32 0.73 -19.51 -4.56
C LYS A 32 -0.07 -19.33 -5.88
N ALA A 33 -1.29 -18.79 -5.75
CA ALA A 33 -2.24 -18.58 -6.88
C ALA A 33 -1.71 -17.54 -7.90
N THR A 34 -1.00 -16.53 -7.40
CA THR A 34 -0.44 -15.41 -8.20
C THR A 34 1.05 -15.63 -8.58
N LYS A 35 1.66 -16.70 -8.02
CA LYS A 35 3.06 -17.13 -8.31
C LYS A 35 4.12 -16.10 -7.83
N LEU A 36 3.77 -15.37 -6.75
CA LEU A 36 4.69 -14.39 -6.12
C LEU A 36 5.77 -15.11 -5.29
N LYS A 37 7.03 -14.75 -5.53
CA LYS A 37 8.18 -15.25 -4.76
C LYS A 37 8.11 -14.72 -3.30
N ALA A 38 7.92 -13.38 -3.18
CA ALA A 38 7.91 -12.69 -1.89
C ALA A 38 6.53 -12.09 -1.56
N ASP A 39 6.24 -12.02 -0.25
CA ASP A 39 5.07 -11.31 0.32
C ASP A 39 5.17 -9.80 0.09
N LYS A 40 6.40 -9.29 -0.12
CA LYS A 40 6.67 -7.88 -0.49
C LYS A 40 5.91 -7.46 -1.77
N ASP A 41 5.80 -8.39 -2.74
CA ASP A 41 5.01 -8.20 -3.97
C ASP A 41 3.49 -8.15 -3.65
N PHE A 42 3.09 -8.94 -2.63
CA PHE A 42 1.71 -8.94 -2.11
C PHE A 42 1.39 -7.62 -1.37
N PHE A 43 2.39 -7.00 -0.71
CA PHE A 43 2.19 -5.73 0.03
C PHE A 43 2.01 -4.52 -0.93
N LEU A 44 2.78 -4.50 -2.05
CA LEU A 44 2.64 -3.48 -3.12
C LEU A 44 1.31 -3.68 -3.91
N GLY A 45 0.96 -4.96 -4.19
CA GLY A 45 -0.28 -5.30 -4.88
C GLY A 45 -1.54 -4.99 -4.07
N LEU A 46 -1.61 -5.53 -2.85
CA LEU A 46 -2.72 -5.28 -1.88
C LEU A 46 -2.84 -3.79 -1.50
N GLY A 47 -1.69 -3.10 -1.43
CA GLY A 47 -1.65 -1.65 -1.16
C GLY A 47 -2.33 -0.84 -2.26
N TRP A 48 -2.21 -1.34 -3.51
CA TRP A 48 -2.93 -0.80 -4.67
C TRP A 48 -4.44 -1.14 -4.59
N LEU A 49 -4.76 -2.37 -4.15
CA LEU A 49 -6.19 -2.81 -3.90
C LEU A 49 -6.93 -1.88 -2.90
N LEU A 50 -6.18 -1.41 -1.87
CA LEU A 50 -6.70 -0.45 -0.85
C LEU A 50 -6.99 0.94 -1.44
N ARG A 51 -6.08 1.43 -2.30
CA ARG A 51 -6.25 2.74 -2.97
C ARG A 51 -7.32 2.66 -4.10
N GLU A 52 -7.57 1.44 -4.61
CA GLU A 52 -8.64 1.15 -5.59
C GLU A 52 -10.02 1.08 -4.91
N ASP A 53 -10.02 0.81 -3.57
CA ASP A 53 -11.24 0.65 -2.75
C ASP A 53 -12.06 -0.60 -3.20
N LYS A 54 -11.37 -1.55 -3.87
CA LYS A 54 -12.00 -2.78 -4.43
C LYS A 54 -11.89 -3.99 -3.46
N VAL A 55 -11.26 -3.79 -2.28
CA VAL A 55 -11.12 -4.87 -1.25
C VAL A 55 -11.41 -4.39 0.19
N VAL A 56 -11.48 -5.38 1.09
CA VAL A 56 -11.44 -5.21 2.54
C VAL A 56 -10.46 -6.23 3.16
N THR A 57 -9.65 -5.76 4.12
CA THR A 57 -8.60 -6.57 4.77
C THR A 57 -9.04 -7.03 6.17
N SER A 58 -8.42 -8.13 6.65
CA SER A 58 -8.69 -8.70 7.99
C SER A 58 -7.45 -9.47 8.49
N GLU A 59 -7.47 -9.89 9.76
CA GLU A 59 -6.38 -10.71 10.36
C GLU A 59 -6.92 -12.07 10.87
N VAL A 60 -6.31 -13.17 10.40
CA VAL A 60 -6.52 -14.52 10.97
C VAL A 60 -5.23 -14.96 11.70
N GLU A 61 -5.30 -14.95 13.05
CA GLU A 61 -4.25 -15.46 13.96
C GLU A 61 -2.84 -14.88 13.68
N GLY A 62 -2.77 -13.54 13.55
CA GLY A 62 -1.51 -12.81 13.30
C GLY A 62 -1.12 -12.70 11.81
N GLU A 63 -1.90 -13.31 10.92
CA GLU A 63 -1.58 -13.36 9.47
C GLU A 63 -2.67 -12.64 8.63
N ILE A 64 -2.27 -12.10 7.47
CA ILE A 64 -3.14 -11.26 6.63
C ILE A 64 -4.17 -12.12 5.82
N PHE A 65 -5.46 -11.89 6.09
CA PHE A 65 -6.60 -12.52 5.38
C PHE A 65 -7.42 -11.42 4.67
N VAL A 66 -7.40 -11.39 3.33
CA VAL A 66 -8.08 -10.31 2.55
C VAL A 66 -9.15 -10.88 1.60
N LYS A 67 -10.09 -10.00 1.19
CA LYS A 67 -11.19 -10.35 0.24
C LYS A 67 -11.66 -9.10 -0.49
N LEU A 68 -12.46 -9.26 -1.56
CA LEU A 68 -13.08 -8.11 -2.27
C LEU A 68 -14.19 -7.47 -1.41
N VAL A 69 -14.71 -6.32 -1.85
CA VAL A 69 -15.89 -5.69 -1.20
C VAL A 69 -17.14 -6.56 -1.47
N LEU A 70 -17.45 -7.45 -0.50
CA LEU A 70 -18.53 -8.45 -0.65
C LEU A 70 -19.92 -7.79 -0.49
N GLU A 71 -20.52 -7.40 -1.63
CA GLU A 71 -21.88 -6.80 -1.68
C GLU A 71 -22.84 -7.68 -2.50
N HIS A 72 -22.32 -8.26 -3.59
CA HIS A 72 -23.12 -9.06 -4.56
C HIS A 72 -23.02 -10.57 -4.26
N HIS A 73 -24.13 -11.28 -4.52
CA HIS A 73 -24.30 -12.73 -4.21
C HIS A 73 -23.29 -13.68 -4.92
N HIS A 74 -22.60 -13.17 -5.96
CA HIS A 74 -21.61 -13.95 -6.76
C HIS A 74 -20.35 -14.33 -5.92
N HIS A 75 -20.11 -13.62 -4.81
CA HIS A 75 -19.01 -13.92 -3.84
C HIS A 75 -19.57 -14.50 -2.51
N HIS A 76 -20.85 -14.90 -2.49
CA HIS A 76 -21.51 -15.46 -1.29
C HIS A 76 -21.67 -16.99 -1.43
N HIS A 77 -20.95 -17.75 -0.58
CA HIS A 77 -21.07 -19.23 -0.52
C HIS A 77 -21.29 -19.69 0.94
N MET B 1 -15.29 1.89 16.42
CA MET B 1 -14.71 0.79 15.64
C MET B 1 -14.79 1.08 14.11
N LYS B 2 -13.62 1.22 13.46
CA LYS B 2 -13.51 1.38 11.99
C LYS B 2 -12.54 0.32 11.42
N MET B 3 -12.52 0.16 10.08
CA MET B 3 -11.68 -0.87 9.41
C MET B 3 -10.20 -0.41 9.26
N LEU B 4 -9.36 -1.33 8.73
CA LEU B 4 -7.92 -1.08 8.47
C LEU B 4 -7.68 0.05 7.41
N LYS B 5 -8.75 0.41 6.68
CA LYS B 5 -8.78 1.57 5.77
C LYS B 5 -8.56 2.90 6.55
N GLU B 6 -9.22 2.99 7.71
CA GLU B 6 -9.14 4.16 8.62
C GLU B 6 -7.69 4.35 9.15
N LYS B 7 -7.05 3.22 9.50
CA LYS B 7 -5.62 3.19 9.86
C LYS B 7 -4.74 3.81 8.75
N ALA B 8 -4.88 3.27 7.52
CA ALA B 8 -4.10 3.72 6.33
C ALA B 8 -4.24 5.24 6.06
N GLY B 9 -5.45 5.76 6.36
CA GLY B 9 -5.75 7.21 6.25
C GLY B 9 -5.11 8.06 7.36
N ALA B 10 -5.14 7.53 8.60
CA ALA B 10 -4.54 8.19 9.79
C ALA B 10 -3.00 8.26 9.69
N LEU B 11 -2.40 7.20 9.12
CA LEU B 11 -0.95 7.12 8.84
C LEU B 11 -0.58 8.08 7.68
N ALA B 12 -1.47 8.17 6.67
CA ALA B 12 -1.26 9.04 5.49
C ALA B 12 -1.06 10.52 5.87
N GLY B 13 -1.87 11.00 6.82
CA GLY B 13 -1.78 12.38 7.31
C GLY B 13 -0.42 12.72 7.94
N GLN B 14 -0.02 11.94 8.95
CA GLN B 14 1.22 12.21 9.73
C GLN B 14 2.52 11.97 8.91
N ILE B 15 2.51 10.94 8.03
CA ILE B 15 3.68 10.61 7.15
C ILE B 15 3.96 11.76 6.15
N TRP B 16 2.89 12.26 5.49
CA TRP B 16 3.01 13.38 4.54
C TRP B 16 3.56 14.67 5.22
N GLU B 17 3.01 14.99 6.41
CA GLU B 17 3.40 16.18 7.22
C GLU B 17 4.88 16.10 7.70
N ALA B 18 5.40 14.86 7.86
CA ALA B 18 6.82 14.63 8.21
C ALA B 18 7.77 15.07 7.07
N LEU B 19 7.32 14.90 5.82
CA LEU B 19 8.08 15.30 4.60
C LEU B 19 7.78 16.77 4.19
N ASN B 20 6.70 17.36 4.73
CA ASN B 20 6.27 18.74 4.38
C ASN B 20 7.35 19.76 4.86
N GLY B 21 7.92 20.52 3.91
CA GLY B 21 9.06 21.42 4.19
C GLY B 21 10.40 20.90 3.66
N THR B 22 10.64 19.58 3.75
CA THR B 22 11.90 18.93 3.28
C THR B 22 11.85 18.61 1.76
N GLU B 23 13.01 18.20 1.20
CA GLU B 23 13.12 17.71 -0.20
C GLU B 23 12.84 16.19 -0.30
N GLY B 24 12.44 15.56 0.84
CA GLY B 24 12.16 14.13 0.92
C GLY B 24 12.97 13.40 2.00
N LEU B 25 12.44 12.26 2.48
CA LEU B 25 13.05 11.44 3.55
C LEU B 25 13.04 9.94 3.18
N THR B 26 13.97 9.16 3.77
CA THR B 26 13.98 7.69 3.65
C THR B 26 13.05 7.04 4.70
N GLN B 27 12.62 5.79 4.45
CA GLN B 27 11.68 5.04 5.31
C GLN B 27 12.16 4.98 6.80
N LYS B 28 13.48 4.86 7.01
CA LYS B 28 14.13 4.95 8.34
C LYS B 28 13.81 6.30 9.07
N GLN B 29 14.02 7.41 8.36
CA GLN B 29 13.81 8.79 8.88
C GLN B 29 12.31 9.07 9.14
N ILE B 30 11.44 8.56 8.26
CA ILE B 30 9.98 8.77 8.32
C ILE B 30 9.35 7.99 9.49
N LYS B 31 9.75 6.71 9.64
CA LYS B 31 9.26 5.82 10.71
C LYS B 31 9.57 6.37 12.11
N LYS B 32 10.80 6.88 12.29
CA LYS B 32 11.23 7.51 13.57
C LYS B 32 10.47 8.84 13.82
N ALA B 33 10.33 9.68 12.78
CA ALA B 33 9.67 11.01 12.90
C ALA B 33 8.18 10.89 13.31
N THR B 34 7.44 10.02 12.60
CA THR B 34 5.99 9.81 12.83
C THR B 34 5.72 8.77 13.94
N LYS B 35 6.78 8.08 14.40
CA LYS B 35 6.75 7.14 15.53
C LYS B 35 5.85 5.90 15.24
N LEU B 36 6.20 5.18 14.17
CA LEU B 36 5.48 3.97 13.71
C LEU B 36 5.98 2.72 14.49
N LYS B 37 5.06 1.79 14.78
CA LYS B 37 5.35 0.55 15.57
C LYS B 37 6.11 -0.46 14.68
N ALA B 38 5.71 -0.51 13.40
CA ALA B 38 6.30 -1.38 12.37
C ALA B 38 6.43 -0.63 11.03
N ASP B 39 7.22 -1.20 10.12
CA ASP B 39 7.37 -0.70 8.73
C ASP B 39 6.07 -0.88 7.92
N LYS B 40 5.24 -1.84 8.35
CA LYS B 40 3.86 -2.05 7.80
C LYS B 40 3.00 -0.76 7.86
N ASP B 41 3.21 0.06 8.91
CA ASP B 41 2.53 1.36 9.08
C ASP B 41 2.93 2.34 7.95
N PHE B 42 4.21 2.27 7.51
CA PHE B 42 4.71 3.09 6.41
C PHE B 42 4.07 2.66 5.07
N PHE B 43 3.98 1.35 4.84
CA PHE B 43 3.48 0.79 3.56
C PHE B 43 1.98 1.12 3.32
N LEU B 44 1.15 0.97 4.38
CA LEU B 44 -0.31 1.30 4.33
C LEU B 44 -0.55 2.82 4.16
N GLY B 45 0.23 3.64 4.89
CA GLY B 45 0.18 5.11 4.76
C GLY B 45 0.61 5.61 3.37
N LEU B 46 1.71 5.04 2.87
CA LEU B 46 2.33 5.41 1.55
C LEU B 46 1.39 5.09 0.37
N GLY B 47 0.61 4.00 0.53
CA GLY B 47 -0.35 3.57 -0.50
C GLY B 47 -1.51 4.56 -0.69
N TRP B 48 -1.87 5.26 0.40
CA TRP B 48 -2.89 6.32 0.39
C TRP B 48 -2.30 7.63 -0.21
N LEU B 49 -0.99 7.86 0.01
CA LEU B 49 -0.24 8.96 -0.65
C LEU B 49 -0.13 8.74 -2.19
N LEU B 50 -0.11 7.46 -2.61
CA LEU B 50 -0.11 7.07 -4.05
C LEU B 50 -1.46 7.36 -4.75
N ARG B 51 -2.61 7.15 -4.04
CA ARG B 51 -3.95 7.45 -4.64
C ARG B 51 -4.18 8.96 -4.82
N GLU B 52 -3.54 9.76 -3.95
CA GLU B 52 -3.60 11.22 -4.02
C GLU B 52 -2.45 11.78 -4.89
N ASP B 53 -1.40 10.93 -5.11
CA ASP B 53 -0.24 11.25 -5.98
C ASP B 53 0.61 12.42 -5.39
N LYS B 54 0.51 12.59 -4.06
CA LYS B 54 1.22 13.68 -3.32
C LYS B 54 2.70 13.34 -3.10
N VAL B 55 3.11 12.08 -3.37
CA VAL B 55 4.52 11.63 -3.24
C VAL B 55 4.99 10.83 -4.48
N VAL B 56 6.31 10.69 -4.59
CA VAL B 56 6.96 9.86 -5.62
C VAL B 56 8.08 9.01 -4.96
N THR B 57 8.26 7.78 -5.45
CA THR B 57 9.18 6.78 -4.85
C THR B 57 10.51 6.71 -5.63
N SER B 58 11.61 6.54 -4.89
CA SER B 58 12.98 6.44 -5.44
C SER B 58 13.80 5.40 -4.65
N GLU B 59 14.80 4.80 -5.30
CA GLU B 59 15.66 3.77 -4.68
C GLU B 59 17.03 4.38 -4.30
N VAL B 60 17.24 4.62 -2.99
CA VAL B 60 18.55 5.01 -2.44
C VAL B 60 19.18 3.81 -1.71
N GLU B 61 20.24 3.24 -2.33
CA GLU B 61 21.08 2.16 -1.77
C GLU B 61 20.25 0.89 -1.41
N GLY B 62 19.26 0.58 -2.28
CA GLY B 62 18.37 -0.60 -2.11
C GLY B 62 17.07 -0.31 -1.34
N GLU B 63 17.07 0.69 -0.43
CA GLU B 63 15.86 1.04 0.38
C GLU B 63 14.99 2.16 -0.25
N ILE B 64 13.79 2.34 0.34
CA ILE B 64 12.77 3.29 -0.14
C ILE B 64 13.08 4.75 0.35
N PHE B 65 13.11 5.67 -0.61
CA PHE B 65 13.23 7.13 -0.39
C PHE B 65 12.07 7.81 -1.14
N VAL B 66 11.11 8.38 -0.40
CA VAL B 66 9.95 9.08 -1.02
C VAL B 66 10.02 10.59 -0.75
N LYS B 67 9.40 11.38 -1.65
CA LYS B 67 9.41 12.86 -1.57
C LYS B 67 8.14 13.46 -2.19
N LEU B 68 7.74 14.64 -1.70
CA LEU B 68 6.48 15.29 -2.13
C LEU B 68 6.58 15.80 -3.59
N VAL B 69 5.59 15.44 -4.41
CA VAL B 69 5.43 15.99 -5.76
C VAL B 69 4.93 17.46 -5.67
N LEU B 70 5.88 18.41 -5.69
CA LEU B 70 5.57 19.85 -5.73
C LEU B 70 4.87 20.20 -7.08
N GLU B 71 5.44 19.67 -8.18
CA GLU B 71 4.88 19.79 -9.54
C GLU B 71 5.54 18.72 -10.45
N HIS B 72 4.75 18.15 -11.38
CA HIS B 72 5.22 17.09 -12.31
C HIS B 72 6.20 17.64 -13.37
N HIS B 73 5.64 18.35 -14.40
CA HIS B 73 6.37 18.85 -15.62
C HIS B 73 7.46 17.89 -16.20
N HIS B 74 7.26 17.41 -17.44
CA HIS B 74 8.27 16.59 -18.16
C HIS B 74 9.57 17.43 -18.39
N HIS B 75 10.74 16.72 -18.47
CA HIS B 75 12.10 17.34 -18.40
C HIS B 75 12.42 17.83 -16.96
N HIS B 76 13.40 17.18 -16.29
CA HIS B 76 13.87 17.56 -14.94
C HIS B 76 15.38 17.88 -14.93
N HIS B 77 15.78 18.87 -14.11
CA HIS B 77 17.19 19.31 -14.01
C HIS B 77 17.90 18.59 -12.84
N MET A 1 10.41 3.50 -15.83
CA MET A 1 9.16 2.81 -15.42
C MET A 1 9.29 2.02 -14.11
N LYS A 2 10.54 1.71 -13.66
CA LYS A 2 10.77 0.92 -12.43
C LYS A 2 10.64 1.81 -11.16
N MET A 3 9.37 2.12 -10.84
CA MET A 3 8.97 2.91 -9.65
C MET A 3 8.00 2.07 -8.80
N LEU A 4 8.10 2.23 -7.46
CA LEU A 4 7.27 1.46 -6.49
C LEU A 4 5.75 1.59 -6.80
N LYS A 5 5.30 2.84 -6.98
CA LYS A 5 3.90 3.18 -7.32
C LYS A 5 3.40 2.46 -8.60
N GLU A 6 4.25 2.45 -9.65
CA GLU A 6 3.89 1.89 -10.98
C GLU A 6 3.81 0.34 -10.94
N LYS A 7 4.84 -0.30 -10.35
CA LYS A 7 4.91 -1.78 -10.25
C LYS A 7 3.92 -2.33 -9.20
N ALA A 8 3.48 -1.46 -8.26
CA ALA A 8 2.38 -1.78 -7.31
C ALA A 8 1.06 -2.01 -8.07
N GLY A 9 0.84 -1.20 -9.13
CA GLY A 9 -0.29 -1.37 -10.05
C GLY A 9 -0.20 -2.65 -10.91
N ALA A 10 1.03 -3.02 -11.31
CA ALA A 10 1.29 -4.28 -12.05
C ALA A 10 1.04 -5.53 -11.17
N LEU A 11 1.38 -5.41 -9.87
CA LEU A 11 1.10 -6.45 -8.86
C LEU A 11 -0.40 -6.49 -8.48
N ALA A 12 -1.06 -5.31 -8.51
CA ALA A 12 -2.49 -5.16 -8.16
C ALA A 12 -3.41 -6.08 -8.97
N GLY A 13 -3.11 -6.20 -10.27
CA GLY A 13 -3.78 -7.16 -11.15
C GLY A 13 -3.70 -8.60 -10.63
N GLN A 14 -2.47 -9.02 -10.27
CA GLN A 14 -2.18 -10.40 -9.78
C GLN A 14 -2.99 -10.75 -8.50
N ILE A 15 -2.90 -9.88 -7.47
CA ILE A 15 -3.56 -10.11 -6.15
C ILE A 15 -5.11 -10.10 -6.31
N TRP A 16 -5.63 -9.20 -7.16
CA TRP A 16 -7.08 -9.14 -7.50
C TRP A 16 -7.56 -10.46 -8.17
N GLU A 17 -6.76 -10.99 -9.12
CA GLU A 17 -7.04 -12.26 -9.83
C GLU A 17 -7.08 -13.49 -8.87
N ALA A 18 -6.42 -13.36 -7.70
CA ALA A 18 -6.53 -14.37 -6.62
C ALA A 18 -7.91 -14.27 -5.90
N LEU A 19 -8.38 -13.03 -5.66
CA LEU A 19 -9.62 -12.77 -4.87
C LEU A 19 -10.93 -12.90 -5.71
N ASN A 20 -10.87 -12.67 -7.04
CA ASN A 20 -12.10 -12.66 -7.90
C ASN A 20 -12.74 -14.06 -8.02
N GLY A 21 -14.07 -14.12 -7.87
CA GLY A 21 -14.83 -15.39 -7.87
C GLY A 21 -14.65 -16.20 -6.57
N THR A 22 -13.97 -15.61 -5.57
CA THR A 22 -13.64 -16.26 -4.28
C THR A 22 -14.23 -15.46 -3.11
N GLU A 23 -14.43 -16.13 -1.94
CA GLU A 23 -14.88 -15.49 -0.68
C GLU A 23 -13.80 -14.56 -0.06
N GLY A 24 -12.61 -14.55 -0.67
CA GLY A 24 -11.43 -13.86 -0.14
C GLY A 24 -10.36 -14.84 0.29
N LEU A 25 -9.11 -14.37 0.32
CA LEU A 25 -7.95 -15.23 0.64
C LEU A 25 -7.05 -14.58 1.70
N THR A 26 -6.23 -15.42 2.35
CA THR A 26 -5.17 -14.97 3.27
C THR A 26 -3.88 -14.68 2.49
N GLN A 27 -2.92 -13.98 3.14
CA GLN A 27 -1.63 -13.60 2.53
C GLN A 27 -0.90 -14.81 1.88
N LYS A 28 -0.88 -15.95 2.60
CA LYS A 28 -0.27 -17.22 2.15
C LYS A 28 -0.88 -17.76 0.82
N GLN A 29 -2.22 -17.79 0.76
CA GLN A 29 -2.96 -18.32 -0.42
C GLN A 29 -2.68 -17.48 -1.69
N ILE A 30 -2.65 -16.15 -1.50
CA ILE A 30 -2.42 -15.19 -2.58
C ILE A 30 -0.97 -15.29 -3.12
N LYS A 31 0.02 -15.52 -2.22
CA LYS A 31 1.44 -15.74 -2.62
C LYS A 31 1.58 -16.94 -3.59
N LYS A 32 0.83 -18.03 -3.32
CA LYS A 32 0.88 -19.27 -4.14
C LYS A 32 0.26 -19.04 -5.55
N ALA A 33 -0.85 -18.28 -5.60
CA ALA A 33 -1.56 -17.97 -6.87
C ALA A 33 -0.76 -17.02 -7.78
N THR A 34 -0.20 -15.97 -7.16
CA THR A 34 0.59 -14.90 -7.85
C THR A 34 2.06 -15.31 -8.09
N LYS A 35 2.52 -16.33 -7.32
CA LYS A 35 3.91 -16.85 -7.35
C LYS A 35 4.94 -15.79 -6.86
N LEU A 36 4.50 -14.94 -5.91
CA LEU A 36 5.34 -13.92 -5.25
C LEU A 36 6.05 -14.50 -4.02
N LYS A 37 7.39 -14.57 -4.10
CA LYS A 37 8.26 -15.17 -3.05
C LYS A 37 8.28 -14.29 -1.78
N ALA A 38 8.38 -12.95 -1.97
CA ALA A 38 8.39 -11.98 -0.84
C ALA A 38 6.99 -11.41 -0.58
N ASP A 39 6.66 -11.21 0.72
CA ASP A 39 5.41 -10.54 1.16
C ASP A 39 5.39 -9.05 0.75
N LYS A 40 6.59 -8.47 0.56
CA LYS A 40 6.76 -7.06 0.15
C LYS A 40 6.07 -6.75 -1.21
N ASP A 41 6.09 -7.72 -2.14
CA ASP A 41 5.37 -7.61 -3.43
C ASP A 41 3.84 -7.69 -3.21
N PHE A 42 3.43 -8.52 -2.25
CA PHE A 42 2.02 -8.66 -1.84
C PHE A 42 1.47 -7.35 -1.22
N PHE A 43 2.28 -6.68 -0.36
CA PHE A 43 1.87 -5.43 0.34
C PHE A 43 1.63 -4.27 -0.64
N LEU A 44 2.44 -4.20 -1.71
CA LEU A 44 2.29 -3.19 -2.78
C LEU A 44 1.05 -3.48 -3.65
N GLY A 45 0.88 -4.76 -4.07
CA GLY A 45 -0.28 -5.17 -4.88
C GLY A 45 -1.63 -4.99 -4.17
N LEU A 46 -1.73 -5.57 -2.97
CA LEU A 46 -2.92 -5.43 -2.08
C LEU A 46 -3.20 -3.95 -1.72
N GLY A 47 -2.12 -3.20 -1.50
CA GLY A 47 -2.19 -1.78 -1.13
C GLY A 47 -2.81 -0.91 -2.21
N TRP A 48 -2.58 -1.33 -3.47
CA TRP A 48 -3.17 -0.67 -4.65
C TRP A 48 -4.68 -1.05 -4.83
N LEU A 49 -5.07 -2.21 -4.29
CA LEU A 49 -6.51 -2.58 -4.19
C LEU A 49 -7.22 -1.74 -3.10
N LEU A 50 -6.47 -1.47 -2.00
CA LEU A 50 -6.94 -0.61 -0.89
C LEU A 50 -7.08 0.86 -1.37
N ARG A 51 -6.13 1.31 -2.24
CA ARG A 51 -6.12 2.68 -2.79
C ARG A 51 -7.34 2.93 -3.72
N GLU A 52 -7.83 1.86 -4.39
CA GLU A 52 -9.03 1.92 -5.26
C GLU A 52 -10.32 1.47 -4.54
N ASP A 53 -10.22 1.16 -3.23
CA ASP A 53 -11.37 0.83 -2.35
C ASP A 53 -12.08 -0.50 -2.78
N LYS A 54 -11.42 -1.31 -3.63
CA LYS A 54 -12.02 -2.52 -4.26
C LYS A 54 -12.02 -3.73 -3.31
N VAL A 55 -11.33 -3.63 -2.16
CA VAL A 55 -11.23 -4.74 -1.18
C VAL A 55 -11.39 -4.26 0.27
N VAL A 56 -11.67 -5.22 1.17
CA VAL A 56 -11.83 -4.98 2.62
C VAL A 56 -10.97 -5.99 3.41
N THR A 57 -10.23 -5.48 4.41
CA THR A 57 -9.24 -6.25 5.18
C THR A 57 -9.70 -6.49 6.64
N SER A 58 -9.58 -7.74 7.10
CA SER A 58 -9.88 -8.15 8.50
C SER A 58 -8.64 -8.80 9.15
N GLU A 59 -8.62 -8.81 10.49
CA GLU A 59 -7.53 -9.42 11.28
C GLU A 59 -7.95 -10.81 11.75
N VAL A 60 -7.42 -11.87 11.10
CA VAL A 60 -7.70 -13.26 11.49
C VAL A 60 -6.45 -13.90 12.12
N GLU A 61 -6.52 -14.09 13.45
CA GLU A 61 -5.53 -14.78 14.30
C GLU A 61 -4.05 -14.32 14.08
N GLY A 62 -3.85 -13.05 13.72
CA GLY A 62 -2.50 -12.47 13.56
C GLY A 62 -1.96 -12.42 12.12
N GLU A 63 -2.78 -12.79 11.11
CA GLU A 63 -2.38 -12.67 9.67
C GLU A 63 -3.43 -11.87 8.87
N ILE A 64 -3.00 -11.37 7.69
CA ILE A 64 -3.85 -10.55 6.81
C ILE A 64 -4.83 -11.45 6.00
N PHE A 65 -6.13 -11.29 6.29
CA PHE A 65 -7.23 -11.83 5.46
C PHE A 65 -7.90 -10.65 4.71
N VAL A 66 -8.12 -10.82 3.41
CA VAL A 66 -8.74 -9.77 2.57
C VAL A 66 -9.73 -10.38 1.55
N LYS A 67 -10.78 -9.60 1.17
CA LYS A 67 -11.79 -10.04 0.18
C LYS A 67 -12.33 -8.83 -0.62
N LEU A 68 -12.88 -9.08 -1.83
CA LEU A 68 -13.44 -8.00 -2.68
C LEU A 68 -14.72 -7.38 -2.05
N VAL A 69 -14.82 -6.04 -2.11
CA VAL A 69 -16.09 -5.34 -1.82
C VAL A 69 -17.03 -5.47 -3.05
N LEU A 70 -17.78 -6.58 -3.10
CA LEU A 70 -18.76 -6.83 -4.18
C LEU A 70 -20.03 -5.98 -3.98
N GLU A 71 -20.45 -5.27 -5.04
CA GLU A 71 -21.61 -4.36 -4.99
C GLU A 71 -22.95 -5.11 -4.76
N HIS A 72 -23.28 -5.27 -3.48
CA HIS A 72 -24.55 -5.87 -3.03
C HIS A 72 -25.61 -4.78 -2.78
N HIS A 73 -26.86 -5.20 -2.56
CA HIS A 73 -27.93 -4.29 -2.10
C HIS A 73 -27.65 -3.86 -0.64
N HIS A 74 -27.50 -2.54 -0.41
CA HIS A 74 -27.02 -1.97 0.87
C HIS A 74 -27.90 -2.37 2.09
N HIS A 75 -27.44 -3.40 2.83
CA HIS A 75 -28.16 -3.96 3.98
C HIS A 75 -27.85 -3.16 5.27
N HIS A 76 -28.35 -1.90 5.31
CA HIS A 76 -28.13 -0.96 6.44
C HIS A 76 -29.38 -0.06 6.66
N HIS A 77 -29.23 0.93 7.56
CA HIS A 77 -30.26 1.95 7.83
C HIS A 77 -29.62 3.28 8.27
N MET B 1 -14.21 -3.48 14.26
CA MET B 1 -14.07 -2.36 13.32
C MET B 1 -12.60 -1.99 13.04
N LYS B 2 -11.66 -2.86 13.49
CA LYS B 2 -10.21 -2.67 13.25
C LYS B 2 -9.86 -3.04 11.77
N MET B 3 -10.17 -2.12 10.84
CA MET B 3 -9.87 -2.31 9.41
C MET B 3 -8.42 -1.88 9.10
N LEU B 4 -7.65 -2.80 8.49
CA LEU B 4 -6.26 -2.51 8.04
C LEU B 4 -6.26 -1.46 6.90
N LYS B 5 -7.40 -1.31 6.23
CA LYS B 5 -7.65 -0.25 5.23
C LYS B 5 -7.87 1.13 5.90
N GLU B 6 -8.52 1.13 7.09
CA GLU B 6 -8.90 2.37 7.80
C GLU B 6 -7.67 3.04 8.48
N LYS B 7 -6.86 2.23 9.19
CA LYS B 7 -5.59 2.68 9.83
C LYS B 7 -4.64 3.33 8.79
N ALA B 8 -4.67 2.78 7.56
CA ALA B 8 -3.81 3.21 6.45
C ALA B 8 -4.03 4.70 6.08
N GLY B 9 -5.29 5.14 6.26
CA GLY B 9 -5.69 6.53 5.98
C GLY B 9 -5.20 7.54 7.04
N ALA B 10 -5.25 7.12 8.32
CA ALA B 10 -4.72 7.92 9.46
C ALA B 10 -3.18 8.05 9.38
N LEU B 11 -2.51 6.91 9.15
CA LEU B 11 -1.04 6.84 8.99
C LEU B 11 -0.56 7.63 7.75
N ALA B 12 -1.42 7.70 6.72
CA ALA B 12 -1.16 8.51 5.50
C ALA B 12 -0.94 10.00 5.83
N GLY B 13 -1.82 10.55 6.69
CA GLY B 13 -1.70 11.93 7.16
C GLY B 13 -0.40 12.21 7.92
N GLN B 14 -0.01 11.26 8.78
CA GLN B 14 1.18 11.38 9.66
C GLN B 14 2.50 11.24 8.87
N ILE B 15 2.51 10.34 7.87
CA ILE B 15 3.69 10.10 6.98
C ILE B 15 3.93 11.31 6.03
N TRP B 16 2.85 11.79 5.40
CA TRP B 16 2.90 12.91 4.43
C TRP B 16 3.32 14.23 5.13
N GLU B 17 2.67 14.55 6.26
CA GLU B 17 2.99 15.76 7.07
C GLU B 17 4.44 15.74 7.62
N ALA B 18 4.98 14.54 7.88
CA ALA B 18 6.40 14.37 8.29
C ALA B 18 7.38 14.81 7.18
N LEU B 19 6.94 14.67 5.92
CA LEU B 19 7.71 15.07 4.72
C LEU B 19 7.38 16.50 4.24
N ASN B 20 6.25 17.08 4.74
CA ASN B 20 5.81 18.45 4.32
C ASN B 20 6.83 19.51 4.78
N GLY B 21 7.38 20.26 3.80
CA GLY B 21 8.45 21.24 4.04
C GLY B 21 9.83 20.77 3.58
N THR B 22 10.08 19.44 3.70
CA THR B 22 11.37 18.81 3.30
C THR B 22 11.41 18.52 1.78
N GLU B 23 12.58 18.09 1.27
CA GLU B 23 12.74 17.66 -0.14
C GLU B 23 12.27 16.20 -0.39
N GLY B 24 11.75 15.54 0.67
CA GLY B 24 11.38 14.11 0.63
C GLY B 24 12.45 13.22 1.25
N LEU B 25 12.03 12.19 2.00
CA LEU B 25 12.96 11.32 2.77
C LEU B 25 12.71 9.82 2.48
N THR B 26 13.67 8.95 2.89
CA THR B 26 13.57 7.48 2.70
C THR B 26 12.70 6.84 3.80
N GLN B 27 12.35 5.55 3.60
CA GLN B 27 11.52 4.77 4.56
C GLN B 27 12.10 4.81 5.99
N LYS B 28 13.44 4.74 6.10
CA LYS B 28 14.17 4.79 7.39
C LYS B 28 13.92 6.14 8.12
N GLN B 29 14.00 7.26 7.37
CA GLN B 29 13.80 8.63 7.90
C GLN B 29 12.31 8.95 8.20
N ILE B 30 11.39 8.29 7.46
CA ILE B 30 9.93 8.42 7.70
C ILE B 30 9.53 7.67 8.99
N LYS B 31 10.01 6.42 9.12
CA LYS B 31 9.84 5.59 10.34
C LYS B 31 10.48 6.26 11.59
N LYS B 32 11.49 7.12 11.36
CA LYS B 32 12.08 7.98 12.42
C LYS B 32 11.07 9.07 12.89
N ALA B 33 10.58 9.88 11.93
CA ALA B 33 9.71 11.05 12.20
C ALA B 33 8.31 10.66 12.74
N THR B 34 7.77 9.55 12.23
CA THR B 34 6.42 9.03 12.63
C THR B 34 6.52 8.00 13.77
N LYS B 35 7.76 7.52 14.06
CA LYS B 35 8.08 6.53 15.13
C LYS B 35 7.49 5.12 14.80
N LEU B 36 7.16 4.89 13.50
CA LEU B 36 6.61 3.59 13.04
C LEU B 36 7.73 2.54 12.94
N LYS B 37 8.07 1.92 14.08
CA LYS B 37 9.14 0.91 14.17
C LYS B 37 8.79 -0.41 13.41
N ALA B 38 7.48 -0.64 13.14
CA ALA B 38 7.04 -1.76 12.29
C ALA B 38 7.02 -1.32 10.82
N ASP B 39 7.53 -2.19 9.95
CA ASP B 39 7.57 -1.99 8.47
C ASP B 39 6.14 -1.93 7.87
N LYS B 40 5.25 -2.74 8.46
CA LYS B 40 3.85 -2.94 8.01
C LYS B 40 3.04 -1.63 7.94
N ASP B 41 3.13 -0.82 9.02
CA ASP B 41 2.39 0.45 9.16
C ASP B 41 2.82 1.48 8.09
N PHE B 42 4.11 1.43 7.70
CA PHE B 42 4.67 2.27 6.63
C PHE B 42 4.03 1.95 5.26
N PHE B 43 3.96 0.65 4.91
CA PHE B 43 3.49 0.20 3.56
C PHE B 43 2.02 0.57 3.31
N LEU B 44 1.17 0.40 4.34
CA LEU B 44 -0.26 0.72 4.28
C LEU B 44 -0.49 2.25 4.18
N GLY B 45 0.23 3.03 5.00
CA GLY B 45 0.17 4.51 4.94
C GLY B 45 0.63 5.08 3.59
N LEU B 46 1.77 4.56 3.10
CA LEU B 46 2.35 4.92 1.78
C LEU B 46 1.41 4.56 0.62
N GLY B 47 0.71 3.43 0.75
CA GLY B 47 -0.24 2.95 -0.27
C GLY B 47 -1.42 3.91 -0.47
N TRP B 48 -1.78 4.61 0.61
CA TRP B 48 -2.84 5.64 0.61
C TRP B 48 -2.31 6.96 -0.02
N LEU B 49 -1.00 7.24 0.13
CA LEU B 49 -0.34 8.38 -0.56
C LEU B 49 -0.40 8.21 -2.11
N LEU B 50 -0.40 6.94 -2.55
CA LEU B 50 -0.46 6.57 -3.96
C LEU B 50 -1.87 6.87 -4.58
N ARG B 51 -2.98 6.69 -3.80
CA ARG B 51 -4.37 6.91 -4.33
C ARG B 51 -4.62 8.36 -4.78
N GLU B 52 -4.03 9.32 -4.07
CA GLU B 52 -4.22 10.76 -4.35
C GLU B 52 -3.10 11.30 -5.25
N ASP B 53 -2.06 10.46 -5.49
CA ASP B 53 -0.90 10.79 -6.35
C ASP B 53 -0.09 11.97 -5.74
N LYS B 54 -0.16 12.09 -4.41
CA LYS B 54 0.40 13.24 -3.66
C LYS B 54 1.90 13.07 -3.36
N VAL B 55 2.47 11.90 -3.74
CA VAL B 55 3.92 11.59 -3.57
C VAL B 55 4.55 10.99 -4.85
N VAL B 56 5.88 11.12 -4.94
CA VAL B 56 6.72 10.40 -5.92
C VAL B 56 7.57 9.34 -5.19
N THR B 57 7.46 8.07 -5.61
CA THR B 57 8.22 6.95 -5.01
C THR B 57 9.38 6.54 -5.94
N SER B 58 10.57 6.38 -5.37
CA SER B 58 11.80 6.03 -6.13
C SER B 58 12.66 5.03 -5.33
N GLU B 59 13.59 4.37 -6.05
CA GLU B 59 14.43 3.28 -5.50
C GLU B 59 15.86 3.79 -5.28
N VAL B 60 16.26 4.01 -4.01
CA VAL B 60 17.65 4.41 -3.67
C VAL B 60 18.31 3.33 -2.78
N GLU B 61 19.25 2.59 -3.41
CA GLU B 61 20.09 1.54 -2.77
C GLU B 61 19.26 0.51 -1.94
N GLY B 62 18.08 0.14 -2.48
CA GLY B 62 17.15 -0.81 -1.83
C GLY B 62 16.04 -0.15 -0.99
N GLU B 63 16.27 1.11 -0.56
CA GLU B 63 15.31 1.87 0.28
C GLU B 63 14.20 2.55 -0.55
N ILE B 64 13.00 2.56 0.04
CA ILE B 64 11.83 3.27 -0.47
C ILE B 64 11.97 4.80 -0.22
N PHE B 65 12.44 5.54 -1.24
CA PHE B 65 12.65 7.01 -1.17
C PHE B 65 11.38 7.76 -1.63
N VAL B 66 10.65 8.35 -0.65
CA VAL B 66 9.36 9.01 -0.89
C VAL B 66 9.49 10.55 -0.82
N LYS B 67 9.20 11.21 -1.96
CA LYS B 67 9.17 12.70 -2.05
C LYS B 67 7.70 13.16 -2.22
N LEU B 68 7.42 14.46 -2.02
CA LEU B 68 6.04 14.99 -2.21
C LEU B 68 5.90 15.68 -3.59
N VAL B 69 4.75 15.48 -4.25
CA VAL B 69 4.41 16.22 -5.48
C VAL B 69 4.07 17.70 -5.11
N LEU B 70 5.13 18.53 -5.09
CA LEU B 70 5.03 19.98 -4.85
C LEU B 70 4.27 20.69 -6.01
N GLU B 71 2.93 20.73 -5.92
CA GLU B 71 2.08 21.29 -6.99
C GLU B 71 2.19 22.83 -7.06
N HIS B 72 2.87 23.29 -8.11
CA HIS B 72 2.94 24.71 -8.48
C HIS B 72 2.60 24.82 -9.99
N HIS B 73 1.32 25.09 -10.30
CA HIS B 73 0.86 25.25 -11.70
C HIS B 73 1.34 26.61 -12.31
N HIS B 74 2.64 26.66 -12.65
CA HIS B 74 3.30 27.89 -13.12
C HIS B 74 3.13 28.10 -14.65
N HIS B 75 1.98 28.68 -15.05
CA HIS B 75 1.75 29.13 -16.44
C HIS B 75 2.52 30.45 -16.72
N HIS B 76 2.84 31.20 -15.64
CA HIS B 76 3.68 32.43 -15.69
C HIS B 76 3.04 33.53 -16.57
N HIS B 77 1.70 33.61 -16.53
CA HIS B 77 0.91 34.56 -17.32
C HIS B 77 0.07 35.46 -16.40
N MET A 1 6.84 3.47 -17.64
CA MET A 1 7.10 4.73 -16.91
C MET A 1 8.12 4.55 -15.74
N LYS A 2 8.49 3.28 -15.43
CA LYS A 2 9.51 2.91 -14.40
C LYS A 2 9.08 3.35 -12.95
N MET A 3 7.77 3.64 -12.78
CA MET A 3 7.23 4.21 -11.52
C MET A 3 6.77 3.07 -10.55
N LEU A 4 6.87 3.32 -9.24
CA LEU A 4 6.38 2.41 -8.17
C LEU A 4 4.88 2.07 -8.35
N LYS A 5 4.12 3.02 -8.93
CA LYS A 5 2.69 2.86 -9.27
C LYS A 5 2.46 1.78 -10.36
N GLU A 6 3.34 1.75 -11.38
CA GLU A 6 3.22 0.83 -12.55
C GLU A 6 3.26 -0.64 -12.11
N LYS A 7 4.29 -1.00 -11.31
CA LYS A 7 4.46 -2.36 -10.77
C LYS A 7 3.33 -2.70 -9.76
N ALA A 8 2.98 -1.74 -8.88
CA ALA A 8 1.97 -1.94 -7.81
C ALA A 8 0.57 -2.23 -8.39
N GLY A 9 0.31 -1.62 -9.56
CA GLY A 9 -0.95 -1.83 -10.32
C GLY A 9 -1.01 -3.19 -11.02
N ALA A 10 0.15 -3.68 -11.46
CA ALA A 10 0.28 -5.02 -12.08
C ALA A 10 0.19 -6.15 -11.01
N LEU A 11 0.79 -5.91 -9.83
CA LEU A 11 0.67 -6.80 -8.65
C LEU A 11 -0.77 -6.82 -8.13
N ALA A 12 -1.45 -5.67 -8.21
CA ALA A 12 -2.88 -5.53 -7.89
C ALA A 12 -3.76 -6.45 -8.76
N GLY A 13 -3.47 -6.47 -10.07
CA GLY A 13 -4.16 -7.36 -11.03
C GLY A 13 -4.00 -8.86 -10.70
N GLN A 14 -2.78 -9.25 -10.28
CA GLN A 14 -2.45 -10.66 -9.92
C GLN A 14 -3.15 -11.10 -8.60
N ILE A 15 -3.07 -10.22 -7.58
CA ILE A 15 -3.66 -10.47 -6.22
C ILE A 15 -5.20 -10.50 -6.26
N TRP A 16 -5.80 -9.61 -7.08
CA TRP A 16 -7.25 -9.61 -7.33
C TRP A 16 -7.69 -10.91 -8.04
N GLU A 17 -6.95 -11.32 -9.09
CA GLU A 17 -7.21 -12.58 -9.82
C GLU A 17 -7.04 -13.84 -8.93
N ALA A 18 -6.20 -13.73 -7.87
CA ALA A 18 -6.08 -14.79 -6.83
C ALA A 18 -7.40 -14.90 -6.03
N LEU A 19 -7.96 -13.73 -5.66
CA LEU A 19 -9.24 -13.61 -4.94
C LEU A 19 -10.47 -13.87 -5.87
N ASN A 20 -10.29 -13.70 -7.19
CA ASN A 20 -11.37 -13.88 -8.18
C ASN A 20 -11.63 -15.39 -8.40
N GLY A 21 -12.90 -15.80 -8.25
CA GLY A 21 -13.27 -17.22 -8.23
C GLY A 21 -13.37 -17.79 -6.82
N THR A 22 -13.03 -16.97 -5.80
CA THR A 22 -13.19 -17.33 -4.35
C THR A 22 -14.00 -16.24 -3.61
N GLU A 23 -14.41 -16.53 -2.37
CA GLU A 23 -15.12 -15.56 -1.49
C GLU A 23 -14.18 -14.92 -0.44
N GLY A 24 -12.86 -15.19 -0.57
CA GLY A 24 -11.87 -14.66 0.38
C GLY A 24 -10.67 -15.58 0.61
N LEU A 25 -9.45 -15.00 0.61
CA LEU A 25 -8.18 -15.70 0.89
C LEU A 25 -7.33 -14.92 1.91
N THR A 26 -6.37 -15.59 2.56
CA THR A 26 -5.36 -14.95 3.43
C THR A 26 -4.11 -14.53 2.61
N GLN A 27 -3.09 -13.97 3.32
CA GLN A 27 -1.80 -13.57 2.68
C GLN A 27 -1.13 -14.77 1.95
N LYS A 28 -1.04 -15.92 2.64
CA LYS A 28 -0.40 -17.15 2.12
C LYS A 28 -1.10 -17.65 0.83
N GLN A 29 -2.44 -17.77 0.88
CA GLN A 29 -3.26 -18.36 -0.22
C GLN A 29 -3.14 -17.55 -1.54
N ILE A 30 -3.00 -16.22 -1.42
CA ILE A 30 -2.74 -15.32 -2.56
C ILE A 30 -1.27 -15.42 -3.03
N LYS A 31 -0.33 -15.31 -2.06
CA LYS A 31 1.14 -15.40 -2.31
C LYS A 31 1.55 -16.72 -3.01
N LYS A 32 0.74 -17.77 -2.79
CA LYS A 32 0.85 -19.07 -3.48
C LYS A 32 0.48 -18.95 -5.00
N ALA A 33 -0.69 -18.37 -5.28
CA ALA A 33 -1.24 -18.25 -6.66
C ALA A 33 -0.40 -17.25 -7.52
N THR A 34 0.01 -16.15 -6.89
CA THR A 34 0.76 -15.05 -7.54
C THR A 34 2.28 -15.33 -7.59
N LYS A 35 2.76 -16.15 -6.63
CA LYS A 35 4.20 -16.52 -6.49
C LYS A 35 5.11 -15.28 -6.24
N LEU A 36 4.58 -14.33 -5.46
CA LEU A 36 5.34 -13.14 -5.03
C LEU A 36 6.45 -13.55 -4.04
N LYS A 37 7.73 -13.20 -4.35
CA LYS A 37 8.93 -13.69 -3.63
C LYS A 37 8.88 -13.42 -2.09
N ALA A 38 8.28 -12.28 -1.71
CA ALA A 38 8.20 -11.83 -0.31
C ALA A 38 6.80 -11.28 0.03
N ASP A 39 6.61 -10.96 1.30
CA ASP A 39 5.43 -10.24 1.82
C ASP A 39 5.35 -8.80 1.24
N LYS A 40 6.55 -8.20 1.01
CA LYS A 40 6.71 -6.81 0.52
C LYS A 40 5.95 -6.54 -0.80
N ASP A 41 6.04 -7.52 -1.73
CA ASP A 41 5.37 -7.48 -3.05
C ASP A 41 3.83 -7.45 -2.87
N PHE A 42 3.36 -8.21 -1.87
CA PHE A 42 1.92 -8.37 -1.56
C PHE A 42 1.28 -7.04 -1.06
N PHE A 43 2.00 -6.26 -0.23
CA PHE A 43 1.49 -4.99 0.33
C PHE A 43 1.27 -3.91 -0.76
N LEU A 44 2.12 -3.90 -1.79
CA LEU A 44 2.01 -2.97 -2.94
C LEU A 44 0.73 -3.26 -3.78
N GLY A 45 0.40 -4.56 -3.95
CA GLY A 45 -0.80 -4.98 -4.69
C GLY A 45 -2.09 -4.81 -3.87
N LEU A 46 -2.11 -5.39 -2.65
CA LEU A 46 -3.28 -5.33 -1.72
C LEU A 46 -3.65 -3.87 -1.34
N GLY A 47 -2.60 -3.05 -1.19
CA GLY A 47 -2.75 -1.62 -0.84
C GLY A 47 -3.47 -0.84 -1.94
N TRP A 48 -3.28 -1.30 -3.19
CA TRP A 48 -4.00 -0.80 -4.36
C TRP A 48 -5.50 -1.24 -4.32
N LEU A 49 -5.73 -2.52 -3.99
CA LEU A 49 -7.09 -3.09 -3.87
C LEU A 49 -7.95 -2.33 -2.80
N LEU A 50 -7.27 -1.76 -1.78
CA LEU A 50 -7.89 -0.84 -0.80
C LEU A 50 -8.24 0.53 -1.41
N ARG A 51 -7.32 1.13 -2.22
CA ARG A 51 -7.47 2.55 -2.70
C ARG A 51 -8.77 2.79 -3.53
N GLU A 52 -9.26 1.74 -4.22
CA GLU A 52 -10.46 1.81 -5.08
C GLU A 52 -11.72 1.25 -4.37
N ASP A 53 -11.55 0.65 -3.16
CA ASP A 53 -12.61 -0.14 -2.48
C ASP A 53 -13.01 -1.36 -3.34
N LYS A 54 -11.97 -2.05 -3.85
CA LYS A 54 -12.11 -3.24 -4.73
C LYS A 54 -12.09 -4.55 -3.90
N VAL A 55 -11.62 -4.46 -2.63
CA VAL A 55 -11.65 -5.59 -1.65
C VAL A 55 -12.09 -5.13 -0.24
N VAL A 56 -12.43 -6.11 0.62
CA VAL A 56 -12.66 -5.91 2.06
C VAL A 56 -11.54 -6.62 2.85
N THR A 57 -10.84 -5.89 3.73
CA THR A 57 -9.74 -6.44 4.56
C THR A 57 -10.15 -6.44 6.05
N SER A 58 -9.89 -7.57 6.72
CA SER A 58 -10.24 -7.81 8.14
C SER A 58 -9.06 -8.46 8.88
N GLU A 59 -9.01 -8.25 10.20
CA GLU A 59 -7.94 -8.80 11.08
C GLU A 59 -8.46 -10.08 11.76
N VAL A 60 -7.94 -11.23 11.30
CA VAL A 60 -8.34 -12.57 11.80
C VAL A 60 -7.14 -13.24 12.50
N GLU A 61 -7.21 -13.33 13.85
CA GLU A 61 -6.22 -14.02 14.71
C GLU A 61 -4.76 -13.52 14.48
N GLY A 62 -4.62 -12.22 14.15
CA GLY A 62 -3.31 -11.59 13.83
C GLY A 62 -2.99 -11.55 12.32
N GLU A 63 -3.58 -12.47 11.56
CA GLU A 63 -3.41 -12.58 10.08
C GLU A 63 -4.25 -11.51 9.33
N ILE A 64 -3.69 -10.97 8.23
CA ILE A 64 -4.45 -10.10 7.30
C ILE A 64 -5.30 -10.99 6.35
N PHE A 65 -6.60 -11.11 6.65
CA PHE A 65 -7.57 -11.74 5.76
C PHE A 65 -8.15 -10.69 4.79
N VAL A 66 -8.39 -11.11 3.55
CA VAL A 66 -9.00 -10.25 2.51
C VAL A 66 -10.03 -11.03 1.66
N LYS A 67 -11.09 -10.34 1.21
CA LYS A 67 -12.13 -10.90 0.32
C LYS A 67 -12.52 -9.85 -0.75
N LEU A 68 -13.43 -10.18 -1.67
CA LEU A 68 -13.83 -9.25 -2.77
C LEU A 68 -15.03 -8.34 -2.42
N VAL A 69 -15.23 -7.34 -3.31
CA VAL A 69 -16.35 -6.38 -3.29
C VAL A 69 -17.33 -6.64 -4.47
N LEU A 70 -18.64 -6.62 -4.15
CA LEU A 70 -19.72 -6.67 -5.17
C LEU A 70 -20.00 -5.24 -5.68
N GLU A 71 -20.23 -4.31 -4.73
CA GLU A 71 -20.59 -2.90 -5.04
C GLU A 71 -20.09 -1.94 -3.91
N HIS A 72 -20.34 -0.63 -4.07
CA HIS A 72 -19.97 0.40 -3.06
C HIS A 72 -21.18 0.80 -2.20
N HIS A 73 -21.79 -0.20 -1.51
CA HIS A 73 -22.91 0.04 -0.55
C HIS A 73 -22.70 -0.72 0.79
N HIS A 74 -22.18 -1.96 0.72
CA HIS A 74 -22.03 -2.86 1.91
C HIS A 74 -20.68 -2.67 2.64
N HIS A 75 -20.14 -1.43 2.63
CA HIS A 75 -18.88 -1.06 3.34
C HIS A 75 -19.12 0.26 4.13
N HIS A 76 -20.37 0.46 4.58
CA HIS A 76 -20.86 1.75 5.14
C HIS A 76 -20.09 2.20 6.42
N HIS A 77 -19.46 1.25 7.14
CA HIS A 77 -18.61 1.56 8.32
C HIS A 77 -17.19 2.00 7.90
N MET B 1 -13.90 1.22 15.19
CA MET B 1 -13.40 0.10 14.39
C MET B 1 -11.86 0.19 14.21
N LYS B 2 -11.24 -0.95 13.86
CA LYS B 2 -9.80 -1.02 13.52
C LYS B 2 -9.63 -1.38 12.02
N MET B 3 -10.51 -0.80 11.16
CA MET B 3 -10.62 -1.15 9.72
C MET B 3 -9.28 -0.97 8.97
N LEU B 4 -8.81 -2.06 8.32
CA LEU B 4 -7.51 -2.09 7.61
C LEU B 4 -7.48 -1.11 6.40
N LYS B 5 -8.69 -0.75 5.91
CA LYS B 5 -8.90 0.36 4.95
C LYS B 5 -8.46 1.73 5.55
N GLU B 6 -9.05 2.07 6.71
CA GLU B 6 -8.93 3.44 7.29
C GLU B 6 -7.58 3.67 8.02
N LYS B 7 -7.04 2.62 8.68
CA LYS B 7 -5.73 2.73 9.38
C LYS B 7 -4.59 3.08 8.40
N ALA B 8 -4.71 2.62 7.13
CA ALA B 8 -3.79 3.00 6.03
C ALA B 8 -3.77 4.54 5.79
N GLY B 9 -4.97 5.15 5.91
CA GLY B 9 -5.13 6.61 5.80
C GLY B 9 -4.60 7.40 7.03
N ALA B 10 -4.69 6.79 8.22
CA ALA B 10 -4.16 7.38 9.48
C ALA B 10 -2.61 7.35 9.51
N LEU B 11 -2.04 6.22 9.05
CA LEU B 11 -0.58 6.04 8.83
C LEU B 11 -0.07 7.02 7.77
N ALA B 12 -0.89 7.20 6.72
CA ALA B 12 -0.62 8.16 5.62
C ALA B 12 -0.49 9.61 6.14
N GLY B 13 -1.33 9.96 7.13
CA GLY B 13 -1.26 11.27 7.79
C GLY B 13 0.09 11.51 8.49
N GLN B 14 0.59 10.47 9.21
CA GLN B 14 1.90 10.52 9.91
C GLN B 14 3.06 10.70 8.91
N ILE B 15 3.04 9.89 7.83
CA ILE B 15 4.11 9.87 6.80
C ILE B 15 4.14 11.19 5.98
N TRP B 16 2.95 11.77 5.73
CA TRP B 16 2.82 13.07 5.05
C TRP B 16 3.46 14.19 5.91
N GLU B 17 3.10 14.22 7.22
CA GLU B 17 3.68 15.18 8.19
C GLU B 17 5.22 15.03 8.30
N ALA B 18 5.71 13.77 8.17
CA ALA B 18 7.14 13.44 8.22
C ALA B 18 7.94 14.08 7.05
N LEU B 19 7.32 14.09 5.85
CA LEU B 19 7.90 14.73 4.63
C LEU B 19 7.57 16.25 4.55
N ASN B 20 6.60 16.72 5.37
CA ASN B 20 6.17 18.14 5.39
C ASN B 20 7.24 19.04 6.05
N GLY B 21 7.60 20.14 5.37
CA GLY B 21 8.64 21.09 5.84
C GLY B 21 10.09 20.65 5.52
N THR B 22 10.25 19.50 4.83
CA THR B 22 11.57 18.97 4.41
C THR B 22 11.60 18.75 2.89
N GLU B 23 12.81 18.48 2.37
CA GLU B 23 13.07 18.25 0.93
C GLU B 23 12.77 16.78 0.48
N GLY B 24 12.52 15.87 1.45
CA GLY B 24 12.24 14.44 1.14
C GLY B 24 13.22 13.48 1.85
N LEU B 25 12.71 12.31 2.29
CA LEU B 25 13.48 11.35 3.12
C LEU B 25 13.46 9.92 2.52
N THR B 26 14.41 9.06 2.98
CA THR B 26 14.41 7.60 2.70
C THR B 26 13.57 6.85 3.77
N GLN B 27 13.18 5.60 3.47
CA GLN B 27 12.19 4.83 4.30
C GLN B 27 12.50 4.78 5.82
N LYS B 28 13.78 4.53 6.19
CA LYS B 28 14.22 4.48 7.61
C LYS B 28 14.13 5.87 8.30
N GLN B 29 14.48 6.93 7.55
CA GLN B 29 14.42 8.33 8.03
C GLN B 29 12.96 8.78 8.28
N ILE B 30 12.03 8.25 7.47
CA ILE B 30 10.59 8.49 7.63
C ILE B 30 10.06 7.76 8.88
N LYS B 31 10.48 6.49 9.05
CA LYS B 31 10.12 5.66 10.24
C LYS B 31 10.62 6.30 11.57
N LYS B 32 11.69 7.12 11.48
CA LYS B 32 12.17 7.96 12.59
C LYS B 32 11.14 9.07 12.96
N ALA B 33 10.75 9.88 11.96
CA ALA B 33 9.83 11.04 12.16
C ALA B 33 8.40 10.59 12.55
N THR B 34 7.93 9.49 11.93
CA THR B 34 6.60 8.87 12.21
C THR B 34 6.63 8.02 13.49
N LYS B 35 7.85 7.60 13.89
CA LYS B 35 8.11 6.76 15.09
C LYS B 35 7.48 5.33 14.94
N LEU B 36 7.36 4.89 13.65
CA LEU B 36 6.81 3.56 13.30
C LEU B 36 7.92 2.48 13.38
N LYS B 37 7.65 1.41 14.15
CA LYS B 37 8.57 0.25 14.28
C LYS B 37 8.44 -0.68 13.05
N ALA B 38 7.20 -1.02 12.69
CA ALA B 38 6.90 -1.90 11.54
C ALA B 38 7.03 -1.14 10.19
N ASP B 39 7.78 -1.73 9.25
CA ASP B 39 7.88 -1.24 7.86
C ASP B 39 6.53 -1.37 7.11
N LYS B 40 5.71 -2.33 7.55
CA LYS B 40 4.46 -2.71 6.85
C LYS B 40 3.39 -1.62 6.97
N ASP B 41 3.29 -1.02 8.18
CA ASP B 41 2.43 0.15 8.43
C ASP B 41 2.90 1.38 7.60
N PHE B 42 4.23 1.48 7.40
CA PHE B 42 4.83 2.49 6.50
C PHE B 42 4.41 2.24 5.01
N PHE B 43 4.37 0.97 4.56
CA PHE B 43 4.00 0.63 3.16
C PHE B 43 2.50 0.91 2.86
N LEU B 44 1.63 0.61 3.85
CA LEU B 44 0.17 0.89 3.76
C LEU B 44 -0.11 2.42 3.72
N GLY B 45 0.63 3.18 4.55
CA GLY B 45 0.53 4.64 4.59
C GLY B 45 1.03 5.32 3.29
N LEU B 46 2.24 4.92 2.85
CA LEU B 46 2.89 5.46 1.62
C LEU B 46 2.07 5.08 0.35
N GLY B 47 1.40 3.92 0.40
CA GLY B 47 0.50 3.46 -0.67
C GLY B 47 -0.74 4.35 -0.82
N TRP B 48 -1.17 4.93 0.31
CA TRP B 48 -2.28 5.89 0.36
C TRP B 48 -1.84 7.29 -0.20
N LEU B 49 -0.56 7.63 0.00
CA LEU B 49 0.06 8.84 -0.61
C LEU B 49 0.10 8.73 -2.16
N LEU B 50 0.23 7.48 -2.66
CA LEU B 50 0.20 7.18 -4.12
C LEU B 50 -1.21 7.40 -4.73
N ARG B 51 -2.29 6.99 -4.01
CA ARG B 51 -3.68 7.12 -4.52
C ARG B 51 -4.20 8.57 -4.54
N GLU B 52 -3.51 9.47 -3.82
CA GLU B 52 -3.78 10.93 -3.87
C GLU B 52 -2.73 11.68 -4.72
N ASP B 53 -1.58 11.01 -5.00
CA ASP B 53 -0.44 11.59 -5.76
C ASP B 53 0.15 12.83 -5.06
N LYS B 54 0.16 12.81 -3.72
CA LYS B 54 0.78 13.89 -2.91
C LYS B 54 2.30 13.69 -2.79
N VAL B 55 2.82 12.58 -3.37
CA VAL B 55 4.26 12.26 -3.37
C VAL B 55 4.78 11.79 -4.75
N VAL B 56 6.11 11.91 -4.92
CA VAL B 56 6.88 11.23 -5.98
C VAL B 56 7.82 10.20 -5.31
N THR B 57 7.70 8.91 -5.73
CA THR B 57 8.46 7.78 -5.13
C THR B 57 9.56 7.29 -6.10
N SER B 58 10.69 6.86 -5.51
CA SER B 58 11.88 6.36 -6.26
C SER B 58 12.66 5.35 -5.37
N GLU B 59 13.67 4.68 -5.96
CA GLU B 59 14.54 3.74 -5.21
C GLU B 59 16.00 4.23 -5.29
N VAL B 60 16.54 4.62 -4.12
CA VAL B 60 17.90 5.19 -3.98
C VAL B 60 18.73 4.35 -2.98
N GLU B 61 19.85 3.80 -3.50
CA GLU B 61 20.86 3.02 -2.74
C GLU B 61 20.26 1.86 -1.88
N GLY B 62 19.19 1.24 -2.39
CA GLY B 62 18.54 0.07 -1.74
C GLY B 62 17.41 0.44 -0.75
N GLU B 63 17.04 1.73 -0.66
CA GLU B 63 15.89 2.21 0.15
C GLU B 63 14.84 2.93 -0.73
N ILE B 64 13.60 3.02 -0.22
CA ILE B 64 12.53 3.82 -0.85
C ILE B 64 12.72 5.32 -0.50
N PHE B 65 13.15 6.13 -1.48
CA PHE B 65 13.29 7.60 -1.33
C PHE B 65 12.06 8.30 -1.95
N VAL B 66 11.40 9.15 -1.14
CA VAL B 66 10.14 9.81 -1.55
C VAL B 66 10.07 11.30 -1.10
N LYS B 67 9.44 12.15 -1.94
CA LYS B 67 9.28 13.62 -1.70
C LYS B 67 7.78 14.02 -1.86
N LEU B 68 7.35 15.19 -1.32
CA LEU B 68 5.95 15.69 -1.54
C LEU B 68 5.80 16.39 -2.91
N VAL B 69 5.94 15.60 -4.01
CA VAL B 69 5.96 16.09 -5.43
C VAL B 69 6.95 17.29 -5.63
N LEU B 70 8.00 17.32 -4.79
CA LEU B 70 8.99 18.41 -4.75
C LEU B 70 9.93 18.34 -5.98
N GLU B 71 9.61 19.15 -7.01
CA GLU B 71 10.34 19.21 -8.31
C GLU B 71 10.24 17.87 -9.07
N HIS B 72 9.16 17.68 -9.85
CA HIS B 72 9.01 16.49 -10.73
C HIS B 72 9.76 16.75 -12.07
N HIS B 73 10.97 16.20 -12.19
CA HIS B 73 11.82 16.31 -13.40
C HIS B 73 12.43 14.94 -13.77
N HIS B 74 13.16 14.90 -14.90
CA HIS B 74 13.93 13.71 -15.31
C HIS B 74 15.26 13.63 -14.52
N HIS B 75 15.45 12.52 -13.78
CA HIS B 75 16.67 12.28 -12.95
C HIS B 75 17.93 12.11 -13.85
N HIS B 76 19.05 12.70 -13.40
CA HIS B 76 20.34 12.69 -14.14
C HIS B 76 21.17 11.42 -13.82
N HIS B 77 22.27 11.22 -14.57
CA HIS B 77 23.15 10.03 -14.45
C HIS B 77 24.25 10.28 -13.40
N MET A 1 7.98 0.50 -16.20
CA MET A 1 9.10 0.45 -15.23
C MET A 1 9.74 1.85 -15.06
N LYS A 2 9.41 2.54 -13.94
CA LYS A 2 9.93 3.90 -13.64
C LYS A 2 9.77 4.30 -12.15
N MET A 3 8.79 3.68 -11.43
CA MET A 3 8.51 4.04 -10.01
C MET A 3 7.87 2.87 -9.21
N LEU A 4 8.04 2.94 -7.87
CA LEU A 4 7.46 1.96 -6.90
C LEU A 4 5.90 2.02 -6.87
N LYS A 5 5.34 3.16 -7.29
CA LYS A 5 3.87 3.34 -7.47
C LYS A 5 3.33 2.47 -8.65
N GLU A 6 4.14 2.36 -9.73
CA GLU A 6 3.72 1.67 -10.96
C GLU A 6 3.66 0.14 -10.77
N LYS A 7 4.74 -0.44 -10.20
CA LYS A 7 4.80 -1.90 -9.94
C LYS A 7 3.73 -2.34 -8.90
N ALA A 8 3.30 -1.41 -8.04
CA ALA A 8 2.14 -1.62 -7.14
C ALA A 8 0.85 -1.91 -7.94
N GLY A 9 0.68 -1.14 -9.03
CA GLY A 9 -0.44 -1.32 -9.97
C GLY A 9 -0.32 -2.59 -10.82
N ALA A 10 0.92 -2.96 -11.20
CA ALA A 10 1.21 -4.21 -11.94
C ALA A 10 0.86 -5.47 -11.12
N LEU A 11 1.21 -5.46 -9.82
CA LEU A 11 0.92 -6.57 -8.88
C LEU A 11 -0.56 -6.57 -8.42
N ALA A 12 -1.24 -5.42 -8.58
CA ALA A 12 -2.67 -5.27 -8.24
C ALA A 12 -3.56 -6.29 -9.00
N GLY A 13 -3.43 -6.31 -10.33
CA GLY A 13 -4.23 -7.19 -11.21
C GLY A 13 -4.16 -8.68 -10.86
N GLN A 14 -2.96 -9.19 -10.55
CA GLN A 14 -2.73 -10.63 -10.25
C GLN A 14 -3.28 -11.04 -8.85
N ILE A 15 -3.17 -10.13 -7.85
CA ILE A 15 -3.73 -10.35 -6.49
C ILE A 15 -5.28 -10.36 -6.54
N TRP A 16 -5.84 -9.42 -7.32
CA TRP A 16 -7.29 -9.34 -7.58
C TRP A 16 -7.83 -10.66 -8.19
N GLU A 17 -7.10 -11.17 -9.20
CA GLU A 17 -7.42 -12.45 -9.88
C GLU A 17 -7.27 -13.69 -8.96
N ALA A 18 -6.36 -13.61 -7.97
CA ALA A 18 -6.19 -14.67 -6.94
C ALA A 18 -7.46 -14.76 -6.04
N LEU A 19 -8.04 -13.58 -5.74
CA LEU A 19 -9.27 -13.45 -4.93
C LEU A 19 -10.55 -13.70 -5.77
N ASN A 20 -10.47 -13.47 -7.10
CA ASN A 20 -11.65 -13.55 -7.99
C ASN A 20 -12.15 -15.00 -8.16
N GLY A 21 -13.49 -15.16 -8.10
CA GLY A 21 -14.15 -16.47 -8.15
C GLY A 21 -14.15 -17.22 -6.79
N THR A 22 -13.68 -16.54 -5.73
CA THR A 22 -13.54 -17.12 -4.37
C THR A 22 -14.30 -16.24 -3.34
N GLU A 23 -14.62 -16.80 -2.16
CA GLU A 23 -15.35 -16.07 -1.08
C GLU A 23 -14.38 -15.27 -0.16
N GLY A 24 -13.06 -15.33 -0.44
CA GLY A 24 -12.06 -14.59 0.35
C GLY A 24 -10.84 -15.41 0.75
N LEU A 25 -9.64 -14.81 0.67
CA LEU A 25 -8.37 -15.47 1.05
C LEU A 25 -7.64 -14.64 2.13
N THR A 26 -6.81 -15.30 2.93
CA THR A 26 -5.84 -14.62 3.82
C THR A 26 -4.50 -14.42 3.09
N GLN A 27 -3.64 -13.52 3.62
CA GLN A 27 -2.34 -13.16 3.02
C GLN A 27 -1.42 -14.38 2.74
N LYS A 28 -1.56 -15.44 3.57
CA LYS A 28 -0.84 -16.72 3.41
C LYS A 28 -1.21 -17.44 2.07
N GLN A 29 -2.50 -17.43 1.71
CA GLN A 29 -3.04 -18.14 0.52
C GLN A 29 -2.74 -17.41 -0.80
N ILE A 30 -2.83 -16.07 -0.76
CA ILE A 30 -2.71 -15.20 -1.96
C ILE A 30 -1.33 -15.31 -2.65
N LYS A 31 -0.27 -15.27 -1.83
CA LYS A 31 1.15 -15.30 -2.32
C LYS A 31 1.49 -16.63 -3.03
N LYS A 32 0.78 -17.71 -2.67
CA LYS A 32 0.84 -19.01 -3.38
C LYS A 32 0.29 -18.89 -4.82
N ALA A 33 -0.91 -18.28 -4.93
CA ALA A 33 -1.63 -18.12 -6.21
C ALA A 33 -0.95 -17.09 -7.15
N THR A 34 -0.32 -16.05 -6.57
CA THR A 34 0.32 -14.94 -7.31
C THR A 34 1.83 -15.18 -7.54
N LYS A 35 2.43 -16.04 -6.68
CA LYS A 35 3.88 -16.39 -6.72
C LYS A 35 4.79 -15.19 -6.28
N LEU A 36 4.22 -14.24 -5.52
CA LEU A 36 4.96 -13.04 -5.05
C LEU A 36 6.11 -13.39 -4.07
N LYS A 37 5.85 -14.39 -3.18
CA LYS A 37 6.77 -14.82 -2.09
C LYS A 37 6.88 -13.76 -0.95
N ALA A 38 7.42 -12.57 -1.28
CA ALA A 38 7.59 -11.47 -0.31
C ALA A 38 6.24 -10.84 0.08
N ASP A 39 6.03 -10.64 1.40
CA ASP A 39 4.90 -9.85 1.93
C ASP A 39 5.04 -8.35 1.52
N LYS A 40 6.31 -7.91 1.34
CA LYS A 40 6.68 -6.51 1.01
C LYS A 40 5.99 -6.02 -0.28
N ASP A 41 6.20 -6.77 -1.38
CA ASP A 41 5.60 -6.48 -2.70
C ASP A 41 4.07 -6.71 -2.67
N PHE A 42 3.64 -7.63 -1.80
CA PHE A 42 2.21 -7.96 -1.58
C PHE A 42 1.44 -6.76 -0.98
N PHE A 43 2.06 -6.00 -0.06
CA PHE A 43 1.43 -4.80 0.57
C PHE A 43 1.22 -3.65 -0.45
N LEU A 44 2.14 -3.52 -1.41
CA LEU A 44 2.03 -2.51 -2.50
C LEU A 44 0.89 -2.89 -3.49
N GLY A 45 0.83 -4.20 -3.85
CA GLY A 45 -0.23 -4.71 -4.76
C GLY A 45 -1.63 -4.66 -4.14
N LEU A 46 -1.78 -5.24 -2.94
CA LEU A 46 -3.06 -5.26 -2.17
C LEU A 46 -3.48 -3.84 -1.72
N GLY A 47 -2.48 -3.00 -1.45
CA GLY A 47 -2.69 -1.58 -1.11
C GLY A 47 -3.26 -0.80 -2.31
N TRP A 48 -2.88 -1.22 -3.53
CA TRP A 48 -3.42 -0.65 -4.77
C TRP A 48 -4.87 -1.15 -5.05
N LEU A 49 -5.22 -2.31 -4.52
CA LEU A 49 -6.63 -2.80 -4.51
C LEU A 49 -7.54 -1.89 -3.64
N LEU A 50 -6.96 -1.26 -2.59
CA LEU A 50 -7.62 -0.20 -1.79
C LEU A 50 -7.67 1.14 -2.56
N ARG A 51 -6.62 1.42 -3.38
CA ARG A 51 -6.61 2.53 -4.37
C ARG A 51 -7.79 2.37 -5.37
N GLU A 52 -8.02 1.13 -5.81
CA GLU A 52 -9.10 0.80 -6.76
C GLU A 52 -10.47 0.62 -6.04
N ASP A 53 -10.39 0.36 -4.72
CA ASP A 53 -11.56 0.11 -3.82
C ASP A 53 -12.29 -1.22 -4.18
N LYS A 54 -11.61 -2.07 -4.97
CA LYS A 54 -12.16 -3.35 -5.49
C LYS A 54 -12.07 -4.50 -4.46
N VAL A 55 -11.61 -4.22 -3.20
CA VAL A 55 -11.53 -5.24 -2.12
C VAL A 55 -12.16 -4.78 -0.77
N VAL A 56 -12.67 -5.78 -0.02
CA VAL A 56 -13.05 -5.67 1.39
C VAL A 56 -11.94 -6.26 2.28
N THR A 57 -11.42 -5.49 3.25
CA THR A 57 -10.32 -5.93 4.16
C THR A 57 -10.85 -6.23 5.59
N SER A 58 -10.23 -7.22 6.25
CA SER A 58 -10.58 -7.69 7.62
C SER A 58 -9.37 -8.41 8.27
N GLU A 59 -9.46 -8.73 9.57
CA GLU A 59 -8.41 -9.48 10.30
C GLU A 59 -8.99 -10.81 10.82
N VAL A 60 -8.36 -11.94 10.41
CA VAL A 60 -8.69 -13.29 10.91
C VAL A 60 -7.45 -13.92 11.58
N GLU A 61 -7.56 -14.13 12.91
CA GLU A 61 -6.59 -14.88 13.76
C GLU A 61 -5.13 -14.35 13.62
N GLY A 62 -5.00 -13.01 13.57
CA GLY A 62 -3.67 -12.34 13.51
C GLY A 62 -3.11 -12.15 12.10
N GLU A 63 -3.85 -12.60 11.06
CA GLU A 63 -3.44 -12.42 9.65
C GLU A 63 -4.48 -11.57 8.88
N ILE A 64 -4.01 -10.92 7.79
CA ILE A 64 -4.85 -10.06 6.94
C ILE A 64 -5.77 -10.92 6.04
N PHE A 65 -7.07 -10.90 6.33
CA PHE A 65 -8.11 -11.57 5.50
C PHE A 65 -8.75 -10.54 4.56
N VAL A 66 -8.68 -10.78 3.26
CA VAL A 66 -9.21 -9.85 2.25
C VAL A 66 -9.96 -10.61 1.12
N LYS A 67 -11.03 -9.98 0.62
CA LYS A 67 -11.87 -10.52 -0.48
C LYS A 67 -12.26 -9.38 -1.42
N LEU A 68 -12.97 -9.68 -2.52
CA LEU A 68 -13.43 -8.65 -3.47
C LEU A 68 -14.78 -8.03 -3.04
N VAL A 69 -15.04 -6.81 -3.52
CA VAL A 69 -16.36 -6.17 -3.41
C VAL A 69 -17.30 -6.79 -4.48
N LEU A 70 -18.04 -7.84 -4.04
CA LEU A 70 -18.91 -8.65 -4.94
C LEU A 70 -20.09 -7.81 -5.51
N GLU A 71 -19.90 -7.28 -6.73
CA GLU A 71 -20.91 -6.52 -7.49
C GLU A 71 -21.17 -7.19 -8.85
N HIS A 72 -22.39 -7.03 -9.39
CA HIS A 72 -22.84 -7.74 -10.62
C HIS A 72 -22.23 -7.17 -11.96
N HIS A 73 -21.21 -6.30 -11.87
CA HIS A 73 -20.50 -5.80 -13.08
C HIS A 73 -19.47 -6.85 -13.58
N HIS A 74 -19.71 -7.38 -14.80
CA HIS A 74 -18.76 -8.31 -15.47
C HIS A 74 -17.87 -7.52 -16.45
N HIS A 75 -16.79 -6.93 -15.90
CA HIS A 75 -15.86 -6.06 -16.63
C HIS A 75 -14.46 -6.12 -15.98
N HIS A 76 -13.43 -6.45 -16.80
CA HIS A 76 -12.04 -6.73 -16.35
C HIS A 76 -11.95 -8.00 -15.45
N HIS A 77 -11.71 -9.15 -16.09
CA HIS A 77 -11.42 -10.42 -15.38
C HIS A 77 -9.91 -10.52 -15.09
N MET B 1 -15.74 -1.77 14.30
CA MET B 1 -14.77 -2.60 13.60
C MET B 1 -13.47 -1.82 13.28
N LYS B 2 -12.45 -2.53 12.78
CA LYS B 2 -11.18 -1.92 12.31
C LYS B 2 -10.92 -2.32 10.82
N MET B 3 -11.41 -1.47 9.90
CA MET B 3 -11.13 -1.60 8.47
C MET B 3 -9.66 -1.21 8.20
N LEU B 4 -8.89 -2.12 7.56
CA LEU B 4 -7.46 -1.90 7.24
C LEU B 4 -7.26 -0.69 6.28
N LYS B 5 -8.37 -0.28 5.62
CA LYS B 5 -8.43 0.98 4.83
C LYS B 5 -8.23 2.22 5.75
N GLU B 6 -8.95 2.25 6.88
CA GLU B 6 -8.91 3.37 7.85
C GLU B 6 -7.54 3.40 8.59
N LYS B 7 -7.05 2.20 8.93
CA LYS B 7 -5.72 1.98 9.56
C LYS B 7 -4.59 2.56 8.69
N ALA B 8 -4.61 2.18 7.39
CA ALA B 8 -3.68 2.70 6.37
C ALA B 8 -3.69 4.24 6.32
N GLY B 9 -4.90 4.82 6.50
CA GLY B 9 -5.09 6.27 6.57
C GLY B 9 -4.53 6.94 7.84
N ALA B 10 -4.61 6.20 8.98
CA ALA B 10 -4.10 6.67 10.29
C ALA B 10 -2.55 6.80 10.29
N LEU B 11 -1.87 5.74 9.78
CA LEU B 11 -0.40 5.72 9.62
C LEU B 11 0.07 6.73 8.53
N ALA B 12 -0.77 6.88 7.49
CA ALA B 12 -0.54 7.80 6.37
C ALA B 12 -0.38 9.27 6.79
N GLY B 13 -1.29 9.73 7.67
CA GLY B 13 -1.28 11.12 8.17
C GLY B 13 0.07 11.54 8.77
N GLN B 14 0.73 10.59 9.42
CA GLN B 14 2.06 10.77 10.02
C GLN B 14 3.16 10.91 8.93
N ILE B 15 3.17 9.95 7.97
CA ILE B 15 4.21 9.85 6.91
C ILE B 15 4.20 11.07 5.95
N TRP B 16 2.99 11.54 5.60
CA TRP B 16 2.80 12.75 4.77
C TRP B 16 3.45 13.99 5.46
N GLU B 17 3.12 14.18 6.76
CA GLU B 17 3.64 15.32 7.57
C GLU B 17 5.18 15.24 7.79
N ALA B 18 5.73 14.01 7.73
CA ALA B 18 7.19 13.78 7.74
C ALA B 18 7.85 14.33 6.45
N LEU B 19 7.21 14.06 5.30
CA LEU B 19 7.70 14.51 3.96
C LEU B 19 7.43 16.03 3.73
N ASN B 20 6.48 16.59 4.51
CA ASN B 20 6.11 18.03 4.47
C ASN B 20 7.27 18.91 5.02
N GLY B 21 7.68 19.92 4.23
CA GLY B 21 8.76 20.84 4.62
C GLY B 21 10.18 20.33 4.29
N THR B 22 10.27 19.17 3.62
CA THR B 22 11.57 18.56 3.23
C THR B 22 11.56 18.20 1.71
N GLU B 23 12.76 17.99 1.12
CA GLU B 23 12.93 17.58 -0.31
C GLU B 23 12.68 16.04 -0.52
N GLY B 24 11.93 15.43 0.41
CA GLY B 24 11.72 13.98 0.45
C GLY B 24 12.59 13.29 1.49
N LEU B 25 12.09 12.17 2.02
CA LEU B 25 12.81 11.37 3.04
C LEU B 25 12.98 9.91 2.55
N THR B 26 14.00 9.23 3.07
CA THR B 26 14.19 7.78 2.88
C THR B 26 13.35 7.01 3.92
N GLN B 27 13.19 5.69 3.73
CA GLN B 27 12.46 4.82 4.69
C GLN B 27 13.07 4.88 6.12
N LYS B 28 14.38 5.12 6.18
CA LYS B 28 15.15 5.35 7.44
C LYS B 28 14.62 6.60 8.20
N GLN B 29 14.58 7.73 7.47
CA GLN B 29 14.22 9.06 8.02
C GLN B 29 12.72 9.16 8.39
N ILE B 30 11.87 8.56 7.55
CA ILE B 30 10.40 8.53 7.77
C ILE B 30 10.05 7.82 9.09
N LYS B 31 10.68 6.66 9.34
CA LYS B 31 10.48 5.89 10.60
C LYS B 31 10.75 6.73 11.85
N LYS B 32 11.83 7.53 11.83
CA LYS B 32 12.21 8.40 12.96
C LYS B 32 11.24 9.58 13.15
N ALA B 33 10.95 10.31 12.05
CA ALA B 33 10.08 11.51 12.07
C ALA B 33 8.62 11.20 12.52
N THR B 34 8.19 9.95 12.28
CA THR B 34 6.82 9.46 12.65
C THR B 34 6.84 8.56 13.91
N LYS B 35 8.03 8.01 14.23
CA LYS B 35 8.24 7.00 15.31
C LYS B 35 7.54 5.64 15.00
N LEU B 36 7.40 5.32 13.68
CA LEU B 36 6.91 3.99 13.24
C LEU B 36 8.03 2.94 13.41
N LYS B 37 7.69 1.83 14.08
CA LYS B 37 8.68 0.81 14.55
C LYS B 37 9.12 -0.17 13.43
N ALA B 38 8.24 -0.41 12.45
CA ALA B 38 8.46 -1.44 11.41
C ALA B 38 8.17 -0.91 9.98
N ASP B 39 8.77 -1.59 8.98
CA ASP B 39 8.46 -1.38 7.55
C ASP B 39 6.97 -1.69 7.25
N LYS B 40 6.38 -2.60 8.06
CA LYS B 40 4.94 -2.94 8.03
C LYS B 40 4.01 -1.71 8.18
N ASP B 41 4.34 -0.84 9.16
CA ASP B 41 3.61 0.42 9.41
C ASP B 41 3.80 1.40 8.24
N PHE B 42 5.02 1.37 7.68
CA PHE B 42 5.43 2.24 6.57
C PHE B 42 4.71 1.88 5.25
N PHE B 43 4.60 0.58 4.90
CA PHE B 43 4.00 0.13 3.61
C PHE B 43 2.49 0.45 3.52
N LEU B 44 1.76 0.28 4.64
CA LEU B 44 0.30 0.56 4.71
C LEU B 44 0.03 2.08 4.67
N GLY B 45 0.83 2.86 5.43
CA GLY B 45 0.73 4.32 5.43
C GLY B 45 1.08 4.94 4.07
N LEU B 46 2.26 4.59 3.54
CA LEU B 46 2.74 5.01 2.19
C LEU B 46 1.78 4.55 1.06
N GLY B 47 1.19 3.37 1.25
CA GLY B 47 0.22 2.80 0.29
C GLY B 47 -1.04 3.66 0.15
N TRP B 48 -1.40 4.34 1.26
CA TRP B 48 -2.51 5.31 1.29
C TRP B 48 -2.11 6.64 0.59
N LEU B 49 -0.84 7.04 0.74
CA LEU B 49 -0.26 8.21 0.00
C LEU B 49 -0.27 7.95 -1.53
N LEU B 50 -0.08 6.68 -1.92
CA LEU B 50 -0.17 6.23 -3.34
C LEU B 50 -1.63 6.14 -3.80
N ARG B 51 -2.54 5.73 -2.87
CA ARG B 51 -3.98 5.59 -3.16
C ARG B 51 -4.63 6.98 -3.41
N GLU B 52 -4.11 8.02 -2.73
CA GLU B 52 -4.59 9.42 -2.91
C GLU B 52 -3.66 10.23 -3.86
N ASP B 53 -2.57 9.56 -4.33
CA ASP B 53 -1.64 10.09 -5.38
C ASP B 53 -0.88 11.37 -4.90
N LYS B 54 -0.86 11.58 -3.57
CA LYS B 54 -0.28 12.78 -2.92
C LYS B 54 1.26 12.77 -2.93
N VAL B 55 1.87 11.62 -3.29
CA VAL B 55 3.35 11.47 -3.31
C VAL B 55 3.85 10.84 -4.62
N VAL B 56 5.14 11.07 -4.89
CA VAL B 56 5.88 10.45 -5.98
C VAL B 56 7.06 9.61 -5.42
N THR B 57 7.19 8.39 -5.94
CA THR B 57 8.14 7.38 -5.44
C THR B 57 9.37 7.26 -6.36
N SER B 58 10.53 7.11 -5.72
CA SER B 58 11.84 6.90 -6.39
C SER B 58 12.69 5.92 -5.56
N GLU B 59 13.77 5.39 -6.15
CA GLU B 59 14.69 4.50 -5.43
C GLU B 59 16.10 5.09 -5.47
N VAL B 60 16.67 5.37 -4.28
CA VAL B 60 18.04 5.90 -4.15
C VAL B 60 18.98 4.76 -3.71
N GLU B 61 19.81 4.33 -4.67
CA GLU B 61 20.91 3.35 -4.48
C GLU B 61 20.46 2.06 -3.73
N GLY B 62 19.23 1.58 -4.04
CA GLY B 62 18.70 0.32 -3.49
C GLY B 62 17.74 0.46 -2.29
N GLU B 63 17.28 1.70 -1.94
CA GLU B 63 16.28 1.89 -0.85
C GLU B 63 15.11 2.82 -1.26
N ILE B 64 14.00 2.71 -0.50
CA ILE B 64 12.75 3.45 -0.75
C ILE B 64 12.89 4.95 -0.37
N PHE B 65 12.89 5.82 -1.39
CA PHE B 65 12.94 7.29 -1.22
C PHE B 65 11.65 7.94 -1.78
N VAL B 66 10.85 8.57 -0.92
CA VAL B 66 9.53 9.15 -1.31
C VAL B 66 9.49 10.67 -1.01
N LYS B 67 8.73 11.42 -1.83
CA LYS B 67 8.51 12.88 -1.63
C LYS B 67 7.09 13.26 -2.07
N LEU B 68 6.55 14.38 -1.54
CA LEU B 68 5.21 14.88 -1.93
C LEU B 68 5.20 15.37 -3.40
N VAL B 69 4.02 15.36 -4.05
CA VAL B 69 3.85 15.94 -5.40
C VAL B 69 3.68 17.48 -5.30
N LEU B 70 4.82 18.19 -5.17
CA LEU B 70 4.88 19.66 -5.29
C LEU B 70 4.76 20.04 -6.78
N GLU B 71 5.55 19.31 -7.60
CA GLU B 71 5.62 19.46 -9.07
C GLU B 71 6.19 20.82 -9.52
N HIS B 72 7.45 20.80 -9.97
CA HIS B 72 8.13 21.96 -10.61
C HIS B 72 9.25 21.44 -11.55
N HIS B 73 9.22 20.13 -11.85
CA HIS B 73 10.31 19.41 -12.55
C HIS B 73 9.89 18.92 -13.96
N HIS B 74 8.57 19.04 -14.28
CA HIS B 74 7.96 18.46 -15.52
C HIS B 74 8.71 18.83 -16.83
N HIS B 75 9.63 17.93 -17.24
CA HIS B 75 10.45 18.05 -18.46
C HIS B 75 10.75 16.64 -19.05
N HIS B 76 11.33 16.62 -20.27
CA HIS B 76 11.80 15.37 -20.92
C HIS B 76 13.10 14.86 -20.25
N HIS B 77 12.95 13.92 -19.29
CA HIS B 77 14.09 13.31 -18.56
C HIS B 77 14.85 12.27 -19.43
N MET A 1 10.13 0.05 -16.24
CA MET A 1 11.40 0.39 -15.52
C MET A 1 11.40 -0.17 -14.06
N LYS A 2 10.35 -0.93 -13.70
CA LYS A 2 10.20 -1.60 -12.38
C LYS A 2 10.00 -0.62 -11.19
N MET A 3 9.71 0.67 -11.48
CA MET A 3 9.49 1.70 -10.43
C MET A 3 8.32 1.34 -9.48
N LEU A 4 8.40 1.79 -8.22
CA LEU A 4 7.44 1.42 -7.13
C LEU A 4 5.95 1.59 -7.56
N LYS A 5 5.66 2.69 -8.29
CA LYS A 5 4.29 3.03 -8.72
C LYS A 5 3.76 2.04 -9.81
N GLU A 6 4.58 1.78 -10.85
CA GLU A 6 4.17 0.96 -12.01
C GLU A 6 4.07 -0.55 -11.65
N LYS A 7 5.00 -1.05 -10.81
CA LYS A 7 5.03 -2.46 -10.40
C LYS A 7 3.90 -2.77 -9.39
N ALA A 8 3.52 -1.76 -8.56
CA ALA A 8 2.38 -1.87 -7.62
C ALA A 8 1.05 -2.12 -8.38
N GLY A 9 0.87 -1.38 -9.50
CA GLY A 9 -0.27 -1.57 -10.40
C GLY A 9 -0.27 -2.93 -11.12
N ALA A 10 0.92 -3.35 -11.61
CA ALA A 10 1.09 -4.62 -12.34
C ALA A 10 0.77 -5.85 -11.46
N LEU A 11 1.29 -5.85 -10.22
CA LEU A 11 1.08 -6.95 -9.24
C LEU A 11 -0.38 -6.98 -8.71
N ALA A 12 -1.06 -5.82 -8.72
CA ALA A 12 -2.45 -5.68 -8.24
C ALA A 12 -3.45 -6.59 -9.01
N GLY A 13 -3.28 -6.65 -10.35
CA GLY A 13 -4.18 -7.41 -11.23
C GLY A 13 -4.39 -8.88 -10.84
N GLN A 14 -3.28 -9.61 -10.66
CA GLN A 14 -3.30 -11.06 -10.35
C GLN A 14 -3.84 -11.35 -8.93
N ILE A 15 -3.51 -10.47 -7.95
CA ILE A 15 -3.96 -10.62 -6.53
C ILE A 15 -5.50 -10.48 -6.44
N TRP A 16 -6.03 -9.47 -7.14
CA TRP A 16 -7.49 -9.22 -7.28
C TRP A 16 -8.21 -10.44 -7.91
N GLU A 17 -7.62 -10.99 -9.00
CA GLU A 17 -8.16 -12.16 -9.73
C GLU A 17 -8.09 -13.47 -8.90
N ALA A 18 -7.14 -13.54 -7.95
CA ALA A 18 -7.05 -14.66 -6.98
C ALA A 18 -8.23 -14.60 -5.96
N LEU A 19 -8.71 -13.38 -5.67
CA LEU A 19 -9.87 -13.14 -4.79
C LEU A 19 -11.21 -13.17 -5.57
N ASN A 20 -11.16 -12.98 -6.91
CA ASN A 20 -12.36 -12.97 -7.78
C ASN A 20 -12.96 -14.40 -7.91
N GLY A 21 -14.25 -14.54 -7.54
CA GLY A 21 -14.94 -15.84 -7.52
C GLY A 21 -14.93 -16.55 -6.16
N THR A 22 -14.05 -16.10 -5.24
CA THR A 22 -13.88 -16.70 -3.89
C THR A 22 -14.48 -15.79 -2.79
N GLU A 23 -14.55 -16.31 -1.54
CA GLU A 23 -15.02 -15.53 -0.37
C GLU A 23 -13.85 -14.78 0.34
N GLY A 24 -12.63 -14.89 -0.23
CA GLY A 24 -11.44 -14.22 0.31
C GLY A 24 -10.38 -15.18 0.87
N LEU A 25 -9.10 -14.80 0.69
CA LEU A 25 -7.93 -15.58 1.17
C LEU A 25 -7.01 -14.66 2.01
N THR A 26 -6.06 -15.27 2.74
CA THR A 26 -4.97 -14.50 3.41
C THR A 26 -3.77 -14.31 2.44
N GLN A 27 -2.80 -13.47 2.84
CA GLN A 27 -1.59 -13.21 2.03
C GLN A 27 -0.82 -14.52 1.70
N LYS A 28 -0.81 -15.45 2.66
CA LYS A 28 -0.14 -16.77 2.57
C LYS A 28 -0.71 -17.63 1.42
N GLN A 29 -2.04 -17.65 1.32
CA GLN A 29 -2.77 -18.46 0.32
C GLN A 29 -2.67 -17.84 -1.09
N ILE A 30 -2.74 -16.50 -1.14
CA ILE A 30 -2.63 -15.72 -2.41
C ILE A 30 -1.24 -15.86 -3.05
N LYS A 31 -0.17 -15.80 -2.23
CA LYS A 31 1.24 -15.95 -2.71
C LYS A 31 1.45 -17.27 -3.51
N LYS A 32 0.70 -18.33 -3.14
CA LYS A 32 0.70 -19.61 -3.89
C LYS A 32 -0.01 -19.47 -5.26
N ALA A 33 -1.22 -18.89 -5.21
CA ALA A 33 -2.13 -18.74 -6.39
C ALA A 33 -1.55 -17.79 -7.46
N THR A 34 -0.83 -16.75 -7.01
CA THR A 34 -0.24 -15.68 -7.87
C THR A 34 1.27 -15.89 -8.10
N LYS A 35 1.88 -16.83 -7.35
CA LYS A 35 3.32 -17.23 -7.50
C LYS A 35 4.27 -16.08 -7.02
N LEU A 36 3.76 -15.21 -6.12
CA LEU A 36 4.54 -14.11 -5.52
C LEU A 36 5.47 -14.64 -4.40
N LYS A 37 6.72 -14.97 -4.79
CA LYS A 37 7.76 -15.54 -3.90
C LYS A 37 8.08 -14.61 -2.70
N ALA A 38 8.03 -13.29 -2.93
CA ALA A 38 8.29 -12.25 -1.92
C ALA A 38 6.97 -11.60 -1.45
N ASP A 39 6.88 -11.33 -0.15
CA ASP A 39 5.76 -10.58 0.45
C ASP A 39 5.81 -9.10 0.00
N LYS A 40 7.03 -8.63 -0.34
CA LYS A 40 7.29 -7.32 -1.01
C LYS A 40 6.44 -7.12 -2.28
N ASP A 41 6.22 -8.22 -3.05
CA ASP A 41 5.34 -8.20 -4.23
C ASP A 41 3.86 -7.99 -3.81
N PHE A 42 3.48 -8.66 -2.71
CA PHE A 42 2.09 -8.69 -2.22
C PHE A 42 1.66 -7.32 -1.62
N PHE A 43 2.50 -6.71 -0.76
CA PHE A 43 2.13 -5.48 0.00
C PHE A 43 1.81 -4.28 -0.94
N LEU A 44 2.66 -4.10 -1.97
CA LEU A 44 2.54 -2.99 -2.93
C LEU A 44 1.35 -3.23 -3.91
N GLY A 45 1.14 -4.51 -4.30
CA GLY A 45 -0.05 -4.90 -5.09
C GLY A 45 -1.37 -4.70 -4.32
N LEU A 46 -1.38 -5.16 -3.07
CA LEU A 46 -2.53 -5.04 -2.14
C LEU A 46 -2.85 -3.56 -1.81
N GLY A 47 -1.78 -2.74 -1.77
CA GLY A 47 -1.90 -1.30 -1.55
C GLY A 47 -2.66 -0.60 -2.67
N TRP A 48 -2.54 -1.14 -3.89
CA TRP A 48 -3.29 -0.67 -5.06
C TRP A 48 -4.77 -1.15 -5.01
N LEU A 49 -4.99 -2.35 -4.46
CA LEU A 49 -6.35 -2.88 -4.19
C LEU A 49 -7.14 -2.00 -3.18
N LEU A 50 -6.43 -1.49 -2.16
CA LEU A 50 -6.99 -0.55 -1.17
C LEU A 50 -7.14 0.87 -1.78
N ARG A 51 -6.18 1.25 -2.67
CA ARG A 51 -6.14 2.59 -3.30
C ARG A 51 -7.38 2.86 -4.21
N GLU A 52 -7.89 1.80 -4.87
CA GLU A 52 -9.09 1.90 -5.75
C GLU A 52 -10.37 1.33 -5.08
N ASP A 53 -10.29 0.97 -3.77
CA ASP A 53 -11.43 0.43 -2.98
C ASP A 53 -11.97 -0.92 -3.53
N LYS A 54 -11.08 -1.68 -4.17
CA LYS A 54 -11.41 -2.96 -4.85
C LYS A 54 -11.71 -4.07 -3.82
N VAL A 55 -11.10 -3.94 -2.62
CA VAL A 55 -11.10 -4.99 -1.57
C VAL A 55 -11.34 -4.39 -0.16
N VAL A 56 -11.46 -5.28 0.83
CA VAL A 56 -11.49 -4.96 2.25
C VAL A 56 -10.53 -5.90 3.02
N THR A 57 -9.76 -5.32 3.94
CA THR A 57 -8.71 -6.04 4.70
C THR A 57 -9.09 -6.17 6.19
N SER A 58 -8.57 -7.25 6.82
CA SER A 58 -8.86 -7.61 8.22
C SER A 58 -7.64 -8.36 8.83
N GLU A 59 -7.68 -8.58 10.15
CA GLU A 59 -6.58 -9.26 10.87
C GLU A 59 -7.04 -10.64 11.37
N VAL A 60 -6.53 -11.71 10.73
CA VAL A 60 -6.77 -13.11 11.13
C VAL A 60 -5.46 -13.72 11.67
N GLU A 61 -5.45 -14.11 12.98
CA GLU A 61 -4.28 -14.72 13.70
C GLU A 61 -2.93 -13.99 13.46
N GLY A 62 -2.97 -12.64 13.52
CA GLY A 62 -1.78 -11.80 13.33
C GLY A 62 -1.27 -11.70 11.89
N GLU A 63 -2.12 -12.09 10.92
CA GLU A 63 -1.77 -12.07 9.47
C GLU A 63 -2.85 -11.29 8.68
N ILE A 64 -2.44 -10.72 7.52
CA ILE A 64 -3.34 -9.92 6.65
C ILE A 64 -4.32 -10.84 5.87
N PHE A 65 -5.61 -10.73 6.19
CA PHE A 65 -6.71 -11.35 5.42
C PHE A 65 -7.33 -10.29 4.50
N VAL A 66 -7.66 -10.68 3.26
CA VAL A 66 -8.29 -9.76 2.29
C VAL A 66 -9.39 -10.46 1.46
N LYS A 67 -10.44 -9.70 1.07
CA LYS A 67 -11.52 -10.19 0.17
C LYS A 67 -12.14 -9.01 -0.60
N LEU A 68 -12.72 -9.28 -1.79
CA LEU A 68 -13.32 -8.21 -2.64
C LEU A 68 -14.52 -7.53 -1.95
N VAL A 69 -14.73 -6.23 -2.26
CA VAL A 69 -15.96 -5.52 -1.85
C VAL A 69 -17.12 -5.94 -2.79
N LEU A 70 -17.86 -6.99 -2.37
CA LEU A 70 -19.08 -7.42 -3.07
C LEU A 70 -20.26 -6.50 -2.73
N GLU A 71 -21.21 -6.35 -3.67
CA GLU A 71 -22.38 -5.47 -3.51
C GLU A 71 -23.37 -6.03 -2.47
N HIS A 72 -24.14 -5.10 -1.86
CA HIS A 72 -25.16 -5.42 -0.84
C HIS A 72 -26.31 -4.39 -0.90
N HIS A 73 -27.44 -4.73 -0.25
CA HIS A 73 -28.73 -4.00 -0.40
C HIS A 73 -28.65 -2.52 0.07
N HIS A 74 -27.80 -2.21 1.08
CA HIS A 74 -27.56 -0.82 1.54
C HIS A 74 -26.13 -0.68 2.12
N HIS A 75 -25.31 0.21 1.52
CA HIS A 75 -23.92 0.46 1.99
C HIS A 75 -23.90 1.54 3.10
N HIS A 76 -23.29 1.21 4.25
CA HIS A 76 -23.25 2.12 5.43
C HIS A 76 -22.17 3.23 5.23
N HIS A 77 -22.64 4.41 4.84
CA HIS A 77 -21.79 5.60 4.60
C HIS A 77 -21.76 6.52 5.85
N MET B 1 -12.76 -1.07 17.05
CA MET B 1 -14.02 -1.27 16.35
C MET B 1 -13.87 -1.01 14.82
N LYS B 2 -12.90 -0.14 14.47
CA LYS B 2 -12.67 0.31 13.08
C LYS B 2 -11.83 -0.71 12.28
N MET B 3 -12.00 -0.68 10.94
CA MET B 3 -11.31 -1.60 10.00
C MET B 3 -9.87 -1.14 9.68
N LEU B 4 -9.11 -2.07 9.04
CA LEU B 4 -7.70 -1.87 8.63
C LEU B 4 -7.53 -0.63 7.69
N LYS B 5 -8.53 -0.39 6.82
CA LYS B 5 -8.52 0.74 5.86
C LYS B 5 -8.57 2.12 6.58
N GLU B 6 -9.38 2.20 7.65
CA GLU B 6 -9.65 3.47 8.37
C GLU B 6 -8.41 3.97 9.15
N LYS B 7 -7.68 3.04 9.80
CA LYS B 7 -6.42 3.35 10.49
C LYS B 7 -5.26 3.61 9.49
N ALA B 8 -5.34 3.00 8.28
CA ALA B 8 -4.37 3.26 7.18
C ALA B 8 -4.44 4.72 6.69
N GLY B 9 -5.68 5.26 6.63
CA GLY B 9 -5.92 6.67 6.30
C GLY B 9 -5.37 7.66 7.35
N ALA B 10 -5.39 7.25 8.63
CA ALA B 10 -4.79 8.04 9.74
C ALA B 10 -3.24 8.07 9.63
N LEU B 11 -2.64 6.90 9.37
CA LEU B 11 -1.17 6.73 9.17
C LEU B 11 -0.68 7.55 7.95
N ALA B 12 -1.54 7.67 6.93
CA ALA B 12 -1.27 8.48 5.72
C ALA B 12 -0.93 9.95 6.07
N GLY B 13 -1.71 10.52 7.01
CA GLY B 13 -1.54 11.90 7.46
C GLY B 13 -0.15 12.18 8.06
N GLN B 14 0.27 11.34 9.02
CA GLN B 14 1.55 11.52 9.74
C GLN B 14 2.80 11.26 8.84
N ILE B 15 2.67 10.31 7.88
CA ILE B 15 3.73 9.97 6.91
C ILE B 15 3.97 11.15 5.93
N TRP B 16 2.87 11.74 5.42
CA TRP B 16 2.90 12.95 4.57
C TRP B 16 3.53 14.14 5.34
N GLU B 17 3.13 14.30 6.61
CA GLU B 17 3.58 15.40 7.49
C GLU B 17 5.11 15.30 7.74
N ALA B 18 5.60 14.05 7.88
CA ALA B 18 7.05 13.74 8.04
C ALA B 18 7.86 14.21 6.80
N LEU B 19 7.26 14.05 5.61
CA LEU B 19 7.85 14.48 4.32
C LEU B 19 7.75 16.02 4.11
N ASN B 20 6.76 16.66 4.76
CA ASN B 20 6.53 18.11 4.58
C ASN B 20 7.64 18.94 5.28
N GLY B 21 8.17 19.94 4.55
CA GLY B 21 9.29 20.78 5.02
C GLY B 21 10.67 20.25 4.63
N THR B 22 10.72 19.09 3.93
CA THR B 22 11.97 18.49 3.40
C THR B 22 11.88 18.32 1.87
N GLU B 23 13.03 17.99 1.24
CA GLU B 23 13.09 17.65 -0.21
C GLU B 23 12.70 16.16 -0.46
N GLY B 24 12.31 15.46 0.63
CA GLY B 24 12.02 14.02 0.61
C GLY B 24 12.83 13.27 1.66
N LEU B 25 12.28 12.12 2.12
CA LEU B 25 12.92 11.26 3.14
C LEU B 25 12.84 9.79 2.71
N THR B 26 13.78 8.95 3.20
CA THR B 26 13.73 7.49 3.02
C THR B 26 12.72 6.86 3.98
N GLN B 27 12.36 5.58 3.75
CA GLN B 27 11.38 4.85 4.58
C GLN B 27 11.79 4.82 6.08
N LYS B 28 13.11 4.74 6.34
CA LYS B 28 13.69 4.78 7.70
C LYS B 28 13.52 6.18 8.35
N GLN B 29 13.75 7.26 7.58
CA GLN B 29 13.64 8.65 8.10
C GLN B 29 12.19 9.03 8.45
N ILE B 30 11.25 8.53 7.63
CA ILE B 30 9.79 8.68 7.90
C ILE B 30 9.38 7.81 9.11
N LYS B 31 9.92 6.57 9.16
CA LYS B 31 9.71 5.58 10.27
C LYS B 31 10.04 6.22 11.65
N LYS B 32 11.19 6.93 11.68
CA LYS B 32 11.70 7.64 12.86
C LYS B 32 10.80 8.86 13.22
N ALA B 33 10.45 9.66 12.19
CA ALA B 33 9.64 10.90 12.37
C ALA B 33 8.18 10.62 12.79
N THR B 34 7.64 9.45 12.39
CA THR B 34 6.27 9.00 12.75
C THR B 34 6.27 8.10 14.00
N LYS B 35 7.48 7.59 14.37
CA LYS B 35 7.71 6.74 15.56
C LYS B 35 6.97 5.35 15.43
N LEU B 36 6.79 4.91 14.18
CA LEU B 36 6.16 3.60 13.86
C LEU B 36 7.13 2.44 14.22
N LYS B 37 6.58 1.38 14.83
CA LYS B 37 7.36 0.17 15.22
C LYS B 37 7.50 -0.80 14.03
N ALA B 38 6.37 -1.10 13.36
CA ALA B 38 6.33 -2.00 12.18
C ALA B 38 6.33 -1.19 10.87
N ASP B 39 7.16 -1.63 9.91
CA ASP B 39 7.27 -1.02 8.55
C ASP B 39 5.96 -1.19 7.74
N LYS B 40 5.18 -2.22 8.13
CA LYS B 40 3.88 -2.54 7.50
C LYS B 40 2.85 -1.38 7.66
N ASP B 41 2.91 -0.68 8.81
CA ASP B 41 2.11 0.54 9.06
C ASP B 41 2.51 1.68 8.10
N PHE B 42 3.83 1.77 7.81
CA PHE B 42 4.37 2.71 6.81
C PHE B 42 3.87 2.36 5.38
N PHE B 43 3.91 1.07 5.01
CA PHE B 43 3.50 0.61 3.65
C PHE B 43 1.98 0.85 3.39
N LEU B 44 1.17 0.66 4.44
CA LEU B 44 -0.30 0.89 4.43
C LEU B 44 -0.63 2.40 4.28
N GLY B 45 0.07 3.24 5.06
CA GLY B 45 -0.11 4.70 5.00
C GLY B 45 0.39 5.32 3.68
N LEU B 46 1.58 4.88 3.23
CA LEU B 46 2.20 5.33 1.95
C LEU B 46 1.35 4.88 0.74
N GLY B 47 0.68 3.73 0.88
CA GLY B 47 -0.25 3.21 -0.14
C GLY B 47 -1.44 4.15 -0.37
N TRP B 48 -1.84 4.87 0.70
CA TRP B 48 -2.89 5.89 0.64
C TRP B 48 -2.36 7.20 -0.02
N LEU B 49 -1.06 7.48 0.13
CA LEU B 49 -0.39 8.62 -0.56
C LEU B 49 -0.28 8.35 -2.09
N LEU B 50 -0.12 7.07 -2.47
CA LEU B 50 -0.17 6.60 -3.89
C LEU B 50 -1.61 6.66 -4.43
N ARG B 51 -2.57 6.34 -3.53
CA ARG B 51 -4.02 6.48 -3.79
C ARG B 51 -4.40 7.92 -4.19
N GLU B 52 -3.91 8.89 -3.41
CA GLU B 52 -4.18 10.32 -3.65
C GLU B 52 -3.31 10.88 -4.81
N ASP B 53 -2.20 10.16 -5.15
CA ASP B 53 -1.15 10.62 -6.11
C ASP B 53 -0.48 11.92 -5.59
N LYS B 54 -0.48 12.06 -4.26
CA LYS B 54 -0.03 13.27 -3.54
C LYS B 54 1.50 13.23 -3.25
N VAL B 55 2.14 12.07 -3.57
CA VAL B 55 3.61 11.90 -3.43
C VAL B 55 4.25 11.24 -4.68
N VAL B 56 5.58 11.40 -4.77
CA VAL B 56 6.45 10.71 -5.75
C VAL B 56 7.28 9.62 -5.03
N THR B 57 7.25 8.36 -5.51
CA THR B 57 8.06 7.26 -4.96
C THR B 57 9.26 6.93 -5.87
N SER B 58 10.43 6.73 -5.24
CA SER B 58 11.73 6.49 -5.89
C SER B 58 12.58 5.55 -5.00
N GLU B 59 13.72 5.06 -5.52
CA GLU B 59 14.61 4.14 -4.76
C GLU B 59 16.04 4.73 -4.58
N VAL B 60 16.47 4.87 -3.31
CA VAL B 60 17.88 5.18 -2.96
C VAL B 60 18.55 3.92 -2.34
N GLU B 61 19.46 3.31 -3.13
CA GLU B 61 20.33 2.18 -2.71
C GLU B 61 19.54 0.96 -2.15
N GLY B 62 18.39 0.66 -2.77
CA GLY B 62 17.49 -0.42 -2.30
C GLY B 62 16.37 0.05 -1.36
N GLU B 63 16.60 1.16 -0.63
CA GLU B 63 15.60 1.75 0.29
C GLU B 63 14.57 2.62 -0.46
N ILE B 64 13.34 2.68 0.06
CA ILE B 64 12.24 3.47 -0.52
C ILE B 64 12.40 4.97 -0.16
N PHE B 65 12.81 5.79 -1.15
CA PHE B 65 12.87 7.27 -1.00
C PHE B 65 11.58 7.91 -1.56
N VAL B 66 10.82 8.58 -0.69
CA VAL B 66 9.57 9.28 -1.08
C VAL B 66 9.75 10.81 -0.93
N LYS B 67 9.09 11.60 -1.80
CA LYS B 67 9.07 13.08 -1.71
C LYS B 67 7.70 13.60 -2.17
N LEU B 68 7.26 14.77 -1.67
CA LEU B 68 5.92 15.32 -1.98
C LEU B 68 5.83 15.87 -3.43
N VAL B 69 4.64 15.72 -4.05
CA VAL B 69 4.29 16.43 -5.29
C VAL B 69 4.15 17.95 -4.98
N LEU B 70 4.74 18.81 -5.85
CA LEU B 70 4.83 20.27 -5.59
C LEU B 70 3.42 20.91 -5.42
N GLU B 71 3.11 21.29 -4.16
CA GLU B 71 1.79 21.86 -3.77
C GLU B 71 1.69 23.38 -4.03
N HIS B 72 2.78 23.97 -4.56
CA HIS B 72 2.92 25.44 -4.79
C HIS B 72 1.83 25.98 -5.74
N HIS B 73 0.68 26.42 -5.14
CA HIS B 73 -0.53 26.88 -5.87
C HIS B 73 -1.17 25.74 -6.73
N HIS B 74 -1.13 24.51 -6.18
CA HIS B 74 -1.80 23.31 -6.76
C HIS B 74 -2.95 22.82 -5.85
N HIS B 75 -3.36 23.64 -4.87
CA HIS B 75 -4.42 23.29 -3.90
C HIS B 75 -5.83 23.45 -4.56
N HIS B 76 -6.28 22.39 -5.24
CA HIS B 76 -7.61 22.32 -5.86
C HIS B 76 -8.17 20.88 -5.72
N HIS B 77 -8.88 20.63 -4.61
CA HIS B 77 -9.47 19.30 -4.30
C HIS B 77 -10.61 19.45 -3.29
N MET A 1 1.97 7.02 -17.33
CA MET A 1 2.79 6.43 -18.42
C MET A 1 4.20 6.05 -17.91
N LYS A 2 4.39 4.74 -17.63
CA LYS A 2 5.64 4.15 -17.10
C LYS A 2 6.01 4.69 -15.69
N MET A 3 5.42 4.07 -14.66
CA MET A 3 5.65 4.43 -13.24
C MET A 3 5.38 3.22 -12.32
N LEU A 4 6.05 3.19 -11.15
CA LEU A 4 5.88 2.11 -10.13
C LEU A 4 4.44 2.04 -9.54
N LYS A 5 3.66 3.12 -9.70
CA LYS A 5 2.20 3.13 -9.41
C LYS A 5 1.43 2.14 -10.34
N GLU A 6 1.73 2.24 -11.63
CA GLU A 6 1.12 1.41 -12.69
C GLU A 6 1.65 -0.05 -12.64
N LYS A 7 2.90 -0.20 -12.18
CA LYS A 7 3.50 -1.52 -11.88
C LYS A 7 2.78 -2.17 -10.67
N ALA A 8 2.52 -1.35 -9.62
CA ALA A 8 1.67 -1.75 -8.46
C ALA A 8 0.22 -2.06 -8.92
N GLY A 9 -0.23 -1.36 -9.97
CA GLY A 9 -1.54 -1.63 -10.61
C GLY A 9 -1.57 -2.93 -11.40
N ALA A 10 -0.42 -3.32 -11.99
CA ALA A 10 -0.26 -4.62 -12.68
C ALA A 10 -0.23 -5.80 -11.67
N LEU A 11 0.41 -5.54 -10.51
CA LEU A 11 0.39 -6.47 -9.35
C LEU A 11 -1.03 -6.56 -8.74
N ALA A 12 -1.75 -5.42 -8.76
CA ALA A 12 -3.13 -5.31 -8.25
C ALA A 12 -4.11 -6.25 -8.99
N GLY A 13 -4.04 -6.23 -10.33
CA GLY A 13 -4.93 -7.05 -11.19
C GLY A 13 -4.92 -8.55 -10.83
N GLN A 14 -3.72 -9.16 -10.80
CA GLN A 14 -3.57 -10.60 -10.54
C GLN A 14 -4.02 -10.99 -9.10
N ILE A 15 -3.84 -10.09 -8.11
CA ILE A 15 -4.25 -10.33 -6.70
C ILE A 15 -5.80 -10.32 -6.56
N TRP A 16 -6.47 -9.40 -7.29
CA TRP A 16 -7.95 -9.33 -7.35
C TRP A 16 -8.55 -10.64 -7.94
N GLU A 17 -8.04 -11.07 -9.12
CA GLU A 17 -8.45 -12.35 -9.77
C GLU A 17 -8.19 -13.57 -8.84
N ALA A 18 -7.14 -13.50 -8.01
CA ALA A 18 -6.81 -14.55 -7.01
C ALA A 18 -7.90 -14.65 -5.90
N LEU A 19 -8.38 -13.48 -5.45
CA LEU A 19 -9.44 -13.37 -4.41
C LEU A 19 -10.86 -13.60 -4.99
N ASN A 20 -11.00 -13.48 -6.33
CA ASN A 20 -12.27 -13.75 -7.04
C ASN A 20 -12.53 -15.28 -7.12
N GLY A 21 -13.78 -15.70 -6.87
CA GLY A 21 -14.16 -17.13 -6.87
C GLY A 21 -13.89 -17.84 -5.53
N THR A 22 -12.70 -17.58 -4.95
CA THR A 22 -12.30 -18.17 -3.64
C THR A 22 -13.02 -17.47 -2.45
N GLU A 23 -13.04 -18.15 -1.28
CA GLU A 23 -13.61 -17.58 -0.01
C GLU A 23 -12.81 -16.38 0.53
N GLY A 24 -11.62 -16.15 -0.05
CA GLY A 24 -10.64 -15.20 0.48
C GLY A 24 -9.35 -15.90 0.85
N LEU A 25 -8.20 -15.26 0.61
CA LEU A 25 -6.88 -15.89 0.77
C LEU A 25 -5.95 -15.02 1.65
N THR A 26 -4.98 -15.67 2.30
CA THR A 26 -3.93 -14.99 3.09
C THR A 26 -2.74 -14.59 2.18
N GLN A 27 -1.77 -13.79 2.68
CA GLN A 27 -0.59 -13.37 1.89
C GLN A 27 0.25 -14.60 1.41
N LYS A 28 0.20 -15.69 2.19
CA LYS A 28 0.83 -16.99 1.84
C LYS A 28 0.11 -17.70 0.65
N GLN A 29 -1.23 -17.69 0.68
CA GLN A 29 -2.07 -18.37 -0.33
C GLN A 29 -2.13 -17.58 -1.67
N ILE A 30 -2.21 -16.24 -1.57
CA ILE A 30 -2.15 -15.31 -2.72
C ILE A 30 -0.76 -15.37 -3.41
N LYS A 31 0.29 -15.61 -2.61
CA LYS A 31 1.68 -15.82 -3.10
C LYS A 31 1.72 -16.92 -4.19
N LYS A 32 1.05 -18.05 -3.89
CA LYS A 32 0.89 -19.19 -4.81
C LYS A 32 -0.02 -18.86 -6.02
N ALA A 33 -1.18 -18.23 -5.73
CA ALA A 33 -2.24 -17.94 -6.73
C ALA A 33 -1.77 -16.99 -7.85
N THR A 34 -1.03 -15.94 -7.46
CA THR A 34 -0.51 -14.89 -8.37
C THR A 34 0.87 -15.26 -8.99
N LYS A 35 1.47 -16.36 -8.50
CA LYS A 35 2.76 -16.92 -8.99
C LYS A 35 3.97 -15.98 -8.69
N LEU A 36 4.08 -15.57 -7.41
CA LEU A 36 5.23 -14.77 -6.91
C LEU A 36 5.77 -15.37 -5.58
N LYS A 37 6.89 -14.81 -5.09
CA LYS A 37 7.57 -15.30 -3.85
C LYS A 37 7.74 -14.15 -2.84
N ALA A 38 7.90 -12.91 -3.36
CA ALA A 38 8.07 -11.69 -2.53
C ALA A 38 6.70 -11.07 -2.16
N ASP A 39 6.33 -11.19 -0.87
CA ASP A 39 5.18 -10.47 -0.26
C ASP A 39 5.31 -8.92 -0.38
N LYS A 40 6.56 -8.45 -0.50
CA LYS A 40 6.89 -7.02 -0.75
C LYS A 40 6.12 -6.44 -1.97
N ASP A 41 6.05 -7.24 -3.06
CA ASP A 41 5.28 -6.89 -4.28
C ASP A 41 3.75 -6.97 -4.02
N PHE A 42 3.36 -7.97 -3.21
CA PHE A 42 1.95 -8.17 -2.79
C PHE A 42 1.38 -6.93 -2.04
N PHE A 43 2.19 -6.27 -1.19
CA PHE A 43 1.74 -5.08 -0.41
C PHE A 43 1.44 -3.87 -1.33
N LEU A 44 2.25 -3.71 -2.41
CA LEU A 44 2.03 -2.68 -3.46
C LEU A 44 0.71 -2.94 -4.23
N GLY A 45 0.47 -4.21 -4.59
CA GLY A 45 -0.75 -4.61 -5.31
C GLY A 45 -2.03 -4.51 -4.46
N LEU A 46 -1.99 -5.09 -3.24
CA LEU A 46 -3.14 -5.11 -2.31
C LEU A 46 -3.52 -3.67 -1.84
N GLY A 47 -2.48 -2.82 -1.71
CA GLY A 47 -2.67 -1.39 -1.37
C GLY A 47 -3.45 -0.64 -2.45
N TRP A 48 -3.28 -1.09 -3.70
CA TRP A 48 -4.02 -0.54 -4.86
C TRP A 48 -5.49 -1.07 -4.89
N LEU A 49 -5.69 -2.30 -4.38
CA LEU A 49 -7.06 -2.87 -4.17
C LEU A 49 -7.84 -2.06 -3.11
N LEU A 50 -7.13 -1.60 -2.07
CA LEU A 50 -7.71 -0.74 -1.01
C LEU A 50 -8.15 0.64 -1.55
N ARG A 51 -7.28 1.28 -2.38
CA ARG A 51 -7.54 2.66 -2.88
C ARG A 51 -8.76 2.77 -3.82
N GLU A 52 -9.17 1.66 -4.47
CA GLU A 52 -10.41 1.62 -5.29
C GLU A 52 -11.58 0.94 -4.54
N ASP A 53 -11.30 0.44 -3.31
CA ASP A 53 -12.29 -0.25 -2.44
C ASP A 53 -12.81 -1.54 -3.12
N LYS A 54 -11.86 -2.30 -3.67
CA LYS A 54 -12.15 -3.57 -4.39
C LYS A 54 -12.26 -4.75 -3.41
N VAL A 55 -11.59 -4.60 -2.24
CA VAL A 55 -11.42 -5.70 -1.25
C VAL A 55 -11.72 -5.26 0.20
N VAL A 56 -12.02 -6.26 1.06
CA VAL A 56 -12.13 -6.10 2.51
C VAL A 56 -11.13 -7.03 3.24
N THR A 57 -10.46 -6.47 4.27
CA THR A 57 -9.43 -7.18 5.07
C THR A 57 -10.01 -7.63 6.43
N SER A 58 -9.72 -8.88 6.80
CA SER A 58 -10.18 -9.52 8.05
C SER A 58 -8.96 -9.98 8.88
N GLU A 59 -9.03 -9.80 10.21
CA GLU A 59 -7.91 -10.09 11.12
C GLU A 59 -8.10 -11.49 11.78
N VAL A 60 -7.34 -12.49 11.31
CA VAL A 60 -7.30 -13.83 11.92
C VAL A 60 -5.89 -14.13 12.47
N GLU A 61 -5.78 -14.12 13.82
CA GLU A 61 -4.55 -14.50 14.58
C GLU A 61 -3.26 -13.78 14.08
N GLY A 62 -3.42 -12.49 13.70
CA GLY A 62 -2.31 -11.68 13.15
C GLY A 62 -2.13 -11.78 11.62
N GLU A 63 -2.61 -12.88 11.01
CA GLU A 63 -2.50 -13.12 9.55
C GLU A 63 -3.42 -12.18 8.75
N ILE A 64 -2.89 -11.65 7.63
CA ILE A 64 -3.66 -10.84 6.68
C ILE A 64 -4.56 -11.78 5.83
N PHE A 65 -5.82 -11.96 6.26
CA PHE A 65 -6.84 -12.70 5.51
C PHE A 65 -7.73 -11.69 4.76
N VAL A 66 -7.50 -11.53 3.46
CA VAL A 66 -8.21 -10.53 2.63
C VAL A 66 -9.04 -11.23 1.54
N LYS A 67 -10.13 -10.59 1.12
CA LYS A 67 -11.03 -11.07 0.04
C LYS A 67 -11.68 -9.87 -0.64
N LEU A 68 -12.49 -10.09 -1.68
CA LEU A 68 -13.24 -9.01 -2.34
C LEU A 68 -14.35 -8.44 -1.43
N VAL A 69 -14.92 -7.28 -1.82
CA VAL A 69 -16.13 -6.70 -1.16
C VAL A 69 -17.31 -7.70 -1.18
N LEU A 70 -17.35 -8.57 -2.23
CA LEU A 70 -18.30 -9.71 -2.35
C LEU A 70 -18.26 -10.59 -1.07
N GLU A 71 -19.24 -10.36 -0.17
CA GLU A 71 -19.27 -10.98 1.16
C GLU A 71 -19.59 -12.50 1.07
N HIS A 72 -18.59 -13.32 1.47
CA HIS A 72 -18.70 -14.79 1.49
C HIS A 72 -17.77 -15.35 2.61
N HIS A 73 -18.39 -15.75 3.75
CA HIS A 73 -17.68 -16.24 4.97
C HIS A 73 -16.77 -15.15 5.60
N HIS A 74 -17.36 -14.30 6.45
CA HIS A 74 -16.61 -13.26 7.22
C HIS A 74 -16.03 -13.89 8.51
N HIS A 75 -14.72 -13.69 8.74
CA HIS A 75 -14.00 -14.26 9.92
C HIS A 75 -13.24 -13.15 10.69
N HIS A 76 -13.06 -13.36 12.01
CA HIS A 76 -12.23 -12.49 12.88
C HIS A 76 -11.70 -13.28 14.10
N HIS A 77 -10.60 -12.78 14.70
CA HIS A 77 -9.98 -13.41 15.89
C HIS A 77 -9.25 -12.33 16.73
N MET B 1 -17.56 1.44 8.78
CA MET B 1 -16.80 2.62 9.27
C MET B 1 -15.53 2.18 10.05
N LYS B 2 -14.44 2.97 9.89
CA LYS B 2 -13.15 2.77 10.60
C LYS B 2 -12.49 1.40 10.29
N MET B 3 -12.58 0.98 9.02
CA MET B 3 -11.90 -0.22 8.48
C MET B 3 -10.34 -0.06 8.54
N LEU B 4 -9.60 -1.17 8.37
CA LEU B 4 -8.10 -1.16 8.32
C LEU B 4 -7.56 -0.15 7.26
N LYS B 5 -8.35 0.06 6.19
CA LYS B 5 -8.09 1.08 5.15
C LYS B 5 -8.24 2.53 5.70
N GLU B 6 -9.40 2.81 6.35
CA GLU B 6 -9.75 4.16 6.86
C GLU B 6 -8.71 4.70 7.87
N LYS B 7 -8.35 3.86 8.86
CA LYS B 7 -7.34 4.21 9.90
C LYS B 7 -5.90 4.35 9.32
N ALA B 8 -5.61 3.61 8.24
CA ALA B 8 -4.34 3.72 7.48
C ALA B 8 -4.14 5.15 6.90
N GLY B 9 -5.26 5.87 6.71
CA GLY B 9 -5.25 7.29 6.33
C GLY B 9 -4.63 8.22 7.41
N ALA B 10 -4.77 7.85 8.69
CA ALA B 10 -4.12 8.57 9.82
C ALA B 10 -2.58 8.44 9.76
N LEU B 11 -2.10 7.23 9.43
CA LEU B 11 -0.66 6.96 9.21
C LEU B 11 -0.13 7.74 7.98
N ALA B 12 -0.98 7.82 6.93
CA ALA B 12 -0.69 8.59 5.70
C ALA B 12 -0.45 10.09 5.97
N GLY B 13 -1.36 10.68 6.75
CA GLY B 13 -1.31 12.11 7.07
C GLY B 13 0.01 12.57 7.69
N GLN B 14 0.42 11.88 8.77
CA GLN B 14 1.66 12.18 9.53
C GLN B 14 2.96 11.92 8.69
N ILE B 15 2.95 10.87 7.82
CA ILE B 15 4.09 10.55 6.92
C ILE B 15 4.32 11.69 5.88
N TRP B 16 3.23 12.18 5.30
CA TRP B 16 3.25 13.35 4.38
C TRP B 16 3.81 14.62 5.10
N GLU B 17 3.37 14.82 6.37
CA GLU B 17 3.81 15.96 7.22
C GLU B 17 5.32 15.87 7.60
N ALA B 18 5.83 14.63 7.71
CA ALA B 18 7.28 14.37 7.94
C ALA B 18 8.13 14.75 6.68
N LEU B 19 7.53 14.54 5.50
CA LEU B 19 8.13 14.90 4.19
C LEU B 19 7.98 16.41 3.86
N ASN B 20 6.94 17.05 4.42
CA ASN B 20 6.59 18.45 4.07
C ASN B 20 7.69 19.46 4.49
N GLY B 21 8.14 20.27 3.52
CA GLY B 21 9.20 21.26 3.74
C GLY B 21 10.62 20.75 3.43
N THR B 22 10.87 19.45 3.71
CA THR B 22 12.18 18.80 3.45
C THR B 22 12.30 18.29 2.00
N GLU B 23 13.53 17.93 1.60
CA GLU B 23 13.83 17.29 0.30
C GLU B 23 13.66 15.75 0.38
N GLY B 24 12.68 15.30 1.18
CA GLY B 24 12.34 13.88 1.29
C GLY B 24 13.15 13.13 2.33
N LEU B 25 12.60 12.00 2.80
CA LEU B 25 13.19 11.16 3.87
C LEU B 25 13.08 9.66 3.50
N THR B 26 13.97 8.82 4.06
CA THR B 26 13.90 7.34 3.93
C THR B 26 12.78 6.77 4.82
N GLN B 27 12.48 5.45 4.67
CA GLN B 27 11.54 4.72 5.56
C GLN B 27 11.99 4.85 7.05
N LYS B 28 13.31 4.76 7.27
CA LYS B 28 13.94 4.93 8.60
C LYS B 28 13.67 6.35 9.20
N GLN B 29 14.00 7.40 8.41
CA GLN B 29 13.90 8.82 8.85
C GLN B 29 12.44 9.26 9.11
N ILE B 30 11.51 8.76 8.27
CA ILE B 30 10.07 8.98 8.45
C ILE B 30 9.55 8.27 9.72
N LYS B 31 9.97 7.00 9.92
CA LYS B 31 9.61 6.22 11.13
C LYS B 31 10.15 6.88 12.43
N LYS B 32 11.24 7.65 12.32
CA LYS B 32 11.76 8.48 13.44
C LYS B 32 10.83 9.70 13.71
N ALA B 33 10.56 10.49 12.66
CA ALA B 33 9.78 11.76 12.76
C ALA B 33 8.30 11.53 13.18
N THR B 34 7.72 10.41 12.72
CA THR B 34 6.30 10.03 13.00
C THR B 34 6.19 8.99 14.14
N LYS B 35 7.34 8.39 14.53
CA LYS B 35 7.47 7.34 15.57
C LYS B 35 6.51 6.13 15.34
N LEU B 36 6.54 5.62 14.08
CA LEU B 36 5.79 4.39 13.67
C LEU B 36 6.34 3.14 14.40
N LYS B 37 5.42 2.20 14.75
CA LYS B 37 5.75 0.98 15.53
C LYS B 37 6.55 -0.06 14.68
N ALA B 38 5.97 -0.47 13.55
CA ALA B 38 6.52 -1.56 12.71
C ALA B 38 6.83 -1.10 11.26
N ASP B 39 7.46 -2.02 10.51
CA ASP B 39 7.77 -1.88 9.08
C ASP B 39 6.48 -1.65 8.23
N LYS B 40 5.41 -2.36 8.64
CA LYS B 40 4.11 -2.39 7.92
C LYS B 40 3.36 -1.03 8.00
N ASP B 41 3.51 -0.33 9.15
CA ASP B 41 2.90 1.00 9.42
C ASP B 41 3.20 2.02 8.29
N PHE B 42 4.41 1.89 7.72
CA PHE B 42 4.89 2.77 6.66
C PHE B 42 4.18 2.52 5.31
N PHE B 43 3.97 1.23 4.95
CA PHE B 43 3.37 0.84 3.66
C PHE B 43 1.87 1.22 3.56
N LEU B 44 1.16 1.16 4.72
CA LEU B 44 -0.25 1.62 4.83
C LEU B 44 -0.36 3.14 4.57
N GLY B 45 0.64 3.90 5.07
CA GLY B 45 0.70 5.34 4.89
C GLY B 45 1.13 5.77 3.48
N LEU B 46 2.35 5.36 3.08
CA LEU B 46 2.96 5.70 1.77
C LEU B 46 2.10 5.24 0.56
N GLY B 47 1.43 4.09 0.72
CA GLY B 47 0.54 3.54 -0.32
C GLY B 47 -0.69 4.43 -0.58
N TRP B 48 -1.12 5.11 0.49
CA TRP B 48 -2.20 6.11 0.45
C TRP B 48 -1.71 7.44 -0.21
N LEU B 49 -0.44 7.78 0.02
CA LEU B 49 0.23 8.95 -0.63
C LEU B 49 0.38 8.72 -2.16
N LEU B 50 0.62 7.45 -2.53
CA LEU B 50 0.66 6.98 -3.95
C LEU B 50 -0.75 6.95 -4.59
N ARG B 51 -1.79 6.61 -3.78
CA ARG B 51 -3.19 6.52 -4.27
C ARG B 51 -3.71 7.87 -4.82
N GLU B 52 -3.15 8.98 -4.31
CA GLU B 52 -3.48 10.37 -4.74
C GLU B 52 -2.28 11.04 -5.45
N ASP B 53 -1.11 10.34 -5.52
CA ASP B 53 0.18 10.83 -6.10
C ASP B 53 0.58 12.24 -5.59
N LYS B 54 0.56 12.38 -4.25
CA LYS B 54 1.06 13.58 -3.55
C LYS B 54 2.59 13.45 -3.26
N VAL B 55 3.15 12.27 -3.58
CA VAL B 55 4.59 11.95 -3.41
C VAL B 55 5.21 11.36 -4.69
N VAL B 56 6.56 11.44 -4.77
CA VAL B 56 7.37 10.67 -5.72
C VAL B 56 8.29 9.71 -4.95
N THR B 57 8.20 8.41 -5.24
CA THR B 57 8.92 7.35 -4.48
C THR B 57 10.12 6.82 -5.30
N SER B 58 11.19 6.43 -4.59
CA SER B 58 12.44 5.91 -5.18
C SER B 58 13.02 4.80 -4.29
N GLU B 59 13.99 4.06 -4.85
CA GLU B 59 14.72 3.01 -4.11
C GLU B 59 16.22 3.35 -4.06
N VAL B 60 16.76 3.46 -2.83
CA VAL B 60 18.20 3.66 -2.58
C VAL B 60 18.79 2.39 -1.92
N GLU B 61 19.56 1.64 -2.72
CA GLU B 61 20.40 0.49 -2.28
C GLU B 61 19.63 -0.51 -1.36
N GLY B 62 18.44 -0.93 -1.82
CA GLY B 62 17.56 -1.86 -1.08
C GLY B 62 16.52 -1.19 -0.16
N GLU B 63 16.82 0.04 0.32
CA GLU B 63 15.90 0.82 1.20
C GLU B 63 14.99 1.76 0.37
N ILE B 64 13.82 2.10 0.94
CA ILE B 64 12.86 3.04 0.31
C ILE B 64 13.17 4.50 0.73
N PHE B 65 13.40 5.37 -0.27
CA PHE B 65 13.58 6.83 -0.09
C PHE B 65 12.52 7.57 -0.93
N VAL B 66 11.74 8.46 -0.28
CA VAL B 66 10.59 9.14 -0.94
C VAL B 66 10.65 10.68 -0.74
N LYS B 67 10.02 11.42 -1.67
CA LYS B 67 9.85 12.90 -1.60
C LYS B 67 8.38 13.27 -1.87
N LEU B 68 8.04 14.56 -1.78
CA LEU B 68 6.75 15.09 -2.31
C LEU B 68 6.88 15.44 -3.81
N VAL B 69 5.73 15.53 -4.52
CA VAL B 69 5.69 16.04 -5.91
C VAL B 69 5.98 17.57 -5.90
N LEU B 70 7.06 17.98 -6.60
CA LEU B 70 7.57 19.37 -6.56
C LEU B 70 6.90 20.25 -7.64
N GLU B 71 5.59 20.49 -7.45
CA GLU B 71 4.75 21.35 -8.33
C GLU B 71 5.15 22.84 -8.24
N HIS B 72 5.55 23.27 -7.02
CA HIS B 72 6.06 24.65 -6.76
C HIS B 72 7.44 24.93 -7.42
N HIS B 73 8.09 23.89 -7.97
CA HIS B 73 9.43 24.01 -8.62
C HIS B 73 9.35 23.63 -10.12
N HIS B 74 10.17 24.31 -10.94
CA HIS B 74 10.26 24.06 -12.39
C HIS B 74 11.03 22.72 -12.64
N HIS B 75 10.26 21.63 -12.75
CA HIS B 75 10.77 20.31 -13.20
C HIS B 75 10.59 20.17 -14.74
N HIS B 76 11.14 19.09 -15.33
CA HIS B 76 11.04 18.84 -16.79
C HIS B 76 9.59 18.45 -17.21
N HIS B 77 9.16 18.95 -18.39
CA HIS B 77 7.80 18.71 -18.93
C HIS B 77 7.86 17.78 -20.15
N MET A 1 8.24 4.67 -19.20
CA MET A 1 7.41 3.63 -19.84
C MET A 1 6.63 2.81 -18.78
N LYS A 2 7.35 2.02 -17.96
CA LYS A 2 6.73 1.24 -16.86
C LYS A 2 6.99 1.94 -15.50
N MET A 3 5.98 2.69 -15.03
CA MET A 3 6.03 3.39 -13.72
C MET A 3 6.01 2.39 -12.53
N LEU A 4 6.41 2.87 -11.34
CA LEU A 4 6.25 2.11 -10.08
C LEU A 4 4.76 1.92 -9.74
N LYS A 5 3.93 2.86 -10.20
CA LYS A 5 2.45 2.74 -10.17
C LYS A 5 1.94 1.68 -11.19
N GLU A 6 2.58 1.62 -12.37
CA GLU A 6 2.19 0.72 -13.47
C GLU A 6 2.36 -0.77 -13.07
N LYS A 7 3.56 -1.13 -12.56
CA LYS A 7 3.85 -2.51 -12.09
C LYS A 7 3.00 -2.87 -10.84
N ALA A 8 2.69 -1.86 -10.00
CA ALA A 8 1.79 -2.03 -8.82
C ALA A 8 0.36 -2.40 -9.27
N GLY A 9 -0.08 -1.78 -10.39
CA GLY A 9 -1.35 -2.12 -11.03
C GLY A 9 -1.35 -3.52 -11.70
N ALA A 10 -0.18 -3.93 -12.22
CA ALA A 10 0.02 -5.26 -12.84
C ALA A 10 -0.10 -6.40 -11.79
N LEU A 11 0.48 -6.17 -10.61
CA LEU A 11 0.42 -7.11 -9.46
C LEU A 11 -0.96 -7.05 -8.79
N ALA A 12 -1.58 -5.85 -8.83
CA ALA A 12 -2.94 -5.61 -8.33
C ALA A 12 -3.99 -6.53 -9.00
N GLY A 13 -4.03 -6.49 -10.35
CA GLY A 13 -4.95 -7.33 -11.14
C GLY A 13 -4.86 -8.83 -10.82
N GLN A 14 -3.64 -9.29 -10.45
CA GLN A 14 -3.37 -10.70 -10.10
C GLN A 14 -3.95 -11.07 -8.72
N ILE A 15 -3.71 -10.20 -7.70
CA ILE A 15 -4.25 -10.40 -6.33
C ILE A 15 -5.80 -10.31 -6.34
N TRP A 16 -6.32 -9.31 -7.07
CA TRP A 16 -7.77 -9.10 -7.29
C TRP A 16 -8.45 -10.38 -7.85
N GLU A 17 -7.84 -10.93 -8.91
CA GLU A 17 -8.36 -12.14 -9.60
C GLU A 17 -8.26 -13.40 -8.72
N ALA A 18 -7.27 -13.44 -7.81
CA ALA A 18 -7.12 -14.51 -6.79
C ALA A 18 -8.27 -14.45 -5.74
N LEU A 19 -8.68 -13.21 -5.39
CA LEU A 19 -9.81 -12.96 -4.46
C LEU A 19 -11.19 -13.09 -5.16
N ASN A 20 -11.20 -12.88 -6.49
CA ASN A 20 -12.43 -12.95 -7.32
C ASN A 20 -13.04 -14.37 -7.29
N GLY A 21 -14.29 -14.46 -6.80
CA GLY A 21 -14.98 -15.75 -6.60
C GLY A 21 -14.98 -16.23 -5.14
N THR A 22 -13.88 -15.95 -4.40
CA THR A 22 -13.67 -16.44 -3.00
C THR A 22 -14.22 -15.46 -1.93
N GLU A 23 -14.22 -15.92 -0.65
CA GLU A 23 -14.59 -15.09 0.52
C GLU A 23 -13.36 -14.40 1.14
N GLY A 24 -12.17 -14.58 0.54
CA GLY A 24 -10.92 -13.99 1.03
C GLY A 24 -9.81 -14.98 1.32
N LEU A 25 -8.56 -14.55 1.12
CA LEU A 25 -7.35 -15.34 1.42
C LEU A 25 -6.43 -14.53 2.36
N THR A 26 -5.51 -15.23 3.07
CA THR A 26 -4.46 -14.58 3.89
C THR A 26 -3.19 -14.35 3.03
N GLN A 27 -2.21 -13.62 3.61
CA GLN A 27 -0.96 -13.21 2.90
C GLN A 27 -0.22 -14.41 2.24
N LYS A 28 0.00 -15.49 3.01
CA LYS A 28 0.76 -16.67 2.53
C LYS A 28 -0.04 -17.49 1.46
N GLN A 29 -1.38 -17.48 1.54
CA GLN A 29 -2.25 -18.10 0.50
C GLN A 29 -2.15 -17.34 -0.85
N ILE A 30 -2.18 -16.00 -0.79
CA ILE A 30 -2.05 -15.12 -1.98
C ILE A 30 -0.61 -15.19 -2.56
N LYS A 31 0.40 -15.36 -1.67
CA LYS A 31 1.81 -15.59 -2.07
C LYS A 31 1.95 -16.74 -3.08
N LYS A 32 1.22 -17.84 -2.85
CA LYS A 32 1.20 -19.00 -3.75
C LYS A 32 0.48 -18.67 -5.09
N ALA A 33 -0.70 -18.05 -5.00
CA ALA A 33 -1.56 -17.74 -6.17
C ALA A 33 -0.89 -16.74 -7.17
N THR A 34 -0.28 -15.68 -6.62
CA THR A 34 0.31 -14.57 -7.41
C THR A 34 1.85 -14.69 -7.57
N LYS A 35 2.47 -15.60 -6.78
CA LYS A 35 3.91 -15.95 -6.87
C LYS A 35 4.85 -14.75 -6.55
N LEU A 36 4.36 -13.83 -5.69
CA LEU A 36 5.12 -12.61 -5.30
C LEU A 36 6.24 -12.97 -4.29
N LYS A 37 7.49 -12.72 -4.68
CA LYS A 37 8.67 -13.08 -3.87
C LYS A 37 8.79 -12.21 -2.60
N ALA A 38 8.77 -10.88 -2.78
CA ALA A 38 8.98 -9.92 -1.68
C ALA A 38 7.65 -9.45 -1.09
N ASP A 39 7.70 -9.03 0.18
CA ASP A 39 6.56 -8.47 0.94
C ASP A 39 5.99 -7.20 0.27
N LYS A 40 6.92 -6.38 -0.27
CA LYS A 40 6.65 -5.06 -0.88
C LYS A 40 5.63 -5.15 -2.04
N ASP A 41 5.90 -6.09 -2.97
CA ASP A 41 5.05 -6.37 -4.15
C ASP A 41 3.59 -6.71 -3.74
N PHE A 42 3.45 -7.42 -2.62
CA PHE A 42 2.13 -7.77 -2.04
C PHE A 42 1.37 -6.50 -1.53
N PHE A 43 2.08 -5.61 -0.82
CA PHE A 43 1.49 -4.36 -0.23
C PHE A 43 1.11 -3.33 -1.33
N LEU A 44 1.95 -3.19 -2.37
CA LEU A 44 1.69 -2.31 -3.53
C LEU A 44 0.57 -2.88 -4.42
N GLY A 45 0.47 -4.23 -4.47
CA GLY A 45 -0.61 -4.91 -5.19
C GLY A 45 -1.98 -4.69 -4.54
N LEU A 46 -2.14 -5.16 -3.28
CA LEU A 46 -3.42 -5.04 -2.53
C LEU A 46 -3.69 -3.57 -2.15
N GLY A 47 -2.62 -2.75 -2.07
CA GLY A 47 -2.74 -1.31 -1.81
C GLY A 47 -3.39 -0.56 -2.97
N TRP A 48 -3.18 -1.08 -4.20
CA TRP A 48 -3.87 -0.58 -5.41
C TRP A 48 -5.34 -1.08 -5.45
N LEU A 49 -5.59 -2.25 -4.85
CA LEU A 49 -6.96 -2.77 -4.59
C LEU A 49 -7.72 -1.85 -3.59
N LEU A 50 -6.99 -1.31 -2.59
CA LEU A 50 -7.53 -0.31 -1.65
C LEU A 50 -7.71 1.06 -2.34
N ARG A 51 -6.77 1.39 -3.28
CA ARG A 51 -6.71 2.72 -3.96
C ARG A 51 -8.02 3.05 -4.73
N GLU A 52 -8.58 2.04 -5.42
CA GLU A 52 -9.85 2.16 -6.18
C GLU A 52 -11.04 1.51 -5.45
N ASP A 53 -10.80 1.05 -4.20
CA ASP A 53 -11.83 0.44 -3.31
C ASP A 53 -12.44 -0.82 -3.94
N LYS A 54 -11.56 -1.62 -4.59
CA LYS A 54 -11.89 -2.93 -5.17
C LYS A 54 -12.11 -3.99 -4.07
N VAL A 55 -11.50 -3.76 -2.88
CA VAL A 55 -11.48 -4.76 -1.77
C VAL A 55 -11.82 -4.15 -0.39
N VAL A 56 -12.09 -5.07 0.54
CA VAL A 56 -12.21 -4.80 1.97
C VAL A 56 -11.31 -5.80 2.74
N THR A 57 -10.64 -5.31 3.79
CA THR A 57 -9.62 -6.08 4.53
C THR A 57 -10.19 -6.63 5.85
N SER A 58 -9.40 -7.50 6.51
CA SER A 58 -9.70 -8.03 7.85
C SER A 58 -8.43 -8.63 8.47
N GLU A 59 -8.46 -8.87 9.79
CA GLU A 59 -7.35 -9.49 10.54
C GLU A 59 -7.73 -10.92 10.97
N VAL A 60 -6.98 -11.92 10.50
CA VAL A 60 -7.09 -13.32 11.00
C VAL A 60 -5.76 -13.74 11.64
N GLU A 61 -5.76 -13.92 12.97
CA GLU A 61 -4.62 -14.45 13.75
C GLU A 61 -3.35 -13.54 13.68
N GLY A 62 -3.58 -12.20 13.63
CA GLY A 62 -2.50 -11.21 13.46
C GLY A 62 -1.95 -11.12 12.02
N GLU A 63 -2.68 -11.70 11.05
CA GLU A 63 -2.25 -11.79 9.62
C GLU A 63 -3.20 -11.00 8.70
N ILE A 64 -2.64 -10.50 7.58
CA ILE A 64 -3.41 -9.72 6.57
C ILE A 64 -4.34 -10.65 5.75
N PHE A 65 -5.65 -10.50 5.97
CA PHE A 65 -6.72 -11.26 5.29
C PHE A 65 -7.60 -10.32 4.46
N VAL A 66 -7.41 -10.31 3.14
CA VAL A 66 -8.13 -9.38 2.21
C VAL A 66 -9.14 -10.14 1.33
N LYS A 67 -10.22 -9.45 0.92
CA LYS A 67 -11.28 -10.00 0.02
C LYS A 67 -11.92 -8.87 -0.78
N LEU A 68 -12.56 -9.17 -1.92
CA LEU A 68 -13.26 -8.13 -2.72
C LEU A 68 -14.41 -7.45 -1.91
N VAL A 69 -14.90 -6.28 -2.37
CA VAL A 69 -16.08 -5.62 -1.77
C VAL A 69 -17.35 -6.48 -2.04
N LEU A 70 -17.59 -7.43 -1.14
CA LEU A 70 -18.74 -8.35 -1.17
C LEU A 70 -19.59 -8.16 0.10
N GLU A 71 -20.91 -8.07 -0.07
CA GLU A 71 -21.84 -7.80 1.05
C GLU A 71 -22.14 -9.09 1.88
N HIS A 72 -21.30 -9.32 2.90
CA HIS A 72 -21.48 -10.39 3.89
C HIS A 72 -21.20 -9.85 5.31
N HIS A 73 -22.28 -9.71 6.10
CA HIS A 73 -22.21 -9.31 7.52
C HIS A 73 -21.39 -10.35 8.32
N HIS A 74 -20.13 -9.99 8.61
CA HIS A 74 -19.17 -10.88 9.31
C HIS A 74 -18.79 -10.27 10.67
N HIS A 75 -19.05 -11.01 11.76
CA HIS A 75 -18.73 -10.57 13.13
C HIS A 75 -17.20 -10.57 13.36
N HIS A 76 -16.58 -9.41 13.09
CA HIS A 76 -15.14 -9.18 13.34
C HIS A 76 -14.87 -7.65 13.45
N HIS A 77 -14.34 -7.23 14.61
CA HIS A 77 -14.01 -5.80 14.86
C HIS A 77 -12.77 -5.31 14.06
N MET B 1 -15.38 0.70 14.63
CA MET B 1 -14.64 -0.47 14.16
C MET B 1 -13.56 -0.06 13.13
N LYS B 2 -12.29 0.06 13.58
CA LYS B 2 -11.16 0.35 12.67
C LYS B 2 -10.66 -0.94 11.98
N MET B 3 -10.60 -0.91 10.64
CA MET B 3 -10.08 -2.03 9.83
C MET B 3 -8.65 -1.71 9.32
N LEU B 4 -7.98 -2.71 8.72
CA LEU B 4 -6.60 -2.57 8.15
C LEU B 4 -6.56 -1.47 7.05
N LYS B 5 -7.73 -1.23 6.41
CA LYS B 5 -7.94 -0.14 5.43
C LYS B 5 -7.92 1.24 6.11
N GLU B 6 -8.72 1.39 7.19
CA GLU B 6 -8.94 2.69 7.86
C GLU B 6 -7.62 3.23 8.51
N LYS B 7 -6.93 2.35 9.26
CA LYS B 7 -5.66 2.70 9.95
C LYS B 7 -4.53 2.98 8.93
N ALA B 8 -4.61 2.38 7.72
CA ALA B 8 -3.68 2.67 6.60
C ALA B 8 -3.80 4.15 6.16
N GLY B 9 -5.06 4.63 6.08
CA GLY B 9 -5.36 6.02 5.75
C GLY B 9 -5.01 7.01 6.87
N ALA B 10 -5.13 6.56 8.13
CA ALA B 10 -4.74 7.35 9.31
C ALA B 10 -3.21 7.58 9.35
N LEU B 11 -2.43 6.48 9.24
CA LEU B 11 -0.95 6.51 9.20
C LEU B 11 -0.43 7.31 7.98
N ALA B 12 -1.15 7.22 6.85
CA ALA B 12 -0.83 7.97 5.61
C ALA B 12 -0.72 9.49 5.85
N GLY B 13 -1.61 10.02 6.71
CA GLY B 13 -1.60 11.43 7.10
C GLY B 13 -0.28 11.90 7.75
N GLN B 14 0.18 11.15 8.77
CA GLN B 14 1.41 11.49 9.53
C GLN B 14 2.71 11.21 8.72
N ILE B 15 2.69 10.17 7.86
CA ILE B 15 3.84 9.84 6.96
C ILE B 15 4.05 10.98 5.92
N TRP B 16 2.93 11.45 5.34
CA TRP B 16 2.94 12.61 4.41
C TRP B 16 3.43 13.90 5.10
N GLU B 17 2.97 14.10 6.35
CA GLU B 17 3.31 15.27 7.20
C GLU B 17 4.85 15.34 7.46
N ALA B 18 5.47 14.16 7.64
CA ALA B 18 6.95 14.05 7.78
C ALA B 18 7.69 14.50 6.49
N LEU B 19 7.09 14.18 5.33
CA LEU B 19 7.64 14.54 4.00
C LEU B 19 7.29 16.01 3.60
N ASN B 20 6.25 16.57 4.23
CA ASN B 20 5.75 17.93 3.95
C ASN B 20 6.75 19.00 4.46
N GLY B 21 7.10 19.94 3.57
CA GLY B 21 8.04 21.03 3.89
C GLY B 21 9.52 20.61 3.94
N THR B 22 9.82 19.33 3.63
CA THR B 22 11.18 18.76 3.65
C THR B 22 11.63 18.31 2.23
N GLU B 23 12.92 17.94 2.13
CA GLU B 23 13.51 17.30 0.91
C GLU B 23 13.03 15.84 0.72
N GLY B 24 12.30 15.30 1.70
CA GLY B 24 11.88 13.89 1.71
C GLY B 24 12.79 13.02 2.57
N LEU B 25 12.25 11.91 3.07
CA LEU B 25 12.95 11.00 4.00
C LEU B 25 12.89 9.55 3.48
N THR B 26 13.82 8.70 3.94
CA THR B 26 13.77 7.24 3.69
C THR B 26 12.79 6.54 4.67
N GLN B 27 12.47 5.26 4.39
CA GLN B 27 11.59 4.41 5.24
C GLN B 27 12.03 4.45 6.73
N LYS B 28 13.33 4.22 6.94
CA LYS B 28 13.97 4.20 8.27
C LYS B 28 13.86 5.57 9.01
N GLN B 29 14.06 6.67 8.26
CA GLN B 29 13.96 8.06 8.81
C GLN B 29 12.51 8.43 9.19
N ILE B 30 11.54 8.03 8.35
CA ILE B 30 10.09 8.29 8.59
C ILE B 30 9.61 7.54 9.85
N LYS B 31 10.10 6.31 10.07
CA LYS B 31 9.79 5.51 11.29
C LYS B 31 10.17 6.28 12.59
N LYS B 32 11.29 7.01 12.54
CA LYS B 32 11.72 7.89 13.66
C LYS B 32 10.82 9.15 13.78
N ALA B 33 10.51 9.78 12.63
CA ALA B 33 9.73 11.05 12.57
C ALA B 33 8.26 10.87 13.03
N THR B 34 7.64 9.77 12.57
CA THR B 34 6.21 9.45 12.84
C THR B 34 6.04 8.57 14.10
N LYS B 35 7.15 7.91 14.51
CA LYS B 35 7.20 6.94 15.65
C LYS B 35 6.50 5.59 15.28
N LEU B 36 6.65 5.14 14.03
CA LEU B 36 6.16 3.80 13.59
C LEU B 36 7.13 2.67 14.01
N LYS B 37 6.60 1.72 14.82
CA LYS B 37 7.35 0.53 15.27
C LYS B 37 7.60 -0.46 14.11
N ALA B 38 6.50 -0.92 13.48
CA ALA B 38 6.56 -1.90 12.37
C ALA B 38 6.50 -1.19 11.00
N ASP B 39 7.47 -1.54 10.14
CA ASP B 39 7.52 -1.10 8.74
C ASP B 39 6.32 -1.67 7.92
N LYS B 40 5.80 -2.83 8.36
CA LYS B 40 4.60 -3.48 7.75
C LYS B 40 3.38 -2.52 7.72
N ASP B 41 3.23 -1.71 8.78
CA ASP B 41 2.18 -0.66 8.88
C ASP B 41 2.53 0.56 7.99
N PHE B 42 3.83 0.90 7.93
CA PHE B 42 4.36 1.99 7.08
C PHE B 42 3.99 1.78 5.58
N PHE B 43 4.14 0.54 5.07
CA PHE B 43 3.89 0.20 3.65
C PHE B 43 2.41 0.39 3.23
N LEU B 44 1.48 0.13 4.17
CA LEU B 44 0.03 0.38 3.98
C LEU B 44 -0.27 1.91 3.94
N GLY B 45 0.47 2.68 4.76
CA GLY B 45 0.38 4.16 4.75
C GLY B 45 0.96 4.78 3.47
N LEU B 46 2.17 4.34 3.08
CA LEU B 46 2.87 4.80 1.86
C LEU B 46 2.14 4.32 0.57
N GLY B 47 1.46 3.18 0.68
CA GLY B 47 0.61 2.65 -0.40
C GLY B 47 -0.64 3.49 -0.59
N TRP B 48 -1.12 4.06 0.53
CA TRP B 48 -2.24 5.02 0.54
C TRP B 48 -1.78 6.41 -0.02
N LEU B 49 -0.50 6.76 0.18
CA LEU B 49 0.13 7.94 -0.46
C LEU B 49 0.16 7.81 -2.00
N LEU B 50 0.45 6.58 -2.49
CA LEU B 50 0.37 6.21 -3.92
C LEU B 50 -1.10 6.23 -4.42
N ARG B 51 -2.05 5.84 -3.54
CA ARG B 51 -3.50 5.98 -3.79
C ARG B 51 -3.89 7.44 -4.05
N GLU B 52 -3.42 8.35 -3.19
CA GLU B 52 -3.78 9.78 -3.25
C GLU B 52 -3.00 10.54 -4.35
N ASP B 53 -1.88 9.94 -4.82
CA ASP B 53 -0.97 10.51 -5.85
C ASP B 53 -0.30 11.84 -5.37
N LYS B 54 -0.17 11.96 -4.05
CA LYS B 54 0.41 13.16 -3.40
C LYS B 54 1.95 13.03 -3.19
N VAL B 55 2.53 11.84 -3.46
CA VAL B 55 3.98 11.61 -3.33
C VAL B 55 4.59 10.87 -4.55
N VAL B 56 5.92 10.95 -4.65
CA VAL B 56 6.73 10.12 -5.55
C VAL B 56 7.63 9.15 -4.72
N THR B 57 7.65 7.88 -5.14
CA THR B 57 8.48 6.83 -4.49
C THR B 57 9.71 6.53 -5.37
N SER B 58 10.84 6.24 -4.71
CA SER B 58 12.11 5.89 -5.39
C SER B 58 12.93 4.92 -4.51
N GLU B 59 13.99 4.39 -5.10
CA GLU B 59 14.96 3.53 -4.42
C GLU B 59 16.34 4.21 -4.42
N VAL B 60 16.91 4.45 -3.23
CA VAL B 60 18.29 4.94 -3.06
C VAL B 60 19.15 3.84 -2.41
N GLU B 61 20.03 3.26 -3.26
CA GLU B 61 21.08 2.29 -2.86
C GLU B 61 20.55 1.08 -2.03
N GLY B 62 19.37 0.55 -2.42
CA GLY B 62 18.74 -0.60 -1.75
C GLY B 62 17.68 -0.25 -0.69
N GLU B 63 17.54 1.06 -0.37
CA GLU B 63 16.51 1.55 0.60
C GLU B 63 15.39 2.32 -0.13
N ILE B 64 14.19 2.37 0.48
CA ILE B 64 13.06 3.15 -0.03
C ILE B 64 13.21 4.64 0.39
N PHE B 65 13.33 5.54 -0.60
CA PHE B 65 13.32 7.01 -0.39
C PHE B 65 12.08 7.60 -1.06
N VAL B 66 11.31 8.42 -0.32
CA VAL B 66 10.04 9.01 -0.82
C VAL B 66 9.94 10.51 -0.47
N LYS B 67 9.16 11.26 -1.26
CA LYS B 67 8.89 12.70 -1.02
C LYS B 67 7.63 13.14 -1.78
N LEU B 68 7.26 14.43 -1.71
CA LEU B 68 6.00 14.94 -2.32
C LEU B 68 6.11 15.10 -3.86
N VAL B 69 5.02 15.57 -4.50
CA VAL B 69 5.01 16.03 -5.92
C VAL B 69 4.79 17.58 -6.00
N LEU B 70 4.61 18.22 -4.82
CA LEU B 70 4.07 19.60 -4.71
C LEU B 70 4.92 20.50 -3.77
N GLU B 71 6.25 20.47 -3.93
CA GLU B 71 7.16 21.35 -3.14
C GLU B 71 6.94 22.83 -3.54
N HIS B 72 6.32 23.60 -2.62
CA HIS B 72 5.92 24.99 -2.87
C HIS B 72 7.15 25.92 -3.04
N HIS B 73 7.38 26.37 -4.29
CA HIS B 73 8.49 27.28 -4.63
C HIS B 73 8.21 28.70 -4.08
N HIS B 74 8.57 28.92 -2.80
CA HIS B 74 8.31 30.19 -2.08
C HIS B 74 9.34 31.27 -2.51
N HIS B 75 9.12 31.79 -3.73
CA HIS B 75 9.95 32.81 -4.39
C HIS B 75 9.05 33.72 -5.28
N HIS B 76 9.36 35.02 -5.33
CA HIS B 76 8.57 36.01 -6.10
C HIS B 76 9.06 36.12 -7.57
N HIS B 77 10.26 35.56 -7.86
CA HIS B 77 10.84 35.53 -9.23
C HIS B 77 10.34 34.30 -10.01
N MET A 1 8.12 -2.38 -14.48
CA MET A 1 8.90 -1.98 -13.28
C MET A 1 9.41 -0.52 -13.35
N LYS A 2 8.75 0.33 -14.18
CA LYS A 2 9.18 1.73 -14.47
C LYS A 2 9.36 2.57 -13.18
N MET A 3 8.28 2.70 -12.38
CA MET A 3 8.32 3.33 -11.04
C MET A 3 7.78 2.33 -9.98
N LEU A 4 8.09 2.57 -8.69
CA LEU A 4 7.57 1.73 -7.57
C LEU A 4 6.04 1.93 -7.38
N LYS A 5 5.52 3.04 -7.93
CA LYS A 5 4.08 3.32 -8.01
C LYS A 5 3.41 2.46 -9.12
N GLU A 6 4.07 2.41 -10.30
CA GLU A 6 3.52 1.75 -11.50
C GLU A 6 3.51 0.21 -11.37
N LYS A 7 4.61 -0.35 -10.80
CA LYS A 7 4.71 -1.80 -10.51
C LYS A 7 3.61 -2.25 -9.52
N ALA A 8 3.30 -1.37 -8.53
CA ALA A 8 2.28 -1.64 -7.50
C ALA A 8 0.88 -1.83 -8.14
N GLY A 9 0.67 -1.11 -9.26
CA GLY A 9 -0.54 -1.25 -10.08
C GLY A 9 -0.59 -2.56 -10.88
N ALA A 10 0.59 -3.00 -11.37
CA ALA A 10 0.73 -4.31 -12.08
C ALA A 10 0.52 -5.50 -11.11
N LEU A 11 1.03 -5.35 -9.87
CA LEU A 11 0.85 -6.31 -8.77
C LEU A 11 -0.62 -6.37 -8.33
N ALA A 12 -1.27 -5.19 -8.36
CA ALA A 12 -2.71 -5.07 -8.06
C ALA A 12 -3.58 -5.91 -9.02
N GLY A 13 -3.08 -6.10 -10.27
CA GLY A 13 -3.73 -6.97 -11.24
C GLY A 13 -3.80 -8.43 -10.80
N GLN A 14 -2.63 -9.02 -10.47
CA GLN A 14 -2.50 -10.46 -10.13
C GLN A 14 -3.05 -10.80 -8.72
N ILE A 15 -2.83 -9.90 -7.74
CA ILE A 15 -3.28 -10.10 -6.34
C ILE A 15 -4.83 -10.05 -6.25
N TRP A 16 -5.44 -9.11 -6.98
CA TRP A 16 -6.91 -9.04 -7.13
C TRP A 16 -7.46 -10.28 -7.89
N GLU A 17 -6.76 -10.70 -8.96
CA GLU A 17 -7.11 -11.92 -9.74
C GLU A 17 -7.06 -13.21 -8.88
N ALA A 18 -6.17 -13.23 -7.88
CA ALA A 18 -6.11 -14.33 -6.89
C ALA A 18 -7.41 -14.38 -6.04
N LEU A 19 -7.94 -13.20 -5.71
CA LEU A 19 -9.19 -13.02 -4.93
C LEU A 19 -10.46 -13.18 -5.83
N ASN A 20 -10.29 -12.96 -7.15
CA ASN A 20 -11.41 -12.97 -8.12
C ASN A 20 -11.98 -14.40 -8.33
N GLY A 21 -13.32 -14.49 -8.30
CA GLY A 21 -14.03 -15.78 -8.42
C GLY A 21 -13.92 -16.68 -7.17
N THR A 22 -13.40 -16.10 -6.07
CA THR A 22 -13.16 -16.83 -4.79
C THR A 22 -13.83 -16.08 -3.61
N GLU A 23 -14.06 -16.81 -2.49
CA GLU A 23 -14.60 -16.26 -1.22
C GLU A 23 -13.72 -15.13 -0.60
N GLY A 24 -12.39 -15.21 -0.83
CA GLY A 24 -11.41 -14.33 -0.16
C GLY A 24 -10.21 -15.11 0.37
N LEU A 25 -8.99 -14.54 0.27
CA LEU A 25 -7.72 -15.27 0.56
C LEU A 25 -6.89 -14.54 1.64
N THR A 26 -6.06 -15.30 2.38
CA THR A 26 -5.05 -14.75 3.33
C THR A 26 -3.73 -14.39 2.58
N GLN A 27 -2.69 -13.92 3.31
CA GLN A 27 -1.36 -13.67 2.72
C GLN A 27 -0.79 -14.95 2.06
N LYS A 28 -0.80 -16.08 2.80
CA LYS A 28 -0.30 -17.41 2.29
C LYS A 28 -1.04 -17.86 1.01
N GLN A 29 -2.37 -17.69 1.01
CA GLN A 29 -3.23 -18.14 -0.10
C GLN A 29 -2.97 -17.33 -1.40
N ILE A 30 -2.85 -15.99 -1.27
CA ILE A 30 -2.50 -15.10 -2.41
C ILE A 30 -1.05 -15.36 -2.86
N LYS A 31 -0.15 -15.52 -1.88
CA LYS A 31 1.31 -15.78 -2.08
C LYS A 31 1.55 -17.03 -2.96
N LYS A 32 0.67 -18.02 -2.78
CA LYS A 32 0.62 -19.24 -3.60
C LYS A 32 0.19 -18.91 -5.06
N ALA A 33 -0.95 -18.18 -5.20
CA ALA A 33 -1.60 -17.91 -6.51
C ALA A 33 -0.84 -16.85 -7.37
N THR A 34 -0.03 -15.99 -6.72
CA THR A 34 0.74 -14.91 -7.39
C THR A 34 2.26 -15.20 -7.42
N LYS A 35 2.72 -16.13 -6.55
CA LYS A 35 4.14 -16.58 -6.47
C LYS A 35 5.09 -15.46 -5.96
N LEU A 36 4.58 -14.59 -5.08
CA LEU A 36 5.38 -13.50 -4.48
C LEU A 36 6.08 -13.99 -3.20
N LYS A 37 7.37 -14.39 -3.34
CA LYS A 37 8.21 -14.89 -2.22
C LYS A 37 8.40 -13.82 -1.12
N ALA A 38 8.60 -12.57 -1.54
CA ALA A 38 8.74 -11.42 -0.64
C ALA A 38 7.37 -10.72 -0.43
N ASP A 39 6.91 -10.67 0.82
CA ASP A 39 5.66 -9.97 1.19
C ASP A 39 5.79 -8.44 1.01
N LYS A 40 7.04 -7.91 1.07
CA LYS A 40 7.35 -6.47 0.79
C LYS A 40 6.76 -6.03 -0.58
N ASP A 41 6.90 -6.91 -1.57
CA ASP A 41 6.38 -6.73 -2.94
C ASP A 41 4.82 -6.81 -2.93
N PHE A 42 4.31 -7.82 -2.19
CA PHE A 42 2.86 -8.07 -2.00
C PHE A 42 2.08 -6.85 -1.40
N PHE A 43 2.66 -6.20 -0.37
CA PHE A 43 2.02 -5.07 0.36
C PHE A 43 1.78 -3.84 -0.54
N LEU A 44 2.68 -3.62 -1.52
CA LEU A 44 2.51 -2.55 -2.54
C LEU A 44 1.27 -2.82 -3.44
N GLY A 45 1.12 -4.09 -3.86
CA GLY A 45 -0.04 -4.51 -4.68
C GLY A 45 -1.37 -4.47 -3.92
N LEU A 46 -1.39 -5.06 -2.71
CA LEU A 46 -2.57 -5.09 -1.82
C LEU A 46 -2.96 -3.66 -1.33
N GLY A 47 -1.93 -2.81 -1.18
CA GLY A 47 -2.11 -1.40 -0.82
C GLY A 47 -2.77 -0.62 -1.96
N TRP A 48 -2.49 -1.04 -3.20
CA TRP A 48 -3.11 -0.48 -4.41
C TRP A 48 -4.58 -0.99 -4.56
N LEU A 49 -4.89 -2.18 -4.02
CA LEU A 49 -6.29 -2.69 -3.90
C LEU A 49 -7.14 -1.82 -2.95
N LEU A 50 -6.52 -1.36 -1.85
CA LEU A 50 -7.14 -0.38 -0.93
C LEU A 50 -7.27 1.01 -1.59
N ARG A 51 -6.27 1.36 -2.42
CA ARG A 51 -6.25 2.61 -3.22
C ARG A 51 -7.46 2.66 -4.20
N GLU A 52 -7.77 1.52 -4.83
CA GLU A 52 -8.88 1.39 -5.79
C GLU A 52 -10.24 1.14 -5.08
N ASP A 53 -10.18 0.84 -3.75
CA ASP A 53 -11.35 0.50 -2.89
C ASP A 53 -11.96 -0.89 -3.23
N LYS A 54 -11.18 -1.74 -3.92
CA LYS A 54 -11.65 -3.07 -4.42
C LYS A 54 -11.69 -4.17 -3.33
N VAL A 55 -11.03 -3.96 -2.17
CA VAL A 55 -10.96 -5.00 -1.11
C VAL A 55 -11.27 -4.47 0.30
N VAL A 56 -11.74 -5.38 1.16
CA VAL A 56 -11.95 -5.16 2.59
C VAL A 56 -10.83 -5.87 3.39
N THR A 57 -10.17 -5.14 4.30
CA THR A 57 -9.03 -5.65 5.07
C THR A 57 -9.45 -6.05 6.50
N SER A 58 -8.98 -7.23 6.90
CA SER A 58 -9.16 -7.81 8.25
C SER A 58 -7.90 -8.62 8.61
N GLU A 59 -7.80 -9.07 9.85
CA GLU A 59 -6.65 -9.91 10.30
C GLU A 59 -7.18 -11.20 10.95
N VAL A 60 -6.79 -12.35 10.37
CA VAL A 60 -7.17 -13.68 10.85
C VAL A 60 -5.97 -14.34 11.56
N GLU A 61 -6.09 -14.47 12.90
CA GLU A 61 -5.16 -15.23 13.78
C GLU A 61 -3.66 -14.85 13.59
N GLY A 62 -3.40 -13.53 13.47
CA GLY A 62 -2.02 -13.00 13.35
C GLY A 62 -1.50 -12.82 11.92
N GLU A 63 -2.37 -12.98 10.90
CA GLU A 63 -2.00 -12.76 9.48
C GLU A 63 -3.10 -11.98 8.74
N ILE A 64 -2.72 -11.25 7.66
CA ILE A 64 -3.67 -10.39 6.90
C ILE A 64 -4.59 -11.25 5.98
N PHE A 65 -5.90 -10.99 6.06
CA PHE A 65 -6.94 -11.66 5.25
C PHE A 65 -7.84 -10.60 4.56
N VAL A 66 -8.03 -10.73 3.24
CA VAL A 66 -8.80 -9.74 2.43
C VAL A 66 -9.84 -10.43 1.53
N LYS A 67 -10.94 -9.69 1.24
CA LYS A 67 -12.01 -10.14 0.32
C LYS A 67 -12.41 -8.99 -0.64
N LEU A 68 -13.07 -9.31 -1.77
CA LEU A 68 -13.52 -8.28 -2.73
C LEU A 68 -14.80 -7.56 -2.22
N VAL A 69 -14.83 -6.22 -2.37
CA VAL A 69 -16.03 -5.41 -2.08
C VAL A 69 -17.01 -5.50 -3.28
N LEU A 70 -17.72 -6.63 -3.36
CA LEU A 70 -18.78 -6.89 -4.35
C LEU A 70 -20.16 -6.46 -3.78
N GLU A 71 -20.21 -6.23 -2.45
CA GLU A 71 -21.42 -5.83 -1.72
C GLU A 71 -21.09 -4.65 -0.77
N HIS A 72 -21.97 -3.63 -0.76
CA HIS A 72 -21.75 -2.37 -0.01
C HIS A 72 -22.69 -2.28 1.22
N HIS A 73 -22.11 -2.54 2.41
CA HIS A 73 -22.80 -2.40 3.72
C HIS A 73 -21.79 -2.29 4.89
N HIS A 74 -22.26 -1.83 6.06
CA HIS A 74 -21.42 -1.74 7.29
C HIS A 74 -21.31 -3.12 7.99
N HIS A 75 -20.35 -3.94 7.52
CA HIS A 75 -19.99 -5.23 8.18
C HIS A 75 -18.85 -4.98 9.21
N HIS A 76 -18.33 -3.74 9.24
CA HIS A 76 -17.27 -3.30 10.17
C HIS A 76 -17.63 -1.92 10.80
N HIS A 77 -16.88 -1.55 11.84
CA HIS A 77 -16.99 -0.22 12.51
C HIS A 77 -15.81 0.68 12.09
N MET B 1 -14.09 0.10 17.11
CA MET B 1 -13.02 -0.61 16.41
C MET B 1 -12.76 0.00 15.02
N LYS B 2 -11.62 0.71 14.87
CA LYS B 2 -11.19 1.33 13.59
C LYS B 2 -10.33 0.33 12.78
N MET B 3 -10.69 0.14 11.49
CA MET B 3 -10.18 -0.97 10.64
C MET B 3 -8.80 -0.71 10.00
N LEU B 4 -8.28 -1.76 9.33
CA LEU B 4 -6.93 -1.77 8.72
C LEU B 4 -6.82 -0.79 7.52
N LYS B 5 -7.95 -0.52 6.86
CA LYS B 5 -8.02 0.52 5.80
C LYS B 5 -8.00 1.94 6.42
N GLU B 6 -8.68 2.11 7.56
CA GLU B 6 -8.87 3.43 8.20
C GLU B 6 -7.61 3.91 8.96
N LYS B 7 -6.89 3.00 9.66
CA LYS B 7 -5.60 3.35 10.33
C LYS B 7 -4.52 3.77 9.32
N ALA B 8 -4.65 3.26 8.07
CA ALA B 8 -3.77 3.65 6.94
C ALA B 8 -3.85 5.18 6.67
N GLY B 9 -5.08 5.72 6.74
CA GLY B 9 -5.32 7.16 6.53
C GLY B 9 -4.81 8.07 7.67
N ALA B 10 -4.89 7.57 8.93
CA ALA B 10 -4.38 8.31 10.12
C ALA B 10 -2.84 8.42 10.08
N LEU B 11 -2.17 7.28 9.81
CA LEU B 11 -0.69 7.20 9.66
C LEU B 11 -0.23 7.94 8.39
N ALA B 12 -1.08 7.96 7.36
CA ALA B 12 -0.83 8.71 6.10
C ALA B 12 -0.67 10.22 6.37
N GLY B 13 -1.49 10.74 7.31
CA GLY B 13 -1.36 12.13 7.78
C GLY B 13 0.04 12.45 8.34
N GLN B 14 0.55 11.53 9.17
CA GLN B 14 1.89 11.65 9.80
C GLN B 14 3.02 11.57 8.74
N ILE B 15 2.96 10.53 7.89
CA ILE B 15 3.98 10.24 6.84
C ILE B 15 4.10 11.39 5.82
N TRP B 16 2.94 11.91 5.38
CA TRP B 16 2.89 13.06 4.45
C TRP B 16 3.48 14.34 5.09
N GLU B 17 3.15 14.60 6.38
CA GLU B 17 3.69 15.78 7.12
C GLU B 17 5.23 15.68 7.33
N ALA B 18 5.77 14.45 7.39
CA ALA B 18 7.24 14.22 7.42
C ALA B 18 7.90 14.65 6.08
N LEU B 19 7.19 14.36 4.97
CA LEU B 19 7.63 14.73 3.60
C LEU B 19 7.32 16.22 3.28
N ASN B 20 6.33 16.80 3.98
CA ASN B 20 5.85 18.18 3.76
C ASN B 20 6.92 19.22 4.18
N GLY B 21 7.25 20.13 3.24
CA GLY B 21 8.33 21.11 3.44
C GLY B 21 9.74 20.49 3.29
N THR B 22 9.81 19.25 2.79
CA THR B 22 11.08 18.48 2.68
C THR B 22 11.28 17.95 1.23
N GLU B 23 12.55 17.63 0.89
CA GLU B 23 12.95 17.02 -0.40
C GLU B 23 12.40 15.58 -0.60
N GLY B 24 12.11 14.88 0.52
CA GLY B 24 11.77 13.45 0.51
C GLY B 24 12.68 12.62 1.41
N LEU B 25 12.13 11.56 2.04
CA LEU B 25 12.88 10.71 2.99
C LEU B 25 12.76 9.22 2.58
N THR B 26 13.69 8.39 3.10
CA THR B 26 13.62 6.91 2.95
C THR B 26 12.64 6.30 3.97
N GLN B 27 12.35 4.99 3.83
CA GLN B 27 11.38 4.28 4.68
C GLN B 27 11.73 4.37 6.19
N LYS B 28 13.01 4.11 6.53
CA LYS B 28 13.49 4.13 7.94
C LYS B 28 13.44 5.56 8.54
N GLN B 29 13.81 6.58 7.73
CA GLN B 29 13.80 8.01 8.16
C GLN B 29 12.38 8.47 8.59
N ILE B 30 11.36 8.07 7.82
CA ILE B 30 9.95 8.38 8.09
C ILE B 30 9.43 7.57 9.30
N LYS B 31 9.71 6.25 9.32
CA LYS B 31 9.30 5.35 10.43
C LYS B 31 9.82 5.83 11.80
N LYS B 32 11.02 6.45 11.81
CA LYS B 32 11.60 7.09 13.01
C LYS B 32 10.82 8.37 13.40
N ALA B 33 10.66 9.29 12.44
CA ALA B 33 10.03 10.62 12.66
C ALA B 33 8.56 10.50 13.14
N THR B 34 7.79 9.67 12.41
CA THR B 34 6.35 9.42 12.68
C THR B 34 6.13 8.36 13.77
N LYS B 35 7.23 7.64 14.12
CA LYS B 35 7.28 6.64 15.20
C LYS B 35 6.43 5.37 14.89
N LEU B 36 6.45 4.94 13.61
CA LEU B 36 5.79 3.70 13.15
C LEU B 36 6.44 2.43 13.79
N LYS B 37 5.63 1.37 14.00
CA LYS B 37 6.10 0.11 14.63
C LYS B 37 6.53 -0.91 13.57
N ALA B 38 5.65 -1.14 12.59
CA ALA B 38 5.87 -2.09 11.49
C ALA B 38 6.19 -1.36 10.17
N ASP B 39 6.85 -2.08 9.27
CA ASP B 39 6.98 -1.67 7.85
C ASP B 39 5.58 -1.63 7.18
N LYS B 40 4.68 -2.54 7.64
CA LYS B 40 3.28 -2.64 7.15
C LYS B 40 2.49 -1.34 7.38
N ASP B 41 2.77 -0.66 8.52
CA ASP B 41 2.17 0.66 8.85
C ASP B 41 2.61 1.74 7.83
N PHE B 42 3.86 1.60 7.34
CA PHE B 42 4.44 2.50 6.32
C PHE B 42 3.85 2.22 4.91
N PHE B 43 3.67 0.94 4.55
CA PHE B 43 3.14 0.55 3.21
C PHE B 43 1.67 0.99 3.01
N LEU B 44 0.85 0.79 4.04
CA LEU B 44 -0.57 1.22 4.05
C LEU B 44 -0.68 2.77 4.13
N GLY B 45 0.23 3.39 4.91
CA GLY B 45 0.30 4.85 5.04
C GLY B 45 0.66 5.55 3.72
N LEU B 46 1.82 5.18 3.13
CA LEU B 46 2.29 5.73 1.83
C LEU B 46 1.33 5.31 0.68
N GLY B 47 0.69 4.14 0.85
CA GLY B 47 -0.31 3.64 -0.10
C GLY B 47 -1.55 4.53 -0.18
N TRP B 48 -1.88 5.17 0.97
CA TRP B 48 -2.95 6.18 1.04
C TRP B 48 -2.48 7.51 0.36
N LEU B 49 -1.19 7.83 0.49
CA LEU B 49 -0.54 8.96 -0.24
C LEU B 49 -0.60 8.74 -1.78
N LEU B 50 -0.53 7.46 -2.22
CA LEU B 50 -0.67 7.06 -3.64
C LEU B 50 -2.13 7.23 -4.15
N ARG B 51 -3.14 6.90 -3.31
CA ARG B 51 -4.57 7.10 -3.68
C ARG B 51 -4.98 8.59 -3.61
N GLU B 52 -4.21 9.40 -2.85
CA GLU B 52 -4.35 10.87 -2.85
C GLU B 52 -3.54 11.51 -3.99
N ASP B 53 -2.59 10.71 -4.56
CA ASP B 53 -1.72 11.10 -5.69
C ASP B 53 -0.71 12.21 -5.28
N LYS B 54 -0.44 12.32 -3.97
CA LYS B 54 0.43 13.37 -3.40
C LYS B 54 1.92 12.98 -3.37
N VAL B 55 2.26 11.71 -3.70
CA VAL B 55 3.68 11.25 -3.71
C VAL B 55 4.05 10.45 -4.98
N VAL B 56 5.36 10.35 -5.20
CA VAL B 56 5.99 9.53 -6.22
C VAL B 56 7.09 8.68 -5.56
N THR B 57 7.07 7.38 -5.83
CA THR B 57 7.91 6.39 -5.15
C THR B 57 9.06 5.94 -6.07
N SER B 58 10.28 5.94 -5.51
CA SER B 58 11.53 5.63 -6.25
C SER B 58 12.45 4.76 -5.39
N GLU B 59 13.46 4.12 -6.00
CA GLU B 59 14.37 3.20 -5.29
C GLU B 59 15.78 3.80 -5.16
N VAL B 60 16.24 4.00 -3.91
CA VAL B 60 17.64 4.36 -3.60
C VAL B 60 18.32 3.15 -2.92
N GLU B 61 19.25 2.52 -3.67
CA GLU B 61 20.10 1.40 -3.19
C GLU B 61 19.29 0.21 -2.60
N GLY B 62 18.28 -0.26 -3.37
CA GLY B 62 17.45 -1.41 -2.97
C GLY B 62 16.37 -1.10 -1.91
N GLU B 63 16.18 0.18 -1.57
CA GLU B 63 15.21 0.61 -0.52
C GLU B 63 14.17 1.61 -1.07
N ILE B 64 13.00 1.67 -0.40
CA ILE B 64 11.88 2.54 -0.79
C ILE B 64 12.12 4.01 -0.31
N PHE B 65 12.24 4.90 -1.29
CA PHE B 65 12.41 6.36 -1.08
C PHE B 65 11.18 7.10 -1.67
N VAL B 66 10.27 7.55 -0.80
CA VAL B 66 9.04 8.26 -1.23
C VAL B 66 9.25 9.79 -1.10
N LYS B 67 8.63 10.57 -2.00
CA LYS B 67 8.74 12.05 -2.00
C LYS B 67 7.50 12.67 -2.66
N LEU B 68 7.16 13.93 -2.33
CA LEU B 68 5.94 14.58 -2.84
C LEU B 68 6.04 14.88 -4.36
N VAL B 69 4.87 14.89 -5.05
CA VAL B 69 4.80 15.25 -6.49
C VAL B 69 4.95 16.80 -6.64
N LEU B 70 6.20 17.26 -6.56
CA LEU B 70 6.56 18.67 -6.73
C LEU B 70 7.24 18.86 -8.10
N GLU B 71 8.33 18.09 -8.31
CA GLU B 71 9.10 18.08 -9.57
C GLU B 71 8.87 16.75 -10.32
N HIS B 72 8.81 16.84 -11.66
CA HIS B 72 8.65 15.68 -12.57
C HIS B 72 10.02 15.15 -13.06
N HIS B 73 10.97 15.01 -12.11
CA HIS B 73 12.35 14.55 -12.38
C HIS B 73 12.39 13.02 -12.66
N HIS B 74 12.97 12.65 -13.80
CA HIS B 74 13.12 11.24 -14.23
C HIS B 74 14.37 10.59 -13.57
N HIS B 75 14.25 9.30 -13.21
CA HIS B 75 15.34 8.53 -12.56
C HIS B 75 16.20 7.78 -13.62
N HIS B 76 17.44 7.42 -13.22
CA HIS B 76 18.32 6.54 -14.02
C HIS B 76 18.27 5.08 -13.49
N HIS B 77 18.94 4.15 -14.21
CA HIS B 77 18.93 2.71 -13.89
C HIS B 77 19.68 2.39 -12.57
N MET A 1 7.15 -1.33 -17.05
CA MET A 1 7.59 -0.57 -15.84
C MET A 1 8.10 0.85 -16.25
N LYS A 2 7.19 1.71 -16.75
CA LYS A 2 7.53 3.11 -17.12
C LYS A 2 7.77 3.94 -15.82
N MET A 3 6.93 3.69 -14.80
CA MET A 3 7.10 4.25 -13.43
C MET A 3 6.74 3.20 -12.35
N LEU A 4 7.16 3.43 -11.09
CA LEU A 4 6.89 2.48 -9.97
C LEU A 4 5.38 2.44 -9.60
N LYS A 5 4.69 3.55 -9.89
CA LYS A 5 3.22 3.66 -9.72
C LYS A 5 2.48 2.69 -10.68
N GLU A 6 3.06 2.50 -11.88
CA GLU A 6 2.52 1.61 -12.93
C GLU A 6 2.62 0.13 -12.50
N LYS A 7 3.83 -0.30 -12.08
CA LYS A 7 4.11 -1.72 -11.72
C LYS A 7 3.40 -2.14 -10.41
N ALA A 8 3.07 -1.15 -9.55
CA ALA A 8 2.20 -1.37 -8.37
C ALA A 8 0.79 -1.84 -8.81
N GLY A 9 0.32 -1.29 -9.95
CA GLY A 9 -0.92 -1.73 -10.61
C GLY A 9 -0.82 -3.13 -11.23
N ALA A 10 0.39 -3.50 -11.73
CA ALA A 10 0.65 -4.86 -12.25
C ALA A 10 0.60 -5.94 -11.14
N LEU A 11 1.26 -5.62 -9.99
CA LEU A 11 1.21 -6.46 -8.77
C LEU A 11 -0.24 -6.58 -8.24
N ALA A 12 -0.97 -5.46 -8.32
CA ALA A 12 -2.41 -5.39 -7.98
C ALA A 12 -3.26 -6.33 -8.84
N GLY A 13 -2.94 -6.35 -10.15
CA GLY A 13 -3.67 -7.16 -11.13
C GLY A 13 -3.67 -8.65 -10.81
N GLN A 14 -2.47 -9.23 -10.59
CA GLN A 14 -2.30 -10.68 -10.35
C GLN A 14 -2.94 -11.12 -9.00
N ILE A 15 -2.93 -10.23 -7.99
CA ILE A 15 -3.54 -10.49 -6.66
C ILE A 15 -5.08 -10.57 -6.77
N TRP A 16 -5.70 -9.62 -7.52
CA TRP A 16 -7.16 -9.61 -7.72
C TRP A 16 -7.62 -10.83 -8.55
N GLU A 17 -6.87 -11.18 -9.63
CA GLU A 17 -7.19 -12.36 -10.47
C GLU A 17 -7.04 -13.68 -9.67
N ALA A 18 -6.10 -13.69 -8.70
CA ALA A 18 -5.91 -14.82 -7.75
C ALA A 18 -7.10 -14.94 -6.75
N LEU A 19 -7.72 -13.79 -6.44
CA LEU A 19 -8.93 -13.71 -5.58
C LEU A 19 -10.24 -13.78 -6.40
N ASN A 20 -10.17 -13.66 -7.74
CA ASN A 20 -11.35 -13.80 -8.62
C ASN A 20 -11.82 -15.27 -8.64
N GLY A 21 -13.11 -15.48 -8.31
CA GLY A 21 -13.68 -16.83 -8.17
C GLY A 21 -13.48 -17.42 -6.76
N THR A 22 -12.90 -16.62 -5.83
CA THR A 22 -12.74 -17.01 -4.40
C THR A 22 -13.63 -16.12 -3.52
N GLU A 23 -14.04 -16.65 -2.35
CA GLU A 23 -14.87 -15.92 -1.38
C GLU A 23 -14.03 -15.00 -0.45
N GLY A 24 -12.69 -15.11 -0.54
CA GLY A 24 -11.76 -14.30 0.27
C GLY A 24 -10.79 -15.13 1.12
N LEU A 25 -9.47 -14.86 0.99
CA LEU A 25 -8.40 -15.59 1.73
C LEU A 25 -7.51 -14.60 2.52
N THR A 26 -6.61 -15.15 3.38
CA THR A 26 -5.63 -14.33 4.15
C THR A 26 -4.37 -14.07 3.31
N GLN A 27 -3.50 -13.14 3.78
CA GLN A 27 -2.41 -12.55 2.96
C GLN A 27 -1.32 -13.60 2.56
N LYS A 28 -1.01 -14.53 3.47
CA LYS A 28 -0.04 -15.63 3.23
C LYS A 28 -0.60 -16.68 2.23
N GLN A 29 -1.92 -16.89 2.25
CA GLN A 29 -2.63 -17.79 1.30
C GLN A 29 -2.58 -17.24 -0.15
N ILE A 30 -2.78 -15.91 -0.29
CA ILE A 30 -2.70 -15.23 -1.60
C ILE A 30 -1.24 -15.23 -2.12
N LYS A 31 -0.30 -15.04 -1.18
CA LYS A 31 1.15 -14.99 -1.43
C LYS A 31 1.66 -16.31 -2.11
N LYS A 32 1.01 -17.45 -1.76
CA LYS A 32 1.19 -18.75 -2.45
C LYS A 32 0.64 -18.68 -3.91
N ALA A 33 -0.65 -18.27 -4.02
CA ALA A 33 -1.39 -18.25 -5.31
C ALA A 33 -0.70 -17.37 -6.39
N THR A 34 -0.08 -16.27 -5.94
CA THR A 34 0.62 -15.30 -6.80
C THR A 34 2.13 -15.58 -6.90
N LYS A 35 2.67 -16.38 -5.93
CA LYS A 35 4.12 -16.72 -5.82
C LYS A 35 5.01 -15.47 -5.55
N LEU A 36 4.41 -14.42 -4.95
CA LEU A 36 5.13 -13.18 -4.56
C LEU A 36 6.16 -13.50 -3.45
N LYS A 37 7.45 -13.23 -3.73
CA LYS A 37 8.57 -13.65 -2.86
C LYS A 37 8.64 -12.84 -1.55
N ALA A 38 8.24 -11.56 -1.59
CA ALA A 38 8.12 -10.71 -0.38
C ALA A 38 6.66 -10.30 -0.13
N ASP A 39 6.28 -10.24 1.15
CA ASP A 39 4.99 -9.68 1.60
C ASP A 39 4.94 -8.16 1.32
N LYS A 40 6.14 -7.54 1.25
CA LYS A 40 6.30 -6.09 0.99
C LYS A 40 5.73 -5.65 -0.38
N ASP A 41 6.01 -6.41 -1.46
CA ASP A 41 5.49 -6.10 -2.82
C ASP A 41 3.99 -6.49 -2.93
N PHE A 42 3.58 -7.50 -2.13
CA PHE A 42 2.16 -7.82 -1.89
C PHE A 42 1.40 -6.60 -1.27
N PHE A 43 2.04 -5.87 -0.35
CA PHE A 43 1.44 -4.65 0.28
C PHE A 43 1.26 -3.51 -0.74
N LEU A 44 2.17 -3.42 -1.73
CA LEU A 44 2.04 -2.48 -2.87
C LEU A 44 0.85 -2.88 -3.79
N GLY A 45 0.67 -4.20 -4.01
CA GLY A 45 -0.42 -4.73 -4.83
C GLY A 45 -1.80 -4.61 -4.16
N LEU A 46 -1.97 -5.27 -3.01
CA LEU A 46 -3.19 -5.18 -2.16
C LEU A 46 -3.52 -3.72 -1.73
N GLY A 47 -2.46 -2.92 -1.52
CA GLY A 47 -2.61 -1.49 -1.23
C GLY A 47 -3.19 -0.71 -2.40
N TRP A 48 -2.87 -1.15 -3.63
CA TRP A 48 -3.45 -0.62 -4.87
C TRP A 48 -4.91 -1.15 -5.07
N LEU A 49 -5.25 -2.31 -4.48
CA LEU A 49 -6.65 -2.81 -4.42
C LEU A 49 -7.52 -1.89 -3.49
N LEU A 50 -6.88 -1.29 -2.47
CA LEU A 50 -7.51 -0.24 -1.61
C LEU A 50 -7.60 1.11 -2.35
N ARG A 51 -6.58 1.39 -3.21
CA ARG A 51 -6.59 2.53 -4.16
C ARG A 51 -7.84 2.48 -5.06
N GLU A 52 -8.12 1.27 -5.58
CA GLU A 52 -9.29 0.99 -6.44
C GLU A 52 -10.59 0.87 -5.60
N ASP A 53 -10.43 0.57 -4.27
CA ASP A 53 -11.54 0.28 -3.32
C ASP A 53 -12.33 -0.99 -3.77
N LYS A 54 -11.65 -1.83 -4.57
CA LYS A 54 -12.20 -3.04 -5.21
C LYS A 54 -12.06 -4.31 -4.30
N VAL A 55 -11.50 -4.12 -3.08
CA VAL A 55 -11.50 -5.19 -2.01
C VAL A 55 -11.91 -4.61 -0.63
N VAL A 56 -12.16 -5.53 0.32
CA VAL A 56 -12.42 -5.23 1.73
C VAL A 56 -11.31 -5.85 2.61
N THR A 57 -10.73 -5.05 3.53
CA THR A 57 -9.65 -5.51 4.44
C THR A 57 -10.20 -5.74 5.87
N SER A 58 -9.82 -6.89 6.45
CA SER A 58 -10.27 -7.33 7.79
C SER A 58 -9.13 -8.08 8.51
N GLU A 59 -9.34 -8.34 9.81
CA GLU A 59 -8.35 -9.04 10.67
C GLU A 59 -8.93 -10.40 11.12
N VAL A 60 -8.30 -11.50 10.68
CA VAL A 60 -8.66 -12.88 11.13
C VAL A 60 -7.37 -13.64 11.53
N GLU A 61 -7.38 -14.22 12.76
CA GLU A 61 -6.29 -15.08 13.32
C GLU A 61 -4.95 -14.30 13.47
N GLY A 62 -5.06 -12.98 13.75
CA GLY A 62 -3.89 -12.10 13.90
C GLY A 62 -3.17 -11.78 12.57
N GLU A 63 -3.88 -11.94 11.43
CA GLU A 63 -3.32 -11.73 10.09
C GLU A 63 -4.29 -10.94 9.18
N ILE A 64 -3.76 -10.39 8.06
CA ILE A 64 -4.55 -9.63 7.07
C ILE A 64 -5.45 -10.59 6.25
N PHE A 65 -6.75 -10.59 6.54
CA PHE A 65 -7.78 -11.33 5.78
C PHE A 65 -8.51 -10.37 4.84
N VAL A 66 -8.48 -10.63 3.52
CA VAL A 66 -9.17 -9.76 2.53
C VAL A 66 -10.14 -10.58 1.65
N LYS A 67 -11.12 -9.85 1.10
CA LYS A 67 -12.15 -10.41 0.20
C LYS A 67 -12.48 -9.38 -0.88
N LEU A 68 -13.04 -9.81 -2.02
CA LEU A 68 -13.46 -8.85 -3.08
C LEU A 68 -14.74 -8.10 -2.66
N VAL A 69 -15.00 -6.92 -3.29
CA VAL A 69 -16.30 -6.24 -3.17
C VAL A 69 -17.31 -6.93 -4.12
N LEU A 70 -17.85 -8.07 -3.63
CA LEU A 70 -18.70 -8.99 -4.40
C LEU A 70 -20.20 -8.71 -4.13
N GLU A 71 -20.98 -8.48 -5.20
CA GLU A 71 -22.40 -8.04 -5.09
C GLU A 71 -23.41 -9.09 -5.61
N HIS A 72 -22.91 -10.24 -6.15
CA HIS A 72 -23.77 -11.33 -6.66
C HIS A 72 -24.63 -11.94 -5.52
N HIS A 73 -24.01 -12.08 -4.34
CA HIS A 73 -24.68 -12.55 -3.11
C HIS A 73 -23.95 -11.96 -1.87
N HIS A 74 -24.70 -11.24 -1.01
CA HIS A 74 -24.16 -10.66 0.24
C HIS A 74 -23.92 -11.75 1.32
N HIS A 75 -22.70 -11.73 1.91
CA HIS A 75 -22.34 -12.64 3.02
C HIS A 75 -22.82 -12.05 4.37
N HIS A 76 -23.74 -12.77 5.03
CA HIS A 76 -24.45 -12.29 6.25
C HIS A 76 -23.57 -12.41 7.55
N HIS A 77 -22.29 -12.81 7.40
CA HIS A 77 -21.28 -12.77 8.49
C HIS A 77 -19.85 -12.63 7.93
N MET B 1 -12.92 2.32 13.17
CA MET B 1 -11.45 2.34 13.21
C MET B 1 -10.87 0.91 13.21
N LYS B 2 -11.76 -0.10 13.36
CA LYS B 2 -11.39 -1.54 13.43
C LYS B 2 -11.07 -2.13 12.02
N MET B 3 -11.21 -1.32 10.96
CA MET B 3 -10.88 -1.73 9.58
C MET B 3 -9.38 -1.44 9.29
N LEU B 4 -8.71 -2.39 8.61
CA LEU B 4 -7.27 -2.23 8.19
C LEU B 4 -7.13 -1.13 7.11
N LYS B 5 -8.26 -0.78 6.46
CA LYS B 5 -8.37 0.39 5.55
C LYS B 5 -8.18 1.71 6.34
N GLU B 6 -8.82 1.78 7.53
CA GLU B 6 -8.77 2.97 8.41
C GLU B 6 -7.40 3.05 9.14
N LYS B 7 -6.77 1.89 9.35
CA LYS B 7 -5.41 1.78 9.92
C LYS B 7 -4.40 2.49 8.98
N ALA B 8 -4.47 2.12 7.68
CA ALA B 8 -3.64 2.71 6.61
C ALA B 8 -3.86 4.24 6.47
N GLY B 9 -5.15 4.65 6.52
CA GLY B 9 -5.54 6.07 6.45
C GLY B 9 -5.07 6.90 7.66
N ALA B 10 -5.09 6.29 8.86
CA ALA B 10 -4.63 6.94 10.12
C ALA B 10 -3.09 7.16 10.14
N LEU B 11 -2.35 6.25 9.49
CA LEU B 11 -0.88 6.37 9.32
C LEU B 11 -0.51 7.41 8.23
N ALA B 12 -1.41 7.57 7.24
CA ALA B 12 -1.16 8.42 6.06
C ALA B 12 -0.79 9.89 6.40
N GLY B 13 -1.66 10.56 7.17
CA GLY B 13 -1.49 11.98 7.53
C GLY B 13 -0.17 12.30 8.25
N GLN B 14 0.11 11.54 9.32
CA GLN B 14 1.33 11.72 10.17
C GLN B 14 2.65 11.43 9.40
N ILE B 15 2.64 10.42 8.50
CA ILE B 15 3.81 10.10 7.62
C ILE B 15 4.05 11.25 6.61
N TRP B 16 2.96 11.74 5.99
CA TRP B 16 2.99 12.91 5.07
C TRP B 16 3.64 14.14 5.77
N GLU B 17 3.23 14.40 7.03
CA GLU B 17 3.73 15.53 7.85
C GLU B 17 5.23 15.36 8.23
N ALA B 18 5.71 14.10 8.27
CA ALA B 18 7.16 13.81 8.46
C ALA B 18 7.98 14.20 7.20
N LEU B 19 7.42 13.94 6.01
CA LEU B 19 8.05 14.31 4.71
C LEU B 19 7.81 15.82 4.37
N ASN B 20 6.83 16.46 5.03
CA ASN B 20 6.52 17.89 4.80
C ASN B 20 7.68 18.79 5.29
N GLY B 21 8.16 19.69 4.40
CA GLY B 21 9.35 20.52 4.67
C GLY B 21 10.60 20.01 3.92
N THR B 22 10.56 18.74 3.46
CA THR B 22 11.63 18.13 2.63
C THR B 22 11.11 17.85 1.21
N GLU B 23 12.01 17.47 0.28
CA GLU B 23 11.63 17.04 -1.09
C GLU B 23 11.81 15.51 -1.26
N GLY B 24 11.81 14.79 -0.11
CA GLY B 24 11.91 13.32 -0.12
C GLY B 24 12.67 12.75 1.08
N LEU B 25 12.20 11.60 1.59
CA LEU B 25 12.85 10.82 2.66
C LEU B 25 12.81 9.31 2.34
N THR B 26 13.69 8.53 3.00
CA THR B 26 13.68 7.04 2.92
C THR B 26 13.04 6.44 4.19
N GLN B 27 12.65 5.15 4.10
CA GLN B 27 11.84 4.49 5.16
C GLN B 27 12.53 4.45 6.55
N LYS B 28 13.87 4.41 6.57
CA LYS B 28 14.69 4.45 7.81
C LYS B 28 14.58 5.82 8.54
N GLN B 29 14.59 6.91 7.74
CA GLN B 29 14.46 8.29 8.26
C GLN B 29 13.03 8.54 8.82
N ILE B 30 12.03 8.03 8.10
CA ILE B 30 10.60 8.17 8.48
C ILE B 30 10.26 7.27 9.69
N LYS B 31 10.91 6.10 9.78
CA LYS B 31 10.73 5.11 10.88
C LYS B 31 11.03 5.75 12.25
N LYS B 32 12.15 6.48 12.32
CA LYS B 32 12.55 7.26 13.52
C LYS B 32 11.66 8.50 13.76
N ALA B 33 11.28 9.19 12.67
CA ALA B 33 10.48 10.44 12.73
C ALA B 33 9.07 10.21 13.32
N THR B 34 8.36 9.24 12.75
CA THR B 34 6.98 8.87 13.15
C THR B 34 6.97 7.84 14.31
N LYS B 35 8.13 7.19 14.55
CA LYS B 35 8.33 6.18 15.64
C LYS B 35 7.36 4.96 15.53
N LEU B 36 7.02 4.60 14.27
CA LEU B 36 6.18 3.40 13.97
C LEU B 36 6.84 2.09 14.44
N LYS B 37 6.03 1.07 14.77
CA LYS B 37 6.53 -0.23 15.27
C LYS B 37 7.28 -1.04 14.18
N ALA B 38 6.74 -1.04 12.94
CA ALA B 38 7.32 -1.81 11.81
C ALA B 38 7.29 -1.01 10.49
N ASP B 39 8.12 -1.47 9.54
CA ASP B 39 8.11 -0.99 8.13
C ASP B 39 6.84 -1.50 7.39
N LYS B 40 6.31 -2.64 7.87
CA LYS B 40 5.11 -3.31 7.29
C LYS B 40 3.85 -2.41 7.29
N ASP B 41 3.58 -1.75 8.44
CA ASP B 41 2.42 -0.82 8.57
C ASP B 41 2.71 0.52 7.84
N PHE B 42 4.00 0.93 7.86
CA PHE B 42 4.50 2.08 7.07
C PHE B 42 4.18 1.93 5.54
N PHE B 43 4.28 0.69 5.00
CA PHE B 43 3.94 0.40 3.58
C PHE B 43 2.45 0.68 3.27
N LEU B 44 1.57 0.42 4.26
CA LEU B 44 0.13 0.75 4.17
C LEU B 44 -0.10 2.28 4.25
N GLY B 45 0.73 2.96 5.07
CA GLY B 45 0.66 4.43 5.23
C GLY B 45 1.05 5.20 3.95
N LEU B 46 2.27 4.92 3.42
CA LEU B 46 2.78 5.55 2.16
C LEU B 46 1.93 5.10 0.95
N GLY B 47 1.36 3.88 1.06
CA GLY B 47 0.46 3.34 0.03
C GLY B 47 -0.83 4.16 -0.06
N TRP B 48 -1.33 4.62 1.09
CA TRP B 48 -2.50 5.50 1.15
C TRP B 48 -2.18 6.91 0.57
N LEU B 49 -0.92 7.33 0.68
CA LEU B 49 -0.41 8.57 0.03
C LEU B 49 -0.45 8.46 -1.53
N LEU B 50 -0.23 7.22 -2.05
CA LEU B 50 -0.34 6.90 -3.49
C LEU B 50 -1.81 6.96 -4.00
N ARG B 51 -2.80 6.55 -3.16
CA ARG B 51 -4.24 6.62 -3.54
C ARG B 51 -4.73 8.10 -3.54
N GLU B 52 -4.10 8.92 -2.69
CA GLU B 52 -4.35 10.39 -2.62
C GLU B 52 -3.57 11.16 -3.71
N ASP B 53 -2.60 10.46 -4.36
CA ASP B 53 -1.72 11.00 -5.44
C ASP B 53 -0.80 12.13 -4.93
N LYS B 54 -0.61 12.19 -3.59
CA LYS B 54 0.22 13.23 -2.94
C LYS B 54 1.71 12.83 -2.88
N VAL B 55 2.08 11.62 -3.35
CA VAL B 55 3.50 11.19 -3.39
C VAL B 55 3.83 10.45 -4.69
N VAL B 56 5.15 10.28 -4.91
CA VAL B 56 5.71 9.46 -5.98
C VAL B 56 7.01 8.78 -5.48
N THR B 57 7.25 7.54 -5.91
CA THR B 57 8.32 6.68 -5.35
C THR B 57 9.47 6.49 -6.38
N SER B 58 10.68 6.31 -5.85
CA SER B 58 11.92 6.10 -6.65
C SER B 58 12.89 5.17 -5.89
N GLU B 59 13.96 4.73 -6.57
CA GLU B 59 15.05 3.96 -5.93
C GLU B 59 16.38 4.76 -6.04
N VAL B 60 16.82 5.32 -4.90
CA VAL B 60 18.06 6.12 -4.81
C VAL B 60 19.09 5.40 -3.90
N GLU B 61 20.22 5.00 -4.51
CA GLU B 61 21.35 4.32 -3.83
C GLU B 61 20.92 2.97 -3.16
N GLY B 62 19.92 2.29 -3.76
CA GLY B 62 19.36 1.04 -3.20
C GLY B 62 18.34 1.25 -2.05
N GLU B 63 17.94 2.51 -1.83
CA GLU B 63 16.94 2.88 -0.81
C GLU B 63 15.56 3.19 -1.44
N ILE B 64 14.47 2.81 -0.73
CA ILE B 64 13.10 3.22 -1.09
C ILE B 64 12.90 4.73 -0.79
N PHE B 65 12.97 5.55 -1.85
CA PHE B 65 12.93 7.02 -1.75
C PHE B 65 11.53 7.55 -2.17
N VAL B 66 10.71 7.90 -1.17
CA VAL B 66 9.33 8.41 -1.38
C VAL B 66 9.28 9.93 -1.11
N LYS B 67 8.55 10.69 -1.95
CA LYS B 67 8.52 12.18 -1.87
C LYS B 67 7.16 12.77 -2.22
N LEU B 68 6.81 13.92 -1.61
CA LEU B 68 5.49 14.58 -1.76
C LEU B 68 5.29 15.19 -3.18
N VAL B 69 4.98 14.30 -4.17
CA VAL B 69 4.78 14.61 -5.62
C VAL B 69 5.62 15.84 -6.09
N LEU B 70 6.95 15.69 -5.99
CA LEU B 70 7.90 16.82 -6.06
C LEU B 70 7.94 17.51 -7.45
N GLU B 71 7.68 18.83 -7.45
CA GLU B 71 7.99 19.71 -8.59
C GLU B 71 9.51 19.98 -8.69
N HIS B 72 10.25 19.57 -7.63
CA HIS B 72 11.72 19.57 -7.58
C HIS B 72 12.29 18.54 -8.59
N HIS B 73 12.85 19.02 -9.70
CA HIS B 73 13.35 18.15 -10.80
C HIS B 73 14.63 17.39 -10.37
N HIS B 74 14.42 16.23 -9.71
CA HIS B 74 15.49 15.38 -9.15
C HIS B 74 16.13 14.50 -10.26
N HIS B 75 15.44 14.37 -11.40
CA HIS B 75 15.92 13.68 -12.61
C HIS B 75 17.06 14.50 -13.29
N HIS B 76 18.33 14.16 -12.96
CA HIS B 76 19.54 14.78 -13.55
C HIS B 76 20.40 13.72 -14.27
N HIS B 77 21.05 14.12 -15.38
CA HIS B 77 21.95 13.25 -16.17
C HIS B 77 23.21 14.05 -16.57
N MET A 1 10.94 2.93 -17.00
CA MET A 1 11.16 3.46 -15.63
C MET A 1 10.41 2.56 -14.60
N LYS A 2 11.17 1.83 -13.75
CA LYS A 2 10.59 0.90 -12.74
C LYS A 2 10.11 1.68 -11.47
N MET A 3 8.90 2.24 -11.57
CA MET A 3 8.30 3.09 -10.51
C MET A 3 7.68 2.19 -9.39
N LEU A 4 7.82 2.60 -8.12
CA LEU A 4 7.27 1.87 -6.93
C LEU A 4 5.71 1.80 -7.04
N LYS A 5 5.12 2.86 -7.60
CA LYS A 5 3.67 2.93 -7.85
C LYS A 5 3.23 1.92 -8.95
N GLU A 6 4.11 1.74 -9.97
CA GLU A 6 3.86 0.82 -11.10
C GLU A 6 3.87 -0.66 -10.67
N LYS A 7 4.84 -1.06 -9.82
CA LYS A 7 4.89 -2.46 -9.31
C LYS A 7 3.69 -2.78 -8.40
N ALA A 8 3.32 -1.83 -7.52
CA ALA A 8 2.14 -1.97 -6.61
C ALA A 8 0.83 -2.17 -7.41
N GLY A 9 0.74 -1.41 -8.52
CA GLY A 9 -0.40 -1.52 -9.45
C GLY A 9 -0.42 -2.83 -10.24
N ALA A 10 0.78 -3.30 -10.64
CA ALA A 10 0.94 -4.56 -11.40
C ALA A 10 0.54 -5.80 -10.56
N LEU A 11 1.09 -5.89 -9.34
CA LEU A 11 0.82 -6.97 -8.37
C LEU A 11 -0.70 -7.00 -7.98
N ALA A 12 -1.31 -5.81 -7.95
CA ALA A 12 -2.75 -5.65 -7.65
C ALA A 12 -3.67 -6.38 -8.67
N GLY A 13 -3.29 -6.31 -9.96
CA GLY A 13 -4.07 -6.92 -11.05
C GLY A 13 -4.20 -8.45 -10.94
N GLN A 14 -3.06 -9.13 -10.72
CA GLN A 14 -3.01 -10.62 -10.57
C GLN A 14 -3.68 -11.09 -9.26
N ILE A 15 -3.52 -10.31 -8.16
CA ILE A 15 -4.14 -10.62 -6.84
C ILE A 15 -5.70 -10.57 -6.92
N TRP A 16 -6.22 -9.52 -7.56
CA TRP A 16 -7.67 -9.34 -7.76
C TRP A 16 -8.28 -10.49 -8.59
N GLU A 17 -7.59 -10.84 -9.69
CA GLU A 17 -8.05 -11.87 -10.66
C GLU A 17 -8.09 -13.28 -9.99
N ALA A 18 -7.08 -13.57 -9.15
CA ALA A 18 -7.00 -14.83 -8.37
C ALA A 18 -8.15 -14.94 -7.32
N LEU A 19 -8.55 -13.79 -6.78
CA LEU A 19 -9.67 -13.67 -5.82
C LEU A 19 -11.05 -13.55 -6.53
N ASN A 20 -11.04 -13.23 -7.84
CA ASN A 20 -12.29 -13.06 -8.63
C ASN A 20 -13.05 -14.41 -8.78
N GLY A 21 -14.30 -14.43 -8.26
CA GLY A 21 -15.12 -15.66 -8.20
C GLY A 21 -14.74 -16.60 -7.04
N THR A 22 -13.92 -16.09 -6.09
CA THR A 22 -13.51 -16.86 -4.89
C THR A 22 -14.24 -16.33 -3.62
N GLU A 23 -14.52 -17.24 -2.66
CA GLU A 23 -15.10 -16.89 -1.33
C GLU A 23 -14.20 -15.89 -0.54
N GLY A 24 -12.88 -16.05 -0.73
CA GLY A 24 -11.85 -15.31 0.00
C GLY A 24 -10.66 -16.20 0.33
N LEU A 25 -9.43 -15.67 0.27
CA LEU A 25 -8.20 -16.43 0.54
C LEU A 25 -7.31 -15.68 1.56
N THR A 26 -6.50 -16.43 2.34
CA THR A 26 -5.49 -15.82 3.26
C THR A 26 -4.29 -15.27 2.46
N GLN A 27 -3.48 -14.41 3.10
CA GLN A 27 -2.29 -13.81 2.47
C GLN A 27 -1.32 -14.88 1.89
N LYS A 28 -1.26 -16.04 2.55
CA LYS A 28 -0.49 -17.22 2.08
C LYS A 28 -1.10 -17.86 0.81
N GLN A 29 -2.43 -18.07 0.82
CA GLN A 29 -3.18 -18.75 -0.28
C GLN A 29 -3.15 -17.96 -1.60
N ILE A 30 -3.31 -16.63 -1.49
CA ILE A 30 -3.31 -15.71 -2.67
C ILE A 30 -1.96 -15.77 -3.41
N LYS A 31 -0.85 -15.69 -2.66
CA LYS A 31 0.53 -15.67 -3.23
C LYS A 31 0.87 -16.94 -4.02
N LYS A 32 0.25 -18.08 -3.68
CA LYS A 32 0.41 -19.32 -4.46
C LYS A 32 -0.28 -19.18 -5.85
N ALA A 33 -1.56 -18.75 -5.83
CA ALA A 33 -2.38 -18.61 -7.06
C ALA A 33 -1.84 -17.52 -8.04
N THR A 34 -1.24 -16.47 -7.46
CA THR A 34 -0.63 -15.34 -8.20
C THR A 34 0.85 -15.59 -8.54
N LYS A 35 1.46 -16.56 -7.81
CA LYS A 35 2.89 -16.94 -7.93
C LYS A 35 3.84 -15.83 -7.41
N LEU A 36 3.40 -15.12 -6.35
CA LEU A 36 4.24 -14.13 -5.62
C LEU A 36 5.34 -14.83 -4.77
N LYS A 37 6.38 -14.07 -4.40
CA LYS A 37 7.55 -14.60 -3.67
C LYS A 37 7.35 -14.52 -2.14
N ALA A 38 7.00 -13.32 -1.65
CA ALA A 38 6.96 -13.01 -0.20
C ALA A 38 5.73 -12.15 0.15
N ASP A 39 5.40 -12.08 1.45
CA ASP A 39 4.31 -11.25 1.96
C ASP A 39 4.60 -9.74 1.74
N LYS A 40 5.90 -9.39 1.69
CA LYS A 40 6.38 -8.00 1.44
C LYS A 40 5.80 -7.37 0.16
N ASP A 41 5.89 -8.10 -0.97
CA ASP A 41 5.34 -7.64 -2.27
C ASP A 41 3.80 -7.75 -2.30
N PHE A 42 3.25 -8.73 -1.55
CA PHE A 42 1.78 -8.86 -1.34
C PHE A 42 1.18 -7.59 -0.67
N PHE A 43 1.90 -6.99 0.30
CA PHE A 43 1.44 -5.77 1.03
C PHE A 43 1.29 -4.55 0.08
N LEU A 44 2.13 -4.48 -0.96
CA LEU A 44 2.04 -3.45 -2.02
C LEU A 44 0.85 -3.71 -2.97
N GLY A 45 0.64 -5.00 -3.33
CA GLY A 45 -0.51 -5.40 -4.18
C GLY A 45 -1.87 -5.19 -3.49
N LEU A 46 -2.05 -5.83 -2.32
CA LEU A 46 -3.23 -5.62 -1.43
C LEU A 46 -3.38 -4.14 -1.00
N GLY A 47 -2.25 -3.46 -0.79
CA GLY A 47 -2.24 -2.03 -0.43
C GLY A 47 -2.81 -1.15 -1.54
N TRP A 48 -2.60 -1.59 -2.78
CA TRP A 48 -3.21 -0.98 -3.96
C TRP A 48 -4.74 -1.32 -4.00
N LEU A 49 -5.11 -2.56 -3.65
CA LEU A 49 -6.53 -2.99 -3.52
C LEU A 49 -7.31 -2.12 -2.48
N LEU A 50 -6.59 -1.64 -1.43
CA LEU A 50 -7.15 -0.71 -0.42
C LEU A 50 -7.47 0.67 -1.04
N ARG A 51 -6.55 1.22 -1.87
CA ARG A 51 -6.79 2.51 -2.57
C ARG A 51 -7.80 2.37 -3.74
N GLU A 52 -8.00 1.12 -4.19
CA GLU A 52 -9.01 0.77 -5.23
C GLU A 52 -10.40 0.56 -4.60
N ASP A 53 -10.42 0.35 -3.26
CA ASP A 53 -11.65 0.19 -2.44
C ASP A 53 -12.47 -1.07 -2.83
N LYS A 54 -11.82 -2.00 -3.54
CA LYS A 54 -12.47 -3.20 -4.12
C LYS A 54 -12.25 -4.46 -3.26
N VAL A 55 -11.71 -4.29 -2.04
CA VAL A 55 -11.54 -5.41 -1.06
C VAL A 55 -11.97 -5.04 0.37
N VAL A 56 -12.20 -6.10 1.17
CA VAL A 56 -12.35 -6.01 2.62
C VAL A 56 -11.71 -7.27 3.28
N THR A 57 -10.90 -7.06 4.33
CA THR A 57 -10.05 -8.11 4.91
C THR A 57 -10.55 -8.53 6.31
N SER A 58 -10.68 -9.84 6.52
CA SER A 58 -11.01 -10.45 7.81
C SER A 58 -9.72 -10.66 8.63
N GLU A 59 -9.81 -10.48 9.95
CA GLU A 59 -8.69 -10.75 10.87
C GLU A 59 -8.87 -12.17 11.47
N VAL A 60 -8.07 -13.13 10.96
CA VAL A 60 -8.08 -14.53 11.44
C VAL A 60 -6.77 -14.81 12.19
N GLU A 61 -6.84 -14.87 13.54
CA GLU A 61 -5.70 -15.20 14.45
C GLU A 61 -4.35 -14.52 14.07
N GLY A 62 -4.39 -13.20 13.75
CA GLY A 62 -3.19 -12.45 13.36
C GLY A 62 -2.80 -12.55 11.87
N GLU A 63 -3.67 -13.17 11.05
CA GLU A 63 -3.45 -13.36 9.60
C GLU A 63 -4.48 -12.55 8.76
N ILE A 64 -4.03 -12.04 7.60
CA ILE A 64 -4.88 -11.29 6.66
C ILE A 64 -5.69 -12.29 5.77
N PHE A 65 -7.01 -12.15 5.76
CA PHE A 65 -7.92 -12.97 4.90
C PHE A 65 -8.70 -12.01 3.95
N VAL A 66 -8.32 -11.94 2.68
CA VAL A 66 -8.82 -10.90 1.75
C VAL A 66 -10.03 -11.41 0.93
N LYS A 67 -11.10 -10.58 0.89
CA LYS A 67 -12.32 -10.86 0.09
C LYS A 67 -12.57 -9.68 -0.86
N LEU A 68 -13.15 -9.94 -2.04
CA LEU A 68 -13.52 -8.85 -2.98
C LEU A 68 -14.91 -8.28 -2.64
N VAL A 69 -15.06 -6.95 -2.76
CA VAL A 69 -16.37 -6.27 -2.75
C VAL A 69 -17.20 -6.72 -3.98
N LEU A 70 -18.37 -7.33 -3.74
CA LEU A 70 -19.21 -7.93 -4.79
C LEU A 70 -19.83 -6.86 -5.73
N GLU A 71 -19.09 -6.52 -6.80
CA GLU A 71 -19.57 -5.63 -7.87
C GLU A 71 -20.53 -6.40 -8.81
N HIS A 72 -20.06 -7.58 -9.29
CA HIS A 72 -20.85 -8.49 -10.15
C HIS A 72 -20.69 -9.97 -9.67
N HIS A 73 -21.36 -10.91 -10.37
CA HIS A 73 -21.38 -12.35 -9.98
C HIS A 73 -20.94 -13.27 -11.17
N HIS A 74 -20.53 -14.51 -10.83
CA HIS A 74 -20.05 -15.51 -11.81
C HIS A 74 -20.75 -16.88 -11.60
N HIS A 75 -20.99 -17.62 -12.69
CA HIS A 75 -21.42 -19.05 -12.64
C HIS A 75 -20.20 -19.99 -12.50
N HIS A 76 -19.00 -19.45 -12.79
CA HIS A 76 -17.70 -20.15 -12.63
C HIS A 76 -16.77 -19.32 -11.70
N HIS A 77 -15.44 -19.51 -11.81
CA HIS A 77 -14.46 -18.74 -11.01
C HIS A 77 -14.21 -17.34 -11.64
N MET B 1 -13.52 1.32 11.51
CA MET B 1 -13.21 1.25 12.94
C MET B 1 -12.07 0.23 13.22
N LYS B 2 -12.12 -0.93 12.53
CA LYS B 2 -11.13 -2.02 12.67
C LYS B 2 -10.75 -2.60 11.28
N MET B 3 -9.73 -2.00 10.63
CA MET B 3 -9.36 -2.35 9.24
C MET B 3 -7.93 -1.86 8.87
N LEU B 4 -7.29 -2.58 7.94
CA LEU B 4 -5.97 -2.19 7.35
C LEU B 4 -6.06 -0.77 6.71
N LYS B 5 -7.16 -0.52 5.98
CA LYS B 5 -7.52 0.83 5.44
C LYS B 5 -7.60 1.90 6.57
N GLU B 6 -8.27 1.53 7.69
CA GLU B 6 -8.54 2.45 8.83
C GLU B 6 -7.23 3.03 9.42
N LYS B 7 -6.31 2.13 9.82
CA LYS B 7 -4.98 2.52 10.35
C LYS B 7 -4.11 3.21 9.27
N ALA B 8 -4.24 2.79 8.00
CA ALA B 8 -3.48 3.34 6.84
C ALA B 8 -3.79 4.83 6.60
N GLY B 9 -5.07 5.21 6.76
CA GLY B 9 -5.51 6.61 6.61
C GLY B 9 -4.97 7.55 7.70
N ALA B 10 -4.93 7.04 8.94
CA ALA B 10 -4.30 7.75 10.09
C ALA B 10 -2.77 7.90 9.91
N LEU B 11 -2.15 6.91 9.25
CA LEU B 11 -0.71 6.93 8.90
C LEU B 11 -0.42 7.89 7.72
N ALA B 12 -1.41 8.01 6.82
CA ALA B 12 -1.29 8.84 5.58
C ALA B 12 -0.87 10.30 5.87
N GLY B 13 -1.62 10.96 6.76
CA GLY B 13 -1.31 12.32 7.20
C GLY B 13 0.06 12.48 7.89
N GLN B 14 0.51 11.42 8.60
CA GLN B 14 1.79 11.42 9.36
C GLN B 14 3.03 11.33 8.41
N ILE B 15 3.01 10.35 7.46
CA ILE B 15 4.10 10.19 6.44
C ILE B 15 4.20 11.46 5.54
N TRP B 16 3.02 12.03 5.21
CA TRP B 16 2.89 13.32 4.48
C TRP B 16 3.60 14.46 5.27
N GLU B 17 3.30 14.53 6.58
CA GLU B 17 3.85 15.54 7.50
C GLU B 17 5.39 15.47 7.60
N ALA B 18 5.93 14.24 7.61
CA ALA B 18 7.39 13.98 7.66
C ALA B 18 8.11 14.53 6.40
N LEU B 19 7.42 14.47 5.24
CA LEU B 19 7.91 14.98 3.95
C LEU B 19 7.62 16.50 3.76
N ASN B 20 6.63 17.03 4.51
CA ASN B 20 6.26 18.45 4.43
C ASN B 20 7.39 19.36 4.98
N GLY B 21 7.92 20.24 4.12
CA GLY B 21 9.03 21.13 4.47
C GLY B 21 10.44 20.54 4.21
N THR B 22 10.50 19.37 3.56
CA THR B 22 11.79 18.71 3.17
C THR B 22 11.90 18.59 1.64
N GLU B 23 13.12 18.30 1.15
CA GLU B 23 13.39 18.01 -0.28
C GLU B 23 13.12 16.51 -0.59
N GLY B 24 12.92 15.72 0.48
CA GLY B 24 12.74 14.27 0.37
C GLY B 24 13.46 13.52 1.49
N LEU B 25 12.87 12.40 1.96
CA LEU B 25 13.47 11.55 3.02
C LEU B 25 13.40 10.06 2.62
N THR B 26 14.25 9.24 3.26
CA THR B 26 14.24 7.76 3.09
C THR B 26 13.21 7.11 4.04
N GLN B 27 12.82 5.85 3.73
CA GLN B 27 11.84 5.08 4.53
C GLN B 27 12.22 4.99 6.04
N LYS B 28 13.54 4.84 6.29
CA LYS B 28 14.10 4.86 7.65
C LYS B 28 13.83 6.21 8.39
N GLN B 29 14.19 7.35 7.73
CA GLN B 29 14.15 8.69 8.36
C GLN B 29 12.71 9.21 8.59
N ILE B 30 11.78 8.80 7.71
CA ILE B 30 10.35 9.14 7.83
C ILE B 30 9.72 8.50 9.09
N LYS B 31 10.08 7.23 9.37
CA LYS B 31 9.58 6.50 10.57
C LYS B 31 9.97 7.20 11.90
N LYS B 32 11.13 7.89 11.91
CA LYS B 32 11.59 8.68 13.07
C LYS B 32 10.61 9.88 13.30
N ALA B 33 10.37 10.65 12.22
CA ALA B 33 9.54 11.89 12.26
C ALA B 33 8.03 11.59 12.49
N THR B 34 7.57 10.43 12.01
CA THR B 34 6.15 9.98 12.16
C THR B 34 5.86 9.33 13.53
N LYS B 35 6.93 8.90 14.24
CA LYS B 35 6.87 8.14 15.52
C LYS B 35 6.40 6.68 15.22
N LEU B 36 6.92 6.13 14.09
CA LEU B 36 6.84 4.69 13.76
C LEU B 36 8.20 3.98 14.02
N LYS B 37 8.26 2.68 13.69
CA LYS B 37 9.50 1.86 13.79
C LYS B 37 9.53 0.74 12.73
N ALA B 38 8.33 0.29 12.32
CA ALA B 38 8.15 -0.76 11.29
C ALA B 38 7.83 -0.15 9.91
N ASP B 39 8.57 -0.61 8.88
CA ASP B 39 8.34 -0.23 7.46
C ASP B 39 6.92 -0.66 6.98
N LYS B 40 6.35 -1.67 7.66
CA LYS B 40 4.96 -2.15 7.46
C LYS B 40 3.92 -1.02 7.47
N ASP B 41 3.92 -0.23 8.56
CA ASP B 41 3.00 0.91 8.75
C ASP B 41 3.32 2.04 7.75
N PHE B 42 4.62 2.18 7.44
CA PHE B 42 5.10 3.13 6.43
C PHE B 42 4.54 2.83 5.02
N PHE B 43 4.48 1.53 4.62
CA PHE B 43 4.01 1.12 3.26
C PHE B 43 2.52 1.45 3.05
N LEU B 44 1.70 1.23 4.10
CA LEU B 44 0.25 1.54 4.06
C LEU B 44 -0.01 3.08 4.16
N GLY B 45 0.91 3.82 4.83
CA GLY B 45 0.85 5.29 4.86
C GLY B 45 1.23 5.94 3.52
N LEU B 46 2.50 5.72 3.11
CA LEU B 46 3.07 6.20 1.82
C LEU B 46 2.21 5.78 0.58
N GLY B 47 1.77 4.52 0.58
CA GLY B 47 1.02 3.93 -0.54
C GLY B 47 -0.35 4.59 -0.76
N TRP B 48 -0.93 5.07 0.35
CA TRP B 48 -2.19 5.83 0.34
C TRP B 48 -2.00 7.24 -0.31
N LEU B 49 -0.81 7.82 -0.11
CA LEU B 49 -0.43 9.14 -0.68
C LEU B 49 -0.28 9.06 -2.23
N LEU B 50 0.09 7.87 -2.73
CA LEU B 50 0.19 7.58 -4.19
C LEU B 50 -1.21 7.65 -4.88
N ARG B 51 -2.29 7.22 -4.17
CA ARG B 51 -3.67 7.26 -4.73
C ARG B 51 -4.15 8.71 -4.96
N GLU B 52 -3.72 9.61 -4.08
CA GLU B 52 -4.04 11.05 -4.16
C GLU B 52 -2.94 11.84 -4.92
N ASP B 53 -1.81 11.16 -5.24
CA ASP B 53 -0.66 11.74 -5.99
C ASP B 53 0.01 12.91 -5.21
N LYS B 54 -0.04 12.83 -3.87
CA LYS B 54 0.56 13.82 -2.97
C LYS B 54 2.09 13.61 -2.83
N VAL B 55 2.58 12.41 -3.23
CA VAL B 55 4.02 12.04 -3.18
C VAL B 55 4.46 11.35 -4.48
N VAL B 56 5.78 11.29 -4.66
CA VAL B 56 6.43 10.56 -5.76
C VAL B 56 7.60 9.72 -5.20
N THR B 57 7.66 8.46 -5.64
CA THR B 57 8.54 7.44 -5.08
C THR B 57 9.74 7.16 -6.00
N SER B 58 10.91 6.91 -5.38
CA SER B 58 12.17 6.59 -6.10
C SER B 58 13.03 5.60 -5.30
N GLU B 59 14.03 5.03 -5.97
CA GLU B 59 14.95 4.03 -5.39
C GLU B 59 16.37 4.63 -5.26
N VAL B 60 16.78 4.98 -4.03
CA VAL B 60 18.08 5.63 -3.74
C VAL B 60 18.92 4.78 -2.76
N GLU B 61 20.14 4.41 -3.22
CA GLU B 61 21.19 3.74 -2.41
C GLU B 61 20.70 2.48 -1.65
N GLY B 62 19.80 1.72 -2.31
CA GLY B 62 19.32 0.43 -1.79
C GLY B 62 18.01 0.48 -0.98
N GLU B 63 17.46 1.69 -0.74
CA GLU B 63 16.15 1.83 -0.03
C GLU B 63 15.25 2.91 -0.68
N ILE B 64 14.01 3.02 -0.17
CA ILE B 64 12.96 3.90 -0.74
C ILE B 64 13.17 5.37 -0.32
N PHE B 65 13.30 6.28 -1.31
CA PHE B 65 13.45 7.74 -1.10
C PHE B 65 12.30 8.47 -1.83
N VAL B 66 11.48 9.21 -1.06
CA VAL B 66 10.22 9.81 -1.54
C VAL B 66 10.12 11.30 -1.17
N LYS B 67 9.24 12.05 -1.86
CA LYS B 67 8.99 13.49 -1.56
C LYS B 67 7.60 13.92 -2.05
N LEU B 68 7.10 15.07 -1.54
CA LEU B 68 5.79 15.62 -1.96
C LEU B 68 5.84 16.14 -3.42
N VAL B 69 4.79 15.82 -4.19
CA VAL B 69 4.58 16.39 -5.54
C VAL B 69 4.09 17.86 -5.41
N LEU B 70 5.02 18.80 -5.23
CA LEU B 70 4.70 20.25 -5.18
C LEU B 70 4.16 20.75 -6.55
N GLU B 71 4.40 19.96 -7.60
CA GLU B 71 3.90 20.18 -8.98
C GLU B 71 2.35 20.25 -9.07
N HIS B 72 1.62 19.64 -8.08
CA HIS B 72 0.13 19.74 -8.02
C HIS B 72 -0.36 21.21 -7.83
N HIS B 73 0.54 22.10 -7.39
CA HIS B 73 0.35 23.55 -7.42
C HIS B 73 1.49 24.20 -8.25
N HIS B 74 1.50 23.90 -9.56
CA HIS B 74 2.46 24.49 -10.53
C HIS B 74 2.24 26.03 -10.62
N HIS B 75 3.03 26.78 -9.86
CA HIS B 75 2.91 28.25 -9.73
C HIS B 75 3.67 28.96 -10.87
N HIS B 76 2.93 29.51 -11.84
CA HIS B 76 3.48 30.28 -12.98
C HIS B 76 3.43 31.80 -12.68
N HIS B 77 4.58 32.48 -12.86
CA HIS B 77 4.70 33.95 -12.61
C HIS B 77 4.00 34.78 -13.71
N MET A 1 1.28 3.36 -18.40
CA MET A 1 2.36 4.14 -17.71
C MET A 1 3.69 3.35 -17.71
N LYS A 2 4.79 4.00 -17.30
CA LYS A 2 6.12 3.35 -17.14
C LYS A 2 6.60 3.39 -15.66
N MET A 3 5.97 4.26 -14.84
CA MET A 3 6.36 4.48 -13.43
C MET A 3 5.98 3.30 -12.50
N LEU A 4 6.44 3.35 -11.23
CA LEU A 4 6.17 2.28 -10.21
C LEU A 4 4.66 2.11 -9.88
N LYS A 5 3.82 3.09 -10.31
CA LYS A 5 2.34 2.96 -10.29
C LYS A 5 1.86 1.79 -11.18
N GLU A 6 2.50 1.67 -12.36
CA GLU A 6 2.21 0.60 -13.35
C GLU A 6 2.66 -0.79 -12.83
N LYS A 7 3.80 -0.83 -12.12
CA LYS A 7 4.35 -2.07 -11.52
C LYS A 7 3.40 -2.56 -10.39
N ALA A 8 3.05 -1.64 -9.47
CA ALA A 8 2.08 -1.90 -8.37
C ALA A 8 0.67 -2.28 -8.91
N GLY A 9 0.30 -1.67 -10.07
CA GLY A 9 -0.94 -2.02 -10.77
C GLY A 9 -0.96 -3.43 -11.39
N ALA A 10 0.21 -3.92 -11.84
CA ALA A 10 0.38 -5.30 -12.35
C ALA A 10 0.29 -6.34 -11.20
N LEU A 11 0.89 -5.97 -10.05
CA LEU A 11 0.78 -6.74 -8.79
C LEU A 11 -0.68 -6.78 -8.28
N ALA A 12 -1.40 -5.66 -8.48
CA ALA A 12 -2.81 -5.53 -8.11
C ALA A 12 -3.72 -6.50 -8.90
N GLY A 13 -3.51 -6.54 -10.23
CA GLY A 13 -4.31 -7.36 -11.15
C GLY A 13 -4.28 -8.86 -10.83
N GLN A 14 -3.07 -9.41 -10.62
CA GLN A 14 -2.87 -10.84 -10.32
C GLN A 14 -3.44 -11.26 -8.93
N ILE A 15 -3.35 -10.34 -7.93
CA ILE A 15 -3.89 -10.58 -6.57
C ILE A 15 -5.44 -10.51 -6.55
N TRP A 16 -6.00 -9.53 -7.27
CA TRP A 16 -7.47 -9.35 -7.40
C TRP A 16 -8.12 -10.57 -8.13
N GLU A 17 -7.52 -10.94 -9.28
CA GLU A 17 -7.99 -12.09 -10.11
C GLU A 17 -7.74 -13.45 -9.40
N ALA A 18 -6.77 -13.51 -8.47
CA ALA A 18 -6.58 -14.72 -7.61
C ALA A 18 -7.82 -14.96 -6.69
N LEU A 19 -8.47 -13.87 -6.22
CA LEU A 19 -9.63 -13.93 -5.29
C LEU A 19 -11.01 -13.71 -5.97
N ASN A 20 -11.07 -13.29 -7.26
CA ASN A 20 -12.36 -12.99 -7.93
C ASN A 20 -13.24 -14.27 -8.08
N GLY A 21 -14.49 -14.20 -7.61
CA GLY A 21 -15.39 -15.37 -7.55
C GLY A 21 -15.22 -16.23 -6.29
N THR A 22 -14.62 -15.66 -5.22
CA THR A 22 -14.46 -16.34 -3.90
C THR A 22 -14.94 -15.43 -2.75
N GLU A 23 -14.96 -15.99 -1.53
CA GLU A 23 -15.31 -15.26 -0.29
C GLU A 23 -14.11 -14.50 0.32
N GLY A 24 -12.87 -14.80 -0.14
CA GLY A 24 -11.65 -14.16 0.40
C GLY A 24 -10.59 -15.18 0.85
N LEU A 25 -9.29 -14.83 0.61
CA LEU A 25 -8.13 -15.70 0.96
C LEU A 25 -7.09 -14.92 1.81
N THR A 26 -6.13 -15.66 2.41
CA THR A 26 -4.99 -15.06 3.17
C THR A 26 -3.77 -14.84 2.25
N GLN A 27 -2.75 -14.11 2.76
CA GLN A 27 -1.47 -13.86 2.03
C GLN A 27 -0.79 -15.18 1.59
N LYS A 28 -0.93 -16.24 2.39
CA LYS A 28 -0.43 -17.60 2.06
C LYS A 28 -0.98 -18.12 0.70
N GLN A 29 -2.32 -18.08 0.54
CA GLN A 29 -3.01 -18.55 -0.69
C GLN A 29 -2.68 -17.63 -1.89
N ILE A 30 -2.62 -16.32 -1.64
CA ILE A 30 -2.31 -15.31 -2.67
C ILE A 30 -0.87 -15.49 -3.20
N LYS A 31 0.08 -15.70 -2.28
CA LYS A 31 1.52 -15.87 -2.59
C LYS A 31 1.78 -17.18 -3.36
N LYS A 32 0.98 -18.22 -3.08
CA LYS A 32 1.04 -19.52 -3.79
C LYS A 32 0.54 -19.35 -5.25
N ALA A 33 -0.60 -18.66 -5.41
CA ALA A 33 -1.26 -18.45 -6.73
C ALA A 33 -0.41 -17.53 -7.66
N THR A 34 0.00 -16.38 -7.11
CA THR A 34 0.84 -15.37 -7.82
C THR A 34 2.31 -15.85 -7.97
N LYS A 35 2.73 -16.75 -7.06
CA LYS A 35 4.10 -17.32 -6.99
C LYS A 35 5.15 -16.22 -6.62
N LEU A 36 4.69 -15.19 -5.85
CA LEU A 36 5.58 -14.07 -5.42
C LEU A 36 6.52 -14.49 -4.26
N LYS A 37 7.59 -13.72 -4.04
CA LYS A 37 8.64 -14.04 -3.05
C LYS A 37 8.49 -13.17 -1.77
N ALA A 38 8.55 -11.85 -1.94
CA ALA A 38 8.62 -10.89 -0.80
C ALA A 38 7.22 -10.41 -0.34
N ASP A 39 7.10 -10.15 0.97
CA ASP A 39 5.93 -9.46 1.55
C ASP A 39 5.77 -8.05 0.93
N LYS A 40 6.92 -7.45 0.59
CA LYS A 40 7.05 -6.07 0.08
C LYS A 40 6.22 -5.79 -1.19
N ASP A 41 6.39 -6.63 -2.23
CA ASP A 41 5.66 -6.44 -3.51
C ASP A 41 4.17 -6.82 -3.36
N PHE A 42 3.88 -7.74 -2.42
CA PHE A 42 2.49 -8.06 -2.00
C PHE A 42 1.77 -6.80 -1.44
N PHE A 43 2.48 -5.98 -0.64
CA PHE A 43 1.93 -4.72 -0.07
C PHE A 43 1.64 -3.65 -1.15
N LEU A 44 2.45 -3.62 -2.23
CA LEU A 44 2.23 -2.71 -3.38
C LEU A 44 1.00 -3.17 -4.22
N GLY A 45 0.77 -4.50 -4.27
CA GLY A 45 -0.42 -5.07 -4.94
C GLY A 45 -1.71 -4.88 -4.13
N LEU A 46 -1.76 -5.48 -2.93
CA LEU A 46 -2.90 -5.36 -1.98
C LEU A 46 -3.17 -3.89 -1.56
N GLY A 47 -2.09 -3.10 -1.49
CA GLY A 47 -2.18 -1.66 -1.19
C GLY A 47 -2.83 -0.87 -2.32
N TRP A 48 -2.62 -1.35 -3.57
CA TRP A 48 -3.31 -0.82 -4.75
C TRP A 48 -4.82 -1.20 -4.71
N LEU A 49 -5.14 -2.38 -4.18
CA LEU A 49 -6.55 -2.81 -3.95
C LEU A 49 -7.26 -1.91 -2.88
N LEU A 50 -6.48 -1.42 -1.88
CA LEU A 50 -6.96 -0.44 -0.88
C LEU A 50 -7.24 0.95 -1.52
N ARG A 51 -6.31 1.39 -2.40
CA ARG A 51 -6.45 2.68 -3.11
C ARG A 51 -7.54 2.63 -4.22
N GLU A 52 -7.89 1.39 -4.63
CA GLU A 52 -9.00 1.13 -5.57
C GLU A 52 -10.33 0.84 -4.85
N ASP A 53 -10.27 0.74 -3.49
CA ASP A 53 -11.45 0.54 -2.59
C ASP A 53 -12.17 -0.82 -2.85
N LYS A 54 -11.52 -1.73 -3.60
CA LYS A 54 -12.11 -3.02 -4.02
C LYS A 54 -11.76 -4.19 -3.07
N VAL A 55 -11.28 -3.89 -1.85
CA VAL A 55 -11.10 -4.92 -0.78
C VAL A 55 -11.55 -4.46 0.61
N VAL A 56 -11.92 -5.47 1.44
CA VAL A 56 -12.06 -5.37 2.90
C VAL A 56 -10.97 -6.24 3.56
N THR A 57 -10.15 -5.65 4.44
CA THR A 57 -9.01 -6.34 5.09
C THR A 57 -9.33 -6.74 6.55
N SER A 58 -8.69 -7.84 7.00
CA SER A 58 -8.92 -8.46 8.33
C SER A 58 -7.71 -9.32 8.74
N GLU A 59 -7.70 -9.83 9.98
CA GLU A 59 -6.62 -10.72 10.48
C GLU A 59 -7.20 -12.08 10.95
N VAL A 60 -6.67 -13.18 10.38
CA VAL A 60 -6.98 -14.57 10.82
C VAL A 60 -5.69 -15.24 11.37
N GLU A 61 -5.68 -15.54 12.69
CA GLU A 61 -4.60 -16.32 13.37
C GLU A 61 -3.19 -15.65 13.23
N GLY A 62 -3.15 -14.29 13.24
CA GLY A 62 -1.89 -13.53 13.05
C GLY A 62 -1.45 -13.40 11.59
N GLU A 63 -2.33 -13.79 10.66
CA GLU A 63 -2.05 -13.76 9.20
C GLU A 63 -2.98 -12.75 8.50
N ILE A 64 -2.45 -12.06 7.45
CA ILE A 64 -3.22 -11.06 6.67
C ILE A 64 -4.31 -11.77 5.80
N PHE A 65 -5.57 -11.63 6.23
CA PHE A 65 -6.76 -12.12 5.48
C PHE A 65 -7.43 -10.95 4.74
N VAL A 66 -7.84 -11.15 3.49
CA VAL A 66 -8.53 -10.11 2.71
C VAL A 66 -9.68 -10.71 1.85
N LYS A 67 -10.71 -9.91 1.57
CA LYS A 67 -11.84 -10.31 0.69
C LYS A 67 -12.17 -9.17 -0.29
N LEU A 68 -12.61 -9.49 -1.52
CA LEU A 68 -12.90 -8.46 -2.55
C LEU A 68 -14.31 -7.84 -2.39
N VAL A 69 -14.39 -6.50 -2.52
CA VAL A 69 -15.64 -5.81 -2.87
C VAL A 69 -15.96 -6.14 -4.35
N LEU A 70 -17.00 -6.99 -4.57
CA LEU A 70 -17.34 -7.54 -5.90
C LEU A 70 -17.62 -6.42 -6.96
N GLU A 71 -16.59 -6.14 -7.77
CA GLU A 71 -16.65 -5.19 -8.90
C GLU A 71 -17.20 -5.91 -10.16
N HIS A 72 -17.75 -5.13 -11.10
CA HIS A 72 -18.16 -5.65 -12.43
C HIS A 72 -16.93 -6.05 -13.29
N HIS A 73 -17.16 -6.92 -14.29
CA HIS A 73 -16.09 -7.35 -15.26
C HIS A 73 -15.59 -6.15 -16.11
N HIS A 74 -16.45 -5.13 -16.25
CA HIS A 74 -16.04 -3.81 -16.75
C HIS A 74 -15.78 -2.86 -15.55
N HIS A 75 -14.51 -2.84 -15.09
CA HIS A 75 -14.06 -1.98 -13.96
C HIS A 75 -14.03 -0.48 -14.32
N HIS A 76 -13.75 0.37 -13.32
CA HIS A 76 -13.61 1.83 -13.52
C HIS A 76 -12.16 2.21 -13.90
N HIS A 77 -11.96 3.34 -14.59
CA HIS A 77 -10.62 3.79 -15.04
C HIS A 77 -10.10 4.96 -14.18
N MET B 1 -14.70 5.63 10.76
CA MET B 1 -14.04 5.73 12.07
C MET B 1 -13.29 4.41 12.42
N LYS B 2 -14.06 3.32 12.54
CA LYS B 2 -13.55 2.00 12.97
C LYS B 2 -12.80 1.26 11.83
N MET B 3 -13.22 1.52 10.56
CA MET B 3 -12.69 0.84 9.36
C MET B 3 -11.14 0.98 9.20
N LEU B 4 -10.50 -0.12 8.74
CA LEU B 4 -9.04 -0.19 8.51
C LEU B 4 -8.58 0.77 7.39
N LYS B 5 -9.54 1.23 6.56
CA LYS B 5 -9.34 2.29 5.54
C LYS B 5 -9.09 3.66 6.22
N GLU B 6 -9.90 3.96 7.26
CA GLU B 6 -9.78 5.21 8.05
C GLU B 6 -8.48 5.19 8.90
N LYS B 7 -8.10 3.98 9.34
CA LYS B 7 -6.82 3.70 10.04
C LYS B 7 -5.62 3.98 9.07
N ALA B 8 -5.74 3.52 7.81
CA ALA B 8 -4.76 3.80 6.73
C ALA B 8 -4.64 5.32 6.44
N GLY B 9 -5.79 6.03 6.53
CA GLY B 9 -5.84 7.49 6.41
C GLY B 9 -5.17 8.23 7.57
N ALA B 10 -5.28 7.66 8.78
CA ALA B 10 -4.61 8.17 10.00
C ALA B 10 -3.07 8.08 9.86
N LEU B 11 -2.62 6.96 9.26
CA LEU B 11 -1.19 6.73 8.93
C LEU B 11 -0.71 7.71 7.83
N ALA B 12 -1.57 7.96 6.82
CA ALA B 12 -1.26 8.86 5.68
C ALA B 12 -0.90 10.30 6.13
N GLY B 13 -1.71 10.84 7.07
CA GLY B 13 -1.51 12.19 7.60
C GLY B 13 -0.17 12.40 8.31
N GLN B 14 0.14 11.53 9.28
CA GLN B 14 1.37 11.62 10.10
C GLN B 14 2.66 11.37 9.25
N ILE B 15 2.60 10.39 8.31
CA ILE B 15 3.73 10.06 7.40
C ILE B 15 4.02 11.23 6.44
N TRP B 16 2.95 11.85 5.89
CA TRP B 16 3.07 13.04 5.04
C TRP B 16 3.73 14.23 5.80
N GLU B 17 3.35 14.40 7.09
CA GLU B 17 3.93 15.46 7.96
C GLU B 17 5.43 15.25 8.26
N ALA B 18 5.89 13.98 8.20
CA ALA B 18 7.34 13.66 8.24
C ALA B 18 8.06 14.21 6.98
N LEU B 19 7.35 14.16 5.82
CA LEU B 19 7.85 14.69 4.53
C LEU B 19 7.55 16.20 4.35
N ASN B 20 6.61 16.75 5.14
CA ASN B 20 6.14 18.15 5.02
C ASN B 20 7.26 19.16 5.34
N GLY B 21 7.55 20.04 4.36
CA GLY B 21 8.67 20.99 4.43
C GLY B 21 9.90 20.52 3.63
N THR B 22 10.05 19.21 3.49
CA THR B 22 11.13 18.56 2.69
C THR B 22 10.57 18.11 1.30
N GLU B 23 11.44 17.65 0.39
CA GLU B 23 11.03 17.17 -0.96
C GLU B 23 11.10 15.62 -1.08
N GLY B 24 11.53 14.93 0.01
CA GLY B 24 11.78 13.48 -0.03
C GLY B 24 12.64 12.95 1.14
N LEU B 25 12.18 11.84 1.79
CA LEU B 25 12.93 11.16 2.89
C LEU B 25 13.06 9.63 2.61
N THR B 26 14.02 8.98 3.29
CA THR B 26 14.12 7.49 3.30
C THR B 26 13.21 6.90 4.39
N GLN B 27 12.84 5.60 4.26
CA GLN B 27 11.95 4.91 5.22
C GLN B 27 12.49 4.99 6.66
N LYS B 28 13.81 4.79 6.82
CA LYS B 28 14.51 4.87 8.13
C LYS B 28 14.35 6.28 8.78
N GLN B 29 14.46 7.35 7.96
CA GLN B 29 14.27 8.76 8.42
C GLN B 29 12.81 9.01 8.86
N ILE B 30 11.87 8.46 8.08
CA ILE B 30 10.42 8.62 8.33
C ILE B 30 10.01 7.90 9.63
N LYS B 31 10.48 6.65 9.81
CA LYS B 31 10.21 5.84 11.04
C LYS B 31 10.75 6.52 12.32
N LYS B 32 11.83 7.32 12.17
CA LYS B 32 12.36 8.17 13.26
C LYS B 32 11.39 9.35 13.59
N ALA B 33 10.92 10.05 12.54
CA ALA B 33 10.07 11.27 12.67
C ALA B 33 8.64 10.94 13.21
N THR B 34 8.02 9.90 12.63
CA THR B 34 6.67 9.42 13.01
C THR B 34 6.72 8.49 14.24
N LYS B 35 7.91 7.93 14.55
CA LYS B 35 8.15 7.06 15.72
C LYS B 35 7.27 5.79 15.70
N LEU B 36 7.39 5.01 14.60
CA LEU B 36 6.70 3.69 14.46
C LEU B 36 7.72 2.56 14.23
N LYS B 37 7.47 1.39 14.86
CA LYS B 37 8.35 0.21 14.77
C LYS B 37 8.01 -0.63 13.51
N ALA B 38 6.71 -0.91 13.32
CA ALA B 38 6.23 -1.69 12.17
C ALA B 38 6.35 -0.91 10.83
N ASP B 39 7.14 -1.48 9.91
CA ASP B 39 7.25 -1.01 8.51
C ASP B 39 5.90 -1.12 7.78
N LYS B 40 5.06 -2.06 8.25
CA LYS B 40 3.72 -2.37 7.68
C LYS B 40 2.82 -1.11 7.60
N ASP B 41 2.72 -0.40 8.74
CA ASP B 41 1.92 0.84 8.86
C ASP B 41 2.44 1.97 7.94
N PHE B 42 3.78 1.97 7.70
CA PHE B 42 4.39 2.88 6.71
C PHE B 42 3.85 2.61 5.29
N PHE B 43 3.76 1.33 4.90
CA PHE B 43 3.29 0.92 3.54
C PHE B 43 1.79 1.24 3.32
N LEU B 44 0.97 1.06 4.38
CA LEU B 44 -0.49 1.36 4.37
C LEU B 44 -0.75 2.88 4.16
N GLY B 45 -0.02 3.72 4.93
CA GLY B 45 -0.10 5.18 4.81
C GLY B 45 0.43 5.70 3.47
N LEU B 46 1.59 5.16 3.04
CA LEU B 46 2.25 5.49 1.76
C LEU B 46 1.37 5.10 0.54
N GLY B 47 0.58 4.03 0.71
CA GLY B 47 -0.35 3.56 -0.32
C GLY B 47 -1.52 4.52 -0.53
N TRP B 48 -1.91 5.20 0.57
CA TRP B 48 -2.93 6.26 0.53
C TRP B 48 -2.36 7.54 -0.16
N LEU B 49 -1.07 7.82 0.07
CA LEU B 49 -0.34 8.91 -0.61
C LEU B 49 -0.26 8.65 -2.16
N LEU B 50 -0.23 7.36 -2.57
CA LEU B 50 -0.26 6.92 -3.99
C LEU B 50 -1.63 7.18 -4.70
N ARG B 51 -2.79 7.00 -3.99
CA ARG B 51 -4.14 7.29 -4.59
C ARG B 51 -4.37 8.78 -4.79
N GLU B 52 -3.81 9.58 -3.88
CA GLU B 52 -3.89 11.05 -3.94
C GLU B 52 -2.86 11.62 -4.94
N ASP B 53 -1.83 10.78 -5.27
CA ASP B 53 -0.78 11.06 -6.27
C ASP B 53 0.18 12.18 -5.78
N LYS B 54 0.17 12.42 -4.45
CA LYS B 54 1.01 13.45 -3.80
C LYS B 54 2.46 12.96 -3.58
N VAL B 55 2.73 11.65 -3.82
CA VAL B 55 4.10 11.10 -3.70
C VAL B 55 4.49 10.24 -4.93
N VAL B 56 5.80 9.99 -5.04
CA VAL B 56 6.40 9.02 -5.95
C VAL B 56 7.39 8.13 -5.15
N THR B 57 7.43 6.83 -5.49
CA THR B 57 8.29 5.84 -4.78
C THR B 57 9.56 5.55 -5.60
N SER B 58 10.70 5.43 -4.89
CA SER B 58 12.04 5.21 -5.50
C SER B 58 12.93 4.37 -4.57
N GLU B 59 14.11 3.96 -5.09
CA GLU B 59 15.13 3.21 -4.33
C GLU B 59 16.46 3.98 -4.37
N VAL B 60 16.97 4.33 -3.17
CA VAL B 60 18.31 4.96 -3.01
C VAL B 60 19.21 4.06 -2.12
N GLU B 61 20.28 3.52 -2.76
CA GLU B 61 21.38 2.77 -2.11
C GLU B 61 20.89 1.60 -1.19
N GLY B 62 19.91 0.83 -1.69
CA GLY B 62 19.37 -0.35 -0.98
C GLY B 62 18.27 -0.01 0.04
N GLU B 63 17.87 1.26 0.11
CA GLU B 63 16.84 1.76 1.06
C GLU B 63 15.63 2.37 0.28
N ILE B 64 14.42 2.24 0.86
CA ILE B 64 13.19 2.89 0.31
C ILE B 64 13.28 4.42 0.44
N PHE B 65 13.14 5.15 -0.68
CA PHE B 65 13.19 6.63 -0.70
C PHE B 65 11.95 7.18 -1.43
N VAL B 66 11.08 7.89 -0.71
CA VAL B 66 9.82 8.42 -1.27
C VAL B 66 9.82 9.98 -1.26
N LYS B 67 9.32 10.58 -2.35
CA LYS B 67 9.35 12.05 -2.56
C LYS B 67 7.94 12.62 -2.74
N LEU B 68 7.77 13.94 -2.53
CA LEU B 68 6.46 14.63 -2.74
C LEU B 68 6.28 15.07 -4.22
N VAL B 69 6.62 14.14 -5.16
CA VAL B 69 6.66 14.40 -6.64
C VAL B 69 7.61 15.61 -6.96
N LEU B 70 8.69 15.73 -6.16
CA LEU B 70 9.65 16.85 -6.25
C LEU B 70 11.09 16.35 -6.46
N GLU B 71 11.82 17.05 -7.34
CA GLU B 71 13.26 16.81 -7.63
C GLU B 71 13.81 17.96 -8.50
N HIS B 72 15.15 18.10 -8.54
CA HIS B 72 15.82 19.22 -9.26
C HIS B 72 16.58 18.76 -10.54
N HIS B 73 16.05 17.69 -11.19
CA HIS B 73 16.58 17.21 -12.50
C HIS B 73 15.49 16.44 -13.30
N HIS B 74 15.02 17.04 -14.42
CA HIS B 74 14.00 16.44 -15.32
C HIS B 74 14.58 15.23 -16.14
N HIS B 75 14.65 14.07 -15.47
CA HIS B 75 15.20 12.82 -16.02
C HIS B 75 14.24 12.15 -17.06
N HIS B 76 14.52 12.37 -18.36
CA HIS B 76 13.87 11.63 -19.47
C HIS B 76 14.65 10.34 -19.82
N HIS B 77 15.99 10.36 -19.63
CA HIS B 77 16.85 9.15 -19.80
C HIS B 77 17.18 8.51 -18.43
N MET A 1 1.97 6.96 -16.10
CA MET A 1 3.40 7.29 -16.37
C MET A 1 4.33 6.36 -15.59
N LYS A 2 5.43 5.93 -16.24
CA LYS A 2 6.30 4.81 -15.80
C LYS A 2 6.82 4.96 -14.33
N MET A 3 6.35 4.05 -13.46
CA MET A 3 6.62 4.07 -12.00
C MET A 3 6.19 2.71 -11.36
N LEU A 4 6.69 2.41 -10.13
CA LEU A 4 6.24 1.19 -9.35
C LEU A 4 4.72 1.23 -9.02
N LYS A 5 4.12 2.42 -9.17
CA LYS A 5 2.68 2.67 -8.98
C LYS A 5 1.85 1.93 -10.07
N GLU A 6 2.40 1.92 -11.30
CA GLU A 6 1.79 1.22 -12.46
C GLU A 6 1.90 -0.31 -12.25
N LYS A 7 3.07 -0.73 -11.72
CA LYS A 7 3.32 -2.13 -11.30
C LYS A 7 2.31 -2.58 -10.20
N ALA A 8 2.05 -1.68 -9.23
CA ALA A 8 1.08 -1.93 -8.13
C ALA A 8 -0.35 -2.14 -8.67
N GLY A 9 -0.67 -1.42 -9.77
CA GLY A 9 -1.93 -1.62 -10.50
C GLY A 9 -1.98 -2.96 -11.27
N ALA A 10 -0.82 -3.37 -11.84
CA ALA A 10 -0.67 -4.65 -12.56
C ALA A 10 -0.86 -5.87 -11.60
N LEU A 11 -0.23 -5.78 -10.42
CA LEU A 11 -0.34 -6.78 -9.34
C LEU A 11 -1.77 -6.78 -8.74
N ALA A 12 -2.39 -5.59 -8.70
CA ALA A 12 -3.79 -5.41 -8.23
C ALA A 12 -4.79 -6.24 -9.07
N GLY A 13 -4.59 -6.20 -10.41
CA GLY A 13 -5.44 -6.95 -11.34
C GLY A 13 -5.43 -8.46 -11.10
N GLN A 14 -4.24 -9.07 -11.03
CA GLN A 14 -4.07 -10.54 -10.85
C GLN A 14 -4.49 -11.01 -9.42
N ILE A 15 -4.24 -10.17 -8.39
CA ILE A 15 -4.69 -10.45 -6.99
C ILE A 15 -6.24 -10.40 -6.88
N TRP A 16 -6.85 -9.43 -7.60
CA TRP A 16 -8.32 -9.33 -7.76
C TRP A 16 -8.90 -10.61 -8.43
N GLU A 17 -8.22 -11.09 -9.50
CA GLU A 17 -8.64 -12.30 -10.26
C GLU A 17 -8.52 -13.60 -9.42
N ALA A 18 -7.58 -13.62 -8.46
CA ALA A 18 -7.44 -14.73 -7.48
C ALA A 18 -8.67 -14.79 -6.52
N LEU A 19 -9.19 -13.59 -6.17
CA LEU A 19 -10.37 -13.43 -5.30
C LEU A 19 -11.70 -13.46 -6.10
N ASN A 20 -11.63 -13.23 -7.44
CA ASN A 20 -12.83 -13.20 -8.32
C ASN A 20 -13.53 -14.57 -8.39
N GLY A 21 -14.84 -14.59 -8.05
CA GLY A 21 -15.63 -15.83 -7.98
C GLY A 21 -15.25 -16.76 -6.82
N THR A 22 -14.45 -16.24 -5.87
CA THR A 22 -13.91 -17.02 -4.72
C THR A 22 -14.41 -16.42 -3.38
N GLU A 23 -14.57 -17.28 -2.37
CA GLU A 23 -14.96 -16.90 -0.98
C GLU A 23 -13.86 -16.05 -0.27
N GLY A 24 -12.59 -16.17 -0.72
CA GLY A 24 -11.47 -15.44 -0.12
C GLY A 24 -10.33 -16.32 0.37
N LEU A 25 -9.09 -15.81 0.30
CA LEU A 25 -7.88 -16.55 0.70
C LEU A 25 -7.04 -15.70 1.70
N THR A 26 -6.09 -16.36 2.40
CA THR A 26 -5.10 -15.66 3.25
C THR A 26 -3.98 -15.03 2.39
N GLN A 27 -3.14 -14.18 3.02
CA GLN A 27 -2.09 -13.39 2.33
C GLN A 27 -1.07 -14.29 1.54
N LYS A 28 -0.69 -15.44 2.14
CA LYS A 28 0.18 -16.45 1.49
C LYS A 28 -0.52 -17.09 0.27
N GLN A 29 -1.78 -17.51 0.45
CA GLN A 29 -2.54 -18.29 -0.58
C GLN A 29 -2.77 -17.49 -1.88
N ILE A 30 -3.07 -16.19 -1.74
CA ILE A 30 -3.21 -15.28 -2.91
C ILE A 30 -1.85 -15.06 -3.59
N LYS A 31 -0.81 -14.79 -2.77
CA LYS A 31 0.58 -14.59 -3.23
C LYS A 31 1.09 -15.82 -4.03
N LYS A 32 0.65 -17.02 -3.59
CA LYS A 32 0.96 -18.31 -4.23
C LYS A 32 0.24 -18.43 -5.60
N ALA A 33 -1.07 -18.10 -5.62
CA ALA A 33 -1.94 -18.17 -6.83
C ALA A 33 -1.49 -17.18 -7.92
N THR A 34 -0.97 -16.02 -7.48
CA THR A 34 -0.50 -14.93 -8.37
C THR A 34 1.00 -15.09 -8.75
N LYS A 35 1.67 -16.14 -8.20
CA LYS A 35 3.08 -16.51 -8.54
C LYS A 35 4.12 -15.48 -8.00
N LEU A 36 3.71 -14.74 -6.95
CA LEU A 36 4.58 -13.78 -6.25
C LEU A 36 5.39 -14.52 -5.15
N LYS A 37 6.71 -14.28 -5.10
CA LYS A 37 7.62 -14.90 -4.11
C LYS A 37 7.73 -14.04 -2.82
N ALA A 38 7.83 -12.72 -3.02
CA ALA A 38 8.00 -11.74 -1.92
C ALA A 38 6.64 -11.17 -1.45
N ASP A 39 6.54 -10.98 -0.12
CA ASP A 39 5.37 -10.37 0.57
C ASP A 39 5.11 -8.91 0.10
N LYS A 40 6.21 -8.22 -0.25
CA LYS A 40 6.21 -6.80 -0.71
C LYS A 40 5.30 -6.57 -1.94
N ASP A 41 5.38 -7.50 -2.91
CA ASP A 41 4.59 -7.44 -4.16
C ASP A 41 3.07 -7.62 -3.88
N PHE A 42 2.76 -8.45 -2.86
CA PHE A 42 1.38 -8.64 -2.38
C PHE A 42 0.81 -7.32 -1.77
N PHE A 43 1.66 -6.59 -1.00
CA PHE A 43 1.26 -5.30 -0.37
C PHE A 43 0.95 -4.20 -1.42
N LEU A 44 1.77 -4.13 -2.50
CA LEU A 44 1.56 -3.20 -3.63
C LEU A 44 0.21 -3.45 -4.35
N GLY A 45 -0.08 -4.73 -4.65
CA GLY A 45 -1.34 -5.13 -5.31
C GLY A 45 -2.57 -4.91 -4.43
N LEU A 46 -2.53 -5.43 -3.19
CA LEU A 46 -3.64 -5.34 -2.21
C LEU A 46 -3.97 -3.87 -1.84
N GLY A 47 -2.92 -3.04 -1.75
CA GLY A 47 -3.05 -1.61 -1.40
C GLY A 47 -3.87 -0.83 -2.43
N TRP A 48 -3.80 -1.28 -3.70
CA TRP A 48 -4.56 -0.69 -4.80
C TRP A 48 -6.05 -1.18 -4.78
N LEU A 49 -6.28 -2.40 -4.26
CA LEU A 49 -7.66 -2.92 -4.02
C LEU A 49 -8.40 -2.09 -2.94
N LEU A 50 -7.61 -1.55 -2.00
CA LEU A 50 -8.11 -0.70 -0.89
C LEU A 50 -8.53 0.72 -1.38
N ARG A 51 -7.82 1.30 -2.39
CA ARG A 51 -8.13 2.69 -2.88
C ARG A 51 -9.56 2.83 -3.47
N GLU A 52 -10.11 1.71 -3.98
CA GLU A 52 -11.47 1.68 -4.56
C GLU A 52 -12.45 0.89 -3.67
N ASP A 53 -11.92 0.20 -2.63
CA ASP A 53 -12.73 -0.58 -1.65
C ASP A 53 -13.49 -1.73 -2.35
N LYS A 54 -12.85 -2.32 -3.37
CA LYS A 54 -13.37 -3.48 -4.13
C LYS A 54 -13.20 -4.80 -3.33
N VAL A 55 -12.48 -4.71 -2.19
CA VAL A 55 -12.26 -5.85 -1.28
C VAL A 55 -12.53 -5.45 0.19
N VAL A 56 -12.72 -6.47 1.04
CA VAL A 56 -12.80 -6.31 2.51
C VAL A 56 -11.63 -7.08 3.19
N THR A 57 -10.89 -6.36 4.06
CA THR A 57 -9.75 -6.90 4.83
C THR A 57 -10.17 -7.08 6.31
N SER A 58 -9.83 -8.24 6.88
CA SER A 58 -10.16 -8.62 8.27
C SER A 58 -8.87 -8.97 9.04
N GLU A 59 -8.90 -8.70 10.36
CA GLU A 59 -7.76 -8.98 11.26
C GLU A 59 -8.03 -10.33 11.96
N VAL A 60 -7.36 -11.39 11.47
CA VAL A 60 -7.58 -12.79 11.96
C VAL A 60 -6.26 -13.37 12.47
N GLU A 61 -6.19 -13.58 13.80
CA GLU A 61 -5.04 -14.21 14.51
C GLU A 61 -3.71 -13.44 14.27
N GLY A 62 -3.81 -12.08 14.17
CA GLY A 62 -2.67 -11.20 13.89
C GLY A 62 -2.37 -11.01 12.38
N GLU A 63 -2.98 -11.86 11.54
CA GLU A 63 -2.66 -11.93 10.09
C GLU A 63 -3.69 -11.15 9.23
N ILE A 64 -3.25 -10.72 8.03
CA ILE A 64 -4.12 -10.05 7.05
C ILE A 64 -4.86 -11.11 6.17
N PHE A 65 -6.18 -11.20 6.36
CA PHE A 65 -7.09 -11.99 5.51
C PHE A 65 -7.91 -11.04 4.62
N VAL A 66 -8.02 -11.32 3.31
CA VAL A 66 -8.77 -10.44 2.38
C VAL A 66 -9.61 -11.25 1.34
N LYS A 67 -10.74 -10.66 0.92
CA LYS A 67 -11.65 -11.24 -0.09
C LYS A 67 -12.43 -10.10 -0.79
N LEU A 68 -13.17 -10.40 -1.88
CA LEU A 68 -14.06 -9.41 -2.52
C LEU A 68 -15.27 -9.05 -1.61
N VAL A 69 -15.90 -7.90 -1.90
CA VAL A 69 -17.12 -7.46 -1.19
C VAL A 69 -18.35 -8.22 -1.78
N LEU A 70 -18.49 -9.50 -1.37
CA LEU A 70 -19.56 -10.42 -1.86
C LEU A 70 -20.60 -10.68 -0.74
N GLU A 71 -20.76 -9.68 0.14
CA GLU A 71 -21.71 -9.71 1.28
C GLU A 71 -23.19 -9.77 0.81
N HIS A 72 -23.74 -11.00 0.70
CA HIS A 72 -25.17 -11.21 0.41
C HIS A 72 -26.02 -10.70 1.59
N HIS A 73 -25.55 -11.03 2.83
CA HIS A 73 -26.01 -10.36 4.06
C HIS A 73 -25.71 -8.83 3.95
N HIS A 74 -26.77 -8.01 4.01
CA HIS A 74 -26.72 -6.58 3.63
C HIS A 74 -25.81 -5.74 4.58
N HIS A 75 -26.09 -5.79 5.90
CA HIS A 75 -25.30 -5.01 6.90
C HIS A 75 -25.41 -5.61 8.32
N HIS A 76 -24.51 -5.15 9.22
CA HIS A 76 -24.54 -5.52 10.65
C HIS A 76 -24.00 -4.32 11.48
N HIS A 77 -24.80 -3.87 12.47
CA HIS A 77 -24.45 -2.75 13.38
C HIS A 77 -23.64 -3.25 14.60
N MET B 1 -13.90 2.35 12.72
CA MET B 1 -12.78 3.03 12.06
C MET B 1 -11.45 2.27 12.25
N LYS B 2 -11.50 1.09 12.91
CA LYS B 2 -10.31 0.26 13.23
C LYS B 2 -10.03 -0.77 12.09
N MET B 3 -10.35 -0.38 10.85
CA MET B 3 -10.20 -1.22 9.63
C MET B 3 -8.71 -1.28 9.19
N LEU B 4 -8.31 -2.39 8.53
CA LEU B 4 -6.92 -2.59 8.04
C LEU B 4 -6.60 -1.61 6.88
N LYS B 5 -7.64 -1.23 6.13
CA LYS B 5 -7.57 -0.14 5.14
C LYS B 5 -7.37 1.22 5.85
N GLU B 6 -8.14 1.45 6.92
CA GLU B 6 -8.25 2.76 7.60
C GLU B 6 -6.95 3.16 8.34
N LYS B 7 -6.29 2.17 9.00
CA LYS B 7 -5.02 2.40 9.72
C LYS B 7 -3.88 2.84 8.77
N ALA B 8 -3.93 2.35 7.52
CA ALA B 8 -2.99 2.75 6.44
C ALA B 8 -3.14 4.25 6.08
N GLY B 9 -4.41 4.73 6.11
CA GLY B 9 -4.73 6.15 5.88
C GLY B 9 -4.34 7.07 7.04
N ALA B 10 -4.53 6.58 8.28
CA ALA B 10 -4.14 7.29 9.52
C ALA B 10 -2.61 7.53 9.57
N LEU B 11 -1.85 6.51 9.16
CA LEU B 11 -0.37 6.58 9.03
C LEU B 11 0.05 7.45 7.82
N ALA B 12 -0.71 7.35 6.71
CA ALA B 12 -0.42 8.10 5.46
C ALA B 12 -0.42 9.62 5.66
N GLY B 13 -1.38 10.11 6.47
CA GLY B 13 -1.48 11.53 6.81
C GLY B 13 -0.20 12.09 7.48
N GLN B 14 0.23 11.41 8.57
CA GLN B 14 1.41 11.86 9.36
C GLN B 14 2.75 11.66 8.60
N ILE B 15 2.84 10.59 7.77
CA ILE B 15 4.03 10.34 6.89
C ILE B 15 4.17 11.46 5.84
N TRP B 16 3.03 11.84 5.21
CA TRP B 16 2.98 12.94 4.23
C TRP B 16 3.36 14.31 4.88
N GLU B 17 2.84 14.56 6.10
CA GLU B 17 3.14 15.80 6.88
C GLU B 17 4.64 15.91 7.23
N ALA B 18 5.29 14.76 7.49
CA ALA B 18 6.75 14.66 7.71
C ALA B 18 7.53 15.06 6.42
N LEU B 19 6.97 14.69 5.25
CA LEU B 19 7.54 15.01 3.91
C LEU B 19 7.24 16.48 3.50
N ASN B 20 6.11 17.04 3.98
CA ASN B 20 5.61 18.37 3.58
C ASN B 20 6.55 19.50 4.10
N GLY B 21 7.02 20.34 3.15
CA GLY B 21 8.04 21.37 3.43
C GLY B 21 9.48 20.87 3.19
N THR B 22 9.72 19.59 3.52
CA THR B 22 11.03 18.92 3.36
C THR B 22 11.26 18.50 1.88
N GLU B 23 12.53 18.29 1.50
CA GLU B 23 12.92 17.81 0.14
C GLU B 23 12.83 16.25 0.01
N GLY B 24 12.24 15.60 1.03
CA GLY B 24 12.05 14.14 1.04
C GLY B 24 12.93 13.45 2.08
N LEU B 25 12.41 12.36 2.67
CA LEU B 25 13.13 11.62 3.73
C LEU B 25 13.27 10.12 3.34
N THR B 26 14.23 9.41 3.99
CA THR B 26 14.37 7.95 3.85
C THR B 26 13.39 7.22 4.81
N GLN B 27 13.28 5.89 4.65
CA GLN B 27 12.49 5.00 5.54
C GLN B 27 12.92 5.16 7.03
N LYS B 28 14.23 5.40 7.24
CA LYS B 28 14.83 5.68 8.56
C LYS B 28 14.28 7.00 9.17
N GLN B 29 14.39 8.08 8.39
CA GLN B 29 14.12 9.47 8.85
C GLN B 29 12.62 9.73 9.15
N ILE B 30 11.73 9.19 8.30
CA ILE B 30 10.25 9.32 8.48
C ILE B 30 9.79 8.69 9.82
N LYS B 31 10.40 7.54 10.19
CA LYS B 31 10.07 6.81 11.44
C LYS B 31 10.42 7.61 12.72
N LYS B 32 11.38 8.53 12.63
CA LYS B 32 11.69 9.48 13.73
C LYS B 32 10.50 10.45 13.92
N ALA B 33 10.11 11.14 12.83
CA ALA B 33 9.09 12.22 12.86
C ALA B 33 7.68 11.68 13.22
N THR B 34 7.31 10.54 12.60
CA THR B 34 6.01 9.86 12.83
C THR B 34 6.02 8.99 14.10
N LYS B 35 7.25 8.59 14.53
CA LYS B 35 7.48 7.72 15.72
C LYS B 35 6.97 6.28 15.48
N LEU B 36 7.11 5.80 14.23
CA LEU B 36 6.74 4.41 13.83
C LEU B 36 7.86 3.42 14.21
N LYS B 37 7.49 2.38 14.98
CA LYS B 37 8.41 1.33 15.45
C LYS B 37 8.60 0.24 14.37
N ALA B 38 7.49 -0.27 13.83
CA ALA B 38 7.49 -1.33 12.79
C ALA B 38 7.47 -0.73 11.37
N ASP B 39 8.38 -1.23 10.51
CA ASP B 39 8.38 -0.94 9.05
C ASP B 39 7.11 -1.51 8.36
N LYS B 40 6.56 -2.57 8.96
CA LYS B 40 5.30 -3.23 8.50
C LYS B 40 4.09 -2.26 8.46
N ASP B 41 4.04 -1.34 9.44
CA ASP B 41 3.06 -0.22 9.45
C ASP B 41 3.41 0.82 8.35
N PHE B 42 4.70 1.16 8.30
CA PHE B 42 5.25 2.18 7.37
C PHE B 42 4.96 1.85 5.88
N PHE B 43 5.04 0.56 5.49
CA PHE B 43 4.81 0.12 4.08
C PHE B 43 3.35 0.36 3.62
N LEU B 44 2.39 0.16 4.55
CA LEU B 44 0.95 0.39 4.29
C LEU B 44 0.62 1.91 4.21
N GLY B 45 1.26 2.71 5.09
CA GLY B 45 1.11 4.19 5.08
C GLY B 45 1.72 4.83 3.83
N LEU B 46 2.95 4.40 3.48
CA LEU B 46 3.70 4.89 2.29
C LEU B 46 3.05 4.36 0.97
N GLY B 47 2.45 3.17 1.06
CA GLY B 47 1.73 2.53 -0.06
C GLY B 47 0.43 3.27 -0.40
N TRP B 48 -0.18 3.88 0.63
CA TRP B 48 -1.32 4.78 0.47
C TRP B 48 -0.90 6.06 -0.32
N LEU B 49 0.30 6.60 -0.03
CA LEU B 49 0.86 7.79 -0.75
C LEU B 49 0.98 7.56 -2.29
N LEU B 50 1.16 6.28 -2.70
CA LEU B 50 1.12 5.88 -4.13
C LEU B 50 -0.30 6.03 -4.75
N ARG B 51 -1.37 5.64 -4.00
CA ARG B 51 -2.78 5.82 -4.49
C ARG B 51 -3.12 7.33 -4.58
N GLU B 52 -2.46 8.13 -3.73
CA GLU B 52 -2.61 9.59 -3.70
C GLU B 52 -1.81 10.27 -4.82
N ASP B 53 -0.81 9.54 -5.37
CA ASP B 53 0.19 10.04 -6.37
C ASP B 53 0.90 11.35 -5.92
N LYS B 54 0.94 11.57 -4.58
CA LYS B 54 1.59 12.74 -3.97
C LYS B 54 3.10 12.51 -3.71
N VAL B 55 3.61 11.30 -4.06
CA VAL B 55 5.06 10.97 -3.92
C VAL B 55 5.65 10.31 -5.19
N VAL B 56 6.99 10.32 -5.26
CA VAL B 56 7.80 9.54 -6.22
C VAL B 56 8.90 8.79 -5.42
N THR B 57 9.08 7.49 -5.72
CA THR B 57 9.97 6.60 -4.93
C THR B 57 11.31 6.37 -5.66
N SER B 58 12.34 6.06 -4.88
CA SER B 58 13.72 5.82 -5.35
C SER B 58 14.52 5.11 -4.26
N GLU B 59 15.75 4.67 -4.58
CA GLU B 59 16.68 4.11 -3.59
C GLU B 59 17.89 5.06 -3.44
N VAL B 60 17.97 5.77 -2.30
CA VAL B 60 19.09 6.66 -1.95
C VAL B 60 19.94 6.03 -0.82
N GLU B 61 21.23 5.81 -1.14
CA GLU B 61 22.28 5.29 -0.21
C GLU B 61 21.92 3.91 0.41
N GLY B 62 21.15 3.10 -0.35
CA GLY B 62 20.76 1.74 0.06
C GLY B 62 19.38 1.64 0.73
N GLU B 63 18.69 2.78 0.95
CA GLU B 63 17.35 2.81 1.60
C GLU B 63 16.26 3.35 0.66
N ILE B 64 14.98 3.09 1.02
CA ILE B 64 13.81 3.63 0.32
C ILE B 64 13.66 5.14 0.65
N PHE B 65 13.67 5.97 -0.40
CA PHE B 65 13.61 7.44 -0.30
C PHE B 65 12.48 7.97 -1.20
N VAL B 66 11.59 8.80 -0.62
CA VAL B 66 10.41 9.35 -1.32
C VAL B 66 10.40 10.89 -1.29
N LYS B 67 9.85 11.49 -2.36
CA LYS B 67 9.80 12.97 -2.56
C LYS B 67 8.35 13.36 -2.91
N LEU B 68 7.90 14.58 -2.57
CA LEU B 68 6.54 15.05 -2.96
C LEU B 68 6.49 15.47 -4.45
N VAL B 69 6.52 14.44 -5.36
CA VAL B 69 6.50 14.62 -6.85
C VAL B 69 7.61 15.62 -7.32
N LEU B 70 8.72 15.67 -6.56
CA LEU B 70 9.85 16.57 -6.85
C LEU B 70 10.65 16.06 -8.07
N GLU B 71 10.94 16.97 -9.01
CA GLU B 71 11.61 16.64 -10.28
C GLU B 71 13.10 16.27 -10.04
N HIS B 72 13.36 14.94 -9.90
CA HIS B 72 14.71 14.42 -9.59
C HIS B 72 14.86 12.96 -10.09
N HIS B 73 16.14 12.53 -10.28
CA HIS B 73 16.54 11.17 -10.79
C HIS B 73 16.39 11.05 -12.34
N HIS B 74 16.00 12.14 -13.01
CA HIS B 74 15.98 12.21 -14.51
C HIS B 74 17.39 12.54 -15.05
N HIS B 75 17.66 12.11 -16.30
CA HIS B 75 19.00 12.20 -16.96
C HIS B 75 20.02 11.21 -16.33
N HIS B 76 20.36 11.44 -15.04
CA HIS B 76 21.28 10.57 -14.29
C HIS B 76 20.57 9.27 -13.86
N HIS B 77 20.78 8.21 -14.66
CA HIS B 77 20.24 6.86 -14.40
C HIS B 77 21.34 5.94 -13.83
N MET A 1 7.62 7.79 -16.37
CA MET A 1 8.70 6.94 -16.93
C MET A 1 9.35 6.09 -15.81
N LYS A 2 9.05 4.77 -15.83
CA LYS A 2 9.71 3.73 -14.96
C LYS A 2 9.51 3.97 -13.43
N MET A 3 8.40 4.66 -13.07
CA MET A 3 8.07 4.95 -11.65
C MET A 3 7.54 3.69 -10.91
N LEU A 4 7.92 3.59 -9.63
CA LEU A 4 7.48 2.49 -8.73
C LEU A 4 5.94 2.47 -8.52
N LYS A 5 5.28 3.61 -8.87
CA LYS A 5 3.80 3.74 -8.91
C LYS A 5 3.16 2.71 -9.89
N GLU A 6 3.72 2.66 -11.11
CA GLU A 6 3.25 1.79 -12.22
C GLU A 6 3.46 0.29 -11.85
N LYS A 7 4.54 0.01 -11.09
CA LYS A 7 4.90 -1.36 -10.65
C LYS A 7 3.89 -1.91 -9.62
N ALA A 8 3.52 -1.06 -8.64
CA ALA A 8 2.51 -1.40 -7.60
C ALA A 8 1.12 -1.76 -8.21
N GLY A 9 0.78 -1.09 -9.33
CA GLY A 9 -0.44 -1.40 -10.09
C GLY A 9 -0.43 -2.80 -10.74
N ALA A 10 0.74 -3.22 -11.27
CA ALA A 10 0.93 -4.55 -11.89
C ALA A 10 0.77 -5.70 -10.85
N LEU A 11 1.18 -5.42 -9.60
CA LEU A 11 1.04 -6.37 -8.46
C LEU A 11 -0.45 -6.57 -8.09
N ALA A 12 -1.20 -5.45 -8.08
CA ALA A 12 -2.65 -5.42 -7.78
C ALA A 12 -3.48 -6.33 -8.71
N GLY A 13 -3.13 -6.29 -10.02
CA GLY A 13 -3.77 -7.14 -11.03
C GLY A 13 -3.67 -8.64 -10.74
N GLN A 14 -2.51 -9.08 -10.19
CA GLN A 14 -2.24 -10.49 -9.85
C GLN A 14 -3.03 -10.94 -8.60
N ILE A 15 -2.99 -10.09 -7.55
CA ILE A 15 -3.62 -10.38 -6.23
C ILE A 15 -5.17 -10.43 -6.33
N TRP A 16 -5.77 -9.49 -7.09
CA TRP A 16 -7.21 -9.48 -7.39
C TRP A 16 -7.62 -10.76 -8.15
N GLU A 17 -6.79 -11.15 -9.14
CA GLU A 17 -7.04 -12.31 -10.01
C GLU A 17 -6.92 -13.65 -9.23
N ALA A 18 -6.04 -13.65 -8.21
CA ALA A 18 -5.90 -14.79 -7.26
C ALA A 18 -7.13 -14.92 -6.34
N LEU A 19 -7.77 -13.77 -6.03
CA LEU A 19 -9.06 -13.71 -5.31
C LEU A 19 -10.27 -13.97 -6.25
N ASN A 20 -10.07 -13.79 -7.57
CA ASN A 20 -11.12 -13.96 -8.59
C ASN A 20 -11.29 -15.47 -8.89
N GLY A 21 -12.51 -16.01 -8.66
CA GLY A 21 -12.77 -17.46 -8.68
C GLY A 21 -13.00 -18.03 -7.28
N THR A 22 -12.77 -17.21 -6.23
CA THR A 22 -13.03 -17.55 -4.81
C THR A 22 -13.87 -16.43 -4.14
N GLU A 23 -14.39 -16.70 -2.92
CA GLU A 23 -15.17 -15.69 -2.16
C GLU A 23 -14.28 -14.84 -1.23
N GLY A 24 -12.98 -15.17 -1.18
CA GLY A 24 -12.02 -14.51 -0.27
C GLY A 24 -10.98 -15.47 0.30
N LEU A 25 -9.70 -15.07 0.25
CA LEU A 25 -8.55 -15.89 0.72
C LEU A 25 -7.71 -15.10 1.74
N THR A 26 -6.93 -15.83 2.56
CA THR A 26 -5.95 -15.22 3.48
C THR A 26 -4.65 -14.91 2.73
N GLN A 27 -3.75 -14.12 3.36
CA GLN A 27 -2.47 -13.67 2.74
C GLN A 27 -1.65 -14.85 2.16
N LYS A 28 -1.59 -15.96 2.92
CA LYS A 28 -0.84 -17.20 2.54
C LYS A 28 -1.32 -17.80 1.20
N GLN A 29 -2.65 -17.96 1.07
CA GLN A 29 -3.29 -18.63 -0.09
C GLN A 29 -3.12 -17.81 -1.39
N ILE A 30 -3.09 -16.48 -1.25
CA ILE A 30 -2.87 -15.55 -2.38
C ILE A 30 -1.40 -15.56 -2.84
N LYS A 31 -0.46 -15.52 -1.87
CA LYS A 31 1.00 -15.55 -2.14
C LYS A 31 1.41 -16.85 -2.88
N LYS A 32 0.71 -17.96 -2.57
CA LYS A 32 0.90 -19.26 -3.26
C LYS A 32 0.36 -19.19 -4.72
N ALA A 33 -0.87 -18.66 -4.88
CA ALA A 33 -1.56 -18.57 -6.19
C ALA A 33 -0.83 -17.62 -7.18
N THR A 34 -0.22 -16.55 -6.64
CA THR A 34 0.58 -15.58 -7.42
C THR A 34 2.05 -16.02 -7.54
N LYS A 35 2.47 -16.96 -6.65
CA LYS A 35 3.84 -17.52 -6.55
C LYS A 35 4.88 -16.46 -6.09
N LEU A 36 4.44 -15.48 -5.27
CA LEU A 36 5.35 -14.48 -4.65
C LEU A 36 5.64 -14.85 -3.17
N LYS A 37 6.91 -14.71 -2.77
CA LYS A 37 7.37 -15.03 -1.40
C LYS A 37 7.35 -13.79 -0.47
N ALA A 38 7.18 -12.59 -1.05
CA ALA A 38 7.33 -11.31 -0.34
C ALA A 38 5.97 -10.72 0.09
N ASP A 39 5.75 -10.65 1.43
CA ASP A 39 4.63 -9.88 2.03
C ASP A 39 4.71 -8.39 1.64
N LYS A 40 5.95 -7.93 1.37
CA LYS A 40 6.29 -6.57 0.89
C LYS A 40 5.46 -6.16 -0.35
N ASP A 41 5.55 -6.96 -1.42
CA ASP A 41 4.87 -6.69 -2.70
C ASP A 41 3.37 -7.01 -2.63
N PHE A 42 3.00 -7.89 -1.67
CA PHE A 42 1.60 -8.17 -1.33
C PHE A 42 0.89 -6.89 -0.79
N PHE A 43 1.60 -6.10 0.05
CA PHE A 43 1.05 -4.83 0.64
C PHE A 43 0.77 -3.76 -0.44
N LEU A 44 1.68 -3.66 -1.44
CA LEU A 44 1.56 -2.70 -2.58
C LEU A 44 0.31 -3.01 -3.43
N GLY A 45 0.12 -4.30 -3.76
CA GLY A 45 -1.05 -4.75 -4.52
C GLY A 45 -2.36 -4.64 -3.74
N LEU A 46 -2.37 -5.19 -2.51
CA LEU A 46 -3.56 -5.19 -1.59
C LEU A 46 -4.07 -3.76 -1.30
N GLY A 47 -3.11 -2.82 -1.17
CA GLY A 47 -3.40 -1.41 -0.89
C GLY A 47 -4.07 -0.71 -2.07
N TRP A 48 -3.71 -1.16 -3.28
CA TRP A 48 -4.30 -0.70 -4.56
C TRP A 48 -5.74 -1.29 -4.73
N LEU A 49 -5.98 -2.50 -4.21
CA LEU A 49 -7.34 -3.11 -4.17
C LEU A 49 -8.26 -2.30 -3.23
N LEU A 50 -7.67 -1.79 -2.12
CA LEU A 50 -8.36 -0.93 -1.14
C LEU A 50 -8.63 0.50 -1.70
N ARG A 51 -7.72 1.04 -2.55
CA ARG A 51 -7.87 2.41 -3.12
C ARG A 51 -9.17 2.57 -3.96
N GLU A 52 -9.51 1.50 -4.70
CA GLU A 52 -10.70 1.47 -5.58
C GLU A 52 -11.89 0.72 -4.94
N ASP A 53 -11.64 0.11 -3.75
CA ASP A 53 -12.69 -0.57 -2.93
C ASP A 53 -13.33 -1.77 -3.66
N LYS A 54 -12.50 -2.51 -4.44
CA LYS A 54 -12.92 -3.76 -5.12
C LYS A 54 -12.79 -4.98 -4.17
N VAL A 55 -12.22 -4.73 -2.97
CA VAL A 55 -12.11 -5.73 -1.89
C VAL A 55 -12.47 -5.08 -0.53
N VAL A 56 -12.63 -5.94 0.49
CA VAL A 56 -12.72 -5.56 1.91
C VAL A 56 -11.85 -6.51 2.77
N THR A 57 -11.15 -5.94 3.76
CA THR A 57 -10.16 -6.67 4.59
C THR A 57 -10.70 -6.94 6.01
N SER A 58 -10.27 -8.08 6.59
CA SER A 58 -10.58 -8.50 7.97
C SER A 58 -9.32 -9.07 8.64
N GLU A 59 -9.27 -9.01 9.96
CA GLU A 59 -8.14 -9.52 10.77
C GLU A 59 -8.60 -10.77 11.55
N VAL A 60 -8.10 -11.95 11.14
CA VAL A 60 -8.54 -13.26 11.69
C VAL A 60 -7.33 -14.02 12.28
N GLU A 61 -7.32 -14.11 13.62
CA GLU A 61 -6.33 -14.91 14.41
C GLU A 61 -4.85 -14.61 14.05
N GLY A 62 -4.55 -13.36 13.67
CA GLY A 62 -3.19 -12.94 13.27
C GLY A 62 -2.97 -12.89 11.74
N GLU A 63 -3.79 -13.61 10.96
CA GLU A 63 -3.71 -13.57 9.47
C GLU A 63 -4.41 -12.34 8.89
N ILE A 64 -3.76 -11.70 7.91
CA ILE A 64 -4.38 -10.67 7.06
C ILE A 64 -5.32 -11.35 6.04
N PHE A 65 -6.63 -11.32 6.34
CA PHE A 65 -7.67 -11.85 5.44
C PHE A 65 -8.19 -10.72 4.52
N VAL A 66 -8.44 -11.06 3.25
CA VAL A 66 -9.09 -10.15 2.28
C VAL A 66 -10.09 -10.93 1.38
N LYS A 67 -11.18 -10.26 0.98
CA LYS A 67 -12.23 -10.86 0.13
C LYS A 67 -12.76 -9.83 -0.88
N LEU A 68 -13.16 -10.29 -2.08
CA LEU A 68 -13.82 -9.42 -3.09
C LEU A 68 -15.17 -8.91 -2.56
N VAL A 69 -15.56 -7.68 -2.96
CA VAL A 69 -16.89 -7.13 -2.61
C VAL A 69 -18.00 -7.88 -3.40
N LEU A 70 -18.47 -8.99 -2.81
CA LEU A 70 -19.57 -9.81 -3.37
C LEU A 70 -20.96 -9.23 -2.99
N GLU A 71 -20.95 -8.22 -2.11
CA GLU A 71 -22.15 -7.40 -1.80
C GLU A 71 -22.64 -6.70 -3.08
N HIS A 72 -23.91 -6.95 -3.45
CA HIS A 72 -24.53 -6.41 -4.68
C HIS A 72 -25.05 -4.97 -4.45
N HIS A 73 -25.39 -4.68 -3.17
CA HIS A 73 -25.81 -3.36 -2.69
C HIS A 73 -26.99 -2.77 -3.52
N HIS A 74 -28.19 -3.26 -3.23
CA HIS A 74 -29.44 -2.78 -3.86
C HIS A 74 -29.98 -1.56 -3.08
N HIS A 75 -30.67 -0.64 -3.78
CA HIS A 75 -31.39 0.46 -3.13
C HIS A 75 -32.79 -0.03 -2.67
N HIS A 76 -33.52 -0.67 -3.62
CA HIS A 76 -34.85 -1.27 -3.36
C HIS A 76 -35.28 -2.14 -4.58
N HIS A 77 -35.73 -3.40 -4.31
CA HIS A 77 -36.25 -4.32 -5.35
C HIS A 77 -37.57 -3.78 -5.96
N MET B 1 -18.61 0.40 12.55
CA MET B 1 -17.98 1.49 11.80
C MET B 1 -16.43 1.36 11.81
N LYS B 2 -15.90 0.32 12.48
CA LYS B 2 -14.44 0.06 12.59
C LYS B 2 -13.90 -0.65 11.32
N MET B 3 -13.08 0.07 10.53
CA MET B 3 -12.48 -0.45 9.28
C MET B 3 -10.93 -0.39 9.33
N LEU B 4 -10.27 -1.46 8.81
CA LEU B 4 -8.79 -1.53 8.68
C LEU B 4 -8.23 -0.50 7.67
N LYS B 5 -9.11 0.04 6.81
CA LYS B 5 -8.80 1.15 5.88
C LYS B 5 -8.36 2.44 6.63
N GLU B 6 -8.97 2.68 7.80
CA GLU B 6 -8.84 3.94 8.56
C GLU B 6 -7.38 4.20 9.03
N LYS B 7 -6.68 3.11 9.42
CA LYS B 7 -5.26 3.20 9.86
C LYS B 7 -4.30 3.52 8.70
N ALA B 8 -4.63 3.05 7.48
CA ALA B 8 -3.84 3.35 6.25
C ALA B 8 -3.87 4.87 5.94
N GLY B 9 -5.03 5.49 6.20
CA GLY B 9 -5.21 6.94 6.09
C GLY B 9 -4.53 7.74 7.21
N ALA B 10 -4.51 7.17 8.44
CA ALA B 10 -3.86 7.79 9.63
C ALA B 10 -2.32 7.83 9.47
N LEU B 11 -1.73 6.64 9.16
CA LEU B 11 -0.29 6.47 8.84
C LEU B 11 0.12 7.36 7.65
N ALA B 12 -0.78 7.48 6.66
CA ALA B 12 -0.56 8.37 5.49
C ALA B 12 -0.31 9.83 5.91
N GLY B 13 -1.14 10.32 6.84
CA GLY B 13 -0.98 11.67 7.41
C GLY B 13 0.34 11.86 8.14
N GLN B 14 0.70 10.90 9.02
CA GLN B 14 1.92 10.95 9.86
C GLN B 14 3.21 11.00 8.98
N ILE B 15 3.29 10.10 7.99
CA ILE B 15 4.41 10.02 7.02
C ILE B 15 4.51 11.30 6.16
N TRP B 16 3.35 11.78 5.67
CA TRP B 16 3.26 12.97 4.80
C TRP B 16 3.72 14.26 5.53
N GLU B 17 3.36 14.38 6.82
CA GLU B 17 3.72 15.54 7.67
C GLU B 17 5.24 15.58 7.98
N ALA B 18 5.89 14.40 7.97
CA ALA B 18 7.38 14.31 8.04
C ALA B 18 8.04 14.77 6.71
N LEU B 19 7.32 14.60 5.58
CA LEU B 19 7.75 15.06 4.23
C LEU B 19 7.34 16.53 3.96
N ASN B 20 6.32 17.01 4.70
CA ASN B 20 5.79 18.37 4.57
C ASN B 20 6.80 19.41 5.10
N GLY B 21 7.21 20.34 4.20
CA GLY B 21 8.24 21.34 4.50
C GLY B 21 9.63 20.92 3.99
N THR B 22 9.91 19.61 4.03
CA THR B 22 11.20 19.04 3.56
C THR B 22 11.16 18.69 2.05
N GLU B 23 12.32 18.28 1.51
CA GLU B 23 12.47 17.85 0.10
C GLU B 23 12.23 16.33 -0.07
N GLY B 24 11.77 15.66 1.01
CA GLY B 24 11.55 14.21 1.02
C GLY B 24 12.77 13.42 1.52
N LEU B 25 12.51 12.35 2.30
CA LEU B 25 13.56 11.50 2.90
C LEU B 25 13.43 10.03 2.40
N THR B 26 14.37 9.16 2.82
CA THR B 26 14.29 7.71 2.56
C THR B 26 13.48 7.00 3.67
N GLN B 27 13.09 5.74 3.40
CA GLN B 27 12.19 4.93 4.28
C GLN B 27 12.70 4.92 5.75
N LYS B 28 14.01 4.58 5.93
CA LYS B 28 14.65 4.47 7.28
C LYS B 28 14.64 5.80 8.07
N GLN B 29 14.74 6.93 7.34
CA GLN B 29 14.73 8.28 7.94
C GLN B 29 13.31 8.69 8.39
N ILE B 30 12.30 8.37 7.56
CA ILE B 30 10.89 8.74 7.81
C ILE B 30 10.29 7.93 8.97
N LYS B 31 10.49 6.58 8.96
CA LYS B 31 9.99 5.69 10.04
C LYS B 31 10.62 6.04 11.41
N LYS B 32 11.86 6.58 11.40
CA LYS B 32 12.55 7.08 12.61
C LYS B 32 11.86 8.38 13.10
N ALA B 33 11.67 9.33 12.16
CA ALA B 33 11.07 10.67 12.44
C ALA B 33 9.65 10.56 13.04
N THR B 34 8.83 9.69 12.44
CA THR B 34 7.43 9.44 12.86
C THR B 34 7.33 8.37 13.98
N LYS B 35 8.49 7.73 14.28
CA LYS B 35 8.64 6.71 15.36
C LYS B 35 7.77 5.44 15.12
N LEU B 36 7.67 5.04 13.82
CA LEU B 36 6.98 3.78 13.42
C LEU B 36 7.73 2.56 13.98
N LYS B 37 6.99 1.66 14.68
CA LYS B 37 7.58 0.52 15.41
C LYS B 37 8.21 -0.54 14.47
N ALA B 38 7.76 -0.56 13.20
CA ALA B 38 8.32 -1.41 12.13
C ALA B 38 8.39 -0.64 10.80
N ASP B 39 9.03 -1.27 9.80
CA ASP B 39 9.02 -0.81 8.40
C ASP B 39 7.61 -0.98 7.77
N LYS B 40 6.89 -2.00 8.29
CA LYS B 40 5.56 -2.42 7.78
C LYS B 40 4.48 -1.32 7.94
N ASP B 41 4.62 -0.47 8.99
CA ASP B 41 3.74 0.70 9.20
C ASP B 41 3.82 1.68 8.01
N PHE B 42 5.06 1.86 7.51
CA PHE B 42 5.37 2.77 6.39
C PHE B 42 4.70 2.31 5.08
N PHE B 43 4.76 1.01 4.78
CA PHE B 43 4.29 0.45 3.49
C PHE B 43 2.75 0.58 3.31
N LEU B 44 2.01 0.49 4.43
CA LEU B 44 0.53 0.69 4.47
C LEU B 44 0.18 2.19 4.26
N GLY B 45 0.92 3.09 4.95
CA GLY B 45 0.73 4.54 4.80
C GLY B 45 1.11 5.06 3.41
N LEU B 46 2.24 4.55 2.87
CA LEU B 46 2.79 4.95 1.54
C LEU B 46 1.83 4.54 0.40
N GLY B 47 1.13 3.42 0.59
CA GLY B 47 0.13 2.93 -0.37
C GLY B 47 -1.03 3.91 -0.54
N TRP B 48 -1.38 4.60 0.57
CA TRP B 48 -2.42 5.65 0.56
C TRP B 48 -1.87 6.97 -0.06
N LEU B 49 -0.58 7.25 0.18
CA LEU B 49 0.15 8.38 -0.47
C LEU B 49 0.09 8.29 -2.01
N LEU B 50 0.23 7.06 -2.53
CA LEU B 50 0.18 6.75 -3.97
C LEU B 50 -1.22 6.98 -4.57
N ARG B 51 -2.29 6.54 -3.85
CA ARG B 51 -3.69 6.70 -4.34
C ARG B 51 -4.17 8.17 -4.24
N GLU B 52 -3.50 8.99 -3.42
CA GLU B 52 -3.78 10.42 -3.32
C GLU B 52 -2.90 11.24 -4.29
N ASP B 53 -1.81 10.60 -4.81
CA ASP B 53 -0.86 11.23 -5.76
C ASP B 53 -0.24 12.53 -5.16
N LYS B 54 -0.13 12.54 -3.83
CA LYS B 54 0.37 13.68 -3.05
C LYS B 54 1.91 13.63 -2.92
N VAL B 55 2.50 12.50 -3.40
CA VAL B 55 3.95 12.24 -3.37
C VAL B 55 4.43 11.58 -4.71
N VAL B 56 5.75 11.32 -4.79
CA VAL B 56 6.37 10.51 -5.86
C VAL B 56 7.52 9.64 -5.28
N THR B 57 7.62 8.38 -5.75
CA THR B 57 8.55 7.35 -5.22
C THR B 57 9.69 7.02 -6.21
N SER B 58 10.92 6.96 -5.68
CA SER B 58 12.17 6.64 -6.40
C SER B 58 13.02 5.65 -5.58
N GLU B 59 14.09 5.09 -6.18
CA GLU B 59 14.98 4.12 -5.51
C GLU B 59 16.38 4.74 -5.26
N VAL B 60 16.70 5.06 -4.00
CA VAL B 60 18.00 5.63 -3.58
C VAL B 60 18.77 4.62 -2.68
N GLU B 61 19.95 4.17 -3.17
CA GLU B 61 20.93 3.34 -2.40
C GLU B 61 20.32 1.99 -1.90
N GLY B 62 19.47 1.39 -2.75
CA GLY B 62 18.79 0.12 -2.43
C GLY B 62 17.60 0.29 -1.46
N GLU B 63 17.16 1.55 -1.24
CA GLU B 63 16.05 1.88 -0.33
C GLU B 63 14.97 2.74 -1.04
N ILE B 64 13.73 2.68 -0.52
CA ILE B 64 12.60 3.49 -1.02
C ILE B 64 12.75 4.97 -0.58
N PHE B 65 13.00 5.85 -1.54
CA PHE B 65 12.97 7.31 -1.34
C PHE B 65 11.57 7.82 -1.76
N VAL B 66 10.97 8.70 -0.96
CA VAL B 66 9.69 9.34 -1.31
C VAL B 66 9.69 10.83 -0.92
N LYS B 67 9.04 11.68 -1.76
CA LYS B 67 8.99 13.15 -1.56
C LYS B 67 7.66 13.70 -2.06
N LEU B 68 7.30 14.92 -1.64
CA LEU B 68 6.08 15.60 -2.13
C LEU B 68 6.23 16.03 -3.60
N VAL B 69 5.11 16.14 -4.32
CA VAL B 69 5.10 16.63 -5.72
C VAL B 69 5.47 18.13 -5.77
N LEU B 70 6.63 18.46 -6.39
CA LEU B 70 7.20 19.83 -6.42
C LEU B 70 6.35 20.80 -7.29
N GLU B 71 5.48 20.24 -8.16
CA GLU B 71 4.51 21.00 -8.95
C GLU B 71 3.54 21.77 -8.02
N HIS B 72 3.56 23.12 -8.10
CA HIS B 72 2.81 24.00 -7.19
C HIS B 72 1.28 23.97 -7.48
N HIS B 73 0.52 23.38 -6.54
CA HIS B 73 -0.95 23.19 -6.66
C HIS B 73 -1.73 24.21 -5.81
N HIS B 74 -2.98 24.48 -6.20
CA HIS B 74 -3.91 25.40 -5.49
C HIS B 74 -4.86 24.58 -4.58
N HIS B 75 -4.85 24.85 -3.26
CA HIS B 75 -5.63 24.07 -2.26
C HIS B 75 -6.76 24.92 -1.64
N HIS B 76 -7.69 24.24 -0.92
CA HIS B 76 -8.76 24.89 -0.14
C HIS B 76 -8.15 25.76 0.98
N HIS B 77 -8.03 27.07 0.69
CA HIS B 77 -7.25 28.04 1.50
C HIS B 77 -7.98 28.37 2.82
N MET A 1 8.09 -0.92 -16.25
CA MET A 1 7.58 0.18 -15.40
C MET A 1 8.53 1.39 -15.42
N LYS A 2 7.98 2.62 -15.27
CA LYS A 2 8.80 3.85 -15.13
C LYS A 2 8.99 4.23 -13.64
N MET A 3 7.93 4.09 -12.83
CA MET A 3 7.94 4.41 -11.37
C MET A 3 7.74 3.14 -10.50
N LEU A 4 8.25 3.16 -9.25
CA LEU A 4 8.14 2.03 -8.28
C LEU A 4 6.67 1.71 -7.87
N LYS A 5 5.76 2.68 -8.03
CA LYS A 5 4.30 2.46 -7.79
C LYS A 5 3.70 1.45 -8.80
N GLU A 6 4.21 1.45 -10.05
CA GLU A 6 3.62 0.71 -11.18
C GLU A 6 3.62 -0.83 -10.94
N LYS A 7 4.72 -1.36 -10.32
CA LYS A 7 4.84 -2.80 -10.01
C LYS A 7 3.81 -3.24 -8.93
N ALA A 8 3.47 -2.33 -8.00
CA ALA A 8 2.43 -2.57 -6.97
C ALA A 8 1.02 -2.69 -7.61
N GLY A 9 0.81 -1.90 -8.69
CA GLY A 9 -0.43 -1.96 -9.49
C GLY A 9 -0.53 -3.22 -10.35
N ALA A 10 0.63 -3.72 -10.81
CA ALA A 10 0.73 -5.00 -11.54
C ALA A 10 0.34 -6.20 -10.64
N LEU A 11 0.95 -6.25 -9.43
CA LEU A 11 0.67 -7.29 -8.42
C LEU A 11 -0.77 -7.18 -7.87
N ALA A 12 -1.33 -5.96 -7.90
CA ALA A 12 -2.74 -5.71 -7.57
C ALA A 12 -3.70 -6.50 -8.49
N GLY A 13 -3.40 -6.46 -9.81
CA GLY A 13 -4.15 -7.22 -10.81
C GLY A 13 -4.07 -8.74 -10.62
N GLN A 14 -2.93 -9.22 -10.08
CA GLN A 14 -2.71 -10.66 -9.79
C GLN A 14 -3.59 -11.14 -8.59
N ILE A 15 -3.56 -10.35 -7.49
CA ILE A 15 -4.27 -10.70 -6.23
C ILE A 15 -5.81 -10.57 -6.39
N TRP A 16 -6.26 -9.46 -7.02
CA TRP A 16 -7.71 -9.18 -7.26
C TRP A 16 -8.36 -10.32 -8.08
N GLU A 17 -7.62 -10.78 -9.12
CA GLU A 17 -8.04 -11.85 -10.04
C GLU A 17 -8.30 -13.18 -9.26
N ALA A 18 -7.40 -13.51 -8.32
CA ALA A 18 -7.51 -14.71 -7.46
C ALA A 18 -8.72 -14.62 -6.47
N LEU A 19 -9.09 -13.39 -6.07
CA LEU A 19 -10.23 -13.14 -5.14
C LEU A 19 -11.59 -13.11 -5.91
N ASN A 20 -11.54 -12.77 -7.22
CA ASN A 20 -12.73 -12.66 -8.09
C ASN A 20 -13.37 -14.05 -8.38
N GLY A 21 -14.72 -14.11 -8.31
CA GLY A 21 -15.47 -15.38 -8.46
C GLY A 21 -15.34 -16.33 -7.26
N THR A 22 -14.75 -15.81 -6.17
CA THR A 22 -14.48 -16.56 -4.92
C THR A 22 -14.92 -15.67 -3.72
N GLU A 23 -14.96 -16.25 -2.50
CA GLU A 23 -15.11 -15.46 -1.26
C GLU A 23 -13.74 -15.01 -0.71
N GLY A 24 -12.77 -14.83 -1.62
CA GLY A 24 -11.42 -14.44 -1.26
C GLY A 24 -10.56 -15.61 -0.77
N LEU A 25 -9.34 -15.28 -0.35
CA LEU A 25 -8.30 -16.26 0.06
C LEU A 25 -7.47 -15.66 1.21
N THR A 26 -6.71 -16.53 1.91
CA THR A 26 -5.70 -16.09 2.90
C THR A 26 -4.43 -15.62 2.16
N GLN A 27 -3.54 -14.90 2.86
CA GLN A 27 -2.27 -14.43 2.28
C GLN A 27 -1.46 -15.60 1.67
N LYS A 28 -1.50 -16.75 2.39
CA LYS A 28 -0.85 -18.02 1.99
C LYS A 28 -1.33 -18.52 0.62
N GLN A 29 -2.66 -18.61 0.46
CA GLN A 29 -3.32 -19.11 -0.77
C GLN A 29 -3.06 -18.16 -1.97
N ILE A 30 -3.00 -16.85 -1.67
CA ILE A 30 -2.71 -15.81 -2.67
C ILE A 30 -1.24 -15.86 -3.13
N LYS A 31 -0.30 -16.08 -2.18
CA LYS A 31 1.16 -16.21 -2.49
C LYS A 31 1.43 -17.37 -3.46
N LYS A 32 0.68 -18.48 -3.26
CA LYS A 32 0.74 -19.67 -4.14
C LYS A 32 0.12 -19.37 -5.53
N ALA A 33 -1.00 -18.64 -5.56
CA ALA A 33 -1.72 -18.30 -6.81
C ALA A 33 -0.92 -17.30 -7.70
N THR A 34 -0.38 -16.26 -7.06
CA THR A 34 0.29 -15.11 -7.73
C THR A 34 1.81 -15.33 -7.90
N LYS A 35 2.36 -16.34 -7.18
CA LYS A 35 3.78 -16.80 -7.30
C LYS A 35 4.78 -15.70 -6.83
N LEU A 36 4.45 -15.02 -5.70
CA LEU A 36 5.27 -13.91 -5.16
C LEU A 36 6.44 -14.46 -4.30
N LYS A 37 7.63 -13.85 -4.47
CA LYS A 37 8.87 -14.22 -3.74
C LYS A 37 8.78 -13.91 -2.21
N ALA A 38 8.11 -12.80 -1.86
CA ALA A 38 7.95 -12.36 -0.45
C ALA A 38 6.53 -11.83 -0.18
N ASP A 39 6.11 -11.96 1.09
CA ASP A 39 4.85 -11.35 1.62
C ASP A 39 4.87 -9.81 1.47
N LYS A 40 6.08 -9.25 1.43
CA LYS A 40 6.35 -7.82 1.14
C LYS A 40 5.69 -7.36 -0.20
N ASP A 41 5.82 -8.21 -1.23
CA ASP A 41 5.22 -7.97 -2.56
C ASP A 41 3.68 -8.05 -2.50
N PHE A 42 3.17 -8.95 -1.62
CA PHE A 42 1.74 -9.08 -1.31
C PHE A 42 1.19 -7.80 -0.63
N PHE A 43 2.00 -7.15 0.22
CA PHE A 43 1.59 -5.92 0.96
C PHE A 43 1.48 -4.69 0.00
N LEU A 44 2.38 -4.65 -1.01
CA LEU A 44 2.36 -3.60 -2.06
C LEU A 44 1.15 -3.79 -3.02
N GLY A 45 0.88 -5.05 -3.42
CA GLY A 45 -0.26 -5.39 -4.27
C GLY A 45 -1.62 -5.17 -3.58
N LEU A 46 -1.78 -5.78 -2.39
CA LEU A 46 -2.99 -5.61 -1.53
C LEU A 46 -3.18 -4.15 -1.07
N GLY A 47 -2.05 -3.43 -0.93
CA GLY A 47 -2.05 -2.00 -0.61
C GLY A 47 -2.75 -1.15 -1.69
N TRP A 48 -2.67 -1.63 -2.94
CA TRP A 48 -3.39 -1.03 -4.08
C TRP A 48 -4.90 -1.43 -4.06
N LEU A 49 -5.19 -2.66 -3.63
CA LEU A 49 -6.58 -3.15 -3.43
C LEU A 49 -7.29 -2.35 -2.29
N LEU A 50 -6.50 -1.90 -1.31
CA LEU A 50 -7.00 -1.08 -0.19
C LEU A 50 -7.22 0.38 -0.67
N ARG A 51 -6.26 0.91 -1.48
CA ARG A 51 -6.25 2.34 -1.89
C ARG A 51 -7.49 2.76 -2.71
N GLU A 52 -8.06 1.84 -3.51
CA GLU A 52 -9.28 2.12 -4.33
C GLU A 52 -10.56 1.51 -3.69
N ASP A 53 -10.41 0.85 -2.52
CA ASP A 53 -11.50 0.16 -1.79
C ASP A 53 -12.08 -1.02 -2.65
N LYS A 54 -11.15 -1.78 -3.25
CA LYS A 54 -11.46 -2.96 -4.09
C LYS A 54 -11.85 -4.17 -3.22
N VAL A 55 -11.25 -4.24 -2.01
CA VAL A 55 -11.41 -5.41 -1.10
C VAL A 55 -11.72 -4.98 0.35
N VAL A 56 -12.01 -5.98 1.19
CA VAL A 56 -12.14 -5.83 2.65
C VAL A 56 -11.14 -6.78 3.36
N THR A 57 -10.52 -6.27 4.43
CA THR A 57 -9.45 -6.97 5.17
C THR A 57 -9.99 -7.59 6.49
N SER A 58 -9.57 -8.84 6.75
CA SER A 58 -9.99 -9.64 7.92
C SER A 58 -8.82 -10.56 8.37
N GLU A 59 -8.97 -11.23 9.53
CA GLU A 59 -7.98 -12.23 9.99
C GLU A 59 -8.67 -13.59 10.28
N VAL A 60 -8.20 -14.65 9.58
CA VAL A 60 -8.61 -16.04 9.84
C VAL A 60 -7.47 -16.79 10.56
N GLU A 61 -7.71 -17.12 11.86
CA GLU A 61 -6.83 -17.98 12.69
C GLU A 61 -5.40 -17.39 12.84
N GLY A 62 -5.33 -16.06 13.03
CA GLY A 62 -4.04 -15.33 13.18
C GLY A 62 -3.34 -15.01 11.85
N GLU A 63 -4.01 -15.29 10.71
CA GLU A 63 -3.45 -15.06 9.35
C GLU A 63 -4.32 -14.05 8.57
N ILE A 64 -3.69 -13.30 7.64
CA ILE A 64 -4.40 -12.28 6.83
C ILE A 64 -5.35 -12.96 5.82
N PHE A 65 -6.62 -12.51 5.79
CA PHE A 65 -7.65 -12.99 4.86
C PHE A 65 -8.36 -11.78 4.22
N VAL A 66 -8.34 -11.69 2.89
CA VAL A 66 -8.96 -10.57 2.14
C VAL A 66 -9.90 -11.09 1.03
N LYS A 67 -10.94 -10.29 0.70
CA LYS A 67 -11.92 -10.64 -0.36
C LYS A 67 -12.57 -9.37 -0.93
N LEU A 68 -13.19 -9.48 -2.12
CA LEU A 68 -13.85 -8.33 -2.77
C LEU A 68 -15.04 -7.78 -1.92
N VAL A 69 -15.23 -6.45 -1.98
CA VAL A 69 -16.31 -5.74 -1.25
C VAL A 69 -17.72 -6.27 -1.64
N LEU A 70 -18.66 -6.35 -0.65
CA LEU A 70 -20.08 -6.82 -0.81
C LEU A 70 -20.22 -8.37 -0.87
N GLU A 71 -19.18 -9.08 -1.36
CA GLU A 71 -19.21 -10.55 -1.55
C GLU A 71 -19.35 -11.34 -0.21
N HIS A 72 -20.59 -11.85 0.03
CA HIS A 72 -21.03 -12.53 1.28
C HIS A 72 -20.65 -11.70 2.53
N HIS A 73 -21.19 -10.47 2.60
CA HIS A 73 -20.85 -9.49 3.64
C HIS A 73 -21.83 -9.58 4.84
N HIS A 74 -21.34 -10.07 5.99
CA HIS A 74 -22.10 -10.03 7.27
C HIS A 74 -21.21 -9.49 8.42
N HIS A 75 -20.49 -10.39 9.13
CA HIS A 75 -19.64 -10.02 10.30
C HIS A 75 -18.79 -11.23 10.76
N HIS A 76 -17.54 -10.95 11.18
CA HIS A 76 -16.58 -11.99 11.65
C HIS A 76 -16.74 -12.25 13.18
N HIS A 77 -17.25 -11.24 13.90
CA HIS A 77 -17.60 -11.33 15.34
C HIS A 77 -19.04 -10.82 15.57
N MET B 1 -17.63 0.25 13.31
CA MET B 1 -17.20 1.51 13.94
C MET B 1 -15.83 1.96 13.38
N LYS B 2 -14.98 0.97 13.04
CA LYS B 2 -13.64 1.18 12.43
C LYS B 2 -13.15 -0.10 11.70
N MET B 3 -12.04 0.04 10.96
CA MET B 3 -11.42 -1.08 10.20
C MET B 3 -9.90 -0.86 9.98
N LEU B 4 -9.24 -1.84 9.31
CA LEU B 4 -7.77 -1.79 9.00
C LEU B 4 -7.44 -0.69 7.96
N LYS B 5 -8.47 -0.21 7.24
CA LYS B 5 -8.37 0.95 6.32
C LYS B 5 -8.09 2.27 7.07
N GLU B 6 -8.59 2.35 8.33
CA GLU B 6 -8.46 3.55 9.17
C GLU B 6 -6.99 3.89 9.47
N LYS B 7 -6.24 2.89 9.97
CA LYS B 7 -4.80 3.07 10.29
C LYS B 7 -3.95 3.40 9.04
N ALA B 8 -4.36 2.89 7.87
CA ALA B 8 -3.70 3.22 6.57
C ALA B 8 -3.85 4.72 6.21
N GLY B 9 -5.10 5.22 6.26
CA GLY B 9 -5.43 6.61 5.88
C GLY B 9 -5.01 7.67 6.91
N ALA B 10 -5.09 7.33 8.21
CA ALA B 10 -4.74 8.24 9.31
C ALA B 10 -3.23 8.55 9.37
N LEU B 11 -2.38 7.49 9.33
CA LEU B 11 -0.90 7.62 9.37
C LEU B 11 -0.35 8.41 8.16
N ALA B 12 -1.12 8.39 7.04
CA ALA B 12 -0.81 9.17 5.82
C ALA B 12 -0.67 10.70 6.12
N GLY B 13 -1.50 11.20 7.05
CA GLY B 13 -1.44 12.60 7.51
C GLY B 13 -0.09 12.97 8.15
N GLN B 14 0.38 12.13 9.09
CA GLN B 14 1.67 12.31 9.80
C GLN B 14 2.88 12.22 8.83
N ILE B 15 2.83 11.21 7.93
CA ILE B 15 3.89 10.97 6.92
C ILE B 15 4.00 12.16 5.92
N TRP B 16 2.85 12.71 5.53
CA TRP B 16 2.78 13.93 4.68
C TRP B 16 3.52 15.12 5.37
N GLU B 17 3.18 15.36 6.66
CA GLU B 17 3.76 16.46 7.48
C GLU B 17 5.29 16.31 7.65
N ALA B 18 5.77 15.05 7.73
CA ALA B 18 7.22 14.74 7.83
C ALA B 18 8.00 15.19 6.57
N LEU B 19 7.35 15.09 5.38
CA LEU B 19 7.95 15.49 4.08
C LEU B 19 7.51 16.92 3.65
N ASN B 20 6.51 17.51 4.35
CA ASN B 20 6.02 18.89 4.08
C ASN B 20 7.14 19.94 4.26
N GLY B 21 7.41 20.72 3.18
CA GLY B 21 8.50 21.72 3.18
C GLY B 21 9.91 21.10 3.19
N THR B 22 10.01 19.84 2.74
CA THR B 22 11.28 19.07 2.75
C THR B 22 11.67 18.62 1.32
N GLU B 23 12.99 18.56 1.07
CA GLU B 23 13.61 18.08 -0.20
C GLU B 23 13.33 16.57 -0.49
N GLY B 24 12.92 15.82 0.56
CA GLY B 24 12.61 14.39 0.45
C GLY B 24 13.33 13.54 1.49
N LEU B 25 12.70 12.42 1.90
CA LEU B 25 13.24 11.51 2.95
C LEU B 25 13.08 10.02 2.53
N THR B 26 13.89 9.12 3.14
CA THR B 26 13.72 7.65 3.01
C THR B 26 12.94 7.07 4.22
N GLN B 27 12.52 5.79 4.13
CA GLN B 27 11.63 5.15 5.15
C GLN B 27 12.19 5.23 6.59
N LYS B 28 13.54 5.16 6.72
CA LYS B 28 14.25 5.30 8.02
C LYS B 28 14.00 6.69 8.67
N GLN B 29 14.17 7.74 7.86
CA GLN B 29 14.01 9.15 8.31
C GLN B 29 12.55 9.49 8.63
N ILE B 30 11.63 8.95 7.82
CA ILE B 30 10.18 9.23 7.93
C ILE B 30 9.56 8.51 9.16
N LYS B 31 9.88 7.21 9.34
CA LYS B 31 9.36 6.41 10.49
C LYS B 31 9.81 7.01 11.84
N LYS B 32 11.04 7.56 11.86
CA LYS B 32 11.60 8.24 13.05
C LYS B 32 10.87 9.58 13.32
N ALA B 33 10.57 10.33 12.23
CA ALA B 33 9.86 11.63 12.30
C ALA B 33 8.38 11.48 12.74
N THR B 34 7.75 10.38 12.32
CA THR B 34 6.32 10.07 12.60
C THR B 34 6.15 9.20 13.87
N LYS B 35 7.29 8.69 14.40
CA LYS B 35 7.35 7.81 15.61
C LYS B 35 6.80 6.39 15.33
N LEU B 36 6.73 6.01 14.03
CA LEU B 36 6.32 4.67 13.59
C LEU B 36 7.48 3.66 13.81
N LYS B 37 7.30 2.75 14.78
CA LYS B 37 8.26 1.67 15.08
C LYS B 37 8.30 0.64 13.92
N ALA B 38 7.11 0.25 13.44
CA ALA B 38 6.96 -0.75 12.35
C ALA B 38 6.90 -0.07 10.97
N ASP B 39 7.69 -0.59 10.02
CA ASP B 39 7.75 -0.10 8.62
C ASP B 39 6.45 -0.38 7.84
N LYS B 40 5.70 -1.40 8.28
CA LYS B 40 4.39 -1.80 7.67
C LYS B 40 3.33 -0.68 7.81
N ASP B 41 3.39 0.04 8.94
CA ASP B 41 2.56 1.23 9.20
C ASP B 41 2.91 2.37 8.21
N PHE B 42 4.23 2.50 7.92
CA PHE B 42 4.74 3.44 6.92
C PHE B 42 4.27 3.07 5.49
N PHE B 43 4.38 1.78 5.09
CA PHE B 43 4.06 1.33 3.71
C PHE B 43 2.57 1.57 3.34
N LEU B 44 1.66 1.39 4.31
CA LEU B 44 0.22 1.66 4.14
C LEU B 44 -0.08 3.19 4.12
N GLY B 45 0.65 3.96 4.96
CA GLY B 45 0.51 5.43 5.00
C GLY B 45 1.00 6.12 3.70
N LEU B 46 2.26 5.83 3.32
CA LEU B 46 2.86 6.24 2.02
C LEU B 46 2.05 5.71 0.81
N GLY B 47 1.47 4.51 0.98
CA GLY B 47 0.58 3.90 -0.03
C GLY B 47 -0.68 4.73 -0.29
N TRP B 48 -1.14 5.41 0.77
CA TRP B 48 -2.26 6.35 0.70
C TRP B 48 -1.82 7.71 0.05
N LEU B 49 -0.54 8.08 0.23
CA LEU B 49 0.06 9.23 -0.50
C LEU B 49 0.17 8.92 -2.02
N LEU B 50 0.33 7.63 -2.36
CA LEU B 50 0.42 7.14 -3.76
C LEU B 50 -0.97 7.13 -4.48
N ARG B 51 -2.07 6.80 -3.75
CA ARG B 51 -3.45 6.88 -4.31
C ARG B 51 -3.93 8.33 -4.50
N GLU B 52 -3.35 9.24 -3.71
CA GLU B 52 -3.57 10.69 -3.86
C GLU B 52 -2.55 11.30 -4.84
N ASP B 53 -1.53 10.48 -5.25
CA ASP B 53 -0.39 10.86 -6.14
C ASP B 53 0.35 12.14 -5.66
N LYS B 54 0.24 12.41 -4.35
CA LYS B 54 0.88 13.58 -3.70
C LYS B 54 2.36 13.31 -3.31
N VAL B 55 2.91 12.15 -3.75
CA VAL B 55 4.37 11.85 -3.67
C VAL B 55 4.90 11.24 -4.98
N VAL B 56 6.23 11.25 -5.13
CA VAL B 56 6.95 10.54 -6.22
C VAL B 56 7.99 9.56 -5.63
N THR B 57 8.08 8.36 -6.26
CA THR B 57 8.99 7.27 -5.82
C THR B 57 10.25 7.19 -6.72
N SER B 58 11.42 7.09 -6.09
CA SER B 58 12.72 6.92 -6.78
C SER B 58 13.61 5.96 -5.95
N GLU B 59 14.61 5.34 -6.59
CA GLU B 59 15.49 4.36 -5.92
C GLU B 59 16.90 4.94 -5.74
N VAL B 60 17.24 5.26 -4.48
CA VAL B 60 18.58 5.74 -4.09
C VAL B 60 19.30 4.63 -3.32
N GLU B 61 20.36 4.08 -3.95
CA GLU B 61 21.27 3.06 -3.36
C GLU B 61 20.51 1.74 -3.00
N GLY B 62 19.47 1.41 -3.79
CA GLY B 62 18.59 0.26 -3.51
C GLY B 62 17.37 0.60 -2.63
N GLU B 63 17.50 1.65 -1.80
CA GLU B 63 16.45 2.08 -0.85
C GLU B 63 15.35 2.95 -1.52
N ILE B 64 14.14 2.92 -0.92
CA ILE B 64 12.98 3.73 -1.36
C ILE B 64 13.15 5.19 -0.88
N PHE B 65 13.29 6.11 -1.84
CA PHE B 65 13.35 7.56 -1.59
C PHE B 65 12.08 8.23 -2.16
N VAL B 66 11.33 8.92 -1.30
CA VAL B 66 10.06 9.59 -1.69
C VAL B 66 10.04 11.06 -1.27
N LYS B 67 9.26 11.88 -1.99
CA LYS B 67 9.06 13.32 -1.66
C LYS B 67 7.72 13.81 -2.20
N LEU B 68 7.14 14.84 -1.56
CA LEU B 68 5.83 15.40 -1.98
C LEU B 68 5.91 16.02 -3.40
N VAL B 69 4.80 15.91 -4.14
CA VAL B 69 4.64 16.60 -5.43
C VAL B 69 4.34 18.09 -5.16
N LEU B 70 5.41 18.88 -5.04
CA LEU B 70 5.34 20.34 -4.83
C LEU B 70 5.43 21.07 -6.20
N GLU B 71 4.69 20.51 -7.19
CA GLU B 71 4.75 20.87 -8.63
C GLU B 71 6.13 20.59 -9.27
N HIS B 72 7.18 21.35 -8.82
CA HIS B 72 8.56 21.28 -9.37
C HIS B 72 9.10 19.82 -9.48
N HIS B 73 9.30 19.33 -10.71
CA HIS B 73 9.83 17.95 -10.97
C HIS B 73 10.46 17.84 -12.38
N HIS B 74 11.31 16.82 -12.54
CA HIS B 74 11.76 16.30 -13.86
C HIS B 74 11.13 14.91 -14.11
N HIS B 75 11.56 14.22 -15.18
CA HIS B 75 11.09 12.85 -15.50
C HIS B 75 11.65 11.82 -14.47
N HIS B 76 12.95 11.47 -14.58
CA HIS B 76 13.59 10.49 -13.68
C HIS B 76 15.13 10.48 -13.86
N HIS B 77 15.87 10.47 -12.73
CA HIS B 77 17.36 10.29 -12.72
C HIS B 77 17.74 8.97 -12.03
#